data_7K8W
#
_entry.id   7K8W
#
_cell.length_a   1.00
_cell.length_b   1.00
_cell.length_c   1.00
_cell.angle_alpha   90.00
_cell.angle_beta   90.00
_cell.angle_gamma   90.00
#
_symmetry.space_group_name_H-M   'P 1'
#
loop_
_entity.id
_entity.type
_entity.pdbx_description
1 polymer 'Spike glycoprotein'
2 polymer 'C119 Fab Heavy Chain'
3 polymer 'C119 Fab Light Chain'
4 branched 2-acetamido-2-deoxy-beta-D-glucopyranose-(1-4)-2-acetamido-2-deoxy-beta-D-glucopyranose
5 non-polymer 2-acetamido-2-deoxy-beta-D-glucopyranose
#
loop_
_entity_poly.entity_id
_entity_poly.type
_entity_poly.pdbx_seq_one_letter_code
_entity_poly.pdbx_strand_id
1 'polypeptide(L)'
;MFVFLVLLPLVSSQCVNLTTRTQLPPAYTNSFTRGVYYPDKVFRSSVLHSTQDLFLPFFSNVTWFHAIHVSGTNGTKRFD
NPVLPFNDGVYFASTEKSNIIRGWIFGTTLDSKTQSLLIVNNATNVVIKVCEFQFCNDPFLGVYYHKNNKSWMESEFRVY
SSANNCTFEYVSQPFLMDLEGKQGNFKNLREFVFKNIDGYFKIYSKHTPINLVRDLPQGFSALEPLVDLPIGINITRFQT
LLALHRSYLTPGDSSSGWTAGAAAYYVGYLQPRTFLLKYNENGTITDAVDCALDPLSETKCTLKSFTVEKGIYQTSNFRV
QPTESIVRFPNITNLCPFGEVFNATRFASVYAWNRKRISNCVADYSVLYNSASFSTFKCYGVSPTKLNDLCFTNVYADSF
VIRGDEVRQIAPGQTGKIADYNYKLPDDFTGCVIAWNSNNLDSKVGGNYNYLYRLFRKSNLKPFERDISTEIYQAGSTPC
NGVEGFNCYFPLQSYGFQPTNGVGYQPYRVVVLSFELLHAPATVCGPKKSTNLVKNKCVNFNFNGLTGTGVLTESNKKFL
PFQQFGRDIADTTDAVRDPQTLEILDITPCSFGGVSVITPGTNTSNEVAVLYQDVNCTEVPVAIHADQLTPTWRVYSTGS
NVFQTRAGCLIGAEHVNNSYECDIPIGAGICASYQTQTNSPRRARSVASQSIIAYTMSLGAENSVAYSNNSIAIPTNFTI
SVTTEILPVSMTKTSVDCTMYICGDSTECSNLLLQYGSFCTQLNRALTGIAVEQDKNTQEVFAQVKQIYKTPPIKDFGGF
NFSQILPDPSKPSKRSFIEDLLFNKVTLADAGFIKQYGDCLGDIAARDLICAQKFNGLTVLPPLLTDEMIAQYTSALLAG
TITSGWTFGAGAALQIPFAMQMAYRFNGIGVTQNVLYENQKLIANQFNSAIGKIQDSLSSTASALGKLQDVVNQNAQALN
TLVKQLSSNFGAISSVLNDILSRLDPPEAEVQIDRLITGRLQSLQTYVTQQLIRAAEIRASANLAATKMSECVLGQSKRV
DFCGKGYHLMSFPQSAPHGVVFLHVTYVPAQEKNFTTAPAICHDGKAHFPREGVFVSNGTHWFVTQRNFYEPQIITTDNT
FVSGNCDVVIGIVNNTVYDPLQPELDSFKEELDKYFKNHTSPDVDLGDISGINASVVNIQKEIDRLNEVAKNLNESLIDL
QELGKYEQYIKWPSGRLVPRGSPGSGYIPEAPRDGQAYVRKDGEWVLLSTFLGHHHHHH
;
A,B,G
2 'polypeptide(L)'
;QVQLVQSGAEVKKPGASVKVSCKASGYTFTSYYMHWVRQAPGQGLEWMGIINPSGGSTSYAQKLQGRVTMTRDTSTSTVY
MELSSLRSEDTAVYYCARANHETTMDTYYYYYYMDVWGKGTTVTVSSASTKGPSVFPLAPSSKSTSGGTAALGCLVKDYF
PEPVTVSWNSGALTSGVHTFPAVLQSSGLYSLSSVVTVPSSSLGTQTYICNVNHKPSNTKVDKRVEPKSCDKTHHHHHH
;
H,N
3 'polypeptide(L)'
;QSALTQPASVSGSPGQSITISCTGTSSDVGGYKYVSWYQRHPGKAPKLMIYDVSNRPSGVSNRFSGSKSGNTASLTISGL
QAEDEADYYCSSYTSSSTSVVFGGGTQLTVLGQPKAAPSVTLFPPSSEELQANKATLVCLISDFYPGAVTVAWKADSSPV
KAGVETTTPSKQSNNKYAASSYLSLTPEQWKSHRSYSCQVTHEGSTVEKTVAPTECS
;
L,S
#
# COMPACT_ATOMS: atom_id res chain seq x y z
N ALA A 27 12.26 -35.88 -45.22
CA ALA A 27 11.13 -35.15 -45.79
C ALA A 27 10.56 -34.18 -44.77
N TYR A 28 10.87 -32.90 -44.93
CA TYR A 28 10.41 -31.87 -44.01
C TYR A 28 9.55 -30.87 -44.77
N THR A 29 8.58 -30.30 -44.07
CA THR A 29 7.55 -29.47 -44.69
C THR A 29 7.22 -28.31 -43.74
N ASN A 30 6.59 -27.27 -44.28
CA ASN A 30 6.31 -26.05 -43.54
C ASN A 30 4.89 -26.09 -43.00
N SER A 31 4.73 -25.64 -41.75
CA SER A 31 3.49 -25.68 -41.00
C SER A 31 2.66 -24.41 -41.15
N PHE A 32 2.69 -23.77 -42.32
CA PHE A 32 2.66 -22.32 -42.44
C PHE A 32 1.91 -21.59 -41.34
N THR A 33 0.65 -21.93 -41.09
CA THR A 33 -0.13 -21.29 -40.03
C THR A 33 -1.04 -22.26 -39.28
N ARG A 34 -0.93 -23.56 -39.54
CA ARG A 34 -1.89 -24.48 -38.98
C ARG A 34 -1.55 -24.83 -37.54
N GLY A 35 -2.48 -25.53 -36.90
CA GLY A 35 -2.31 -25.95 -35.52
C GLY A 35 -3.06 -25.12 -34.51
N VAL A 36 -3.91 -24.21 -34.93
CA VAL A 36 -4.60 -23.31 -34.02
C VAL A 36 -5.91 -23.97 -33.58
N TYR A 37 -6.13 -23.97 -32.27
CA TYR A 37 -7.31 -24.60 -31.70
C TYR A 37 -7.93 -23.68 -30.66
N TYR A 38 -9.22 -23.87 -30.44
CA TYR A 38 -9.94 -23.08 -29.46
C TYR A 38 -9.35 -23.31 -28.08
N PRO A 39 -8.75 -22.31 -27.44
CA PRO A 39 -8.00 -22.55 -26.21
C PRO A 39 -8.86 -23.10 -25.08
N ASP A 40 -10.15 -22.86 -25.09
CA ASP A 40 -11.05 -23.27 -24.01
C ASP A 40 -12.41 -23.55 -24.63
N LYS A 41 -13.43 -23.63 -23.78
CA LYS A 41 -14.79 -23.89 -24.24
C LYS A 41 -15.70 -22.70 -24.00
N VAL A 42 -15.15 -21.50 -24.03
CA VAL A 42 -15.90 -20.28 -23.78
C VAL A 42 -16.10 -19.56 -25.12
N PHE A 43 -17.35 -19.28 -25.45
CA PHE A 43 -17.66 -18.51 -26.64
C PHE A 43 -17.19 -17.08 -26.47
N ARG A 44 -16.71 -16.48 -27.56
CA ARG A 44 -16.43 -15.06 -27.61
C ARG A 44 -16.83 -14.56 -29.00
N SER A 45 -16.87 -13.24 -29.15
CA SER A 45 -17.32 -12.69 -30.43
C SER A 45 -16.64 -11.36 -30.69
N SER A 46 -16.05 -11.25 -31.88
CA SER A 46 -15.50 -10.00 -32.39
C SER A 46 -14.50 -9.38 -31.41
N VAL A 47 -13.60 -10.22 -30.89
CA VAL A 47 -12.64 -9.79 -29.89
C VAL A 47 -11.29 -10.42 -30.23
N LEU A 48 -10.23 -9.64 -30.03
CA LEU A 48 -8.87 -10.12 -30.17
C LEU A 48 -8.38 -10.54 -28.79
N HIS A 49 -8.47 -11.83 -28.50
CA HIS A 49 -8.16 -12.36 -27.19
C HIS A 49 -6.77 -12.97 -27.18
N SER A 50 -5.93 -12.53 -26.26
CA SER A 50 -4.58 -13.05 -26.13
C SER A 50 -4.58 -14.22 -25.18
N THR A 51 -3.92 -15.30 -25.58
CA THR A 51 -3.87 -16.50 -24.76
C THR A 51 -2.49 -17.14 -24.86
N GLN A 52 -2.17 -17.96 -23.88
CA GLN A 52 -0.95 -18.75 -23.87
C GLN A 52 -1.33 -20.20 -23.63
N ASP A 53 -0.97 -21.06 -24.58
CA ASP A 53 -1.24 -22.49 -24.44
C ASP A 53 -0.26 -23.24 -25.33
N LEU A 54 -0.45 -24.55 -25.40
CA LEU A 54 0.47 -25.44 -26.10
C LEU A 54 0.08 -25.49 -27.58
N PHE A 55 0.78 -24.72 -28.41
CA PHE A 55 0.47 -24.59 -29.81
C PHE A 55 1.61 -25.11 -30.68
N LEU A 56 1.28 -25.41 -31.93
CA LEU A 56 2.29 -25.64 -32.94
C LEU A 56 2.86 -24.30 -33.37
N PRO A 57 4.14 -24.03 -33.11
CA PRO A 57 4.71 -22.75 -33.53
C PRO A 57 4.59 -22.59 -35.04
N PHE A 58 4.32 -21.37 -35.46
CA PHE A 58 4.09 -21.14 -36.88
C PHE A 58 5.37 -21.36 -37.68
N PHE A 59 5.21 -21.78 -38.94
CA PHE A 59 6.33 -22.06 -39.82
C PHE A 59 7.32 -23.01 -39.17
N SER A 60 6.82 -24.11 -38.63
CA SER A 60 7.69 -25.00 -37.88
C SER A 60 8.20 -26.14 -38.76
N ASN A 61 9.02 -26.98 -38.14
CA ASN A 61 9.72 -28.07 -38.80
C ASN A 61 8.97 -29.36 -38.54
N VAL A 62 8.07 -29.74 -39.44
CA VAL A 62 7.30 -30.97 -39.28
C VAL A 62 7.86 -32.05 -40.18
N THR A 63 8.09 -33.21 -39.58
CA THR A 63 8.56 -34.37 -40.32
C THR A 63 7.43 -34.93 -41.17
N TRP A 64 7.73 -35.33 -42.39
CA TRP A 64 6.74 -35.86 -43.32
C TRP A 64 6.91 -37.37 -43.39
N PHE A 65 5.87 -38.10 -43.02
CA PHE A 65 5.84 -39.55 -43.10
C PHE A 65 4.90 -39.95 -44.22
N HIS A 66 5.46 -40.57 -45.26
CA HIS A 66 4.67 -40.95 -46.43
C HIS A 66 4.46 -42.46 -46.44
N ALA A 67 3.49 -42.91 -47.24
CA ALA A 67 2.86 -44.21 -47.02
C ALA A 67 2.75 -45.01 -48.31
N ILE A 68 3.85 -45.10 -49.07
CA ILE A 68 3.87 -45.94 -50.26
C ILE A 68 5.14 -46.79 -50.28
N HIS A 69 5.03 -47.94 -50.95
CA HIS A 69 6.15 -48.81 -51.28
C HIS A 69 7.08 -49.09 -50.10
N PRO A 82 6.29 -46.49 -37.49
CA PRO A 82 7.33 -45.69 -36.85
C PRO A 82 6.86 -44.96 -35.59
N VAL A 83 7.33 -45.42 -34.43
CA VAL A 83 6.94 -44.84 -33.15
C VAL A 83 7.68 -43.52 -32.98
N LEU A 84 6.94 -42.47 -32.62
CA LEU A 84 7.47 -41.11 -32.59
C LEU A 84 7.27 -40.46 -31.22
N PRO A 85 8.07 -39.46 -30.89
CA PRO A 85 7.98 -38.83 -29.57
C PRO A 85 6.67 -38.07 -29.37
N PHE A 86 6.28 -37.93 -28.11
CA PHE A 86 5.09 -37.20 -27.69
C PHE A 86 5.42 -36.00 -26.80
N ASN A 87 6.56 -35.34 -27.03
CA ASN A 87 7.28 -34.60 -25.99
C ASN A 87 6.39 -33.84 -25.01
N ASP A 88 5.57 -32.93 -25.51
CA ASP A 88 4.67 -32.17 -24.66
C ASP A 88 3.27 -32.08 -25.25
N GLY A 89 2.92 -32.96 -26.17
CA GLY A 89 1.67 -32.91 -26.88
C GLY A 89 2.03 -32.78 -28.35
N VAL A 90 1.40 -33.62 -29.16
CA VAL A 90 1.75 -33.73 -30.57
C VAL A 90 0.59 -33.26 -31.44
N TYR A 91 0.85 -32.25 -32.25
CA TYR A 91 0.03 -31.95 -33.41
C TYR A 91 0.13 -33.11 -34.38
N PHE A 92 -0.99 -33.53 -34.91
CA PHE A 92 -1.03 -34.54 -35.95
C PHE A 92 -1.79 -33.98 -37.15
N ALA A 93 -1.47 -34.52 -38.32
CA ALA A 93 -2.30 -34.30 -39.49
C ALA A 93 -2.11 -35.52 -40.39
N SER A 94 -3.09 -35.73 -41.26
CA SER A 94 -2.98 -36.77 -42.27
C SER A 94 -3.86 -36.39 -43.44
N THR A 95 -3.34 -36.64 -44.64
CA THR A 95 -4.07 -36.37 -45.86
C THR A 95 -4.56 -37.69 -46.43
N GLU A 96 -5.85 -37.76 -46.71
CA GLU A 96 -6.49 -39.01 -47.09
C GLU A 96 -7.08 -38.93 -48.47
N LYS A 97 -7.05 -40.08 -49.15
CA LYS A 97 -7.89 -40.35 -50.31
C LYS A 97 -8.89 -41.46 -50.05
N SER A 98 -8.54 -42.46 -49.23
CA SER A 98 -9.42 -43.60 -49.03
C SER A 98 -9.48 -44.07 -47.57
N ASN A 99 -9.31 -43.16 -46.61
CA ASN A 99 -9.47 -43.47 -45.19
C ASN A 99 -8.55 -44.61 -44.75
N ILE A 100 -7.30 -44.57 -45.24
CA ILE A 100 -6.35 -45.61 -44.87
C ILE A 100 -5.90 -45.45 -43.43
N ILE A 101 -5.50 -44.23 -43.05
CA ILE A 101 -5.13 -43.99 -41.66
C ILE A 101 -6.36 -44.20 -40.78
N ARG A 102 -6.24 -45.14 -39.85
CA ARG A 102 -7.36 -45.51 -39.00
C ARG A 102 -7.08 -45.38 -37.51
N GLY A 103 -5.83 -45.28 -37.09
CA GLY A 103 -5.62 -45.35 -35.66
C GLY A 103 -4.29 -44.80 -35.18
N TRP A 104 -4.22 -44.69 -33.86
CA TRP A 104 -3.05 -44.22 -33.13
C TRP A 104 -2.88 -45.07 -31.88
N ILE A 105 -1.65 -45.16 -31.39
CA ILE A 105 -1.36 -45.80 -30.12
C ILE A 105 -0.51 -44.84 -29.30
N PHE A 106 -0.82 -44.70 -28.02
CA PHE A 106 -0.13 -43.73 -27.16
C PHE A 106 0.37 -44.42 -25.90
N GLY A 107 1.52 -43.98 -25.41
CA GLY A 107 2.03 -44.50 -24.16
C GLY A 107 3.54 -44.47 -24.10
N THR A 108 4.11 -45.28 -23.20
CA THR A 108 5.55 -45.41 -23.05
C THR A 108 6.09 -46.58 -23.86
N THR A 109 5.64 -47.80 -23.57
CA THR A 109 6.18 -48.98 -24.22
C THR A 109 5.24 -49.52 -25.31
N LEU A 110 3.95 -49.25 -25.20
CA LEU A 110 2.99 -49.52 -26.27
C LEU A 110 2.87 -51.02 -26.53
N ASP A 111 3.18 -51.83 -25.53
CA ASP A 111 3.14 -53.28 -25.71
C ASP A 111 2.72 -53.92 -24.38
N SER A 112 1.42 -54.18 -24.25
CA SER A 112 0.87 -54.97 -23.15
C SER A 112 1.34 -54.47 -21.79
N LYS A 113 1.46 -53.15 -21.68
CA LYS A 113 1.98 -52.56 -20.44
C LYS A 113 1.75 -51.05 -20.42
N SER A 116 -1.85 -47.58 -21.46
CA SER A 116 -1.70 -47.17 -22.85
C SER A 116 -3.05 -46.99 -23.51
N LEU A 117 -3.06 -46.31 -24.66
CA LEU A 117 -4.30 -45.96 -25.34
C LEU A 117 -4.33 -46.56 -26.74
N LEU A 118 -5.53 -46.92 -27.21
CA LEU A 118 -5.75 -47.26 -28.60
C LEU A 118 -7.01 -46.58 -29.09
N ILE A 119 -6.89 -45.87 -30.21
CA ILE A 119 -8.02 -45.28 -30.91
C ILE A 119 -8.02 -45.86 -32.32
N VAL A 120 -9.15 -46.46 -32.72
CA VAL A 120 -9.32 -47.04 -34.05
C VAL A 120 -10.75 -46.78 -34.49
N ASN A 121 -10.93 -46.40 -35.76
CA ASN A 121 -12.25 -46.30 -36.37
C ASN A 121 -12.42 -47.44 -37.37
N ASN A 122 -12.85 -48.60 -36.86
CA ASN A 122 -12.98 -49.80 -37.68
C ASN A 122 -14.26 -49.77 -38.52
N ALA A 123 -14.22 -48.93 -39.55
CA ALA A 123 -14.90 -49.06 -40.84
C ALA A 123 -16.40 -48.74 -40.86
N THR A 124 -17.05 -48.60 -39.71
CA THR A 124 -18.27 -47.80 -39.63
C THR A 124 -18.46 -47.15 -38.27
N ASN A 125 -17.57 -47.40 -37.32
CA ASN A 125 -17.82 -47.08 -35.91
C ASN A 125 -16.47 -46.81 -35.26
N VAL A 126 -16.24 -45.55 -34.85
CA VAL A 126 -15.04 -45.22 -34.10
C VAL A 126 -15.08 -45.91 -32.74
N VAL A 127 -13.98 -46.54 -32.36
CA VAL A 127 -13.87 -47.20 -31.06
C VAL A 127 -12.62 -46.68 -30.37
N ILE A 128 -12.71 -46.50 -29.06
CA ILE A 128 -11.58 -46.05 -28.24
C ILE A 128 -11.50 -46.96 -27.02
N LYS A 129 -10.31 -47.49 -26.77
CA LYS A 129 -10.05 -48.30 -25.59
C LYS A 129 -8.69 -47.95 -25.04
N VAL A 130 -8.51 -48.15 -23.74
CA VAL A 130 -7.27 -47.78 -23.08
C VAL A 130 -6.62 -49.00 -22.45
N CYS A 131 -6.97 -50.18 -22.94
CA CYS A 131 -6.41 -51.40 -22.37
C CYS A 131 -4.96 -51.56 -22.80
N GLU A 132 -4.22 -52.38 -22.05
CA GLU A 132 -2.82 -52.64 -22.36
C GLU A 132 -2.76 -53.75 -23.42
N PHE A 133 -3.08 -53.34 -24.65
CA PHE A 133 -3.14 -54.26 -25.78
C PHE A 133 -1.80 -54.86 -26.14
N GLN A 134 -1.85 -56.07 -26.70
CA GLN A 134 -0.73 -56.71 -27.35
C GLN A 134 -0.73 -56.30 -28.82
N PHE A 135 0.11 -55.34 -29.17
CA PHE A 135 0.25 -54.89 -30.54
C PHE A 135 1.42 -55.59 -31.19
N CYS A 136 1.40 -55.64 -32.52
CA CYS A 136 2.48 -56.27 -33.26
C CYS A 136 3.74 -55.43 -33.17
N ASN A 137 4.88 -56.05 -33.50
CA ASN A 137 6.12 -55.30 -33.60
C ASN A 137 6.02 -54.22 -34.67
N ASP A 138 5.26 -54.49 -35.73
CA ASP A 138 4.92 -53.49 -36.73
C ASP A 138 3.41 -53.51 -36.88
N PRO A 139 2.71 -52.80 -36.00
CA PRO A 139 1.24 -52.90 -35.98
C PRO A 139 0.62 -52.49 -37.31
N PHE A 140 -0.45 -53.18 -37.68
CA PHE A 140 -1.19 -52.87 -38.89
C PHE A 140 -2.64 -53.30 -38.71
N LEU A 141 -3.47 -52.90 -39.67
CA LEU A 141 -4.84 -53.34 -39.77
C LEU A 141 -5.10 -53.86 -41.17
N GLY A 142 -5.88 -54.93 -41.27
CA GLY A 142 -6.16 -55.57 -42.54
C GLY A 142 -7.21 -54.83 -43.34
N VAL A 143 -7.49 -55.37 -44.52
CA VAL A 143 -8.48 -54.76 -45.41
C VAL A 143 -9.60 -55.75 -45.70
N CYS A 166 -8.13 -51.22 -19.67
CA CYS A 166 -9.55 -51.41 -19.96
C CYS A 166 -10.41 -50.50 -19.11
N THR A 167 -9.77 -49.50 -18.51
CA THR A 167 -10.46 -48.56 -17.64
C THR A 167 -11.41 -47.64 -18.40
N PHE A 168 -11.36 -47.65 -19.73
CA PHE A 168 -12.28 -46.85 -20.53
C PHE A 168 -12.54 -47.55 -21.85
N GLU A 169 -13.74 -47.36 -22.39
CA GLU A 169 -14.10 -47.88 -23.69
C GLU A 169 -15.25 -47.04 -24.22
N TYR A 170 -15.24 -46.79 -25.54
CA TYR A 170 -16.33 -46.07 -26.18
C TYR A 170 -16.42 -46.46 -27.64
N VAL A 171 -17.64 -46.59 -28.15
CA VAL A 171 -17.92 -46.86 -29.55
C VAL A 171 -18.94 -45.84 -30.03
N SER A 172 -18.69 -45.24 -31.20
CA SER A 172 -19.65 -44.33 -31.81
C SER A 172 -20.67 -45.09 -32.64
N PHE A 186 -4.74 -35.66 -52.69
CA PHE A 186 -5.62 -36.10 -51.62
C PHE A 186 -6.94 -35.33 -51.64
N LYS A 187 -7.96 -35.89 -51.01
CA LYS A 187 -9.30 -35.33 -51.05
C LYS A 187 -9.80 -34.78 -49.73
N ASN A 188 -9.33 -35.32 -48.61
CA ASN A 188 -9.79 -34.89 -47.29
C ASN A 188 -8.61 -34.67 -46.37
N LEU A 189 -8.76 -33.72 -45.45
CA LEU A 189 -7.80 -33.48 -44.40
C LEU A 189 -8.46 -33.68 -43.04
N ARG A 190 -7.84 -34.50 -42.20
CA ARG A 190 -8.34 -34.78 -40.86
C ARG A 190 -7.25 -34.39 -39.87
N GLU A 191 -7.41 -33.22 -39.25
CA GLU A 191 -6.39 -32.67 -38.38
C GLU A 191 -6.71 -33.02 -36.94
N PHE A 192 -5.68 -33.13 -36.11
CA PHE A 192 -5.80 -33.54 -34.73
C PHE A 192 -4.79 -32.80 -33.88
N VAL A 193 -5.08 -32.72 -32.59
CA VAL A 193 -4.11 -32.29 -31.59
C VAL A 193 -4.24 -33.22 -30.40
N PHE A 194 -3.11 -33.71 -29.89
CA PHE A 194 -3.10 -34.66 -28.79
C PHE A 194 -2.26 -34.07 -27.67
N LYS A 195 -2.92 -33.61 -26.61
CA LYS A 195 -2.20 -33.09 -25.46
C LYS A 195 -2.78 -33.66 -24.17
N ASN A 196 -1.88 -34.18 -23.33
CA ASN A 196 -2.24 -34.85 -22.09
C ASN A 196 -1.74 -33.98 -20.93
N ILE A 197 -2.66 -33.34 -20.24
CA ILE A 197 -2.33 -32.41 -19.16
C ILE A 197 -2.97 -32.90 -17.87
N ASP A 198 -2.14 -33.20 -16.88
CA ASP A 198 -2.59 -33.55 -15.53
C ASP A 198 -3.60 -34.70 -15.56
N GLY A 199 -3.35 -35.67 -16.43
CA GLY A 199 -4.23 -36.80 -16.60
C GLY A 199 -5.32 -36.63 -17.62
N TYR A 200 -5.46 -35.44 -18.20
CA TYR A 200 -6.53 -35.16 -19.15
C TYR A 200 -6.00 -35.24 -20.58
N PHE A 201 -6.55 -36.16 -21.35
CA PHE A 201 -6.22 -36.34 -22.75
C PHE A 201 -7.27 -35.62 -23.58
N LYS A 202 -6.89 -34.47 -24.14
CA LYS A 202 -7.79 -33.66 -24.93
C LYS A 202 -7.45 -33.82 -26.41
N ILE A 203 -8.45 -34.18 -27.20
CA ILE A 203 -8.30 -34.33 -28.65
C ILE A 203 -9.12 -33.24 -29.32
N TYR A 204 -8.47 -32.46 -30.17
CA TYR A 204 -9.14 -31.42 -30.94
C TYR A 204 -9.01 -31.79 -32.41
N SER A 205 -10.01 -31.43 -33.21
CA SER A 205 -10.02 -31.94 -34.57
C SER A 205 -10.75 -30.99 -35.49
N LYS A 206 -10.68 -31.29 -36.79
CA LYS A 206 -11.39 -30.57 -37.83
C LYS A 206 -11.26 -31.38 -39.11
N HIS A 207 -12.37 -31.51 -39.84
CA HIS A 207 -12.40 -32.20 -41.12
C HIS A 207 -12.66 -31.18 -42.22
N THR A 208 -11.84 -31.20 -43.26
CA THR A 208 -11.99 -30.22 -44.32
C THR A 208 -11.70 -30.88 -45.66
N PRO A 209 -12.42 -30.51 -46.71
CA PRO A 209 -12.11 -31.03 -48.04
C PRO A 209 -10.90 -30.32 -48.65
N ILE A 210 -10.07 -31.10 -49.33
CA ILE A 210 -8.86 -30.59 -49.96
C ILE A 210 -8.75 -31.18 -51.36
N ASN A 211 -7.97 -30.50 -52.21
CA ASN A 211 -7.60 -31.04 -53.52
C ASN A 211 -6.12 -30.71 -53.73
N LEU A 212 -5.26 -31.63 -53.30
CA LEU A 212 -3.81 -31.43 -53.37
C LEU A 212 -3.14 -32.75 -53.00
N VAL A 213 -2.07 -33.08 -53.70
CA VAL A 213 -1.36 -34.34 -53.48
C VAL A 213 0.05 -34.11 -52.93
N ARG A 214 0.39 -32.86 -52.60
CA ARG A 214 1.78 -32.58 -52.24
C ARG A 214 2.01 -32.63 -50.73
N ASP A 215 1.37 -31.75 -49.98
CA ASP A 215 1.63 -31.63 -48.54
C ASP A 215 0.48 -30.83 -47.92
N LEU A 216 0.68 -30.41 -46.68
CA LEU A 216 -0.34 -29.62 -45.98
C LEU A 216 -0.56 -28.30 -46.70
N PRO A 217 -1.77 -28.01 -47.15
CA PRO A 217 -2.00 -26.79 -47.93
C PRO A 217 -1.81 -25.53 -47.09
N GLN A 218 -1.53 -24.43 -47.77
CA GLN A 218 -1.34 -23.16 -47.10
C GLN A 218 -2.67 -22.47 -46.88
N GLY A 219 -2.92 -22.07 -45.64
CA GLY A 219 -4.20 -21.54 -45.25
C GLY A 219 -4.37 -21.69 -43.76
N PHE A 220 -5.57 -21.38 -43.29
CA PHE A 220 -5.83 -21.43 -41.86
C PHE A 220 -7.20 -22.05 -41.62
N SER A 221 -7.27 -23.00 -40.69
CA SER A 221 -8.53 -23.51 -40.18
C SER A 221 -8.34 -23.90 -38.72
N ALA A 222 -9.43 -23.84 -37.96
CA ALA A 222 -9.39 -23.96 -36.52
C ALA A 222 -9.71 -25.38 -36.08
N LEU A 223 -9.13 -25.78 -34.97
CA LEU A 223 -9.40 -27.08 -34.37
C LEU A 223 -10.27 -26.92 -33.14
N GLU A 224 -11.14 -27.90 -32.89
CA GLU A 224 -12.14 -27.77 -31.85
C GLU A 224 -12.21 -29.01 -30.99
N PRO A 225 -12.63 -28.89 -29.73
CA PRO A 225 -12.66 -30.06 -28.84
C PRO A 225 -13.75 -31.04 -29.23
N LEU A 226 -13.52 -32.30 -28.89
CA LEU A 226 -14.57 -33.31 -28.96
C LEU A 226 -14.65 -34.17 -27.71
N VAL A 227 -13.53 -34.39 -27.01
CA VAL A 227 -13.43 -35.46 -26.03
C VAL A 227 -12.46 -35.04 -24.92
N ASP A 228 -12.74 -35.52 -23.70
CA ASP A 228 -11.78 -35.48 -22.60
C ASP A 228 -11.68 -36.89 -22.05
N LEU A 229 -10.47 -37.47 -22.12
CA LEU A 229 -10.28 -38.82 -21.65
C LEU A 229 -9.50 -38.83 -20.34
N PRO A 230 -10.05 -39.33 -19.27
CA PRO A 230 -9.33 -39.46 -17.99
C PRO A 230 -8.49 -40.73 -17.91
N ILE A 231 -7.29 -40.69 -18.48
CA ILE A 231 -6.41 -41.85 -18.36
C ILE A 231 -5.35 -41.64 -17.29
N GLY A 232 -4.67 -40.49 -17.30
CA GLY A 232 -3.59 -40.27 -16.36
C GLY A 232 -2.40 -41.17 -16.55
N ILE A 233 -1.72 -41.08 -17.70
CA ILE A 233 -0.63 -41.98 -18.04
C ILE A 233 0.62 -41.16 -18.33
N ASN A 234 1.74 -41.58 -17.78
CA ASN A 234 3.01 -40.90 -17.98
C ASN A 234 3.48 -41.14 -19.42
N ILE A 235 2.87 -40.44 -20.38
CA ILE A 235 2.88 -40.83 -21.79
C ILE A 235 4.06 -40.15 -22.47
N THR A 236 4.80 -40.92 -23.27
CA THR A 236 5.99 -40.42 -23.97
C THR A 236 6.02 -40.70 -25.47
N ARG A 237 5.38 -41.76 -25.95
CA ARG A 237 5.56 -42.20 -27.32
C ARG A 237 4.21 -42.47 -27.97
N PHE A 238 4.19 -42.40 -29.31
CA PHE A 238 2.96 -42.76 -30.03
C PHE A 238 3.32 -43.29 -31.41
N GLN A 239 2.35 -43.97 -32.02
CA GLN A 239 2.54 -44.62 -33.32
C GLN A 239 1.24 -44.58 -34.12
N THR A 240 1.37 -44.38 -35.42
CA THR A 240 0.24 -44.23 -36.33
C THR A 240 -0.16 -45.58 -36.89
N LEU A 241 -1.48 -45.83 -36.95
CA LEU A 241 -2.00 -47.08 -37.49
C LEU A 241 -2.69 -46.82 -38.81
N LEU A 242 -2.33 -47.60 -39.82
CA LEU A 242 -2.92 -47.47 -41.15
C LEU A 242 -3.45 -48.81 -41.65
N ALA A 263 -1.15 -41.88 -48.88
CA ALA A 263 -1.86 -41.54 -47.64
C ALA A 263 -0.89 -41.05 -46.58
N ALA A 264 -0.35 -39.84 -46.79
CA ALA A 264 0.66 -39.30 -45.90
C ALA A 264 0.07 -38.79 -44.59
N TYR A 265 0.94 -38.56 -43.63
CA TYR A 265 0.58 -37.93 -42.37
C TYR A 265 1.80 -37.18 -41.85
N TYR A 266 1.56 -36.22 -40.96
CA TYR A 266 2.63 -35.34 -40.53
C TYR A 266 2.62 -35.19 -39.02
N VAL A 267 3.77 -34.82 -38.47
CA VAL A 267 3.95 -34.67 -37.04
C VAL A 267 4.60 -33.33 -36.76
N GLY A 268 3.90 -32.48 -36.00
CA GLY A 268 4.52 -31.32 -35.41
C GLY A 268 4.69 -31.53 -33.92
N TYR A 269 5.10 -30.47 -33.24
CA TYR A 269 5.17 -30.51 -31.78
C TYR A 269 4.73 -29.19 -31.21
N LEU A 270 4.05 -29.27 -30.06
CA LEU A 270 3.43 -28.12 -29.44
C LEU A 270 4.37 -27.49 -28.42
N GLN A 271 4.32 -26.18 -28.34
CA GLN A 271 5.19 -25.47 -27.42
C GLN A 271 4.41 -24.39 -26.69
N PRO A 272 4.76 -24.10 -25.44
CA PRO A 272 4.00 -23.08 -24.67
C PRO A 272 4.30 -21.68 -25.17
N ARG A 273 3.65 -21.31 -26.26
CA ARG A 273 3.82 -19.99 -26.86
C ARG A 273 2.55 -19.17 -26.73
N THR A 274 2.72 -17.86 -26.67
CA THR A 274 1.59 -16.95 -26.57
C THR A 274 1.03 -16.66 -27.95
N PHE A 275 -0.28 -16.66 -28.07
CA PHE A 275 -0.95 -16.38 -29.33
C PHE A 275 -2.04 -15.34 -29.13
N LEU A 276 -2.30 -14.59 -30.18
CA LEU A 276 -3.33 -13.56 -30.16
C LEU A 276 -4.37 -13.94 -31.20
N LEU A 277 -5.48 -14.49 -30.74
CA LEU A 277 -6.50 -15.06 -31.61
C LEU A 277 -7.47 -13.96 -32.05
N LYS A 278 -8.03 -14.13 -33.24
CA LYS A 278 -8.96 -13.16 -33.82
C LYS A 278 -10.31 -13.83 -34.03
N TYR A 279 -11.19 -13.71 -33.04
CA TYR A 279 -12.53 -14.25 -33.14
C TYR A 279 -13.34 -13.36 -34.07
N ASN A 280 -14.06 -13.96 -35.00
CA ASN A 280 -14.84 -13.20 -35.97
C ASN A 280 -16.16 -12.76 -35.35
N GLU A 281 -17.08 -12.29 -36.19
CA GLU A 281 -18.39 -11.91 -35.69
C GLU A 281 -19.16 -13.11 -35.16
N ASN A 282 -18.90 -14.30 -35.69
CA ASN A 282 -19.65 -15.49 -35.32
C ASN A 282 -18.81 -16.54 -34.61
N GLY A 283 -17.87 -16.13 -33.77
CA GLY A 283 -17.20 -17.03 -32.87
C GLY A 283 -16.26 -18.02 -33.53
N THR A 284 -15.80 -17.74 -34.74
CA THR A 284 -14.89 -18.63 -35.45
C THR A 284 -13.50 -18.01 -35.52
N ILE A 285 -12.50 -18.78 -35.09
CA ILE A 285 -11.12 -18.31 -35.10
C ILE A 285 -10.65 -18.20 -36.54
N THR A 286 -10.44 -16.98 -37.01
CA THR A 286 -10.12 -16.76 -38.42
C THR A 286 -8.69 -16.35 -38.68
N ASP A 287 -7.96 -15.84 -37.68
CA ASP A 287 -6.56 -15.49 -37.88
C ASP A 287 -5.85 -15.54 -36.54
N ALA A 288 -4.53 -15.66 -36.59
CA ALA A 288 -3.75 -15.73 -35.37
C ALA A 288 -2.38 -15.13 -35.64
N VAL A 289 -1.72 -14.71 -34.55
CA VAL A 289 -0.38 -14.16 -34.61
C VAL A 289 0.48 -14.88 -33.58
N ASP A 290 1.61 -15.41 -34.01
CA ASP A 290 2.52 -16.09 -33.09
C ASP A 290 3.38 -15.02 -32.43
N CYS A 291 3.18 -14.82 -31.13
CA CYS A 291 3.83 -13.72 -30.44
C CYS A 291 5.35 -13.84 -30.43
N ALA A 292 5.91 -15.03 -30.66
CA ALA A 292 7.35 -15.24 -30.55
C ALA A 292 7.99 -15.56 -31.89
N LEU A 293 7.28 -15.35 -33.00
CA LEU A 293 7.82 -15.75 -34.30
C LEU A 293 8.93 -14.80 -34.75
N ASP A 294 8.59 -13.54 -34.94
CA ASP A 294 9.55 -12.56 -35.46
C ASP A 294 9.33 -11.25 -34.70
N PRO A 295 10.28 -10.32 -34.80
CA PRO A 295 10.08 -9.02 -34.15
C PRO A 295 8.79 -8.34 -34.54
N LEU A 296 8.37 -8.41 -35.80
CA LEU A 296 7.06 -7.84 -36.13
C LEU A 296 5.95 -8.54 -35.36
N SER A 297 5.98 -9.86 -35.31
CA SER A 297 4.90 -10.57 -34.64
C SER A 297 4.85 -10.23 -33.16
N GLU A 298 5.99 -9.87 -32.57
CA GLU A 298 5.96 -9.39 -31.19
C GLU A 298 5.20 -8.08 -31.08
N THR A 299 5.42 -7.17 -32.02
CA THR A 299 4.73 -5.88 -31.98
C THR A 299 3.22 -6.08 -32.12
N LYS A 300 2.82 -6.98 -33.02
CA LYS A 300 1.40 -7.31 -33.14
C LYS A 300 0.86 -7.86 -31.84
N CYS A 301 1.64 -8.69 -31.15
CA CYS A 301 1.17 -9.26 -29.89
C CYS A 301 1.00 -8.18 -28.83
N THR A 302 1.92 -7.24 -28.75
CA THR A 302 1.86 -6.23 -27.70
C THR A 302 0.70 -5.27 -27.91
N LEU A 303 0.54 -4.78 -29.11
CA LEU A 303 -0.50 -3.80 -29.41
C LEU A 303 -1.89 -4.40 -29.49
N LYS A 304 -2.00 -5.72 -29.34
CA LYS A 304 -3.29 -6.41 -29.40
C LYS A 304 -4.02 -6.10 -30.70
N SER A 305 -3.25 -6.07 -31.79
CA SER A 305 -3.82 -5.73 -33.09
C SER A 305 -3.02 -6.42 -34.18
N PHE A 306 -3.70 -6.68 -35.30
CA PHE A 306 -3.07 -7.29 -36.46
C PHE A 306 -2.41 -6.27 -37.37
N THR A 307 -2.65 -4.99 -37.14
CA THR A 307 -2.09 -3.92 -37.95
C THR A 307 -1.30 -2.98 -37.06
N VAL A 308 -0.08 -2.65 -37.48
CA VAL A 308 0.80 -1.77 -36.72
C VAL A 308 1.19 -0.59 -37.59
N GLU A 309 1.13 0.61 -37.03
CA GLU A 309 1.48 1.80 -37.77
C GLU A 309 2.98 2.06 -37.72
N LYS A 310 3.43 2.96 -38.59
CA LYS A 310 4.84 3.34 -38.64
C LYS A 310 5.29 3.93 -37.31
N GLY A 311 6.43 3.48 -36.84
CA GLY A 311 7.02 4.04 -35.63
C GLY A 311 7.91 3.04 -34.94
N ILE A 312 8.48 3.47 -33.82
CA ILE A 312 9.33 2.66 -32.96
C ILE A 312 8.50 2.23 -31.77
N TYR A 313 8.50 0.94 -31.48
CA TYR A 313 7.65 0.37 -30.43
C TYR A 313 8.52 -0.36 -29.44
N GLN A 314 8.19 -0.27 -28.16
CA GLN A 314 8.89 -1.01 -27.13
C GLN A 314 8.10 -2.28 -26.83
N THR A 315 8.77 -3.43 -26.90
CA THR A 315 8.10 -4.71 -26.78
C THR A 315 8.71 -5.63 -25.75
N SER A 316 10.00 -5.50 -25.44
CA SER A 316 10.64 -6.46 -24.58
C SER A 316 11.87 -5.80 -23.96
N ASN A 317 12.73 -6.62 -23.36
CA ASN A 317 13.90 -6.14 -22.64
C ASN A 317 15.03 -7.16 -22.82
N PHE A 318 16.08 -6.74 -23.51
CA PHE A 318 17.18 -7.66 -23.79
C PHE A 318 17.89 -8.04 -22.51
N ARG A 319 18.26 -9.31 -22.41
CA ARG A 319 18.86 -9.82 -21.17
C ARG A 319 19.86 -10.93 -21.50
N VAL A 320 21.09 -10.77 -21.01
CA VAL A 320 22.08 -11.84 -21.15
C VAL A 320 21.85 -12.88 -20.06
N GLN A 321 21.87 -14.08 -20.43
CA GLN A 321 21.59 -15.10 -19.43
C GLN A 321 22.88 -15.57 -18.77
N PRO A 322 22.79 -16.10 -17.55
CA PRO A 322 23.97 -16.72 -16.94
C PRO A 322 24.40 -17.95 -17.72
N THR A 323 25.71 -18.21 -17.74
CA THR A 323 26.26 -19.35 -18.45
C THR A 323 26.87 -20.40 -17.55
N GLU A 324 27.22 -20.03 -16.32
CA GLU A 324 27.82 -20.94 -15.36
C GLU A 324 27.07 -20.85 -14.04
N SER A 325 27.36 -21.79 -13.15
CA SER A 325 26.81 -21.78 -11.80
C SER A 325 27.99 -21.75 -10.83
N ILE A 326 28.09 -20.69 -10.05
CA ILE A 326 29.14 -20.55 -9.04
C ILE A 326 28.52 -20.70 -7.67
N VAL A 327 29.08 -21.61 -6.89
CA VAL A 327 28.75 -21.80 -5.48
C VAL A 327 30.06 -21.67 -4.73
N ARG A 328 30.07 -20.89 -3.66
CA ARG A 328 31.26 -20.79 -2.82
C ARG A 328 30.89 -20.70 -1.35
N PHE A 329 31.74 -21.31 -0.54
CA PHE A 329 31.66 -21.37 0.91
C PHE A 329 33.11 -21.24 1.39
N PRO A 330 33.34 -20.92 2.78
CA PRO A 330 34.62 -20.63 3.84
C PRO A 330 35.54 -21.86 3.77
N ASN A 331 36.82 -21.63 4.04
CA ASN A 331 37.84 -22.71 4.04
C ASN A 331 37.53 -23.73 5.14
N ILE A 332 37.04 -23.23 6.28
CA ILE A 332 36.74 -24.04 7.49
C ILE A 332 36.05 -25.36 7.13
N THR A 333 36.67 -26.47 7.50
CA THR A 333 36.11 -27.83 7.31
C THR A 333 36.19 -28.51 8.68
N ASN A 334 35.84 -27.73 9.71
CA ASN A 334 35.84 -28.16 11.13
C ASN A 334 34.47 -28.77 11.49
N LEU A 335 34.04 -28.61 12.74
CA LEU A 335 32.75 -29.23 13.01
C LEU A 335 32.08 -28.43 14.11
N CYS A 336 30.98 -27.74 13.79
CA CYS A 336 30.16 -27.14 14.84
C CYS A 336 29.53 -28.27 15.64
N PRO A 337 29.71 -28.30 16.94
CA PRO A 337 29.18 -29.42 17.71
C PRO A 337 27.69 -29.28 17.95
N PHE A 338 26.93 -29.19 16.86
CA PHE A 338 25.49 -29.34 16.96
C PHE A 338 25.15 -30.60 17.73
N GLY A 339 25.93 -31.67 17.51
CA GLY A 339 25.78 -32.85 18.33
C GLY A 339 25.98 -32.57 19.81
N GLU A 340 27.02 -31.80 20.14
CA GLU A 340 27.26 -31.48 21.54
C GLU A 340 26.10 -30.70 22.14
N VAL A 341 25.56 -29.76 21.37
CA VAL A 341 24.42 -28.99 21.86
C VAL A 341 23.20 -29.89 22.01
N PHE A 342 22.77 -30.52 20.91
CA PHE A 342 21.57 -31.33 20.95
C PHE A 342 21.75 -32.54 21.87
N ASN A 343 22.83 -33.29 21.65
CA ASN A 343 23.16 -34.40 22.54
C ASN A 343 24.07 -33.93 23.68
N ALA A 344 23.64 -32.87 24.34
CA ALA A 344 24.32 -32.46 25.56
C ALA A 344 23.88 -33.33 26.72
N THR A 345 24.77 -33.49 27.70
CA THR A 345 24.48 -34.31 28.86
C THR A 345 23.19 -33.87 29.54
N ARG A 346 23.17 -32.65 30.09
CA ARG A 346 22.06 -32.17 30.91
C ARG A 346 21.76 -30.72 30.56
N PHE A 347 20.53 -30.45 30.16
CA PHE A 347 20.10 -29.08 29.99
C PHE A 347 19.67 -28.47 31.32
N ALA A 348 19.73 -27.14 31.36
CA ALA A 348 19.33 -26.40 32.54
C ALA A 348 17.87 -25.99 32.40
N SER A 349 17.34 -25.37 33.45
CA SER A 349 15.92 -25.06 33.45
C SER A 349 15.66 -23.77 32.68
N VAL A 350 14.37 -23.54 32.38
CA VAL A 350 14.00 -22.49 31.45
C VAL A 350 14.32 -21.11 32.02
N TYR A 351 14.09 -20.89 33.32
CA TYR A 351 14.32 -19.57 33.87
C TYR A 351 15.79 -19.19 33.81
N ALA A 352 16.66 -20.20 33.85
CA ALA A 352 18.10 -20.00 33.81
C ALA A 352 18.66 -20.61 32.54
N TRP A 353 17.97 -20.37 31.43
CA TRP A 353 18.23 -21.10 30.20
C TRP A 353 19.67 -20.93 29.75
N ASN A 354 20.24 -22.02 29.25
CA ASN A 354 21.63 -22.05 28.82
C ASN A 354 21.75 -21.56 27.40
N ARG A 355 22.84 -20.85 27.13
CA ARG A 355 23.16 -20.39 25.80
C ARG A 355 24.51 -20.96 25.41
N LYS A 356 24.62 -21.46 24.18
CA LYS A 356 25.87 -21.95 23.64
C LYS A 356 26.16 -21.20 22.36
N ARG A 357 27.42 -20.84 22.15
CA ARG A 357 27.81 -20.10 20.96
C ARG A 357 28.43 -21.08 19.96
N ILE A 358 27.96 -21.03 18.72
CA ILE A 358 28.38 -21.95 17.69
C ILE A 358 28.89 -21.13 16.51
N SER A 359 30.13 -21.41 16.10
CA SER A 359 30.72 -20.66 15.00
C SER A 359 31.93 -21.41 14.46
N ASN A 360 32.49 -20.86 13.39
CA ASN A 360 33.74 -21.33 12.73
C ASN A 360 33.65 -22.79 12.25
N CYS A 361 32.69 -23.10 11.38
CA CYS A 361 32.61 -24.44 10.80
C CYS A 361 31.72 -24.43 9.57
N VAL A 362 31.36 -25.63 9.10
CA VAL A 362 30.31 -25.83 8.10
C VAL A 362 29.17 -26.62 8.75
N ALA A 363 27.95 -26.34 8.31
CA ALA A 363 26.76 -26.86 8.97
C ALA A 363 25.90 -27.63 7.98
N ASP A 364 25.34 -28.73 8.45
CA ASP A 364 24.58 -29.66 7.60
C ASP A 364 23.21 -29.92 8.19
N TYR A 365 22.44 -28.85 8.43
CA TYR A 365 21.16 -28.92 9.13
C TYR A 365 20.23 -30.01 8.61
N SER A 366 20.47 -30.48 7.38
CA SER A 366 19.57 -31.46 6.78
C SER A 366 19.43 -32.70 7.64
N VAL A 367 20.51 -33.14 8.30
CA VAL A 367 20.40 -34.28 9.21
C VAL A 367 19.46 -33.95 10.36
N LEU A 368 19.43 -32.69 10.78
CA LEU A 368 18.50 -32.30 11.83
C LEU A 368 17.07 -32.35 11.33
N TYR A 369 16.82 -31.84 10.13
CA TYR A 369 15.48 -31.95 9.56
C TYR A 369 15.11 -33.39 9.27
N ASN A 370 16.05 -34.18 8.76
CA ASN A 370 15.80 -35.57 8.42
C ASN A 370 16.14 -36.41 9.64
N SER A 371 15.29 -36.33 10.67
CA SER A 371 15.47 -37.15 11.86
C SER A 371 14.22 -37.91 12.29
N ALA A 372 13.02 -37.39 12.08
CA ALA A 372 11.77 -38.06 12.44
C ALA A 372 11.64 -38.22 13.96
N SER A 373 12.65 -37.76 14.68
CA SER A 373 12.64 -37.78 16.14
C SER A 373 12.23 -36.46 16.75
N PHE A 374 11.84 -35.49 15.93
CA PHE A 374 11.45 -34.16 16.39
C PHE A 374 9.97 -33.97 16.09
N SER A 375 9.16 -33.91 17.15
CA SER A 375 7.72 -33.73 16.95
C SER A 375 7.40 -32.38 16.32
N THR A 376 8.08 -31.33 16.74
CA THR A 376 7.85 -29.99 16.22
C THR A 376 9.15 -29.47 15.62
N PHE A 377 9.10 -29.15 14.32
CA PHE A 377 10.21 -28.48 13.69
C PHE A 377 9.66 -27.32 12.89
N LYS A 378 9.46 -26.18 13.53
CA LYS A 378 8.89 -25.01 12.90
C LYS A 378 9.96 -23.95 12.78
N CYS A 379 10.04 -23.33 11.62
CA CYS A 379 11.07 -22.35 11.33
C CYS A 379 10.43 -21.06 10.86
N TYR A 380 10.79 -19.96 11.51
CA TYR A 380 10.24 -18.66 11.22
C TYR A 380 11.26 -17.86 10.44
N GLY A 381 11.30 -18.07 9.14
CA GLY A 381 12.27 -17.40 8.29
C GLY A 381 13.03 -18.29 7.35
N VAL A 382 13.36 -19.51 7.77
CA VAL A 382 14.03 -20.42 6.87
C VAL A 382 13.03 -21.47 6.43
N SER A 383 13.10 -21.83 5.16
CA SER A 383 12.47 -23.14 5.21
C SER A 383 13.43 -24.13 5.84
N PRO A 384 12.94 -25.17 6.49
CA PRO A 384 13.85 -26.17 7.04
C PRO A 384 14.74 -26.76 5.95
N THR A 385 14.15 -27.00 4.79
CA THR A 385 14.90 -27.28 3.59
C THR A 385 15.53 -25.99 3.09
N LYS A 386 16.55 -26.11 2.25
CA LYS A 386 17.28 -24.96 1.69
C LYS A 386 18.07 -24.21 2.76
N LEU A 387 18.02 -24.67 4.00
CA LEU A 387 18.80 -24.04 5.06
C LEU A 387 20.29 -24.28 4.88
N ASN A 388 20.66 -25.29 4.11
CA ASN A 388 22.07 -25.59 3.90
C ASN A 388 22.75 -24.63 2.95
N ASP A 389 22.03 -23.66 2.39
CA ASP A 389 22.61 -22.67 1.50
C ASP A 389 22.80 -21.32 2.18
N LEU A 390 22.70 -21.28 3.50
CA LEU A 390 22.79 -20.02 4.23
C LEU A 390 24.08 -20.01 5.05
N CYS A 391 24.68 -18.83 5.16
CA CYS A 391 25.95 -18.67 5.86
C CYS A 391 25.88 -17.46 6.77
N PHE A 392 26.36 -17.64 8.01
CA PHE A 392 25.95 -16.79 9.11
C PHE A 392 27.13 -16.46 10.00
N THR A 393 27.08 -15.26 10.58
CA THR A 393 28.16 -14.81 11.45
C THR A 393 28.15 -15.55 12.79
N ASN A 394 27.01 -15.56 13.47
CA ASN A 394 26.89 -16.30 14.72
C ASN A 394 25.55 -17.01 14.77
N VAL A 395 25.59 -18.26 15.19
CA VAL A 395 24.40 -19.06 15.44
C VAL A 395 24.39 -19.40 16.92
N TYR A 396 23.33 -19.03 17.61
CA TYR A 396 23.18 -19.32 19.03
C TYR A 396 22.17 -20.43 19.21
N ALA A 397 22.47 -21.36 20.10
CA ALA A 397 21.59 -22.48 20.40
C ALA A 397 21.19 -22.40 21.86
N ASP A 398 19.90 -22.46 22.13
CA ASP A 398 19.38 -22.44 23.48
C ASP A 398 18.77 -23.80 23.79
N SER A 399 18.71 -24.14 25.09
CA SER A 399 18.24 -25.46 25.49
C SER A 399 17.30 -25.33 26.68
N PHE A 400 16.11 -25.88 26.53
CA PHE A 400 15.04 -25.71 27.52
C PHE A 400 14.57 -27.08 28.00
N VAL A 401 13.69 -27.09 28.99
CA VAL A 401 13.07 -28.30 29.50
C VAL A 401 11.56 -28.08 29.61
N ILE A 402 11.04 -27.19 28.77
CA ILE A 402 9.69 -26.67 28.92
C ILE A 402 8.63 -27.77 28.83
N ARG A 403 7.50 -27.55 29.50
CA ARG A 403 6.40 -28.50 29.52
C ARG A 403 5.77 -28.66 28.14
N GLY A 404 5.06 -29.77 27.97
CA GLY A 404 4.47 -30.15 26.69
C GLY A 404 3.53 -29.13 26.06
N ASP A 405 2.47 -28.75 26.77
CA ASP A 405 1.52 -27.80 26.22
C ASP A 405 2.14 -26.45 25.90
N GLU A 406 3.30 -26.16 26.48
CA GLU A 406 3.86 -24.82 26.48
C GLU A 406 4.65 -24.51 25.22
N VAL A 407 4.93 -25.50 24.38
CA VAL A 407 5.81 -25.28 23.22
C VAL A 407 5.24 -24.24 22.28
N ARG A 408 3.91 -24.20 22.12
CA ARG A 408 3.31 -23.17 21.28
C ARG A 408 3.74 -21.78 21.72
N GLN A 409 4.28 -21.65 22.93
CA GLN A 409 4.73 -20.36 23.44
C GLN A 409 6.13 -19.99 22.96
N ILE A 410 6.95 -20.96 22.59
CA ILE A 410 8.30 -20.65 22.11
C ILE A 410 8.17 -20.40 20.62
N ALA A 411 7.81 -19.17 20.30
CA ALA A 411 7.50 -18.75 18.95
C ALA A 411 7.47 -17.23 18.92
N PRO A 412 7.85 -16.60 17.81
CA PRO A 412 7.84 -15.14 17.78
C PRO A 412 6.42 -14.62 17.92
N GLY A 413 6.14 -14.00 19.06
CA GLY A 413 4.88 -13.37 19.27
C GLY A 413 3.82 -14.17 19.99
N GLN A 414 4.22 -14.99 20.96
CA GLN A 414 3.24 -15.67 21.80
C GLN A 414 3.22 -15.01 23.17
N THR A 415 2.18 -15.29 23.95
CA THR A 415 2.02 -14.72 25.28
C THR A 415 1.58 -15.79 26.26
N GLY A 416 2.23 -15.78 27.42
CA GLY A 416 1.96 -16.77 28.44
C GLY A 416 3.08 -16.78 29.46
N LYS A 417 2.92 -17.63 30.47
CA LYS A 417 3.88 -17.67 31.56
C LYS A 417 5.30 -17.91 31.05
N ILE A 418 5.46 -18.87 30.15
CA ILE A 418 6.79 -19.20 29.64
C ILE A 418 7.35 -18.05 28.82
N ALA A 419 6.51 -17.50 27.93
CA ALA A 419 6.99 -16.47 27.03
C ALA A 419 7.00 -15.09 27.66
N ASP A 420 6.50 -14.93 28.88
CA ASP A 420 6.48 -13.63 29.54
C ASP A 420 7.50 -13.51 30.66
N TYR A 421 7.68 -14.57 31.45
CA TYR A 421 8.52 -14.51 32.64
C TYR A 421 9.76 -15.38 32.55
N ASN A 422 9.94 -16.15 31.49
CA ASN A 422 11.05 -17.10 31.49
C ASN A 422 11.97 -16.92 30.28
N TYR A 423 11.40 -16.66 29.11
CA TYR A 423 12.18 -16.56 27.88
C TYR A 423 11.28 -15.95 26.80
N LYS A 424 11.76 -14.91 26.14
CA LYS A 424 10.96 -14.16 25.18
C LYS A 424 11.65 -14.17 23.82
N LEU A 425 10.89 -14.49 22.78
CA LEU A 425 11.49 -14.24 21.47
C LEU A 425 11.20 -12.81 21.05
N PRO A 426 12.10 -12.18 20.29
CA PRO A 426 11.76 -10.92 19.64
C PRO A 426 10.79 -11.19 18.49
N ASP A 427 10.04 -10.16 18.14
CA ASP A 427 9.04 -10.33 17.08
C ASP A 427 9.70 -10.67 15.76
N ASP A 428 10.82 -10.04 15.43
CA ASP A 428 11.59 -10.38 14.24
C ASP A 428 12.60 -11.50 14.51
N PHE A 429 12.17 -12.60 15.12
CA PHE A 429 13.06 -13.74 15.30
C PHE A 429 13.32 -14.38 13.95
N THR A 430 14.54 -14.87 13.75
CA THR A 430 14.95 -15.53 12.52
C THR A 430 15.62 -16.85 12.89
N GLY A 431 14.86 -17.93 12.85
CA GLY A 431 15.44 -19.24 13.12
C GLY A 431 14.37 -20.26 13.36
N CYS A 432 14.80 -21.47 13.71
CA CYS A 432 13.89 -22.58 13.90
C CYS A 432 13.66 -22.82 15.39
N VAL A 433 12.65 -23.63 15.68
CA VAL A 433 12.36 -24.07 17.04
C VAL A 433 12.18 -25.57 16.96
N ILE A 434 13.11 -26.32 17.53
CA ILE A 434 13.18 -27.76 17.35
C ILE A 434 12.85 -28.41 18.67
N ALA A 435 11.62 -28.92 18.79
CA ALA A 435 11.14 -29.51 20.03
C ALA A 435 10.92 -31.00 19.85
N TRP A 436 11.22 -31.77 20.90
CA TRP A 436 10.94 -33.20 20.88
C TRP A 436 10.89 -33.67 22.34
N ASN A 437 9.79 -34.30 22.73
CA ASN A 437 9.67 -34.84 24.07
C ASN A 437 10.77 -35.82 24.44
N SER A 438 11.55 -35.46 25.46
CA SER A 438 12.60 -36.32 25.98
C SER A 438 12.04 -37.05 27.20
N ASN A 439 11.07 -37.91 26.93
CA ASN A 439 10.31 -38.52 28.02
C ASN A 439 11.18 -39.43 28.87
N ASN A 440 12.01 -40.26 28.22
CA ASN A 440 12.89 -41.17 28.94
C ASN A 440 13.94 -40.41 29.74
N LEU A 441 14.45 -39.32 29.20
CA LEU A 441 15.62 -38.67 29.78
C LEU A 441 15.29 -38.01 31.12
N ASP A 442 14.20 -37.25 31.17
CA ASP A 442 13.84 -36.53 32.40
C ASP A 442 12.37 -36.72 32.73
N SER A 443 12.07 -37.84 33.39
CA SER A 443 10.76 -38.11 33.96
C SER A 443 10.86 -39.32 34.87
N LYS A 444 10.47 -39.21 36.13
CA LYS A 444 10.60 -40.33 37.04
C LYS A 444 9.35 -40.47 37.88
N VAL A 445 9.18 -41.69 38.41
CA VAL A 445 8.03 -41.99 39.27
C VAL A 445 8.15 -41.13 40.52
N GLY A 446 7.04 -40.49 40.89
CA GLY A 446 7.07 -39.46 41.90
C GLY A 446 7.41 -38.07 41.38
N GLY A 447 7.62 -37.93 40.07
CA GLY A 447 7.85 -36.62 39.48
C GLY A 447 9.29 -36.16 39.52
N ASN A 448 9.82 -35.74 38.38
CA ASN A 448 11.20 -35.27 38.29
C ASN A 448 11.18 -33.74 38.33
N TYR A 449 11.55 -33.19 39.48
CA TYR A 449 11.37 -31.77 39.79
C TYR A 449 12.66 -30.97 39.77
N ASN A 450 13.68 -31.45 39.04
CA ASN A 450 14.94 -30.73 38.89
C ASN A 450 14.75 -29.43 38.13
N TYR A 451 13.70 -29.35 37.31
CA TYR A 451 13.55 -28.29 36.34
C TYR A 451 12.60 -27.23 36.86
N LEU A 452 13.05 -25.99 36.87
CA LEU A 452 12.36 -24.89 37.54
C LEU A 452 11.81 -23.92 36.50
N TYR A 453 10.92 -23.02 36.94
CA TYR A 453 10.37 -22.02 36.05
C TYR A 453 9.88 -20.84 36.88
N ARG A 454 10.03 -19.64 36.34
CA ARG A 454 9.57 -18.46 37.05
C ARG A 454 8.07 -18.32 36.89
N LEU A 455 7.39 -18.02 38.01
CA LEU A 455 5.94 -17.87 38.05
C LEU A 455 5.50 -16.42 38.23
N PHE A 456 6.16 -15.68 39.10
CA PHE A 456 5.80 -14.30 39.40
C PHE A 456 6.98 -13.40 39.06
N ARG A 457 6.74 -12.37 38.25
CA ARG A 457 7.81 -11.43 37.96
C ARG A 457 7.16 -10.17 37.42
N LYS A 458 7.69 -9.01 37.83
CA LYS A 458 6.91 -7.79 37.83
C LYS A 458 6.42 -7.41 36.43
N SER A 459 7.22 -7.67 35.40
N SER A 459 7.22 -7.68 35.40
CA SER A 459 6.83 -7.32 34.04
CA SER A 459 6.87 -7.32 34.04
C SER A 459 7.34 -8.40 33.08
C SER A 459 7.31 -8.42 33.09
N ASN A 460 6.85 -8.33 31.84
CA ASN A 460 7.26 -9.25 30.81
C ASN A 460 8.74 -9.05 30.48
N LEU A 461 9.38 -10.14 30.08
CA LEU A 461 10.82 -10.12 29.80
C LEU A 461 11.09 -9.47 28.45
N LYS A 462 12.27 -8.85 28.34
CA LYS A 462 12.77 -8.40 27.06
C LYS A 462 13.27 -9.59 26.26
N PRO A 463 13.40 -9.44 24.94
CA PRO A 463 13.91 -10.55 24.12
C PRO A 463 15.28 -11.01 24.58
N PHE A 464 15.44 -12.33 24.71
CA PHE A 464 16.69 -12.99 25.04
C PHE A 464 17.25 -12.56 26.38
N GLU A 465 16.49 -11.78 27.14
CA GLU A 465 16.87 -11.41 28.50
C GLU A 465 16.91 -12.66 29.37
N ARG A 466 17.88 -12.71 30.29
CA ARG A 466 18.03 -13.86 31.17
C ARG A 466 18.03 -13.37 32.60
N ASP A 467 17.00 -13.75 33.33
CA ASP A 467 16.80 -13.32 34.71
C ASP A 467 17.02 -14.51 35.62
N ILE A 468 18.03 -14.41 36.50
CA ILE A 468 18.33 -15.46 37.46
C ILE A 468 18.13 -14.99 38.89
N SER A 469 17.31 -13.95 39.09
CA SER A 469 17.04 -13.48 40.44
C SER A 469 16.25 -14.51 41.23
N THR A 470 16.69 -14.74 42.47
CA THR A 470 15.95 -15.58 43.41
C THR A 470 15.36 -14.75 44.54
N GLU A 471 15.07 -13.48 44.27
CA GLU A 471 14.52 -12.60 45.29
C GLU A 471 13.05 -12.93 45.53
N ILE A 472 12.62 -12.77 46.79
CA ILE A 472 11.23 -13.01 47.15
C ILE A 472 10.35 -12.02 46.39
N TYR A 473 9.19 -12.48 45.92
CA TYR A 473 8.28 -11.63 45.16
C TYR A 473 7.29 -10.98 46.11
N GLN A 474 7.34 -9.66 46.19
CA GLN A 474 6.43 -8.91 47.04
C GLN A 474 5.10 -8.68 46.33
N ALA A 475 4.15 -9.59 46.53
CA ALA A 475 2.85 -9.51 45.89
C ALA A 475 1.87 -8.64 46.67
N GLY A 476 2.30 -8.07 47.80
CA GLY A 476 1.45 -7.22 48.60
C GLY A 476 2.06 -5.83 48.76
N SER A 477 1.42 -5.05 49.62
CA SER A 477 1.86 -3.69 49.91
C SER A 477 2.99 -3.64 50.95
N THR A 478 3.33 -4.76 51.57
CA THR A 478 4.31 -4.87 52.63
C THR A 478 5.54 -5.58 52.09
N PRO A 479 6.74 -5.25 52.55
CA PRO A 479 7.87 -6.01 52.14
C PRO A 479 8.14 -7.33 52.86
N CYS A 480 8.86 -8.20 52.17
CA CYS A 480 9.00 -9.59 52.60
C CYS A 480 10.31 -9.87 53.29
N ASN A 481 11.37 -9.13 52.97
CA ASN A 481 12.65 -9.22 53.67
C ASN A 481 13.19 -10.64 53.61
N GLY A 482 12.94 -11.32 52.50
CA GLY A 482 13.35 -12.69 52.33
C GLY A 482 12.53 -13.70 53.10
N VAL A 483 11.38 -13.29 53.63
CA VAL A 483 10.50 -14.17 54.39
C VAL A 483 9.33 -14.56 53.51
N GLU A 484 9.24 -15.84 53.17
CA GLU A 484 8.08 -16.32 52.44
C GLU A 484 6.85 -16.31 53.34
N GLY A 485 5.70 -16.15 52.73
CA GLY A 485 4.46 -16.12 53.47
C GLY A 485 3.37 -15.45 52.64
N PHE A 486 2.42 -14.84 53.34
CA PHE A 486 1.32 -14.16 52.67
C PHE A 486 1.86 -13.03 51.81
N ASN A 487 1.42 -12.98 50.56
CA ASN A 487 1.90 -12.00 49.58
C ASN A 487 3.42 -12.02 49.45
N CYS A 488 4.04 -13.11 49.91
CA CYS A 488 5.49 -13.30 49.89
C CYS A 488 5.76 -14.66 49.28
N TYR A 489 5.85 -14.69 47.95
CA TYR A 489 5.90 -15.94 47.18
C TYR A 489 7.27 -16.05 46.52
N PHE A 490 7.94 -17.19 46.72
CA PHE A 490 9.16 -17.45 45.98
C PHE A 490 8.80 -17.61 44.51
N PRO A 491 9.40 -16.83 43.61
CA PRO A 491 8.89 -16.75 42.24
C PRO A 491 9.30 -17.91 41.33
N LEU A 492 9.82 -18.99 41.88
CA LEU A 492 10.17 -20.17 41.08
C LEU A 492 9.40 -21.38 41.56
N GLN A 493 8.69 -22.02 40.63
CA GLN A 493 7.96 -23.25 40.89
C GLN A 493 8.56 -24.36 40.05
N SER A 494 8.32 -25.60 40.44
CA SER A 494 8.95 -26.75 39.79
C SER A 494 7.91 -27.55 39.01
N TYR A 495 8.24 -27.86 37.75
CA TYR A 495 7.34 -28.64 36.90
C TYR A 495 7.06 -30.02 37.49
N GLY A 496 8.08 -30.88 37.49
CA GLY A 496 7.89 -32.29 37.85
C GLY A 496 7.73 -33.32 36.76
N PHE A 497 6.74 -33.14 35.89
CA PHE A 497 6.48 -34.07 34.79
C PHE A 497 6.33 -35.51 35.24
N GLN A 498 5.20 -35.87 35.86
CA GLN A 498 4.88 -37.28 36.07
C GLN A 498 5.44 -38.14 34.94
N PRO A 499 6.15 -39.22 35.29
CA PRO A 499 6.97 -39.90 34.28
C PRO A 499 6.17 -40.38 33.08
N THR A 500 4.94 -40.85 33.30
CA THR A 500 4.16 -41.52 32.26
C THR A 500 2.74 -40.97 32.27
N ASN A 501 2.57 -39.68 32.53
CA ASN A 501 1.23 -39.17 32.68
C ASN A 501 1.00 -37.88 31.91
N GLY A 502 2.06 -37.25 31.43
CA GLY A 502 1.90 -35.99 30.74
C GLY A 502 1.51 -36.17 29.29
N VAL A 503 0.43 -35.52 28.87
CA VAL A 503 0.18 -35.34 27.45
C VAL A 503 0.58 -33.93 27.02
N GLY A 504 0.44 -32.98 27.94
CA GLY A 504 1.04 -31.67 27.80
C GLY A 504 1.91 -31.39 29.01
N TYR A 505 2.06 -32.41 29.87
CA TYR A 505 2.95 -32.35 31.02
C TYR A 505 4.19 -33.19 30.79
N GLN A 506 4.66 -33.26 29.55
CA GLN A 506 5.94 -33.89 29.30
C GLN A 506 6.97 -32.82 29.02
N PRO A 507 8.23 -33.08 29.31
CA PRO A 507 9.26 -32.12 28.93
C PRO A 507 9.44 -32.13 27.43
N TYR A 508 9.13 -31.04 26.75
CA TYR A 508 9.53 -30.90 25.36
C TYR A 508 10.88 -30.17 25.37
N ARG A 509 11.94 -30.94 25.17
CA ARG A 509 13.28 -30.39 25.08
C ARG A 509 13.36 -29.49 23.85
N VAL A 510 13.39 -28.19 24.08
CA VAL A 510 13.30 -27.23 22.98
C VAL A 510 14.64 -26.56 22.75
N VAL A 511 15.24 -26.83 21.60
CA VAL A 511 16.42 -26.10 21.19
C VAL A 511 16.02 -25.07 20.14
N VAL A 512 16.48 -23.84 20.32
CA VAL A 512 16.15 -22.74 19.41
C VAL A 512 17.43 -22.23 18.80
N LEU A 513 17.47 -22.17 17.48
CA LEU A 513 18.61 -21.67 16.75
C LEU A 513 18.32 -20.22 16.33
N SER A 514 19.16 -19.31 16.78
CA SER A 514 18.97 -17.89 16.51
C SER A 514 20.03 -17.43 15.52
N PHE A 515 19.58 -16.86 14.42
CA PHE A 515 20.42 -16.65 13.25
C PHE A 515 20.82 -15.18 13.17
N GLU A 516 22.12 -14.92 13.33
CA GLU A 516 22.68 -13.58 13.38
C GLU A 516 23.70 -13.39 12.27
N LEU A 517 23.51 -12.34 11.48
CA LEU A 517 24.47 -11.95 10.45
C LEU A 517 24.73 -10.45 10.59
N LEU A 518 25.98 -10.11 10.93
CA LEU A 518 26.34 -8.73 11.21
C LEU A 518 27.15 -8.11 10.07
N ALA A 520 30.22 -8.38 9.32
CA ALA A 520 31.28 -9.28 9.74
C ALA A 520 31.33 -10.50 8.82
N PRO A 521 32.50 -11.10 8.67
CA PRO A 521 32.61 -12.33 7.88
C PRO A 521 31.76 -13.43 8.50
N ALA A 522 31.15 -14.24 7.64
CA ALA A 522 30.43 -15.40 8.12
C ALA A 522 31.41 -16.37 8.78
N THR A 523 30.99 -16.95 9.90
CA THR A 523 31.79 -17.97 10.57
C THR A 523 31.18 -19.35 10.44
N VAL A 524 29.85 -19.46 10.50
CA VAL A 524 29.20 -20.72 10.19
C VAL A 524 28.51 -20.59 8.84
N CYS A 525 28.91 -21.45 7.90
CA CYS A 525 28.44 -21.38 6.54
C CYS A 525 28.15 -22.78 6.01
N GLY A 526 27.33 -22.84 4.97
CA GLY A 526 26.98 -24.11 4.37
C GLY A 526 28.20 -24.82 3.78
N PRO A 527 28.07 -26.11 3.51
CA PRO A 527 29.22 -26.87 3.00
C PRO A 527 29.22 -27.01 1.49
N LYS A 528 30.40 -27.21 0.89
CA LYS A 528 30.49 -27.96 -0.36
C LYS A 528 29.68 -27.35 -1.49
N LYS A 529 30.25 -26.38 -2.22
CA LYS A 529 31.66 -26.44 -2.61
C LYS A 529 32.24 -25.11 -3.05
N SER A 530 33.52 -24.89 -2.82
CA SER A 530 34.23 -23.78 -3.46
C SER A 530 34.54 -24.13 -4.91
N THR A 531 33.94 -23.44 -5.86
CA THR A 531 34.16 -23.73 -7.26
C THR A 531 35.18 -22.78 -7.87
N ASN A 532 35.60 -23.09 -9.10
CA ASN A 532 36.54 -22.24 -9.81
C ASN A 532 35.87 -20.91 -10.16
N LEU A 533 36.42 -19.82 -9.63
CA LEU A 533 35.89 -18.49 -9.91
C LEU A 533 36.21 -18.10 -11.35
N VAL A 534 35.20 -17.64 -12.08
CA VAL A 534 35.34 -17.27 -13.48
C VAL A 534 35.12 -15.77 -13.60
N LYS A 535 35.97 -15.11 -14.39
CA LYS A 535 35.93 -13.66 -14.50
C LYS A 535 35.41 -13.24 -15.86
N ASN A 536 34.93 -12.01 -15.93
CA ASN A 536 34.55 -11.36 -17.19
C ASN A 536 33.44 -12.13 -17.92
N LYS A 537 32.42 -12.57 -17.19
CA LYS A 537 31.33 -13.30 -17.82
C LYS A 537 30.10 -13.26 -16.91
N CYS A 538 28.93 -13.12 -17.53
CA CYS A 538 27.68 -13.09 -16.80
C CYS A 538 27.42 -14.46 -16.16
N VAL A 539 27.53 -14.51 -14.83
CA VAL A 539 27.30 -15.74 -14.09
C VAL A 539 26.43 -15.42 -12.88
N ASN A 540 25.79 -16.44 -12.35
CA ASN A 540 25.15 -16.36 -11.05
C ASN A 540 26.21 -16.66 -10.00
N PHE A 541 26.18 -15.95 -8.89
CA PHE A 541 27.25 -16.07 -7.90
C PHE A 541 26.69 -16.13 -6.49
N ASN A 542 27.46 -16.80 -5.64
CA ASN A 542 27.11 -17.00 -4.23
C ASN A 542 28.39 -16.92 -3.43
N PHE A 543 28.64 -15.77 -2.81
CA PHE A 543 29.76 -15.60 -1.89
C PHE A 543 29.22 -15.54 -0.47
N ASN A 544 29.45 -16.61 0.29
CA ASN A 544 29.09 -16.65 1.72
C ASN A 544 27.60 -16.44 1.92
N GLY A 545 26.81 -16.88 0.94
CA GLY A 545 25.37 -16.73 0.99
C GLY A 545 24.83 -15.52 0.25
N LEU A 546 25.68 -14.56 -0.09
CA LEU A 546 25.28 -13.40 -0.88
C LEU A 546 25.08 -13.87 -2.33
N THR A 547 23.84 -13.85 -2.77
CA THR A 547 23.47 -14.40 -4.07
C THR A 547 23.11 -13.29 -5.04
N GLY A 548 23.54 -13.46 -6.29
CA GLY A 548 23.26 -12.47 -7.30
C GLY A 548 23.80 -12.90 -8.64
N THR A 549 23.58 -12.03 -9.63
CA THR A 549 23.97 -12.27 -11.01
C THR A 549 24.72 -11.06 -11.54
N GLY A 550 25.89 -11.29 -12.14
CA GLY A 550 26.68 -10.20 -12.65
C GLY A 550 27.96 -10.70 -13.28
N VAL A 551 28.86 -9.75 -13.53
CA VAL A 551 30.15 -10.01 -14.14
C VAL A 551 31.23 -9.74 -13.12
N LEU A 552 31.97 -10.77 -12.73
CA LEU A 552 33.02 -10.66 -11.72
C LEU A 552 34.31 -10.28 -12.41
N THR A 553 34.82 -9.09 -12.08
CA THR A 553 36.07 -8.60 -12.66
C THR A 553 37.03 -8.23 -11.54
N GLU A 554 38.32 -8.34 -11.83
CA GLU A 554 39.32 -7.81 -10.92
C GLU A 554 39.11 -6.31 -10.77
N SER A 555 39.09 -5.84 -9.52
CA SER A 555 38.84 -4.43 -9.26
C SER A 555 40.10 -3.75 -8.76
N ASN A 556 40.05 -2.42 -8.73
CA ASN A 556 41.17 -1.60 -8.25
C ASN A 556 40.80 -0.84 -6.98
N LYS A 557 39.73 -1.24 -6.31
CA LYS A 557 39.31 -0.56 -5.10
C LYS A 557 40.27 -0.87 -3.96
N LYS A 558 40.51 0.11 -3.09
CA LYS A 558 41.48 -0.04 -2.01
C LYS A 558 40.75 -0.49 -0.73
N PHE A 559 40.37 -1.75 -0.71
CA PHE A 559 39.78 -2.32 0.50
C PHE A 559 40.78 -2.32 1.64
N LEU A 560 40.27 -2.08 2.84
CA LEU A 560 41.08 -2.16 4.04
C LEU A 560 41.05 -3.58 4.57
N PRO A 561 42.14 -4.03 5.20
CA PRO A 561 42.30 -5.46 5.50
C PRO A 561 41.19 -6.07 6.34
N PHE A 562 40.31 -5.24 6.90
CA PHE A 562 39.21 -5.73 7.71
C PHE A 562 37.87 -5.70 6.98
N GLN A 563 37.75 -4.89 5.94
CA GLN A 563 36.47 -4.71 5.25
C GLN A 563 36.16 -5.93 4.39
N GLN A 564 34.99 -6.52 4.61
CA GLN A 564 34.61 -7.72 3.88
C GLN A 564 34.10 -7.44 2.48
N PHE A 565 33.27 -6.42 2.31
CA PHE A 565 32.73 -6.09 0.99
C PHE A 565 32.20 -4.67 1.01
N GLY A 566 31.90 -4.16 -0.18
CA GLY A 566 31.45 -2.80 -0.36
C GLY A 566 30.01 -2.74 -0.86
N ARG A 567 29.48 -1.53 -0.90
CA ARG A 567 28.12 -1.30 -1.36
C ARG A 567 28.08 -0.08 -2.26
N ASP A 568 27.05 -0.03 -3.09
CA ASP A 568 26.77 1.13 -3.91
C ASP A 568 25.85 2.09 -3.16
N ILE A 569 25.44 3.17 -3.83
CA ILE A 569 24.51 4.09 -3.21
C ILE A 569 23.18 3.41 -2.93
N ALA A 570 22.84 2.42 -3.74
CA ALA A 570 21.54 1.76 -3.68
C ALA A 570 21.42 0.73 -2.56
N ASP A 571 22.39 0.68 -1.65
CA ASP A 571 22.46 -0.40 -0.65
C ASP A 571 22.48 -1.77 -1.32
N THR A 572 23.19 -1.86 -2.43
CA THR A 572 23.39 -3.11 -3.17
C THR A 572 24.87 -3.43 -3.23
N THR A 573 25.17 -4.72 -3.30
CA THR A 573 26.55 -5.17 -3.31
C THR A 573 27.29 -4.60 -4.52
N ASP A 574 28.34 -3.83 -4.25
CA ASP A 574 29.16 -3.25 -5.30
C ASP A 574 30.45 -4.02 -5.54
N ALA A 575 30.91 -4.77 -4.53
CA ALA A 575 32.14 -5.54 -4.65
C ALA A 575 32.21 -6.52 -3.50
N VAL A 576 32.93 -7.62 -3.72
CA VAL A 576 33.20 -8.59 -2.68
C VAL A 576 34.65 -9.01 -2.78
N ARG A 577 35.16 -9.62 -1.71
CA ARG A 577 36.48 -10.23 -1.73
C ARG A 577 36.31 -11.70 -1.34
N ASP A 578 36.99 -12.58 -2.07
CA ASP A 578 36.66 -13.99 -2.06
C ASP A 578 36.93 -14.60 -0.69
N PRO A 579 36.05 -15.46 -0.18
CA PRO A 579 36.35 -16.15 1.08
C PRO A 579 37.55 -17.08 0.97
N GLN A 580 37.93 -17.51 -0.23
CA GLN A 580 39.10 -18.36 -0.40
C GLN A 580 40.36 -17.59 -0.73
N THR A 581 40.29 -16.62 -1.62
CA THR A 581 41.45 -15.83 -2.04
C THR A 581 41.20 -14.38 -1.70
N LEU A 582 42.14 -13.77 -0.97
CA LEU A 582 42.01 -12.37 -0.58
C LEU A 582 42.25 -11.50 -1.81
N GLU A 583 41.30 -11.56 -2.74
CA GLU A 583 41.34 -10.77 -3.95
C GLU A 583 40.02 -10.05 -4.09
N ILE A 584 40.07 -8.86 -4.67
CA ILE A 584 38.96 -7.92 -4.69
C ILE A 584 38.27 -7.99 -6.04
N LEU A 585 36.96 -8.12 -6.03
CA LEU A 585 36.18 -8.24 -7.26
C LEU A 585 35.04 -7.23 -7.27
N ASP A 586 34.97 -6.46 -8.35
CA ASP A 586 33.81 -5.61 -8.58
C ASP A 586 32.75 -6.40 -9.33
N ILE A 587 31.50 -6.25 -8.91
CA ILE A 587 30.38 -6.95 -9.51
C ILE A 587 29.62 -5.96 -10.38
N THR A 588 29.66 -6.17 -11.69
CA THR A 588 28.86 -5.41 -12.64
C THR A 588 27.77 -6.32 -13.17
N PRO A 589 26.50 -6.03 -12.91
CA PRO A 589 25.43 -6.90 -13.42
C PRO A 589 25.49 -6.99 -14.93
N CYS A 590 25.32 -8.20 -15.45
CA CYS A 590 25.67 -8.45 -16.84
C CYS A 590 24.68 -7.76 -17.79
N SER A 591 25.09 -7.66 -19.05
CA SER A 591 24.49 -6.73 -20.01
C SER A 591 22.98 -6.94 -20.13
N PHE A 592 22.26 -5.83 -20.21
CA PHE A 592 20.83 -5.86 -20.45
C PHE A 592 20.42 -4.51 -21.01
N GLY A 593 19.18 -4.45 -21.48
CA GLY A 593 18.65 -3.20 -22.02
C GLY A 593 17.31 -3.46 -22.66
N GLY A 594 16.65 -2.36 -23.00
CA GLY A 594 15.36 -2.46 -23.63
C GLY A 594 15.46 -2.88 -25.08
N VAL A 595 14.40 -3.54 -25.57
CA VAL A 595 14.28 -3.96 -26.95
C VAL A 595 13.14 -3.19 -27.58
N SER A 596 13.40 -2.58 -28.72
CA SER A 596 12.37 -1.86 -29.46
C SER A 596 12.41 -2.28 -30.92
N VAL A 597 11.24 -2.37 -31.53
CA VAL A 597 11.10 -2.85 -32.90
C VAL A 597 10.78 -1.68 -33.81
N ILE A 598 11.69 -1.39 -34.73
CA ILE A 598 11.46 -0.37 -35.74
C ILE A 598 10.85 -1.06 -36.95
N THR A 599 9.58 -0.80 -37.20
CA THR A 599 8.91 -1.37 -38.36
C THR A 599 8.18 -0.30 -39.14
N PRO A 600 8.13 -0.43 -40.45
CA PRO A 600 7.14 0.35 -41.21
C PRO A 600 5.77 -0.26 -40.99
N GLY A 601 4.76 0.37 -41.58
CA GLY A 601 3.40 -0.13 -41.43
C GLY A 601 3.26 -1.55 -41.94
N THR A 602 2.62 -2.39 -41.13
CA THR A 602 2.35 -3.76 -41.57
C THR A 602 1.51 -3.80 -42.83
N ASN A 603 0.79 -2.72 -43.12
CA ASN A 603 0.25 -2.54 -44.47
C ASN A 603 1.38 -2.53 -45.50
N THR A 604 2.44 -1.78 -45.24
CA THR A 604 3.51 -1.60 -46.21
C THR A 604 4.44 -2.80 -46.31
N SER A 605 4.86 -3.37 -45.18
CA SER A 605 5.79 -4.48 -45.23
C SER A 605 5.72 -5.28 -43.94
N ASN A 606 6.43 -6.41 -43.92
CA ASN A 606 6.64 -7.18 -42.71
C ASN A 606 8.10 -7.17 -42.27
N GLU A 607 8.98 -6.59 -43.08
CA GLU A 607 10.39 -6.49 -42.73
C GLU A 607 10.57 -5.54 -41.56
N VAL A 608 11.52 -5.85 -40.68
CA VAL A 608 11.71 -5.09 -39.45
C VAL A 608 13.18 -4.75 -39.25
N ALA A 609 13.43 -3.88 -38.28
CA ALA A 609 14.75 -3.65 -37.75
C ALA A 609 14.65 -3.43 -36.25
N VAL A 610 15.50 -4.12 -35.50
CA VAL A 610 15.40 -4.21 -34.05
C VAL A 610 16.45 -3.30 -33.42
N LEU A 611 16.07 -2.60 -32.36
CA LEU A 611 16.95 -1.68 -31.66
C LEU A 611 17.23 -2.23 -30.26
N TYR A 612 18.49 -2.46 -29.95
CA TYR A 612 18.90 -2.90 -28.61
C TYR A 612 19.40 -1.67 -27.86
N GLN A 613 18.62 -1.23 -26.87
CA GLN A 613 18.91 0.03 -26.19
C GLN A 613 20.19 -0.05 -25.39
N ASP A 614 21.07 0.94 -25.60
CA ASP A 614 22.21 1.19 -24.73
C ASP A 614 23.07 -0.07 -24.54
N VAL A 615 23.37 -0.75 -25.64
CA VAL A 615 24.26 -1.90 -25.62
C VAL A 615 25.26 -1.77 -26.76
N ASN A 616 26.52 -2.05 -26.45
CA ASN A 616 27.56 -2.13 -27.45
C ASN A 616 27.36 -3.38 -28.29
N CYS A 617 27.59 -3.25 -29.60
CA CYS A 617 27.27 -4.34 -30.53
C CYS A 617 28.29 -5.47 -30.42
N THR A 618 28.41 -5.99 -29.21
CA THR A 618 29.19 -7.21 -28.98
C THR A 618 28.31 -8.31 -28.39
N GLU A 619 27.61 -7.99 -27.30
CA GLU A 619 26.89 -9.02 -26.56
C GLU A 619 25.63 -9.48 -27.27
N VAL A 620 25.09 -8.64 -28.16
CA VAL A 620 23.85 -8.96 -28.85
C VAL A 620 23.99 -10.23 -29.68
N ASN A 641 25.52 -6.80 -41.39
CA ASN A 641 24.57 -5.70 -41.30
C ASN A 641 24.17 -5.41 -39.86
N VAL A 642 25.08 -4.78 -39.13
CA VAL A 642 24.82 -4.31 -37.77
C VAL A 642 25.40 -2.91 -37.63
N PHE A 643 24.59 -1.99 -37.11
CA PHE A 643 25.00 -0.61 -36.91
C PHE A 643 24.99 -0.28 -35.42
N GLN A 644 25.96 0.52 -35.00
CA GLN A 644 26.07 0.95 -33.61
C GLN A 644 25.80 2.45 -33.51
N THR A 645 24.91 2.83 -32.61
CA THR A 645 24.62 4.23 -32.34
C THR A 645 24.77 4.51 -30.85
N ARG A 646 24.80 5.78 -30.50
CA ARG A 646 24.88 6.15 -29.09
C ARG A 646 23.69 5.63 -28.30
N ALA A 647 22.54 5.45 -28.94
CA ALA A 647 21.36 4.95 -28.25
C ALA A 647 21.38 3.45 -28.02
N GLY A 648 22.18 2.70 -28.77
CA GLY A 648 22.29 1.28 -28.56
C GLY A 648 22.68 0.57 -29.83
N CYS A 649 22.43 -0.74 -29.85
CA CYS A 649 22.86 -1.62 -30.92
C CYS A 649 21.69 -1.92 -31.84
N LEU A 650 21.71 -1.37 -33.04
CA LEU A 650 20.63 -1.50 -34.01
C LEU A 650 21.03 -2.55 -35.04
N ILE A 651 20.21 -3.59 -35.17
CA ILE A 651 20.42 -4.64 -36.16
C ILE A 651 19.23 -4.67 -37.09
N GLY A 652 19.45 -5.13 -38.32
CA GLY A 652 18.43 -5.14 -39.33
C GLY A 652 18.38 -3.88 -40.16
N ALA A 653 19.30 -2.96 -39.95
CA ALA A 653 19.27 -1.68 -40.64
C ALA A 653 20.60 -1.40 -41.33
N GLU A 654 20.50 -0.73 -42.49
CA GLU A 654 21.66 -0.27 -43.24
C GLU A 654 21.92 1.21 -42.98
N HIS A 655 23.17 1.53 -42.70
CA HIS A 655 23.58 2.91 -42.53
C HIS A 655 23.37 3.63 -43.86
N VAL A 656 23.15 4.93 -43.81
CA VAL A 656 23.09 5.77 -45.00
C VAL A 656 23.88 7.05 -44.75
N ASN A 657 24.75 7.42 -45.70
CA ASN A 657 25.42 8.70 -45.64
C ASN A 657 24.46 9.87 -45.77
N ASN A 658 23.51 9.78 -46.70
CA ASN A 658 22.66 10.92 -47.05
C ASN A 658 21.79 11.30 -45.86
N SER A 659 21.49 12.59 -45.75
CA SER A 659 20.61 13.08 -44.71
C SER A 659 19.22 13.33 -45.26
N TYR A 660 18.23 12.77 -44.56
CA TYR A 660 16.83 12.95 -44.93
C TYR A 660 16.09 13.50 -43.74
N GLU A 661 14.82 13.85 -43.94
CA GLU A 661 13.97 14.20 -42.82
C GLU A 661 13.72 12.95 -41.97
N CYS A 662 13.35 13.16 -40.73
CA CYS A 662 13.10 12.04 -39.84
C CYS A 662 11.78 11.38 -40.19
N ASP A 663 11.76 10.06 -40.20
CA ASP A 663 10.52 9.32 -40.41
C ASP A 663 10.13 8.62 -39.11
N ILE A 664 11.04 7.82 -38.57
CA ILE A 664 10.88 7.23 -37.25
C ILE A 664 12.07 7.67 -36.40
N PRO A 665 11.86 8.34 -35.28
CA PRO A 665 12.98 8.70 -34.42
C PRO A 665 13.55 7.47 -33.72
N ILE A 666 14.87 7.40 -33.66
CA ILE A 666 15.59 6.29 -33.04
C ILE A 666 16.24 6.70 -31.74
N GLY A 667 17.03 7.75 -31.77
CA GLY A 667 17.77 8.20 -30.61
C GLY A 667 19.13 8.73 -31.05
N ALA A 668 19.59 9.76 -30.36
CA ALA A 668 20.90 10.36 -30.61
C ALA A 668 21.02 10.81 -32.07
N GLY A 669 19.93 11.32 -32.63
CA GLY A 669 19.96 11.91 -33.95
C GLY A 669 19.74 10.96 -35.10
N ILE A 670 19.50 9.68 -34.84
CA ILE A 670 19.33 8.68 -35.87
C ILE A 670 17.84 8.52 -36.14
N CYS A 671 17.46 8.49 -37.42
CA CYS A 671 16.09 8.21 -37.81
C CYS A 671 16.05 7.15 -38.90
N ALA A 672 15.14 6.20 -38.74
CA ALA A 672 14.97 5.08 -39.64
C ALA A 672 13.76 5.30 -40.53
N SER A 673 13.74 4.57 -41.65
CA SER A 673 12.63 4.64 -42.58
C SER A 673 12.78 3.51 -43.60
N TYR A 674 11.72 3.33 -44.39
CA TYR A 674 11.61 2.23 -45.35
C TYR A 674 11.67 2.78 -46.76
N GLN A 675 12.80 2.60 -47.42
CA GLN A 675 13.01 3.19 -48.74
C GLN A 675 13.40 2.12 -49.75
N THR A 676 13.24 2.48 -51.01
CA THR A 676 13.56 1.59 -52.12
C THR A 676 15.07 1.51 -52.34
N GLN A 690 13.68 -2.77 -51.73
CA GLN A 690 13.38 -1.96 -50.56
C GLN A 690 14.00 -2.55 -49.30
N SER A 691 14.37 -1.68 -48.36
CA SER A 691 15.02 -2.12 -47.13
C SER A 691 14.83 -1.03 -46.08
N ILE A 692 15.29 -1.33 -44.87
CA ILE A 692 15.19 -0.42 -43.74
C ILE A 692 16.54 0.25 -43.52
N ILE A 693 16.56 1.58 -43.56
CA ILE A 693 17.79 2.33 -43.42
C ILE A 693 17.71 3.19 -42.16
N ALA A 694 18.89 3.49 -41.61
CA ALA A 694 19.03 4.41 -40.48
C ALA A 694 20.11 5.41 -40.81
N TYR A 695 19.88 6.67 -40.45
CA TYR A 695 20.80 7.71 -40.87
C TYR A 695 20.70 8.87 -39.90
N THR A 696 21.79 9.63 -39.80
CA THR A 696 21.77 10.84 -39.00
C THR A 696 20.71 11.75 -39.57
N MET A 697 19.70 12.06 -38.77
CA MET A 697 18.57 12.82 -39.28
C MET A 697 19.04 14.18 -39.76
N SER A 698 18.41 14.65 -40.83
CA SER A 698 18.67 15.97 -41.33
C SER A 698 17.80 16.95 -40.57
N LEU A 699 18.43 18.01 -40.09
CA LEU A 699 17.72 19.13 -39.51
C LEU A 699 16.97 19.91 -40.57
N GLY A 700 17.07 19.47 -41.81
CA GLY A 700 16.51 20.16 -42.95
C GLY A 700 17.59 20.47 -43.97
N ALA A 701 17.16 21.13 -45.04
CA ALA A 701 18.12 21.59 -46.02
C ALA A 701 18.75 22.88 -45.53
N GLU A 702 20.08 22.89 -45.48
CA GLU A 702 20.81 24.07 -45.06
C GLU A 702 20.50 25.23 -45.99
N ASN A 703 20.42 26.44 -45.44
CA ASN A 703 20.24 27.62 -46.27
C ASN A 703 20.96 28.79 -45.60
N SER A 704 22.22 28.99 -45.96
CA SER A 704 22.90 30.21 -45.56
C SER A 704 22.24 31.40 -46.24
N VAL A 705 22.66 32.60 -45.86
CA VAL A 705 21.99 33.82 -46.29
C VAL A 705 23.04 34.81 -46.77
N ALA A 706 22.71 35.51 -47.85
CA ALA A 706 23.56 36.56 -48.41
C ALA A 706 23.39 37.84 -47.59
N TYR A 707 24.14 37.89 -46.49
CA TYR A 707 24.21 39.10 -45.66
C TYR A 707 24.99 40.19 -46.38
N SER A 708 24.49 41.42 -46.28
CA SER A 708 25.15 42.56 -46.91
C SER A 708 25.01 43.77 -46.02
N ASN A 709 25.94 44.72 -46.18
CA ASN A 709 25.69 46.04 -45.64
C ASN A 709 24.61 46.77 -46.44
N ASN A 710 24.36 46.34 -47.68
CA ASN A 710 23.79 47.25 -48.66
C ASN A 710 22.73 46.60 -49.55
N SER A 711 22.09 45.52 -49.10
CA SER A 711 21.03 44.96 -49.92
C SER A 711 19.87 44.48 -49.07
N ILE A 712 18.68 44.55 -49.65
CA ILE A 712 17.43 44.16 -49.01
C ILE A 712 16.67 43.27 -49.99
N ALA A 713 15.94 42.29 -49.44
CA ALA A 713 15.15 41.36 -50.24
C ALA A 713 13.67 41.50 -49.90
N ILE A 714 12.98 42.40 -50.60
CA ILE A 714 11.56 42.65 -50.38
C ILE A 714 10.79 41.73 -51.31
N PRO A 715 9.85 40.93 -50.81
CA PRO A 715 9.05 40.09 -51.70
C PRO A 715 8.26 40.93 -52.69
N THR A 716 8.04 40.37 -53.88
CA THR A 716 7.21 41.00 -54.89
C THR A 716 5.84 40.37 -55.03
N ASN A 717 5.69 39.11 -54.63
CA ASN A 717 4.43 38.40 -54.74
C ASN A 717 4.28 37.51 -53.53
N PHE A 718 3.03 37.18 -53.20
CA PHE A 718 2.74 36.64 -51.88
C PHE A 718 1.97 35.35 -52.01
N THR A 719 1.46 34.88 -50.89
CA THR A 719 0.41 33.88 -50.85
C THR A 719 -0.64 34.29 -49.84
N ILE A 720 -1.82 33.70 -49.98
CA ILE A 720 -2.74 33.45 -48.87
C ILE A 720 -2.79 31.94 -48.71
N SER A 721 -2.35 31.46 -47.57
CA SER A 721 -2.41 30.03 -47.31
C SER A 721 -3.45 29.79 -46.25
N VAL A 722 -3.57 28.54 -45.82
CA VAL A 722 -4.43 28.16 -44.72
C VAL A 722 -3.98 26.78 -44.25
N THR A 723 -3.92 26.61 -42.94
CA THR A 723 -3.52 25.36 -42.34
C THR A 723 -4.52 25.00 -41.26
N THR A 724 -4.50 23.75 -40.83
CA THR A 724 -5.46 23.29 -39.84
C THR A 724 -4.73 23.01 -38.53
N GLU A 725 -5.16 23.70 -37.49
CA GLU A 725 -4.66 23.51 -36.13
C GLU A 725 -5.78 22.87 -35.32
N ILE A 726 -5.45 21.84 -34.57
CA ILE A 726 -6.44 21.00 -33.91
C ILE A 726 -6.12 20.96 -32.43
N LEU A 727 -7.14 21.19 -31.60
CA LEU A 727 -6.98 21.16 -30.15
C LEU A 727 -8.11 20.31 -29.56
N PRO A 728 -7.85 19.48 -28.57
CA PRO A 728 -8.94 18.93 -27.78
C PRO A 728 -9.64 20.07 -27.06
N VAL A 729 -10.90 19.85 -26.69
CA VAL A 729 -11.63 20.78 -25.84
C VAL A 729 -12.20 20.09 -24.61
N SER A 730 -12.82 18.93 -24.78
CA SER A 730 -13.43 18.25 -23.65
C SER A 730 -13.13 16.78 -23.73
N MET A 731 -13.09 16.16 -22.56
CA MET A 731 -12.99 14.72 -22.42
C MET A 731 -14.39 14.13 -22.53
N THR A 732 -14.47 12.80 -22.52
CA THR A 732 -15.76 12.14 -22.39
C THR A 732 -16.16 12.11 -20.92
N LYS A 733 -17.37 12.57 -20.62
CA LYS A 733 -17.79 12.79 -19.23
C LYS A 733 -18.13 11.46 -18.55
N THR A 734 -17.11 10.60 -18.46
CA THR A 734 -17.29 9.33 -17.79
C THR A 734 -17.62 9.57 -16.32
N SER A 735 -18.50 8.75 -15.78
CA SER A 735 -18.87 8.81 -14.37
C SER A 735 -18.82 7.41 -13.80
N VAL A 736 -18.37 7.29 -12.56
CA VAL A 736 -18.18 6.01 -11.92
C VAL A 736 -18.64 6.07 -10.48
N ASP A 737 -19.68 5.33 -10.16
CA ASP A 737 -19.96 4.89 -8.79
C ASP A 737 -18.81 3.98 -8.38
N CYS A 738 -18.24 4.20 -7.18
CA CYS A 738 -17.58 3.05 -6.59
C CYS A 738 -18.52 1.89 -6.46
N THR A 739 -19.66 2.14 -5.84
CA THR A 739 -20.32 1.10 -5.08
C THR A 739 -20.57 -0.12 -5.93
N MET A 740 -21.11 0.05 -7.14
CA MET A 740 -21.15 -1.09 -8.05
C MET A 740 -19.77 -1.46 -8.58
N TYR A 741 -19.01 -0.50 -9.09
CA TYR A 741 -17.70 -0.83 -9.65
C TYR A 741 -16.81 -1.47 -8.60
N ILE A 742 -17.10 -1.22 -7.34
CA ILE A 742 -16.40 -1.94 -6.29
C ILE A 742 -17.26 -3.08 -5.73
N CYS A 743 -18.43 -2.79 -5.17
CA CYS A 743 -19.22 -3.83 -4.53
C CYS A 743 -20.60 -4.02 -5.13
N GLY A 744 -20.69 -4.11 -6.46
CA GLY A 744 -21.99 -4.15 -7.11
C GLY A 744 -22.98 -5.14 -6.56
N ASP A 745 -24.04 -4.63 -5.94
CA ASP A 745 -25.16 -5.44 -5.46
C ASP A 745 -24.68 -6.57 -4.55
N SER A 746 -23.79 -6.23 -3.62
CA SER A 746 -23.32 -7.18 -2.62
C SER A 746 -23.25 -6.47 -1.27
N THR A 747 -24.32 -6.59 -0.49
CA THR A 747 -24.36 -5.93 0.81
C THR A 747 -23.20 -6.36 1.69
N GLU A 748 -22.86 -7.65 1.66
CA GLU A 748 -21.70 -8.12 2.41
C GLU A 748 -20.43 -7.41 1.97
N CYS A 749 -20.38 -6.96 0.72
CA CYS A 749 -19.22 -6.20 0.26
C CYS A 749 -19.32 -4.75 0.68
N SER A 750 -20.49 -4.14 0.50
CA SER A 750 -20.60 -2.69 0.68
C SER A 750 -20.35 -2.28 2.12
N ASN A 751 -20.77 -3.10 3.08
CA ASN A 751 -20.50 -2.77 4.48
C ASN A 751 -19.01 -2.73 4.77
N LEU A 752 -18.24 -3.65 4.20
CA LEU A 752 -16.79 -3.58 4.34
C LEU A 752 -16.19 -2.43 3.54
N LEU A 753 -16.99 -1.80 2.67
CA LEU A 753 -16.51 -0.60 2.00
C LEU A 753 -16.65 0.62 2.90
N LEU A 754 -17.71 0.68 3.70
CA LEU A 754 -17.87 1.81 4.62
C LEU A 754 -16.77 1.86 5.66
N GLN A 755 -16.17 0.72 6.01
CA GLN A 755 -15.01 0.76 6.88
C GLN A 755 -13.87 1.56 6.27
N TYR A 756 -13.83 1.70 4.95
CA TYR A 756 -12.79 2.46 4.27
C TYR A 756 -13.09 3.95 4.23
N GLY A 757 -14.06 4.39 5.00
CA GLY A 757 -14.32 5.81 5.11
C GLY A 757 -14.76 6.43 3.80
N SER A 758 -14.14 7.55 3.46
CA SER A 758 -14.63 8.40 2.38
C SER A 758 -13.84 8.28 1.09
N PHE A 759 -13.04 7.22 0.91
CA PHE A 759 -12.31 7.08 -0.35
C PHE A 759 -13.25 7.13 -1.54
N CYS A 760 -14.43 6.54 -1.44
CA CYS A 760 -15.42 6.73 -2.50
C CYS A 760 -15.97 8.14 -2.61
N THR A 761 -16.73 8.60 -1.62
CA THR A 761 -17.49 9.83 -1.84
C THR A 761 -16.58 10.96 -2.25
N GLN A 762 -15.28 10.81 -2.03
CA GLN A 762 -14.27 11.69 -2.61
C GLN A 762 -14.03 11.40 -4.09
N LEU A 763 -13.74 10.16 -4.47
CA LEU A 763 -13.51 9.86 -5.88
C LEU A 763 -14.72 10.19 -6.73
N ASN A 764 -15.90 9.77 -6.29
CA ASN A 764 -17.11 10.12 -7.02
C ASN A 764 -17.25 11.64 -7.12
N ARG A 765 -16.86 12.35 -6.07
CA ARG A 765 -16.93 13.80 -6.10
C ARG A 765 -15.99 14.39 -7.15
N ALA A 766 -14.79 13.84 -7.27
CA ALA A 766 -13.84 14.37 -8.24
C ALA A 766 -14.33 14.16 -9.66
N LEU A 767 -14.72 12.92 -9.99
CA LEU A 767 -15.25 12.64 -11.32
C LEU A 767 -16.40 13.56 -11.65
N THR A 768 -17.31 13.78 -10.71
CA THR A 768 -18.37 14.75 -10.93
C THR A 768 -17.80 16.14 -11.14
N GLY A 769 -16.84 16.53 -10.32
CA GLY A 769 -16.15 17.79 -10.56
C GLY A 769 -15.43 17.79 -11.89
N ILE A 770 -14.79 16.67 -12.23
CA ILE A 770 -14.30 16.52 -13.60
C ILE A 770 -15.42 16.70 -14.59
N ALA A 771 -16.56 16.05 -14.35
CA ALA A 771 -17.63 15.99 -15.35
C ALA A 771 -18.16 17.37 -15.69
N VAL A 772 -18.43 18.21 -14.69
CA VAL A 772 -18.94 19.54 -14.97
C VAL A 772 -17.87 20.36 -15.67
N GLU A 773 -16.61 20.05 -15.41
CA GLU A 773 -15.50 20.86 -15.90
C GLU A 773 -15.47 20.90 -17.42
N GLN A 774 -15.67 19.76 -18.09
CA GLN A 774 -15.64 19.78 -19.55
C GLN A 774 -16.74 20.65 -20.13
N ASP A 775 -17.93 20.60 -19.55
CA ASP A 775 -18.95 21.53 -20.02
C ASP A 775 -18.53 22.97 -19.78
N LYS A 776 -17.90 23.24 -18.63
CA LYS A 776 -17.33 24.57 -18.43
C LYS A 776 -16.32 24.88 -19.53
N ASN A 777 -15.52 23.88 -19.93
CA ASN A 777 -14.61 24.10 -21.05
C ASN A 777 -15.39 24.49 -22.31
N THR A 778 -16.44 23.75 -22.63
CA THR A 778 -17.13 23.97 -23.89
C THR A 778 -17.83 25.32 -23.91
N GLN A 779 -18.41 25.73 -22.79
CA GLN A 779 -19.05 27.05 -22.73
C GLN A 779 -18.02 28.15 -22.85
N GLU A 780 -16.84 27.97 -22.26
CA GLU A 780 -15.77 28.94 -22.38
C GLU A 780 -15.27 29.04 -23.82
N VAL A 781 -15.13 27.91 -24.50
CA VAL A 781 -14.59 27.93 -25.85
C VAL A 781 -15.60 28.52 -26.83
N PHE A 782 -16.74 27.85 -27.01
CA PHE A 782 -17.72 28.25 -28.00
C PHE A 782 -18.65 29.35 -27.52
N ALA A 783 -19.24 29.20 -26.33
CA ALA A 783 -20.38 30.01 -25.92
C ALA A 783 -19.93 31.38 -25.45
N GLN A 784 -19.16 32.03 -26.31
CA GLN A 784 -18.56 33.31 -25.98
C GLN A 784 -19.33 34.48 -26.59
N VAL A 785 -20.29 34.19 -27.46
CA VAL A 785 -21.12 35.21 -28.08
C VAL A 785 -22.51 35.15 -27.45
N LYS A 786 -23.06 36.31 -27.15
CA LYS A 786 -24.36 36.39 -26.49
C LYS A 786 -25.52 36.08 -27.42
N GLN A 787 -25.35 36.26 -28.72
CA GLN A 787 -26.40 36.08 -29.70
C GLN A 787 -25.85 35.29 -30.87
N ILE A 788 -26.52 34.20 -31.23
CA ILE A 788 -26.23 33.47 -32.47
C ILE A 788 -26.68 34.31 -33.64
N TYR A 789 -25.72 34.84 -34.37
CA TYR A 789 -26.01 35.64 -35.54
C TYR A 789 -26.40 34.70 -36.68
N LYS A 790 -26.95 35.25 -37.75
CA LYS A 790 -27.24 34.44 -38.93
C LYS A 790 -26.78 35.17 -40.19
N THR A 791 -26.21 34.40 -41.10
CA THR A 791 -25.80 34.91 -42.38
C THR A 791 -27.03 35.14 -43.25
N PRO A 792 -26.98 36.14 -44.13
CA PRO A 792 -28.13 36.43 -44.97
C PRO A 792 -28.19 35.48 -46.15
N PRO A 793 -29.31 35.45 -46.86
CA PRO A 793 -29.42 34.52 -48.00
C PRO A 793 -28.39 34.78 -49.10
N ILE A 794 -27.98 36.02 -49.30
CA ILE A 794 -27.07 36.38 -50.39
C ILE A 794 -25.65 36.39 -49.85
N LYS A 795 -24.79 35.58 -50.45
CA LYS A 795 -23.39 35.48 -50.04
C LYS A 795 -22.54 36.47 -50.85
N ASP A 796 -22.93 37.74 -50.81
CA ASP A 796 -22.24 38.79 -51.55
C ASP A 796 -20.91 39.12 -50.83
N PHE A 797 -20.02 38.13 -50.86
CA PHE A 797 -18.77 38.17 -50.09
C PHE A 797 -17.56 38.48 -50.95
N GLY A 798 -17.72 39.30 -51.99
CA GLY A 798 -16.59 39.73 -52.77
C GLY A 798 -15.81 38.61 -53.45
N GLY A 799 -16.42 37.44 -53.62
CA GLY A 799 -15.75 36.31 -54.22
C GLY A 799 -15.23 35.28 -53.24
N PHE A 800 -15.05 35.65 -51.98
CA PHE A 800 -14.60 34.72 -50.97
C PHE A 800 -15.72 33.72 -50.72
N ASN A 801 -15.44 32.44 -50.90
CA ASN A 801 -16.49 31.43 -50.91
C ASN A 801 -16.46 30.63 -49.61
N PHE A 802 -17.44 30.85 -48.75
CA PHE A 802 -17.57 30.15 -47.48
C PHE A 802 -18.53 28.98 -47.53
N SER A 803 -19.14 28.70 -48.68
CA SER A 803 -20.22 27.72 -48.72
C SER A 803 -19.81 26.36 -48.18
N GLN A 804 -18.52 26.16 -47.92
CA GLN A 804 -18.08 24.91 -47.33
C GLN A 804 -17.95 25.00 -45.82
N ILE A 805 -17.78 26.20 -45.27
CA ILE A 805 -17.68 26.39 -43.83
C ILE A 805 -18.97 26.89 -43.21
N LEU A 806 -19.79 27.67 -43.91
CA LEU A 806 -21.09 28.04 -43.41
C LEU A 806 -22.04 26.85 -43.46
N PRO A 807 -22.84 26.64 -42.42
CA PRO A 807 -23.62 25.40 -42.32
C PRO A 807 -24.58 25.25 -43.49
N ASP A 808 -24.80 24.01 -43.89
CA ASP A 808 -25.69 23.70 -45.00
C ASP A 808 -27.09 23.48 -44.45
N PRO A 809 -28.06 24.34 -44.79
CA PRO A 809 -29.39 24.26 -44.12
C PRO A 809 -30.17 23.00 -44.43
N SER A 810 -29.84 22.27 -45.48
CA SER A 810 -30.69 21.17 -45.93
C SER A 810 -30.48 19.87 -45.17
N LYS A 811 -29.49 19.80 -44.30
CA LYS A 811 -29.23 18.55 -43.57
C LYS A 811 -30.07 18.46 -42.31
N SER A 813 -28.86 18.01 -39.15
CA SER A 813 -27.90 18.70 -38.31
C SER A 813 -27.26 19.85 -39.08
N LYS A 814 -27.59 21.08 -38.70
CA LYS A 814 -27.25 22.26 -39.50
C LYS A 814 -25.75 22.52 -39.42
N ARG A 815 -25.00 21.69 -40.14
CA ARG A 815 -23.56 21.67 -40.11
C ARG A 815 -23.02 21.93 -41.50
N SER A 816 -21.79 22.44 -41.57
CA SER A 816 -21.24 22.67 -42.88
C SER A 816 -20.44 21.48 -43.36
N PHE A 817 -19.94 21.59 -44.59
CA PHE A 817 -19.36 20.46 -45.29
C PHE A 817 -18.21 19.85 -44.50
N ILE A 818 -17.26 20.67 -44.08
CA ILE A 818 -16.03 20.15 -43.49
C ILE A 818 -16.31 19.51 -42.13
N GLU A 819 -17.21 20.10 -41.34
CA GLU A 819 -17.54 19.49 -40.05
C GLU A 819 -17.97 18.04 -40.24
N ASP A 820 -18.78 17.78 -41.27
CA ASP A 820 -19.22 16.41 -41.51
C ASP A 820 -18.04 15.51 -41.80
N LEU A 821 -17.13 15.95 -42.66
CA LEU A 821 -15.88 15.21 -42.85
C LEU A 821 -15.14 15.07 -41.52
N LEU A 822 -14.99 16.17 -40.79
CA LEU A 822 -14.38 16.11 -39.47
C LEU A 822 -15.12 15.13 -38.58
N PHE A 823 -16.45 15.17 -38.62
CA PHE A 823 -17.21 14.22 -37.81
C PHE A 823 -17.05 12.79 -38.33
N ASN A 824 -16.73 12.63 -39.61
CA ASN A 824 -16.60 11.28 -40.16
C ASN A 824 -15.21 10.69 -39.96
N LYS A 825 -14.21 11.49 -39.64
CA LYS A 825 -12.85 11.00 -39.49
C LYS A 825 -12.52 10.53 -38.08
N VAL A 826 -13.42 10.75 -37.12
CA VAL A 826 -13.15 10.45 -35.72
C VAL A 826 -14.18 9.43 -35.24
N THR A 827 -13.71 8.42 -34.52
CA THR A 827 -14.60 7.41 -33.97
C THR A 827 -14.86 7.64 -32.49
N PHE A 855 -21.28 -1.85 -17.90
CA PHE A 855 -22.37 -2.47 -17.15
C PHE A 855 -21.94 -2.77 -15.72
N ASN A 856 -20.70 -2.40 -15.39
CA ASN A 856 -20.19 -2.50 -14.04
C ASN A 856 -20.35 -1.21 -13.26
N GLY A 857 -21.38 -0.44 -13.57
CA GLY A 857 -21.59 0.87 -12.96
C GLY A 857 -20.94 2.00 -13.70
N LEU A 858 -20.16 1.71 -14.74
CA LEU A 858 -19.48 2.72 -15.52
C LEU A 858 -20.46 3.29 -16.53
N THR A 859 -20.80 4.57 -16.37
CA THR A 859 -21.74 5.23 -17.26
C THR A 859 -21.05 6.35 -17.98
N VAL A 860 -21.79 7.00 -18.88
CA VAL A 860 -21.33 8.20 -19.57
C VAL A 860 -22.44 9.24 -19.47
N LEU A 861 -22.09 10.41 -19.14
CA LEU A 861 -23.13 11.41 -19.12
C LEU A 861 -23.13 12.19 -20.42
N PRO A 862 -24.29 12.66 -20.87
CA PRO A 862 -24.34 13.39 -22.12
C PRO A 862 -23.79 14.80 -21.94
N PRO A 863 -23.24 15.39 -22.99
CA PRO A 863 -22.81 16.78 -22.91
C PRO A 863 -24.00 17.72 -22.88
N LEU A 864 -23.83 18.84 -22.19
CA LEU A 864 -24.94 19.79 -22.09
C LEU A 864 -25.24 20.42 -23.44
N LEU A 865 -24.24 20.95 -24.12
CA LEU A 865 -24.41 21.51 -25.45
C LEU A 865 -24.33 20.36 -26.46
N THR A 866 -25.42 20.09 -27.16
CA THR A 866 -25.39 18.96 -28.06
C THR A 866 -24.62 19.30 -29.33
N ASP A 867 -24.34 18.26 -30.11
CA ASP A 867 -23.58 18.44 -31.34
C ASP A 867 -24.23 19.47 -32.24
N GLU A 868 -25.56 19.41 -32.37
CA GLU A 868 -26.27 20.44 -33.10
C GLU A 868 -26.12 21.81 -32.45
N MET A 869 -26.28 21.90 -31.13
CA MET A 869 -26.08 23.17 -30.45
C MET A 869 -24.69 23.73 -30.70
N ILE A 870 -23.67 22.90 -30.56
CA ILE A 870 -22.30 23.36 -30.79
C ILE A 870 -22.18 23.93 -32.18
N ALA A 871 -22.83 23.29 -33.16
CA ALA A 871 -22.79 23.80 -34.53
C ALA A 871 -23.44 25.18 -34.62
N GLN A 872 -24.42 25.46 -33.77
CA GLN A 872 -25.04 26.78 -33.80
C GLN A 872 -24.06 27.86 -33.38
N TYR A 873 -23.45 27.73 -32.19
CA TYR A 873 -22.47 28.73 -31.75
C TYR A 873 -21.41 28.96 -32.81
N THR A 874 -20.82 27.88 -33.30
CA THR A 874 -19.80 28.02 -34.33
C THR A 874 -20.34 28.80 -35.51
N SER A 875 -21.54 28.45 -35.99
CA SER A 875 -22.10 29.16 -37.13
C SER A 875 -22.16 30.65 -36.88
N ALA A 876 -22.54 31.05 -35.66
CA ALA A 876 -22.50 32.45 -35.30
C ALA A 876 -21.07 32.96 -35.30
N LEU A 877 -20.17 32.23 -34.63
CA LEU A 877 -18.78 32.65 -34.57
C LEU A 877 -18.22 32.84 -35.98
N LEU A 878 -18.70 32.07 -36.93
CA LEU A 878 -18.46 32.40 -38.33
C LEU A 878 -19.27 33.62 -38.75
N ALA A 879 -20.55 33.67 -38.35
CA ALA A 879 -21.41 34.74 -38.85
C ALA A 879 -20.92 36.10 -38.41
N GLY A 880 -20.52 36.23 -37.14
CA GLY A 880 -19.96 37.49 -36.69
C GLY A 880 -18.59 37.76 -37.30
N THR A 881 -17.78 36.70 -37.43
CA THR A 881 -16.47 36.83 -38.05
C THR A 881 -16.58 37.30 -39.48
N ILE A 882 -17.56 36.75 -40.21
CA ILE A 882 -17.70 37.06 -41.63
C ILE A 882 -18.32 38.42 -41.83
N THR A 883 -19.51 38.64 -41.27
CA THR A 883 -20.30 39.81 -41.58
C THR A 883 -19.99 41.03 -40.72
N SER A 884 -19.35 40.85 -39.57
CA SER A 884 -19.13 41.95 -38.65
C SER A 884 -17.67 42.11 -38.25
N GLY A 885 -16.86 41.08 -38.40
CA GLY A 885 -15.45 41.21 -38.09
C GLY A 885 -15.20 40.94 -36.62
N TRP A 886 -14.35 41.77 -36.03
CA TRP A 886 -14.01 41.66 -34.62
C TRP A 886 -15.05 42.31 -33.72
N THR A 887 -15.79 43.27 -34.23
CA THR A 887 -16.62 44.10 -33.36
C THR A 887 -17.63 43.29 -32.57
N PHE A 888 -17.97 42.09 -33.03
CA PHE A 888 -18.91 41.29 -32.26
C PHE A 888 -18.26 40.66 -31.05
N GLY A 889 -16.96 40.85 -30.86
CA GLY A 889 -16.31 40.41 -29.66
C GLY A 889 -16.33 41.47 -28.57
N ALA A 890 -15.94 42.69 -28.94
CA ALA A 890 -15.93 43.78 -27.99
C ALA A 890 -17.35 44.16 -27.57
N GLY A 891 -18.19 44.54 -28.52
CA GLY A 891 -19.50 45.06 -28.19
C GLY A 891 -20.61 44.51 -29.07
N ALA A 892 -21.39 45.40 -29.68
CA ALA A 892 -22.39 44.98 -30.65
C ALA A 892 -21.70 44.54 -31.92
N ALA A 893 -22.39 43.70 -32.69
CA ALA A 893 -21.84 43.21 -33.95
C ALA A 893 -22.17 44.21 -35.05
N LEU A 894 -21.23 45.09 -35.35
CA LEU A 894 -21.42 46.09 -36.38
C LEU A 894 -21.14 45.42 -37.72
N GLN A 895 -22.18 45.26 -38.53
CA GLN A 895 -22.00 44.60 -39.81
C GLN A 895 -21.05 45.38 -40.70
N ILE A 896 -20.26 44.64 -41.48
CA ILE A 896 -19.24 45.23 -42.35
C ILE A 896 -19.00 44.29 -43.52
N PRO A 897 -18.99 44.79 -44.76
CA PRO A 897 -18.77 43.89 -45.90
C PRO A 897 -17.43 43.20 -45.77
N PHE A 898 -17.39 41.93 -46.19
CA PHE A 898 -16.21 41.11 -45.97
C PHE A 898 -14.99 41.67 -46.70
N ALA A 899 -15.18 42.15 -47.93
CA ALA A 899 -14.10 42.79 -48.66
C ALA A 899 -13.55 43.97 -47.89
N MET A 900 -14.41 44.69 -47.17
CA MET A 900 -13.91 45.74 -46.30
C MET A 900 -13.01 45.15 -45.23
N GLN A 901 -13.39 43.99 -44.70
CA GLN A 901 -12.73 43.48 -43.52
C GLN A 901 -11.26 43.18 -43.75
N MET A 902 -10.93 42.49 -44.85
CA MET A 902 -9.54 42.09 -45.05
C MET A 902 -8.65 43.30 -45.24
N ALA A 903 -9.21 44.41 -45.73
CA ALA A 903 -8.41 45.62 -45.86
C ALA A 903 -7.79 46.01 -44.52
N TYR A 904 -8.45 45.62 -43.42
CA TYR A 904 -7.89 45.88 -42.11
C TYR A 904 -6.85 44.82 -41.78
N ARG A 905 -7.28 43.56 -41.82
CA ARG A 905 -6.41 42.44 -41.42
C ARG A 905 -5.09 42.50 -42.17
N PHE A 906 -5.10 43.04 -43.38
CA PHE A 906 -3.85 43.38 -44.04
C PHE A 906 -3.11 44.51 -43.32
N ASN A 907 -3.80 45.62 -43.03
CA ASN A 907 -3.09 46.66 -42.28
C ASN A 907 -2.97 46.27 -40.82
N GLY A 908 -3.42 45.07 -40.46
CA GLY A 908 -3.11 44.47 -39.18
C GLY A 908 -1.83 43.66 -39.19
N ILE A 909 -1.10 43.67 -40.31
CA ILE A 909 0.26 43.13 -40.40
C ILE A 909 1.19 44.11 -41.08
N GLY A 910 0.76 45.35 -41.28
CA GLY A 910 1.61 46.36 -41.88
C GLY A 910 1.63 46.43 -43.39
N VAL A 911 0.56 45.98 -44.06
CA VAL A 911 0.43 46.13 -45.50
C VAL A 911 -0.86 46.86 -45.81
N THR A 912 -0.75 47.96 -46.55
CA THR A 912 -1.85 48.90 -46.67
C THR A 912 -2.90 48.37 -47.63
N GLN A 913 -4.16 48.74 -47.40
CA GLN A 913 -5.29 48.14 -48.10
C GLN A 913 -5.27 48.37 -49.60
N ASN A 914 -4.30 49.10 -50.14
CA ASN A 914 -4.20 49.15 -51.59
C ASN A 914 -3.79 47.81 -52.16
N VAL A 915 -3.23 46.92 -51.34
CA VAL A 915 -2.85 45.61 -51.83
C VAL A 915 -4.07 44.75 -52.11
N LEU A 916 -5.04 44.72 -51.19
CA LEU A 916 -6.15 43.77 -51.31
C LEU A 916 -7.03 44.08 -52.51
N TYR A 917 -7.65 45.27 -52.53
CA TYR A 917 -8.59 45.60 -53.60
C TYR A 917 -7.93 45.58 -54.96
N GLU A 918 -6.72 46.13 -55.06
CA GLU A 918 -6.00 46.10 -56.32
C GLU A 918 -5.65 44.67 -56.71
N ASN A 919 -5.80 43.73 -55.79
CA ASN A 919 -5.64 42.33 -56.07
C ASN A 919 -6.85 41.51 -55.63
N GLN A 920 -8.04 42.12 -55.66
CA GLN A 920 -9.20 41.51 -54.98
C GLN A 920 -9.54 40.14 -55.53
N LYS A 921 -9.81 40.07 -56.84
CA LYS A 921 -10.33 38.83 -57.41
C LYS A 921 -9.34 37.68 -57.23
N LEU A 922 -8.07 37.93 -57.50
CA LEU A 922 -7.06 36.89 -57.36
C LEU A 922 -6.95 36.42 -55.91
N ILE A 923 -6.87 37.35 -54.96
CA ILE A 923 -6.71 36.97 -53.56
C ILE A 923 -7.91 36.15 -53.11
N ALA A 924 -9.11 36.61 -53.47
CA ALA A 924 -10.30 35.82 -53.20
C ALA A 924 -10.18 34.42 -53.77
N ASN A 925 -9.81 34.32 -55.05
CA ASN A 925 -9.64 33.01 -55.66
C ASN A 925 -8.58 32.21 -54.94
N GLN A 926 -7.50 32.87 -54.50
CA GLN A 926 -6.51 32.17 -53.70
C GLN A 926 -7.12 31.64 -52.42
N PHE A 927 -7.92 32.45 -51.72
CA PHE A 927 -8.59 31.96 -50.54
C PHE A 927 -9.58 30.86 -50.90
N ASN A 928 -10.27 31.02 -52.03
CA ASN A 928 -11.25 30.02 -52.44
C ASN A 928 -10.61 28.65 -52.62
N SER A 929 -9.55 28.58 -53.42
CA SER A 929 -8.88 27.31 -53.67
C SER A 929 -8.22 26.79 -52.41
N ALA A 930 -7.61 27.68 -51.62
CA ALA A 930 -6.92 27.27 -50.41
C ALA A 930 -7.84 26.48 -49.50
N ILE A 931 -9.08 26.96 -49.32
CA ILE A 931 -10.04 26.21 -48.51
C ILE A 931 -10.32 24.86 -49.15
N GLY A 932 -10.38 24.81 -50.47
CA GLY A 932 -10.66 23.55 -51.15
C GLY A 932 -9.62 22.47 -50.85
N LYS A 933 -8.35 22.84 -50.92
CA LYS A 933 -7.29 21.89 -50.58
C LYS A 933 -7.49 21.33 -49.19
N ILE A 934 -8.03 22.14 -48.28
CA ILE A 934 -8.29 21.66 -46.93
C ILE A 934 -9.24 20.48 -46.96
N GLN A 935 -10.27 20.54 -47.81
CA GLN A 935 -11.20 19.42 -47.89
C GLN A 935 -10.47 18.13 -48.25
N ASP A 936 -9.64 18.17 -49.29
CA ASP A 936 -8.94 16.96 -49.72
C ASP A 936 -7.97 16.47 -48.67
N SER A 937 -7.19 17.37 -48.07
CA SER A 937 -6.29 16.96 -47.00
C SER A 937 -7.06 16.37 -45.84
N LEU A 938 -8.18 17.00 -45.47
CA LEU A 938 -9.06 16.39 -44.49
C LEU A 938 -9.67 15.10 -45.03
N SER A 939 -10.07 15.08 -46.29
CA SER A 939 -10.74 13.90 -46.84
C SER A 939 -9.82 12.70 -46.91
N SER A 940 -8.59 12.91 -47.40
CA SER A 940 -7.71 11.76 -47.67
C SER A 940 -7.01 11.27 -46.40
N THR A 941 -6.39 12.18 -45.66
CA THR A 941 -5.50 11.81 -44.56
C THR A 941 -6.29 11.78 -43.26
N ALA A 942 -6.42 10.59 -42.67
CA ALA A 942 -7.08 10.45 -41.38
C ALA A 942 -6.23 11.03 -40.26
N SER A 943 -4.91 10.88 -40.35
CA SER A 943 -4.03 11.38 -39.29
C SER A 943 -4.04 12.90 -39.16
N ALA A 944 -4.77 13.60 -40.03
CA ALA A 944 -4.97 15.03 -39.83
C ALA A 944 -5.69 15.30 -38.52
N LEU A 945 -6.49 14.36 -38.05
CA LEU A 945 -7.20 14.47 -36.77
C LEU A 945 -6.65 13.51 -35.74
N GLY A 946 -5.33 13.36 -35.69
CA GLY A 946 -4.75 12.51 -34.68
C GLY A 946 -5.00 12.99 -33.28
N LYS A 947 -4.92 14.31 -33.06
CA LYS A 947 -4.97 14.83 -31.70
C LYS A 947 -6.28 14.49 -31.01
N LEU A 948 -7.41 14.80 -31.63
CA LEU A 948 -8.69 14.42 -31.06
C LEU A 948 -8.80 12.91 -30.94
N GLN A 949 -8.39 12.19 -31.99
CA GLN A 949 -8.42 10.74 -31.94
C GLN A 949 -7.52 10.21 -30.82
N ASP A 950 -6.41 10.90 -30.53
CA ASP A 950 -5.59 10.51 -29.41
C ASP A 950 -6.35 10.67 -28.09
N VAL A 951 -7.12 11.75 -27.96
CA VAL A 951 -7.90 11.96 -26.74
C VAL A 951 -8.87 10.81 -26.53
N VAL A 952 -9.62 10.46 -27.56
CA VAL A 952 -10.59 9.36 -27.44
C VAL A 952 -9.86 8.05 -27.18
N ASN A 953 -8.76 7.82 -27.90
CA ASN A 953 -8.02 6.58 -27.70
C ASN A 953 -7.49 6.46 -26.28
N GLN A 954 -6.93 7.54 -25.74
CA GLN A 954 -6.43 7.49 -24.38
C GLN A 954 -7.52 7.10 -23.40
N ASN A 955 -8.66 7.80 -23.46
CA ASN A 955 -9.77 7.48 -22.56
C ASN A 955 -10.23 6.05 -22.75
N ALA A 956 -10.42 5.63 -24.00
CA ALA A 956 -10.88 4.27 -24.27
C ALA A 956 -9.94 3.26 -23.64
N GLN A 957 -8.62 3.47 -23.78
CA GLN A 957 -7.70 2.62 -23.06
C GLN A 957 -7.93 2.72 -21.57
N ALA A 958 -7.96 3.95 -21.03
CA ALA A 958 -8.13 4.13 -19.61
C ALA A 958 -9.36 3.37 -19.09
N LEU A 959 -10.49 3.55 -19.77
CA LEU A 959 -11.67 2.77 -19.40
C LEU A 959 -11.44 1.29 -19.61
N ASN A 960 -10.91 0.89 -20.76
CA ASN A 960 -10.68 -0.53 -21.00
C ASN A 960 -9.67 -1.10 -20.02
N THR A 961 -8.58 -0.37 -19.75
CA THR A 961 -7.70 -0.80 -18.67
C THR A 961 -8.47 -0.90 -17.37
N LEU A 962 -9.28 0.12 -17.05
CA LEU A 962 -10.05 0.11 -15.82
C LEU A 962 -10.93 -1.13 -15.72
N VAL A 963 -11.64 -1.46 -16.80
CA VAL A 963 -12.55 -2.59 -16.76
C VAL A 963 -11.79 -3.89 -16.49
N LYS A 964 -10.60 -4.04 -17.07
CA LYS A 964 -9.89 -5.31 -16.98
C LYS A 964 -9.62 -5.73 -15.55
N GLN A 965 -9.28 -4.78 -14.67
CA GLN A 965 -8.90 -5.17 -13.31
C GLN A 965 -10.01 -5.93 -12.61
N LEU A 966 -11.25 -5.78 -13.07
CA LEU A 966 -12.33 -6.56 -12.50
C LEU A 966 -12.07 -8.05 -12.61
N SER A 967 -11.27 -8.47 -13.59
CA SER A 967 -10.89 -9.87 -13.72
C SER A 967 -9.65 -10.23 -12.93
N SER A 968 -9.01 -9.27 -12.26
CA SER A 968 -7.76 -9.55 -11.58
C SER A 968 -8.00 -10.15 -10.22
N ASN A 969 -7.16 -11.13 -9.86
CA ASN A 969 -7.35 -11.80 -8.60
C ASN A 969 -6.90 -10.97 -7.41
N PHE A 970 -5.85 -10.17 -7.58
CA PHE A 970 -5.25 -9.43 -6.47
C PHE A 970 -4.94 -10.33 -5.29
N GLY A 971 -4.65 -11.59 -5.56
CA GLY A 971 -4.43 -12.56 -4.51
C GLY A 971 -5.68 -13.23 -3.98
N ALA A 972 -6.85 -12.83 -4.46
CA ALA A 972 -8.07 -13.50 -4.05
C ALA A 972 -8.15 -14.89 -4.67
N ILE A 973 -8.94 -15.76 -4.05
CA ILE A 973 -9.10 -17.09 -4.62
C ILE A 973 -9.84 -17.02 -5.94
N SER A 974 -10.56 -15.93 -6.19
CA SER A 974 -11.31 -15.78 -7.42
C SER A 974 -11.54 -14.30 -7.65
N SER A 975 -11.77 -13.93 -8.91
CA SER A 975 -11.97 -12.53 -9.26
C SER A 975 -13.43 -12.14 -9.39
N VAL A 976 -14.36 -13.07 -9.20
CA VAL A 976 -15.78 -12.77 -9.18
C VAL A 976 -16.24 -12.78 -7.73
N LEU A 977 -16.78 -11.66 -7.27
CA LEU A 977 -17.14 -11.56 -5.86
C LEU A 977 -18.30 -12.48 -5.52
N ASN A 978 -19.17 -12.75 -6.48
CA ASN A 978 -20.24 -13.72 -6.24
C ASN A 978 -19.67 -15.10 -5.98
N ASP A 979 -18.65 -15.51 -6.74
CA ASP A 979 -17.97 -16.75 -6.42
C ASP A 979 -17.44 -16.72 -5.00
N ILE A 980 -16.87 -15.59 -4.58
CA ILE A 980 -16.46 -15.46 -3.19
C ILE A 980 -17.65 -15.66 -2.27
N LEU A 981 -18.80 -15.09 -2.63
CA LEU A 981 -19.99 -15.26 -1.82
C LEU A 981 -20.55 -16.68 -1.92
N SER A 982 -20.62 -17.23 -3.14
CA SER A 982 -21.20 -18.56 -3.29
C SER A 982 -20.24 -19.65 -2.83
N ARG A 983 -18.99 -19.30 -2.53
CA ARG A 983 -18.00 -20.23 -2.02
C ARG A 983 -17.83 -20.10 -0.52
N LEU A 984 -17.49 -18.91 -0.03
CA LEU A 984 -17.08 -18.70 1.35
C LEU A 984 -18.26 -18.57 2.30
N ASP A 985 -18.05 -19.03 3.54
CA ASP A 985 -18.71 -18.46 4.70
C ASP A 985 -18.09 -17.11 5.04
N PRO A 986 -18.82 -16.27 5.79
CA PRO A 986 -18.26 -14.97 6.22
C PRO A 986 -16.92 -15.10 6.92
N PRO A 987 -16.77 -15.93 7.97
CA PRO A 987 -15.54 -15.88 8.77
C PRO A 987 -14.25 -15.91 7.97
N GLU A 988 -14.29 -16.35 6.71
CA GLU A 988 -13.16 -16.21 5.80
C GLU A 988 -13.47 -15.34 4.60
N ALA A 989 -14.74 -15.01 4.35
CA ALA A 989 -15.08 -14.21 3.18
C ALA A 989 -14.57 -12.78 3.31
N GLU A 990 -14.82 -12.13 4.46
CA GLU A 990 -14.39 -10.75 4.62
C GLU A 990 -12.89 -10.58 4.43
N VAL A 991 -12.09 -11.58 4.80
CA VAL A 991 -10.68 -11.52 4.46
C VAL A 991 -10.49 -11.52 2.95
N GLN A 992 -11.24 -12.38 2.25
CA GLN A 992 -10.98 -12.58 0.83
C GLN A 992 -11.49 -11.42 0.00
N ILE A 993 -12.68 -10.90 0.33
CA ILE A 993 -13.21 -9.76 -0.40
C ILE A 993 -12.39 -8.51 -0.07
N ASP A 994 -11.84 -8.44 1.14
CA ASP A 994 -10.95 -7.35 1.49
C ASP A 994 -9.75 -7.31 0.56
N ARG A 995 -9.18 -8.47 0.25
CA ARG A 995 -8.05 -8.46 -0.67
C ARG A 995 -8.47 -7.92 -2.04
N LEU A 996 -9.71 -8.19 -2.43
CA LEU A 996 -10.21 -7.65 -3.69
C LEU A 996 -10.57 -6.18 -3.55
N ILE A 997 -10.96 -5.75 -2.36
CA ILE A 997 -11.47 -4.39 -2.20
C ILE A 997 -10.33 -3.40 -2.37
N THR A 998 -9.15 -3.74 -1.87
CA THR A 998 -8.04 -2.79 -1.86
C THR A 998 -7.48 -2.58 -3.25
N GLY A 999 -7.27 -3.66 -4.00
CA GLY A 999 -6.73 -3.52 -5.34
C GLY A 999 -7.67 -2.81 -6.28
N ARG A 1000 -8.95 -3.20 -6.25
CA ARG A 1000 -9.92 -2.57 -7.14
C ARG A 1000 -10.07 -1.09 -6.82
N LEU A 1001 -10.18 -0.73 -5.54
CA LEU A 1001 -10.20 0.68 -5.17
C LEU A 1001 -8.91 1.36 -5.57
N GLN A 1002 -7.78 0.69 -5.35
CA GLN A 1002 -6.50 1.25 -5.76
C GLN A 1002 -6.46 1.44 -7.28
N SER A 1003 -7.20 0.60 -8.01
CA SER A 1003 -7.25 0.76 -9.46
C SER A 1003 -8.01 2.01 -9.86
N LEU A 1004 -9.19 2.20 -9.29
CA LEU A 1004 -9.95 3.43 -9.57
C LEU A 1004 -9.19 4.64 -9.09
N GLN A 1005 -8.61 4.55 -7.89
CA GLN A 1005 -7.79 5.64 -7.37
C GLN A 1005 -6.74 6.06 -8.38
N THR A 1006 -6.03 5.10 -8.97
CA THR A 1006 -5.05 5.43 -10.00
C THR A 1006 -5.73 6.06 -11.20
N TYR A 1007 -6.88 5.50 -11.62
CA TYR A 1007 -7.53 5.98 -12.82
C TYR A 1007 -7.98 7.43 -12.67
N VAL A 1008 -8.54 7.78 -11.51
CA VAL A 1008 -9.00 9.13 -11.30
C VAL A 1008 -7.85 10.11 -11.41
N THR A 1009 -6.73 9.79 -10.75
CA THR A 1009 -5.57 10.66 -10.83
C THR A 1009 -5.08 10.77 -12.26
N GLN A 1010 -5.07 9.66 -12.99
CA GLN A 1010 -4.74 9.74 -14.42
C GLN A 1010 -5.68 10.70 -15.12
N GLN A 1011 -6.98 10.61 -14.84
CA GLN A 1011 -7.93 11.51 -15.48
C GLN A 1011 -7.72 12.94 -15.02
N LEU A 1012 -7.59 13.13 -13.70
CA LEU A 1012 -7.41 14.47 -13.16
C LEU A 1012 -6.25 15.19 -13.83
N ILE A 1013 -5.10 14.52 -13.94
CA ILE A 1013 -3.96 15.11 -14.63
C ILE A 1013 -4.30 15.32 -16.09
N ARG A 1014 -4.88 14.31 -16.74
CA ARG A 1014 -5.23 14.44 -18.14
C ARG A 1014 -6.28 15.50 -18.34
N ALA A 1015 -7.19 15.65 -17.38
CA ALA A 1015 -8.19 16.70 -17.46
C ALA A 1015 -7.54 18.07 -17.48
N ALA A 1016 -6.51 18.26 -16.66
CA ALA A 1016 -5.80 19.54 -16.66
C ALA A 1016 -5.15 19.80 -18.02
N GLU A 1017 -4.57 18.76 -18.61
CA GLU A 1017 -4.03 18.88 -19.96
C GLU A 1017 -5.08 19.42 -20.92
N ILE A 1018 -6.27 18.86 -20.90
CA ILE A 1018 -7.34 19.36 -21.76
C ILE A 1018 -7.70 20.79 -21.36
N ARG A 1019 -7.68 21.08 -20.05
CA ARG A 1019 -8.05 22.41 -19.58
C ARG A 1019 -7.16 23.49 -20.19
N ALA A 1020 -5.84 23.32 -20.10
CA ALA A 1020 -4.94 24.35 -20.60
C ALA A 1020 -5.07 24.49 -22.10
N SER A 1021 -5.27 23.37 -22.81
CA SER A 1021 -5.59 23.44 -24.22
C SER A 1021 -6.93 24.13 -24.45
N ALA A 1022 -7.91 23.83 -23.61
CA ALA A 1022 -9.20 24.51 -23.72
C ALA A 1022 -9.06 26.01 -23.51
N ASN A 1023 -8.32 26.40 -22.47
CA ASN A 1023 -8.05 27.82 -22.26
C ASN A 1023 -7.30 28.39 -23.45
N LEU A 1024 -6.31 27.65 -23.97
CA LEU A 1024 -5.66 28.05 -25.20
C LEU A 1024 -6.65 28.05 -26.36
N ALA A 1025 -7.55 27.07 -26.38
CA ALA A 1025 -8.59 27.07 -27.40
C ALA A 1025 -9.48 28.29 -27.28
N ALA A 1026 -9.89 28.61 -26.06
CA ALA A 1026 -10.68 29.82 -25.85
C ALA A 1026 -9.91 31.04 -26.32
N THR A 1027 -8.63 31.13 -25.95
CA THR A 1027 -7.84 32.28 -26.33
C THR A 1027 -7.67 32.35 -27.84
N LYS A 1028 -7.44 31.21 -28.49
CA LYS A 1028 -7.29 31.20 -29.93
C LYS A 1028 -8.55 31.71 -30.61
N MET A 1029 -9.72 31.34 -30.11
CA MET A 1029 -10.90 32.07 -30.53
C MET A 1029 -10.84 33.50 -30.05
N SER A 1030 -10.52 33.70 -28.76
CA SER A 1030 -10.65 35.02 -28.16
C SER A 1030 -9.78 36.06 -28.86
N GLU A 1031 -8.60 35.66 -29.32
CA GLU A 1031 -7.66 36.59 -29.92
C GLU A 1031 -7.64 36.52 -31.43
N CYS A 1032 -7.82 35.35 -31.99
CA CYS A 1032 -7.49 35.11 -33.40
C CYS A 1032 -8.73 35.05 -34.26
N VAL A 1033 -9.83 34.52 -33.73
CA VAL A 1033 -11.14 34.63 -34.38
C VAL A 1033 -11.71 36.04 -34.24
N LEU A 1034 -12.05 36.43 -33.00
CA LEU A 1034 -12.72 37.70 -32.78
C LEU A 1034 -11.80 38.90 -32.93
N GLY A 1035 -10.58 38.69 -33.41
CA GLY A 1035 -9.69 39.81 -33.62
C GLY A 1035 -8.53 39.52 -34.54
N GLN A 1036 -7.49 40.35 -34.47
CA GLN A 1036 -6.28 40.19 -35.28
C GLN A 1036 -5.13 39.90 -34.33
N SER A 1037 -4.79 38.63 -34.18
CA SER A 1037 -3.72 38.27 -33.27
C SER A 1037 -2.38 38.72 -33.84
N LYS A 1038 -1.59 39.41 -33.02
CA LYS A 1038 -0.30 39.92 -33.45
C LYS A 1038 0.84 39.07 -32.96
N ARG A 1039 0.56 37.93 -32.33
CA ARG A 1039 1.63 37.11 -31.80
C ARG A 1039 2.14 36.15 -32.86
N VAL A 1040 3.41 36.28 -33.20
CA VAL A 1040 3.98 35.52 -34.30
C VAL A 1040 3.95 34.04 -33.95
N ASP A 1041 3.57 33.22 -34.91
CA ASP A 1041 3.37 31.78 -34.74
C ASP A 1041 2.37 31.48 -33.64
N PHE A 1042 1.29 32.25 -33.55
CA PHE A 1042 0.18 31.86 -32.69
C PHE A 1042 -1.03 31.41 -33.49
N CYS A 1043 -1.21 31.99 -34.68
CA CYS A 1043 -2.32 31.59 -35.54
C CYS A 1043 -1.76 30.88 -36.77
N GLY A 1044 -0.83 29.97 -36.58
CA GLY A 1044 -0.21 29.30 -37.71
C GLY A 1044 0.91 30.14 -38.30
N LYS A 1045 1.69 29.48 -39.14
CA LYS A 1045 2.88 30.11 -39.68
C LYS A 1045 2.52 31.40 -40.41
N GLY A 1046 3.08 32.51 -39.94
CA GLY A 1046 3.10 33.74 -40.70
C GLY A 1046 2.32 34.86 -40.05
N TYR A 1047 2.36 36.00 -40.73
CA TYR A 1047 1.57 37.16 -40.35
C TYR A 1047 0.10 36.80 -40.44
N HIS A 1048 -0.55 36.66 -39.29
CA HIS A 1048 -1.90 36.13 -39.25
C HIS A 1048 -2.90 37.09 -39.89
N LEU A 1049 -3.91 36.53 -40.54
CA LEU A 1049 -5.04 37.33 -41.03
C LEU A 1049 -6.32 37.12 -40.23
N MET A 1050 -6.82 35.89 -40.16
CA MET A 1050 -8.14 35.64 -39.58
C MET A 1050 -8.30 34.13 -39.48
N SER A 1051 -9.37 33.71 -38.83
CA SER A 1051 -9.53 32.28 -38.62
C SER A 1051 -11.01 31.94 -38.54
N PHE A 1052 -11.31 30.70 -38.89
CA PHE A 1052 -12.65 30.14 -38.79
C PHE A 1052 -12.63 28.95 -37.85
N PRO A 1053 -13.43 28.95 -36.81
CA PRO A 1053 -13.58 27.76 -36.00
C PRO A 1053 -14.49 26.77 -36.68
N GLN A 1054 -14.26 25.49 -36.41
CA GLN A 1054 -15.14 24.42 -36.87
C GLN A 1054 -15.26 23.41 -35.75
N SER A 1055 -16.48 22.94 -35.53
CA SER A 1055 -16.71 21.99 -34.46
C SER A 1055 -16.01 20.68 -34.77
N ALA A 1056 -16.04 19.78 -33.79
CA ALA A 1056 -15.43 18.47 -33.92
C ALA A 1056 -15.80 17.68 -32.68
N PRO A 1057 -15.60 16.37 -32.69
CA PRO A 1057 -15.85 15.60 -31.47
C PRO A 1057 -14.83 15.99 -30.41
N HIS A 1058 -15.33 16.42 -29.27
CA HIS A 1058 -14.49 16.63 -28.09
C HIS A 1058 -13.39 17.65 -28.34
N GLY A 1059 -13.46 18.41 -29.43
CA GLY A 1059 -12.39 19.34 -29.74
C GLY A 1059 -12.87 20.35 -30.75
N VAL A 1060 -11.96 21.18 -31.21
CA VAL A 1060 -12.27 22.21 -32.18
C VAL A 1060 -11.12 22.30 -33.18
N VAL A 1061 -11.46 22.63 -34.42
CA VAL A 1061 -10.49 22.72 -35.50
C VAL A 1061 -10.62 24.11 -36.12
N PHE A 1062 -9.51 24.82 -36.21
CA PHE A 1062 -9.49 26.16 -36.75
C PHE A 1062 -8.89 26.11 -38.15
N LEU A 1063 -9.24 27.07 -38.98
CA LEU A 1063 -8.66 27.19 -40.32
C LEU A 1063 -7.96 28.54 -40.40
N HIS A 1064 -6.73 28.61 -39.92
CA HIS A 1064 -6.01 29.86 -39.82
C HIS A 1064 -5.62 30.34 -41.20
N VAL A 1065 -6.29 31.38 -41.67
CA VAL A 1065 -5.94 32.03 -42.92
C VAL A 1065 -4.72 32.90 -42.67
N THR A 1066 -3.54 32.39 -43.01
CA THR A 1066 -2.29 33.05 -42.69
C THR A 1066 -1.60 33.53 -43.96
N TYR A 1067 -0.95 34.69 -43.85
CA TYR A 1067 -0.17 35.27 -44.92
C TYR A 1067 1.26 34.75 -44.86
N VAL A 1068 1.86 34.47 -46.02
CA VAL A 1068 3.27 34.09 -46.12
C VAL A 1068 3.85 34.69 -47.40
N PRO A 1069 4.95 35.45 -47.33
CA PRO A 1069 5.54 36.01 -48.55
C PRO A 1069 6.00 34.93 -49.51
N ALA A 1070 5.88 35.20 -50.81
CA ALA A 1070 6.19 34.18 -51.81
C ALA A 1070 7.35 34.51 -52.74
N GLN A 1071 7.27 35.59 -53.52
CA GLN A 1071 8.24 35.84 -54.58
C GLN A 1071 9.00 37.12 -54.29
N GLU A 1072 10.31 37.04 -54.47
CA GLU A 1072 11.22 38.02 -53.89
C GLU A 1072 12.30 38.43 -54.89
N LYS A 1073 12.76 39.66 -54.75
CA LYS A 1073 13.89 40.17 -55.48
C LYS A 1073 14.75 41.02 -54.54
N ASN A 1074 16.07 40.92 -54.71
CA ASN A 1074 17.01 41.68 -53.90
C ASN A 1074 16.96 43.12 -54.39
N PHE A 1075 17.39 44.05 -53.55
CA PHE A 1075 17.50 45.43 -53.96
C PHE A 1075 18.61 46.08 -53.13
N THR A 1076 18.96 47.32 -53.47
CA THR A 1076 20.05 47.98 -52.77
C THR A 1076 19.47 48.98 -51.76
N THR A 1077 20.08 49.03 -50.57
CA THR A 1077 19.48 49.67 -49.41
C THR A 1077 20.50 50.52 -48.67
N ALA A 1078 19.99 51.55 -47.98
CA ALA A 1078 20.76 52.47 -47.15
C ALA A 1078 19.77 53.28 -46.33
N PRO A 1079 20.03 53.52 -45.04
CA PRO A 1079 18.96 53.94 -44.15
C PRO A 1079 18.53 55.37 -44.33
N ALA A 1080 19.15 56.12 -45.24
CA ALA A 1080 18.87 57.54 -45.30
C ALA A 1080 19.32 58.08 -46.65
N ILE A 1081 18.94 59.32 -46.93
CA ILE A 1081 19.34 60.00 -48.15
C ILE A 1081 19.56 61.48 -47.86
N CYS A 1082 20.27 62.15 -48.76
CA CYS A 1082 20.54 63.58 -48.68
C CYS A 1082 19.84 64.30 -49.82
N HIS A 1083 19.06 65.32 -49.49
CA HIS A 1083 18.61 66.25 -50.52
C HIS A 1083 19.38 67.56 -50.55
N ASP A 1084 19.69 68.10 -49.38
CA ASP A 1084 20.36 69.39 -49.28
C ASP A 1084 21.51 69.36 -48.27
N GLY A 1085 22.33 68.30 -48.31
CA GLY A 1085 23.29 68.06 -47.26
C GLY A 1085 22.66 67.49 -46.01
N LYS A 1086 21.38 67.15 -46.08
CA LYS A 1086 20.58 66.88 -44.90
C LYS A 1086 19.98 65.47 -45.00
N ALA A 1087 19.90 64.79 -43.85
CA ALA A 1087 19.50 63.38 -43.80
C ALA A 1087 17.99 63.25 -43.94
N HIS A 1088 17.54 62.14 -44.50
CA HIS A 1088 16.11 61.84 -44.60
C HIS A 1088 15.83 60.39 -44.26
N PHE A 1089 14.60 60.11 -43.87
CA PHE A 1089 14.16 58.83 -43.37
C PHE A 1089 12.72 58.58 -43.83
N PRO A 1090 12.27 57.33 -43.83
CA PRO A 1090 10.89 57.07 -44.23
C PRO A 1090 9.94 57.17 -43.06
N ARG A 1091 8.82 57.90 -43.28
CA ARG A 1091 7.72 57.76 -42.35
C ARG A 1091 7.24 56.32 -42.31
N GLU A 1092 7.14 55.70 -43.48
CA GLU A 1092 6.71 54.32 -43.63
C GLU A 1092 7.32 53.80 -44.92
N GLY A 1093 7.80 52.56 -44.88
CA GLY A 1093 8.51 51.97 -46.00
C GLY A 1093 10.00 51.94 -45.76
N VAL A 1094 10.72 51.30 -46.69
CA VAL A 1094 12.17 51.18 -46.64
C VAL A 1094 12.74 51.51 -48.00
N PHE A 1095 13.94 52.12 -48.01
CA PHE A 1095 14.54 52.60 -49.25
C PHE A 1095 15.13 51.47 -50.08
N VAL A 1096 14.87 51.55 -51.40
CA VAL A 1096 15.35 50.58 -52.38
C VAL A 1096 15.79 51.32 -53.62
N SER A 1097 16.64 50.67 -54.42
CA SER A 1097 17.06 51.22 -55.70
C SER A 1097 17.02 50.14 -56.78
N ASN A 1098 16.41 50.46 -57.91
CA ASN A 1098 16.37 49.53 -59.04
C ASN A 1098 17.65 49.58 -59.86
N GLY A 1099 18.74 50.06 -59.28
CA GLY A 1099 20.03 50.15 -59.93
C GLY A 1099 20.37 51.53 -60.45
N THR A 1100 19.36 52.34 -60.76
CA THR A 1100 19.58 53.69 -61.26
C THR A 1100 18.84 54.69 -60.40
N HIS A 1101 17.66 54.29 -59.92
CA HIS A 1101 16.74 55.19 -59.25
C HIS A 1101 16.42 54.64 -57.87
N TRP A 1102 16.47 55.51 -56.87
CA TRP A 1102 16.10 55.13 -55.51
C TRP A 1102 14.60 55.25 -55.27
N PHE A 1103 14.06 54.23 -54.60
CA PHE A 1103 12.68 54.19 -54.16
C PHE A 1103 12.61 53.78 -52.70
N VAL A 1104 11.50 54.11 -52.06
CA VAL A 1104 11.15 53.60 -50.74
C VAL A 1104 9.94 52.69 -50.91
N THR A 1105 9.92 51.58 -50.19
CA THR A 1105 8.85 50.61 -50.37
C THR A 1105 8.42 50.06 -49.02
N GLN A 1106 7.16 49.63 -48.96
CA GLN A 1106 6.64 49.02 -47.75
C GLN A 1106 7.41 47.76 -47.42
N ARG A 1107 7.26 47.29 -46.19
CA ARG A 1107 8.30 46.46 -45.60
C ARG A 1107 8.14 44.99 -45.97
N ASN A 1108 7.05 44.61 -46.63
CA ASN A 1108 6.90 43.22 -47.02
C ASN A 1108 6.36 43.02 -48.45
N PHE A 1109 6.45 44.04 -49.31
CA PHE A 1109 5.98 43.94 -50.69
C PHE A 1109 6.74 44.94 -51.52
N TYR A 1110 7.30 44.51 -52.64
CA TYR A 1110 7.93 45.50 -53.47
C TYR A 1110 6.87 46.40 -54.05
N GLU A 1111 6.66 47.54 -53.41
CA GLU A 1111 5.87 48.62 -53.98
C GLU A 1111 6.68 49.89 -53.86
N PRO A 1112 7.55 50.16 -54.81
CA PRO A 1112 8.38 51.36 -54.76
C PRO A 1112 7.53 52.62 -54.91
N GLN A 1113 8.01 53.72 -54.32
CA GLN A 1113 7.43 55.02 -54.59
C GLN A 1113 8.52 56.06 -54.81
N ILE A 1114 8.14 57.12 -55.51
CA ILE A 1114 8.99 58.29 -55.68
C ILE A 1114 9.16 58.99 -54.33
N ILE A 1115 10.36 59.45 -54.06
CA ILE A 1115 10.69 60.00 -52.76
C ILE A 1115 10.28 61.47 -52.70
N THR A 1116 9.19 61.75 -51.99
CA THR A 1116 8.77 63.12 -51.75
C THR A 1116 8.84 63.39 -50.26
N THR A 1117 8.80 64.68 -49.91
CA THR A 1117 8.72 65.07 -48.51
C THR A 1117 7.47 64.53 -47.84
N ASP A 1118 6.43 64.22 -48.60
CA ASP A 1118 5.17 63.74 -48.06
C ASP A 1118 5.24 62.31 -47.55
N ASN A 1119 6.24 61.55 -47.98
CA ASN A 1119 6.49 60.21 -47.46
C ASN A 1119 7.64 60.17 -46.48
N THR A 1120 8.53 61.14 -46.55
CA THR A 1120 9.79 61.10 -45.83
C THR A 1120 9.81 62.15 -44.74
N PHE A 1121 10.26 61.76 -43.55
CA PHE A 1121 10.27 62.68 -42.43
C PHE A 1121 11.64 63.30 -42.25
N VAL A 1122 11.66 64.42 -41.54
CA VAL A 1122 12.74 65.39 -41.52
C VAL A 1122 13.58 65.17 -40.27
N SER A 1123 14.81 64.68 -40.45
CA SER A 1123 15.68 64.44 -39.30
C SER A 1123 17.14 64.62 -39.69
N GLY A 1124 17.91 65.24 -38.79
CA GLY A 1124 19.37 65.25 -38.83
C GLY A 1124 20.00 65.76 -40.12
N ASN A 1125 21.32 65.59 -40.20
CA ASN A 1125 22.06 65.91 -41.41
C ASN A 1125 22.85 64.68 -41.83
N CYS A 1126 23.65 64.83 -42.89
CA CYS A 1126 24.27 63.67 -43.53
C CYS A 1126 25.60 63.26 -42.91
N ASP A 1127 26.11 63.99 -41.92
CA ASP A 1127 27.43 63.71 -41.36
C ASP A 1127 27.40 62.70 -40.22
N VAL A 1128 26.23 62.21 -39.83
CA VAL A 1128 26.08 61.36 -38.66
C VAL A 1128 25.61 59.96 -39.05
N VAL A 1129 24.74 59.86 -40.05
CA VAL A 1129 24.18 58.58 -40.46
C VAL A 1129 25.24 57.71 -41.11
N ILE A 1130 25.26 56.43 -40.78
CA ILE A 1130 26.12 55.48 -41.45
C ILE A 1130 25.37 54.89 -42.65
N GLY A 1131 25.98 54.97 -43.83
CA GLY A 1131 25.38 54.37 -45.00
C GLY A 1131 24.47 55.27 -45.80
N ILE A 1132 24.21 56.48 -45.34
CA ILE A 1132 23.34 57.40 -46.08
C ILE A 1132 23.94 57.63 -47.47
N VAL A 1133 23.08 57.92 -48.44
CA VAL A 1133 23.50 58.15 -49.81
C VAL A 1133 22.87 59.44 -50.31
N ASN A 1134 23.48 60.04 -51.32
CA ASN A 1134 22.92 61.21 -51.95
C ASN A 1134 21.76 60.79 -52.84
N ASN A 1135 20.70 61.60 -52.86
CA ASN A 1135 19.51 61.29 -53.63
C ASN A 1135 18.76 62.60 -53.88
N THR A 1136 17.62 62.51 -54.54
CA THR A 1136 16.81 63.68 -54.85
C THR A 1136 15.37 63.44 -54.43
N VAL A 1137 14.91 64.21 -53.45
CA VAL A 1137 13.53 64.16 -52.96
C VAL A 1137 12.72 65.23 -53.70
N TYR A 1138 11.56 64.83 -54.20
CA TYR A 1138 10.69 65.74 -54.92
C TYR A 1138 9.82 66.54 -53.97
N ASP A 1139 9.61 67.82 -54.30
CA ASP A 1139 8.70 68.68 -53.56
C ASP A 1139 7.45 68.90 -54.38
N PRO A 1140 6.28 68.41 -53.94
CA PRO A 1140 5.04 68.71 -54.67
C PRO A 1140 4.71 70.18 -54.75
N LEU A 1141 5.22 71.00 -53.84
CA LEU A 1141 4.81 72.39 -53.75
C LEU A 1141 5.44 73.26 -54.84
N GLN A 1142 6.72 73.03 -55.17
CA GLN A 1142 7.40 73.92 -56.11
C GLN A 1142 6.72 74.01 -57.47
N PRO A 1143 6.32 72.92 -58.13
CA PRO A 1143 5.62 73.09 -59.41
C PRO A 1143 4.33 73.87 -59.29
N GLU A 1144 3.64 73.75 -58.15
CA GLU A 1144 2.49 74.61 -57.90
C GLU A 1144 2.91 76.07 -57.80
N LEU A 1145 4.03 76.34 -57.14
CA LEU A 1145 4.49 77.72 -57.00
C LEU A 1145 4.95 78.29 -58.33
N ASP A 1146 5.68 77.50 -59.12
CA ASP A 1146 6.18 77.99 -60.41
C ASP A 1146 5.05 78.22 -61.40
N SER A 1147 4.08 77.31 -61.45
CA SER A 1147 2.96 77.43 -62.36
C SER A 1147 1.93 78.43 -61.84
N ALA B 27 39.77 18.27 36.56
CA ALA B 27 40.55 18.75 35.43
C ALA B 27 39.98 18.22 34.12
N TYR B 28 39.49 19.11 33.27
CA TYR B 28 38.75 18.74 32.07
C TYR B 28 39.38 19.39 30.85
N THR B 29 39.24 18.72 29.71
CA THR B 29 39.86 19.16 28.47
C THR B 29 38.84 19.07 27.33
N ASN B 30 39.02 19.91 26.32
CA ASN B 30 38.12 19.92 25.18
C ASN B 30 38.43 18.74 24.27
N SER B 31 37.54 17.75 24.27
CA SER B 31 37.64 16.63 23.33
C SER B 31 37.08 16.98 21.96
N PHE B 32 37.77 17.81 21.19
CA PHE B 32 37.18 18.56 20.08
C PHE B 32 36.26 17.74 19.18
N THR B 33 36.79 16.78 18.42
CA THR B 33 36.00 16.00 17.49
C THR B 33 36.41 14.53 17.45
N ARG B 34 37.26 14.09 18.37
CA ARG B 34 37.80 12.75 18.27
C ARG B 34 36.78 11.71 18.74
N GLY B 35 37.08 10.45 18.44
CA GLY B 35 36.22 9.35 18.86
C GLY B 35 35.35 8.76 17.78
N VAL B 36 35.62 9.04 16.52
CA VAL B 36 34.82 8.52 15.41
C VAL B 36 35.48 7.26 14.88
N TYR B 37 34.66 6.27 14.54
CA TYR B 37 35.18 4.98 14.12
C TYR B 37 34.22 4.37 13.10
N TYR B 38 34.75 3.46 12.30
CA TYR B 38 33.97 2.82 11.25
C TYR B 38 32.80 2.05 11.86
N PRO B 39 31.55 2.46 11.61
CA PRO B 39 30.43 1.85 12.32
C PRO B 39 30.25 0.37 12.06
N ASP B 40 30.73 -0.15 10.93
CA ASP B 40 30.55 -1.54 10.60
C ASP B 40 31.80 -2.04 9.88
N LYS B 41 31.71 -3.23 9.30
CA LYS B 41 32.80 -3.79 8.53
C LYS B 41 32.50 -3.76 7.04
N VAL B 42 31.74 -2.77 6.60
CA VAL B 42 31.30 -2.64 5.21
C VAL B 42 32.02 -1.49 4.56
N PHE B 43 32.68 -1.77 3.44
CA PHE B 43 33.32 -0.72 2.66
C PHE B 43 32.28 0.17 2.01
N ARG B 44 32.53 1.47 2.02
CA ARG B 44 31.80 2.43 1.22
C ARG B 44 32.81 3.43 0.68
N SER B 45 32.46 4.08 -0.42
CA SER B 45 33.41 5.02 -1.01
C SER B 45 32.67 6.21 -1.58
N SER B 46 33.22 7.40 -1.30
CA SER B 46 32.73 8.65 -1.88
C SER B 46 31.24 8.81 -1.67
N VAL B 47 30.80 8.60 -0.43
CA VAL B 47 29.38 8.63 -0.10
C VAL B 47 29.23 9.15 1.32
N LEU B 48 28.18 9.94 1.53
CA LEU B 48 27.88 10.51 2.83
C LEU B 48 26.78 9.66 3.46
N HIS B 49 27.13 8.90 4.48
CA HIS B 49 26.29 7.84 5.00
C HIS B 49 25.96 8.11 6.46
N SER B 50 24.70 7.91 6.83
CA SER B 50 24.22 8.23 8.16
C SER B 50 23.99 6.95 8.96
N THR B 51 24.39 6.98 10.23
CA THR B 51 24.25 5.81 11.09
C THR B 51 24.07 6.25 12.54
N GLN B 52 23.58 5.32 13.36
CA GLN B 52 23.42 5.55 14.79
C GLN B 52 24.17 4.48 15.56
N ASP B 53 25.03 4.92 16.47
CA ASP B 53 25.74 4.03 17.38
C ASP B 53 26.20 4.85 18.57
N LEU B 54 27.07 4.27 19.40
CA LEU B 54 27.48 4.90 20.63
C LEU B 54 28.79 5.63 20.40
N PHE B 55 28.74 6.95 20.30
CA PHE B 55 29.89 7.76 19.95
C PHE B 55 30.20 8.78 21.04
N LEU B 56 31.35 9.41 20.90
CA LEU B 56 31.72 10.53 21.76
C LEU B 56 31.08 11.80 21.22
N PRO B 57 30.09 12.35 21.89
CA PRO B 57 29.47 13.59 21.39
C PRO B 57 30.52 14.68 21.26
N PHE B 58 30.40 15.46 20.20
CA PHE B 58 31.43 16.43 19.87
C PHE B 58 31.55 17.50 20.94
N PHE B 59 32.76 18.01 21.11
CA PHE B 59 33.06 19.04 22.10
C PHE B 59 32.54 18.70 23.49
N SER B 60 32.80 17.48 23.95
CA SER B 60 32.36 17.07 25.28
C SER B 60 33.54 17.05 26.25
N ASN B 61 33.22 17.11 27.54
CA ASN B 61 34.22 17.11 28.59
C ASN B 61 34.88 15.74 28.68
N VAL B 62 36.21 15.75 28.80
CA VAL B 62 36.99 14.54 28.98
C VAL B 62 37.85 14.71 30.21
N THR B 63 37.91 13.67 31.04
CA THR B 63 38.61 13.77 32.32
C THR B 63 40.10 13.50 32.13
N TRP B 64 40.90 14.50 32.46
CA TRP B 64 42.35 14.45 32.28
C TRP B 64 42.97 13.88 33.55
N PHE B 65 43.78 12.85 33.41
CA PHE B 65 44.48 12.24 34.52
C PHE B 65 45.98 12.32 34.32
N HIS B 66 46.72 12.17 35.40
CA HIS B 66 48.18 12.05 35.34
C HIS B 66 48.65 11.41 36.63
N ASN B 81 44.89 6.15 37.51
CA ASN B 81 45.08 5.31 38.69
C ASN B 81 43.77 4.80 39.30
N PRO B 82 42.80 5.67 39.59
CA PRO B 82 41.56 5.20 40.22
C PRO B 82 40.71 4.40 39.25
N VAL B 83 39.61 3.88 39.76
CA VAL B 83 38.67 3.08 38.98
C VAL B 83 37.56 3.99 38.49
N LEU B 84 37.19 3.86 37.22
CA LEU B 84 36.22 4.74 36.59
C LEU B 84 35.06 3.95 36.01
N PRO B 85 33.89 4.59 35.85
CA PRO B 85 32.73 3.88 35.30
C PRO B 85 32.87 3.60 33.81
N PHE B 86 32.06 2.63 33.34
CA PHE B 86 32.05 2.17 31.96
C PHE B 86 30.74 2.46 31.25
N ASN B 87 30.06 3.55 31.61
CA ASN B 87 28.60 3.66 31.53
C ASN B 87 27.99 2.96 30.31
N ASP B 88 28.35 3.39 29.10
CA ASP B 88 27.87 2.72 27.89
C ASP B 88 29.00 2.36 26.95
N GLY B 89 30.15 3.00 27.10
CA GLY B 89 31.30 2.77 26.26
C GLY B 89 32.31 3.86 26.51
N VAL B 90 33.58 3.50 26.59
CA VAL B 90 34.62 4.42 27.01
C VAL B 90 35.53 4.73 25.85
N TYR B 91 35.72 6.01 25.58
CA TYR B 91 36.75 6.48 24.67
C TYR B 91 37.99 6.86 25.47
N PHE B 92 39.11 6.20 25.16
CA PHE B 92 40.34 6.39 25.90
C PHE B 92 41.40 6.89 24.94
N ALA B 93 42.09 7.95 25.37
CA ALA B 93 43.19 8.49 24.60
C ALA B 93 44.34 8.78 25.55
N SER B 94 45.56 8.72 25.03
CA SER B 94 46.73 8.90 25.87
C SER B 94 47.86 9.53 25.07
N THR B 95 48.66 10.32 25.77
CA THR B 95 49.88 10.90 25.22
C THR B 95 51.04 10.41 26.08
N GLU B 96 51.83 9.48 25.55
CA GLU B 96 52.88 8.83 26.31
C GLU B 96 54.23 9.08 25.66
N LYS B 97 55.20 9.39 26.51
CA LYS B 97 56.60 9.47 26.12
C LYS B 97 57.39 8.22 26.48
N SER B 98 57.13 7.65 27.65
CA SER B 98 57.89 6.51 28.14
C SER B 98 57.05 5.25 28.25
N ASN B 99 55.85 5.24 27.66
CA ASN B 99 55.00 4.04 27.62
C ASN B 99 54.68 3.55 29.03
N ILE B 100 54.23 4.47 29.88
CA ILE B 100 53.89 4.11 31.25
C ILE B 100 52.62 3.27 31.28
N ILE B 101 51.59 3.69 30.53
CA ILE B 101 50.32 3.00 30.55
C ILE B 101 50.46 1.63 29.88
N ARG B 102 50.00 0.59 30.56
CA ARG B 102 50.19 -0.77 30.09
C ARG B 102 48.91 -1.55 29.86
N GLY B 103 47.78 -1.12 30.40
CA GLY B 103 46.57 -1.90 30.18
C GLY B 103 45.38 -1.36 30.94
N TRP B 104 44.30 -2.15 30.88
CA TRP B 104 43.01 -1.81 31.48
C TRP B 104 42.47 -2.99 32.28
N ILE B 105 41.44 -2.71 33.08
CA ILE B 105 40.64 -3.74 33.72
C ILE B 105 39.18 -3.38 33.52
N PHE B 106 38.35 -4.38 33.19
CA PHE B 106 36.93 -4.16 32.95
C PHE B 106 36.09 -5.17 33.73
N GLY B 107 35.01 -4.68 34.32
CA GLY B 107 34.09 -5.54 35.05
C GLY B 107 33.13 -4.77 35.96
N THR B 108 32.68 -5.43 37.03
CA THR B 108 31.76 -4.81 37.97
C THR B 108 32.43 -4.53 39.30
N THR B 109 32.98 -5.57 39.93
CA THR B 109 33.60 -5.39 41.23
C THR B 109 35.11 -5.27 41.13
N LEU B 110 35.72 -5.82 40.09
CA LEU B 110 37.17 -5.83 39.94
C LEU B 110 37.83 -6.48 41.16
N ASP B 111 37.17 -7.51 41.66
CA ASP B 111 37.70 -8.37 42.72
C ASP B 111 37.04 -9.73 42.54
N SER B 112 37.72 -10.79 42.96
CA SER B 112 37.38 -12.17 42.61
C SER B 112 35.96 -12.50 43.07
N LYS B 113 35.47 -13.69 42.66
CA LYS B 113 34.10 -14.18 42.77
C LYS B 113 33.24 -13.65 41.64
N THR B 114 33.87 -13.04 40.64
CA THR B 114 33.23 -12.77 39.35
C THR B 114 34.32 -12.61 38.29
N GLN B 115 33.97 -12.95 37.05
CA GLN B 115 34.92 -12.81 35.95
C GLN B 115 35.19 -11.34 35.67
N SER B 116 36.41 -11.05 35.23
CA SER B 116 36.84 -9.69 34.97
C SER B 116 37.78 -9.69 33.77
N LEU B 117 37.60 -8.72 32.87
CA LEU B 117 38.48 -8.55 31.73
C LEU B 117 39.79 -7.91 32.19
N LEU B 118 40.91 -8.49 31.71
CA LEU B 118 42.24 -8.03 32.04
C LEU B 118 43.04 -7.97 30.75
N ILE B 119 43.57 -6.78 30.42
CA ILE B 119 44.36 -6.56 29.22
C ILE B 119 45.67 -5.94 29.66
N VAL B 120 46.79 -6.58 29.32
CA VAL B 120 48.12 -6.11 29.70
C VAL B 120 49.10 -6.41 28.57
N ASN B 121 49.96 -5.44 28.28
CA ASN B 121 51.11 -5.64 27.41
C ASN B 121 52.37 -5.74 28.27
N ASN B 122 52.92 -6.94 28.38
CA ASN B 122 54.17 -7.12 29.10
C ASN B 122 55.33 -7.29 28.11
N ALA B 123 55.74 -6.15 27.56
CA ALA B 123 57.07 -5.92 26.98
C ALA B 123 57.34 -6.69 25.70
N THR B 124 56.46 -7.63 25.34
CA THR B 124 56.65 -8.37 24.11
C THR B 124 55.37 -8.64 23.35
N ASN B 125 54.23 -8.69 24.04
CA ASN B 125 52.98 -9.11 23.42
C ASN B 125 51.82 -8.60 24.27
N VAL B 126 50.60 -8.85 23.80
CA VAL B 126 49.38 -8.44 24.47
C VAL B 126 48.64 -9.68 24.93
N VAL B 127 48.37 -9.76 26.23
CA VAL B 127 47.69 -10.91 26.82
C VAL B 127 46.36 -10.43 27.37
N ILE B 128 45.28 -11.07 26.94
CA ILE B 128 43.92 -10.74 27.36
C ILE B 128 43.34 -11.97 28.05
N LYS B 129 42.83 -11.80 29.26
CA LYS B 129 42.38 -12.96 30.02
C LYS B 129 41.21 -12.48 30.88
N VAL B 130 40.31 -13.41 31.23
CA VAL B 130 39.04 -13.04 31.86
C VAL B 130 38.75 -13.82 33.14
N CYS B 131 39.78 -14.30 33.82
CA CYS B 131 39.60 -15.14 35.01
C CYS B 131 38.88 -14.38 36.12
N GLU B 132 38.54 -15.13 37.18
CA GLU B 132 38.13 -14.54 38.46
C GLU B 132 39.39 -14.19 39.24
N PHE B 133 40.08 -13.17 38.74
CA PHE B 133 41.43 -12.86 39.20
C PHE B 133 41.43 -12.38 40.65
N GLN B 134 42.57 -12.54 41.30
CA GLN B 134 42.85 -11.85 42.55
C GLN B 134 43.54 -10.53 42.22
N PHE B 135 42.77 -9.45 42.12
CA PHE B 135 43.31 -8.12 41.90
C PHE B 135 43.89 -7.53 43.17
N CYS B 136 44.93 -6.73 42.98
CA CYS B 136 45.47 -5.94 44.07
C CYS B 136 44.61 -4.71 44.31
N ASN B 137 44.72 -4.16 45.53
CA ASN B 137 43.97 -2.97 45.87
C ASN B 137 44.40 -1.78 45.02
N ASP B 138 45.70 -1.67 44.74
CA ASP B 138 46.23 -0.60 43.89
C ASP B 138 47.10 -1.23 42.81
N PRO B 139 46.47 -1.90 41.84
CA PRO B 139 47.24 -2.66 40.85
C PRO B 139 48.03 -1.75 39.91
N PHE B 140 49.14 -2.29 39.43
CA PHE B 140 50.00 -1.58 38.49
C PHE B 140 51.05 -2.52 37.91
N ASN B 164 40.46 -18.17 38.86
CA ASN B 164 39.88 -19.49 38.63
C ASN B 164 38.60 -19.39 37.81
N ASN B 165 38.12 -20.54 37.34
CA ASN B 165 36.93 -20.62 36.50
C ASN B 165 37.06 -19.70 35.28
N CYS B 166 38.26 -19.71 34.70
CA CYS B 166 38.57 -18.85 33.57
C CYS B 166 37.85 -19.33 32.32
N THR B 167 37.60 -18.41 31.38
CA THR B 167 36.82 -18.75 30.20
C THR B 167 37.49 -18.46 28.87
N PHE B 168 38.16 -17.31 28.72
CA PHE B 168 38.76 -16.95 27.44
C PHE B 168 40.16 -16.40 27.65
N GLU B 169 41.06 -16.73 26.74
CA GLU B 169 42.45 -16.31 26.84
C GLU B 169 42.99 -16.06 25.44
N TYR B 170 43.92 -15.10 25.31
CA TYR B 170 44.56 -14.82 24.04
C TYR B 170 45.88 -14.07 24.27
N VAL B 171 46.91 -14.46 23.52
CA VAL B 171 48.19 -13.78 23.51
C VAL B 171 48.46 -13.29 22.09
N SER B 172 48.81 -12.02 21.96
CA SER B 172 49.15 -11.46 20.66
C SER B 172 50.50 -12.01 20.18
N PHE B 186 55.25 14.69 25.21
CA PHE B 186 54.57 13.44 24.86
C PHE B 186 54.39 13.32 23.35
N LYS B 187 55.07 12.34 22.77
CA LYS B 187 55.03 12.13 21.33
C LYS B 187 53.91 11.21 20.88
N ASN B 188 53.71 10.08 21.55
CA ASN B 188 52.86 9.00 21.06
C ASN B 188 51.41 9.27 21.45
N LEU B 189 50.56 9.48 20.46
CA LEU B 189 49.13 9.64 20.66
C LEU B 189 48.44 8.32 20.34
N ARG B 190 47.85 7.70 21.36
CA ARG B 190 47.11 6.45 21.21
C ARG B 190 45.67 6.71 21.56
N GLU B 191 44.76 6.32 20.67
CA GLU B 191 43.32 6.47 20.86
C GLU B 191 42.66 5.09 20.82
N PHE B 192 41.60 4.94 21.59
CA PHE B 192 40.90 3.66 21.68
C PHE B 192 39.42 3.91 21.95
N VAL B 193 38.59 2.97 21.49
CA VAL B 193 37.16 3.00 21.79
C VAL B 193 36.75 1.62 22.28
N PHE B 194 36.21 1.58 23.49
CA PHE B 194 35.81 0.33 24.14
C PHE B 194 34.31 0.36 24.30
N LYS B 195 33.60 -0.57 23.66
CA LYS B 195 32.15 -0.57 23.73
C LYS B 195 31.60 -1.99 23.67
N ASN B 196 30.38 -2.13 24.17
CA ASN B 196 29.62 -3.39 24.06
C ASN B 196 28.36 -3.18 23.23
N TYR B 200 28.75 -8.29 22.79
CA TYR B 200 30.09 -8.54 23.31
C TYR B 200 31.01 -7.32 23.32
N PHE B 201 32.30 -7.58 23.51
CA PHE B 201 33.32 -6.56 23.71
C PHE B 201 34.03 -6.28 22.41
N LYS B 202 34.14 -5.01 22.03
CA LYS B 202 34.74 -4.62 20.76
C LYS B 202 35.74 -3.49 20.99
N ILE B 203 36.84 -3.49 20.23
CA ILE B 203 37.95 -2.58 20.44
C ILE B 203 38.37 -1.98 19.10
N TYR B 204 38.63 -0.67 19.10
CA TYR B 204 39.20 0.04 17.97
C TYR B 204 40.42 0.84 18.44
N SER B 205 41.28 1.24 17.51
CA SER B 205 42.40 2.10 17.89
C SER B 205 42.88 2.91 16.70
N LYS B 206 43.76 3.85 16.98
CA LYS B 206 44.46 4.65 15.99
C LYS B 206 45.67 5.30 16.65
N HIS B 207 46.86 5.03 16.10
CA HIS B 207 48.12 5.44 16.72
C HIS B 207 48.81 6.46 15.82
N THR B 208 49.08 7.63 16.36
CA THR B 208 49.75 8.71 15.63
C THR B 208 50.78 9.38 16.52
N PRO B 209 51.80 10.00 15.91
CA PRO B 209 52.72 10.84 16.68
C PRO B 209 52.19 12.27 16.77
N ILE B 210 52.67 13.01 17.77
CA ILE B 210 52.19 14.37 18.01
C ILE B 210 53.23 15.16 18.80
N ASN B 211 53.16 16.48 18.67
CA ASN B 211 53.99 17.38 19.47
C ASN B 211 53.19 18.61 19.89
N ASP B 215 45.61 20.28 25.89
CA ASP B 215 46.63 19.24 25.93
C ASP B 215 46.24 18.06 25.05
N LEU B 216 44.99 18.07 24.61
CA LEU B 216 44.52 17.08 23.63
C LEU B 216 44.58 17.70 22.24
N PRO B 217 45.34 17.12 21.31
CA PRO B 217 45.53 17.77 20.01
C PRO B 217 44.22 17.94 19.26
N GLN B 218 44.05 19.11 18.66
CA GLN B 218 42.89 19.39 17.83
C GLN B 218 43.11 18.81 16.45
N GLY B 219 42.12 18.07 15.98
CA GLY B 219 42.22 17.41 14.69
C GLY B 219 41.38 16.14 14.68
N PHE B 220 41.19 15.63 13.47
CA PHE B 220 40.31 14.49 13.25
C PHE B 220 41.07 13.30 12.70
N SER B 221 40.78 12.12 13.26
CA SER B 221 41.25 10.86 12.73
C SER B 221 40.22 9.80 13.09
N ALA B 222 40.16 8.76 12.26
CA ALA B 222 39.15 7.72 12.40
C ALA B 222 39.76 6.48 13.03
N LEU B 223 38.95 5.77 13.80
CA LEU B 223 39.42 4.58 14.49
C LEU B 223 38.94 3.32 13.78
N GLU B 224 39.81 2.33 13.70
CA GLU B 224 39.58 1.10 12.96
C GLU B 224 39.52 -0.09 13.90
N PRO B 225 38.66 -1.07 13.62
CA PRO B 225 38.52 -2.22 14.51
C PRO B 225 39.72 -3.14 14.38
N LEU B 226 40.13 -3.71 15.50
CA LEU B 226 41.32 -4.56 15.52
C LEU B 226 41.14 -5.89 16.24
N VAL B 227 40.38 -5.95 17.32
CA VAL B 227 40.18 -7.21 18.03
C VAL B 227 38.71 -7.37 18.39
N ASP B 228 38.23 -8.61 18.28
CA ASP B 228 36.91 -9.02 18.74
C ASP B 228 37.06 -9.91 19.95
N LEU B 229 36.34 -9.57 21.02
CA LEU B 229 36.31 -10.42 22.21
C LEU B 229 34.88 -10.83 22.53
N PRO B 230 34.44 -12.00 22.06
CA PRO B 230 33.07 -12.48 22.34
C PRO B 230 32.95 -13.15 23.71
N ILE B 231 33.15 -12.37 24.77
CA ILE B 231 33.17 -12.89 26.12
C ILE B 231 31.87 -12.64 26.85
N GLY B 232 31.15 -11.58 26.50
CA GLY B 232 29.87 -11.28 27.13
C GLY B 232 29.95 -10.95 28.60
N ILE B 233 30.98 -10.21 29.01
CA ILE B 233 31.09 -9.80 30.41
C ILE B 233 30.25 -8.55 30.64
N ASN B 234 29.52 -8.55 31.75
CA ASN B 234 28.62 -7.47 32.13
C ASN B 234 29.41 -6.40 32.86
N ILE B 235 29.84 -5.37 32.15
CA ILE B 235 30.85 -4.43 32.65
C ILE B 235 30.15 -3.15 33.08
N THR B 236 30.57 -2.61 34.22
CA THR B 236 30.13 -1.29 34.63
C THR B 236 31.26 -0.39 35.15
N ARG B 237 32.39 -0.94 35.56
CA ARG B 237 33.50 -0.16 36.08
C ARG B 237 34.78 -0.60 35.42
N PHE B 238 35.70 0.35 35.22
CA PHE B 238 36.98 0.04 34.61
C PHE B 238 38.07 0.93 35.20
N GLN B 239 39.29 0.40 35.21
CA GLN B 239 40.44 1.09 35.78
C GLN B 239 41.66 0.88 34.89
N THR B 240 42.42 1.95 34.70
CA THR B 240 43.58 1.94 33.82
C THR B 240 44.82 1.56 34.60
N LEU B 241 45.66 0.70 34.03
CA LEU B 241 46.86 0.21 34.69
C LEU B 241 48.06 1.03 34.24
N LEU B 242 48.79 1.57 35.21
CA LEU B 242 49.98 2.36 34.92
C LEU B 242 51.23 1.51 35.11
N ALA B 263 53.07 11.18 32.28
CA ALA B 263 52.07 10.49 31.48
C ALA B 263 50.66 10.99 31.80
N ALA B 264 49.90 11.29 30.76
CA ALA B 264 48.53 11.75 30.90
C ALA B 264 47.62 10.96 29.96
N TYR B 265 46.44 10.61 30.44
CA TYR B 265 45.48 9.88 29.64
C TYR B 265 44.09 10.42 29.91
N TYR B 266 43.17 10.14 28.99
CA TYR B 266 41.87 10.80 28.93
C TYR B 266 40.78 9.76 28.89
N VAL B 267 39.60 10.12 29.40
CA VAL B 267 38.44 9.23 29.42
C VAL B 267 37.17 10.04 29.22
N GLY B 268 36.36 9.62 28.24
CA GLY B 268 35.05 10.18 28.03
C GLY B 268 34.03 9.08 27.83
N TYR B 269 32.76 9.48 27.77
CA TYR B 269 31.66 8.52 27.71
C TYR B 269 30.94 8.62 26.38
N LEU B 270 30.58 7.45 25.85
CA LEU B 270 29.87 7.34 24.59
C LEU B 270 28.38 7.51 24.81
N GLN B 271 27.69 7.97 23.79
CA GLN B 271 26.25 8.20 23.88
C GLN B 271 25.59 7.80 22.57
N PRO B 272 24.31 7.45 22.60
CA PRO B 272 23.60 7.07 21.36
C PRO B 272 23.20 8.27 20.52
N ARG B 273 24.13 8.74 19.71
CA ARG B 273 23.91 9.91 18.88
C ARG B 273 23.94 9.54 17.41
N THR B 274 23.44 10.44 16.58
CA THR B 274 23.46 10.27 15.13
C THR B 274 24.68 10.96 14.55
N PHE B 275 25.25 10.38 13.50
CA PHE B 275 26.41 10.95 12.83
C PHE B 275 26.26 10.82 11.33
N LEU B 276 26.86 11.75 10.61
CA LEU B 276 26.93 11.69 9.15
C LEU B 276 28.39 11.53 8.75
N LEU B 277 28.75 10.34 8.30
CA LEU B 277 30.14 9.97 8.06
C LEU B 277 30.51 10.22 6.60
N LYS B 278 31.70 10.77 6.39
CA LYS B 278 32.17 11.13 5.06
C LYS B 278 33.29 10.18 4.66
N TYR B 279 32.99 9.22 3.81
CA TYR B 279 33.97 8.29 3.27
C TYR B 279 34.67 8.93 2.09
N ASN B 280 35.99 8.90 2.08
CA ASN B 280 36.74 9.48 0.98
C ASN B 280 36.85 8.43 -0.12
N GLU B 281 37.70 8.67 -1.11
CA GLU B 281 37.83 7.73 -2.23
C GLU B 281 38.30 6.36 -1.77
N ASN B 282 39.17 6.31 -0.77
CA ASN B 282 39.75 5.07 -0.31
C ASN B 282 38.91 4.37 0.77
N GLY B 283 37.74 4.89 1.07
CA GLY B 283 37.02 4.39 2.23
C GLY B 283 37.56 4.93 3.54
N THR B 284 38.30 6.02 3.49
CA THR B 284 38.86 6.64 4.68
C THR B 284 37.91 7.71 5.20
N ILE B 285 37.56 7.60 6.47
CA ILE B 285 36.69 8.59 7.10
C ILE B 285 37.50 9.86 7.35
N THR B 286 37.11 10.95 6.69
CA THR B 286 37.86 12.19 6.78
C THR B 286 37.19 13.27 7.60
N ASP B 287 35.86 13.22 7.76
CA ASP B 287 35.15 14.19 8.55
C ASP B 287 33.97 13.50 9.21
N ALA B 288 33.18 14.26 9.95
CA ALA B 288 31.95 13.76 10.53
C ALA B 288 31.14 14.93 11.04
N VAL B 289 29.85 14.69 11.28
CA VAL B 289 28.96 15.69 11.86
C VAL B 289 28.29 15.08 13.07
N ASP B 290 28.49 15.69 14.24
CA ASP B 290 27.73 15.32 15.43
C ASP B 290 26.34 15.88 15.23
N CYS B 291 25.33 15.02 15.30
CA CYS B 291 24.07 15.44 14.69
C CYS B 291 23.26 16.32 15.64
N ALA B 292 23.36 16.10 16.94
CA ALA B 292 22.66 16.88 17.94
C ALA B 292 23.59 17.84 18.69
N LEU B 293 24.76 18.11 18.13
CA LEU B 293 25.67 19.08 18.72
C LEU B 293 25.06 20.47 18.77
N ASP B 294 24.42 20.89 17.69
CA ASP B 294 23.81 22.22 17.62
C ASP B 294 22.82 22.29 16.46
N PRO B 295 21.93 23.28 16.46
CA PRO B 295 20.99 23.42 15.35
C PRO B 295 21.65 23.52 13.98
N LEU B 296 22.84 24.11 13.88
CA LEU B 296 23.56 24.05 12.62
C LEU B 296 23.87 22.60 12.25
N SER B 297 24.32 21.81 13.22
CA SER B 297 24.72 20.45 12.92
C SER B 297 23.51 19.57 12.63
N GLU B 298 22.35 19.92 13.18
CA GLU B 298 21.13 19.20 12.83
C GLU B 298 20.78 19.42 11.37
N THR B 299 20.96 20.64 10.87
CA THR B 299 20.65 20.91 9.47
C THR B 299 21.53 20.09 8.55
N LYS B 300 22.82 19.96 8.88
CA LYS B 300 23.71 19.13 8.10
C LYS B 300 23.25 17.68 8.08
N CYS B 301 22.55 17.25 9.13
CA CYS B 301 22.03 15.89 9.18
C CYS B 301 20.95 15.68 8.13
N THR B 302 19.97 16.58 8.08
CA THR B 302 18.81 16.38 7.22
C THR B 302 19.19 16.49 5.74
N LEU B 303 20.06 17.43 5.41
CA LEU B 303 20.43 17.64 4.02
C LEU B 303 21.48 16.68 3.53
N LYS B 304 21.99 15.80 4.39
CA LYS B 304 23.01 14.81 4.03
C LYS B 304 24.18 15.48 3.33
N SER B 305 24.68 16.56 3.93
CA SER B 305 25.78 17.31 3.33
C SER B 305 26.54 18.04 4.41
N PHE B 306 27.82 18.25 4.15
CA PHE B 306 28.67 19.01 5.06
C PHE B 306 28.70 20.49 4.72
N THR B 307 28.02 20.89 3.66
CA THR B 307 27.87 22.29 3.29
C THR B 307 26.39 22.61 3.18
N VAL B 308 25.99 23.76 3.69
CA VAL B 308 24.59 24.17 3.74
C VAL B 308 24.46 25.55 3.09
N GLU B 309 23.69 25.63 2.02
CA GLU B 309 23.46 26.91 1.37
C GLU B 309 22.51 27.76 2.20
N LYS B 310 22.62 29.07 2.03
CA LYS B 310 21.82 30.02 2.78
C LYS B 310 20.34 29.75 2.59
N GLY B 311 19.60 29.73 3.69
CA GLY B 311 18.16 29.56 3.61
C GLY B 311 17.60 29.11 4.94
N ILE B 312 16.32 28.72 4.90
CA ILE B 312 15.60 28.20 6.04
C ILE B 312 15.31 26.73 5.79
N TYR B 313 15.64 25.89 6.76
CA TYR B 313 15.55 24.45 6.59
C TYR B 313 14.77 23.84 7.73
N GLN B 314 13.84 22.96 7.40
CA GLN B 314 13.12 22.22 8.43
C GLN B 314 13.99 21.04 8.84
N THR B 315 14.37 21.02 10.11
CA THR B 315 15.30 20.01 10.60
C THR B 315 14.65 18.98 11.50
N SER B 316 13.69 19.36 12.33
CA SER B 316 13.12 18.44 13.30
C SER B 316 11.72 18.91 13.63
N ASN B 317 11.17 18.35 14.69
CA ASN B 317 9.82 18.68 15.13
C ASN B 317 9.83 18.98 16.61
N PHE B 318 9.17 20.05 17.00
CA PHE B 318 9.11 20.45 18.40
C PHE B 318 7.85 19.87 19.02
N ARG B 319 7.96 19.38 20.26
CA ARG B 319 6.89 18.60 20.87
C ARG B 319 7.01 18.72 22.38
N VAL B 320 5.97 19.24 23.03
CA VAL B 320 5.98 19.28 24.49
C VAL B 320 5.70 17.89 25.05
N GLN B 321 6.53 17.44 25.89
CA GLN B 321 6.25 16.11 26.41
C GLN B 321 5.26 16.19 27.56
N PRO B 322 4.46 15.15 27.77
CA PRO B 322 3.54 15.14 28.91
C PRO B 322 4.31 15.11 30.23
N THR B 323 3.72 15.70 31.26
CA THR B 323 4.37 15.80 32.55
C THR B 323 3.96 14.71 33.53
N GLU B 324 2.73 14.21 33.45
CA GLU B 324 2.26 13.23 34.41
C GLU B 324 1.09 12.45 33.83
N SER B 325 0.82 11.30 34.44
CA SER B 325 -0.25 10.40 34.00
C SER B 325 -1.43 10.51 34.94
N ILE B 326 -2.62 10.67 34.37
CA ILE B 326 -3.87 10.75 35.12
C ILE B 326 -4.76 9.58 34.69
N VAL B 327 -5.14 8.75 35.66
CA VAL B 327 -6.07 7.66 35.44
C VAL B 327 -7.32 7.94 36.26
N ARG B 328 -8.48 7.83 35.63
CA ARG B 328 -9.74 8.24 36.23
C ARG B 328 -10.83 7.22 35.96
N PHE B 329 -11.70 7.04 36.94
CA PHE B 329 -12.94 6.28 36.86
C PHE B 329 -13.91 6.95 37.81
N PRO B 330 -15.22 6.72 37.67
CA PRO B 330 -16.17 7.68 38.25
C PRO B 330 -16.26 7.60 39.78
N ASN B 331 -17.11 8.46 40.35
CA ASN B 331 -17.38 8.42 41.79
C ASN B 331 -17.74 7.03 42.25
N ILE B 332 -17.30 6.69 43.46
CA ILE B 332 -17.26 5.32 43.96
C ILE B 332 -18.55 4.94 44.69
N THR B 333 -19.55 5.81 44.63
CA THR B 333 -20.84 5.50 45.25
C THR B 333 -21.49 4.31 44.53
N ASN B 334 -22.58 3.84 45.11
CA ASN B 334 -23.30 2.67 44.61
C ASN B 334 -22.38 1.45 44.59
N LEU B 335 -21.88 1.06 45.75
CA LEU B 335 -21.08 -0.14 45.91
C LEU B 335 -21.97 -1.36 46.09
N CYS B 336 -21.50 -2.49 45.55
CA CYS B 336 -22.22 -3.74 45.76
C CYS B 336 -22.19 -4.14 47.24
N PRO B 337 -23.23 -4.81 47.72
CA PRO B 337 -23.28 -5.21 49.14
C PRO B 337 -22.46 -6.46 49.43
N PHE B 338 -21.14 -6.31 49.41
CA PHE B 338 -20.27 -7.40 49.82
C PHE B 338 -20.35 -7.66 51.32
N GLY B 339 -20.72 -6.63 52.09
CA GLY B 339 -20.86 -6.77 53.53
C GLY B 339 -22.04 -7.62 53.98
N GLU B 340 -23.02 -7.85 53.10
CA GLU B 340 -24.11 -8.77 53.41
C GLU B 340 -23.77 -10.21 53.07
N VAL B 341 -22.61 -10.44 52.46
CA VAL B 341 -22.16 -11.77 52.09
C VAL B 341 -21.03 -12.25 52.98
N PHE B 342 -20.01 -11.42 53.17
CA PHE B 342 -18.86 -11.78 53.99
C PHE B 342 -19.08 -11.48 55.46
N ASN B 343 -19.66 -10.33 55.79
CA ASN B 343 -20.00 -9.99 57.16
C ASN B 343 -21.35 -10.57 57.57
N ALA B 344 -21.81 -11.61 56.87
CA ALA B 344 -23.16 -12.13 57.05
C ALA B 344 -23.32 -12.78 58.42
N THR B 345 -24.55 -12.69 58.96
CA THR B 345 -24.82 -13.25 60.27
C THR B 345 -24.89 -14.77 60.23
N ARG B 346 -25.54 -15.33 59.21
CA ARG B 346 -25.72 -16.77 59.09
C ARG B 346 -25.30 -17.23 57.71
N PHE B 347 -24.83 -18.47 57.63
CA PHE B 347 -24.35 -19.05 56.39
C PHE B 347 -25.14 -20.30 56.05
N ALA B 348 -25.17 -20.64 54.76
CA ALA B 348 -25.91 -21.81 54.29
C ALA B 348 -25.03 -23.05 54.30
N SER B 349 -25.66 -24.20 54.11
CA SER B 349 -24.96 -25.48 54.05
C SER B 349 -24.33 -25.67 52.68
N VAL B 350 -23.43 -26.66 52.60
CA VAL B 350 -22.68 -26.90 51.37
C VAL B 350 -23.60 -27.42 50.27
N TYR B 351 -24.49 -28.37 50.60
CA TYR B 351 -25.34 -28.97 49.58
C TYR B 351 -26.28 -27.94 48.96
N ALA B 352 -26.87 -27.07 49.79
CA ALA B 352 -27.76 -26.01 49.32
C ALA B 352 -27.18 -24.69 49.81
N TRP B 353 -26.31 -24.10 48.98
CA TRP B 353 -25.65 -22.86 49.34
C TRP B 353 -26.45 -21.65 48.85
N ASN B 354 -26.16 -20.50 49.46
CA ASN B 354 -26.83 -19.26 49.10
C ASN B 354 -26.14 -18.63 47.90
N ARG B 355 -26.93 -18.20 46.93
CA ARG B 355 -26.43 -17.59 45.69
C ARG B 355 -27.06 -16.21 45.55
N LYS B 356 -26.30 -15.17 45.87
CA LYS B 356 -26.75 -13.79 45.73
C LYS B 356 -26.04 -13.17 44.52
N ARG B 357 -26.83 -12.62 43.60
CA ARG B 357 -26.29 -12.02 42.39
C ARG B 357 -25.90 -10.58 42.66
N ILE B 358 -24.72 -10.20 42.20
CA ILE B 358 -24.20 -8.85 42.35
C ILE B 358 -24.19 -8.18 40.99
N SER B 359 -24.83 -7.02 40.87
CA SER B 359 -24.90 -6.31 39.61
C SER B 359 -25.23 -4.85 39.89
N ASN B 360 -25.01 -4.03 38.86
CA ASN B 360 -25.37 -2.60 38.89
C ASN B 360 -24.69 -1.88 40.06
N CYS B 361 -23.36 -1.88 40.03
CA CYS B 361 -22.58 -1.24 41.08
C CYS B 361 -21.15 -1.04 40.58
N VAL B 362 -20.34 -0.43 41.43
CA VAL B 362 -18.89 -0.45 41.30
C VAL B 362 -18.39 -1.37 42.41
N ALA B 363 -18.01 -2.59 42.04
CA ALA B 363 -17.69 -3.63 43.02
C ALA B 363 -16.24 -3.48 43.45
N ASP B 364 -16.02 -3.02 44.67
CA ASP B 364 -14.69 -2.81 45.22
C ASP B 364 -14.20 -4.12 45.84
N TYR B 365 -13.26 -4.78 45.18
CA TYR B 365 -12.66 -6.00 45.69
C TYR B 365 -11.33 -5.76 46.39
N SER B 366 -10.88 -4.51 46.48
CA SER B 366 -9.62 -4.23 47.14
C SER B 366 -9.69 -4.50 48.63
N VAL B 367 -10.85 -4.28 49.25
CA VAL B 367 -11.02 -4.60 50.66
C VAL B 367 -10.90 -6.11 50.88
N LEU B 368 -11.50 -6.89 49.98
CA LEU B 368 -11.43 -8.35 50.12
C LEU B 368 -9.99 -8.85 49.97
N TYR B 369 -9.25 -8.31 49.01
CA TYR B 369 -7.88 -8.78 48.78
C TYR B 369 -6.96 -8.36 49.91
N ASN B 370 -7.04 -7.09 50.32
CA ASN B 370 -6.09 -6.55 51.28
C ASN B 370 -6.35 -7.04 52.70
N SER B 371 -7.61 -7.34 53.04
CA SER B 371 -7.94 -7.69 54.41
C SER B 371 -7.27 -9.01 54.82
N ALA B 372 -6.80 -9.06 56.06
CA ALA B 372 -6.17 -10.24 56.62
C ALA B 372 -7.15 -11.15 57.35
N SER B 373 -8.43 -10.77 57.41
CA SER B 373 -9.43 -11.60 58.09
C SER B 373 -9.66 -12.93 57.38
N PHE B 374 -9.29 -13.05 56.10
CA PHE B 374 -9.45 -14.27 55.34
C PHE B 374 -8.17 -15.09 55.39
N SER B 375 -8.32 -16.40 55.56
CA SER B 375 -7.17 -17.29 55.56
C SER B 375 -6.58 -17.46 54.17
N THR B 376 -7.43 -17.41 53.13
CA THR B 376 -6.96 -17.58 51.76
C THR B 376 -7.84 -16.75 50.83
N PHE B 377 -7.26 -16.37 49.70
CA PHE B 377 -7.98 -15.61 48.67
C PHE B 377 -7.37 -15.99 47.33
N LYS B 378 -8.03 -16.89 46.60
CA LYS B 378 -7.50 -17.44 45.37
C LYS B 378 -8.41 -17.08 44.19
N CYS B 379 -7.78 -16.62 43.10
CA CYS B 379 -8.49 -16.31 41.87
C CYS B 379 -7.88 -17.12 40.73
N TYR B 380 -8.73 -17.77 39.94
CA TYR B 380 -8.30 -18.63 38.87
C TYR B 380 -8.25 -17.94 37.52
N GLY B 381 -9.38 -17.43 37.04
CA GLY B 381 -9.46 -16.91 35.68
C GLY B 381 -8.90 -15.53 35.48
N VAL B 382 -8.84 -14.73 36.55
CA VAL B 382 -8.36 -13.36 36.46
C VAL B 382 -7.35 -13.12 37.57
N SER B 383 -6.53 -12.09 37.37
CA SER B 383 -5.58 -11.70 38.38
C SER B 383 -6.32 -11.12 39.58
N PRO B 384 -6.08 -11.61 40.79
CA PRO B 384 -6.75 -11.05 41.97
C PRO B 384 -6.47 -9.58 42.19
N THR B 385 -5.37 -9.06 41.63
CA THR B 385 -5.09 -7.64 41.65
C THR B 385 -5.75 -6.89 40.51
N LYS B 386 -6.35 -7.59 39.55
CA LYS B 386 -6.98 -6.97 38.39
C LYS B 386 -8.49 -6.88 38.51
N LEU B 387 -9.05 -7.27 39.66
CA LEU B 387 -10.49 -7.14 39.86
C LEU B 387 -10.91 -5.68 39.89
N ASN B 388 -10.07 -4.80 40.45
CA ASN B 388 -10.35 -3.38 40.53
C ASN B 388 -10.36 -2.70 39.16
N ASP B 389 -9.88 -3.37 38.12
CA ASP B 389 -9.95 -2.87 36.77
C ASP B 389 -10.90 -3.67 35.89
N LEU B 390 -11.05 -4.96 36.14
CA LEU B 390 -11.92 -5.81 35.33
C LEU B 390 -13.38 -5.58 35.68
N CYS B 391 -14.25 -5.86 34.72
CA CYS B 391 -15.69 -5.70 34.88
C CYS B 391 -16.38 -6.93 34.31
N PHE B 392 -17.43 -7.38 35.01
CA PHE B 392 -18.18 -8.57 34.64
C PHE B 392 -19.64 -8.24 34.42
N THR B 393 -20.25 -8.93 33.44
CA THR B 393 -21.66 -8.72 33.14
C THR B 393 -22.55 -9.09 34.31
N ASN B 394 -22.23 -10.20 34.98
CA ASN B 394 -22.98 -10.65 36.14
C ASN B 394 -22.04 -11.34 37.12
N VAL B 395 -22.27 -11.12 38.40
CA VAL B 395 -21.47 -11.71 39.46
C VAL B 395 -22.39 -12.48 40.39
N TYR B 396 -22.06 -13.74 40.64
CA TYR B 396 -22.83 -14.61 41.53
C TYR B 396 -21.95 -15.04 42.69
N ALA B 397 -22.46 -14.86 43.91
CA ALA B 397 -21.72 -15.17 45.12
C ALA B 397 -22.34 -16.41 45.77
N ASP B 398 -21.57 -17.50 45.81
CA ASP B 398 -22.02 -18.74 46.43
C ASP B 398 -21.34 -18.88 47.78
N SER B 399 -22.11 -18.64 48.84
CA SER B 399 -21.60 -18.70 50.21
C SER B 399 -22.09 -19.97 50.89
N PHE B 400 -21.16 -20.74 51.44
CA PHE B 400 -21.50 -21.96 52.15
C PHE B 400 -20.44 -22.21 53.21
N VAL B 401 -20.81 -23.02 54.21
CA VAL B 401 -19.94 -23.37 55.32
C VAL B 401 -19.53 -24.83 55.15
N ILE B 402 -18.22 -25.07 55.09
CA ILE B 402 -17.68 -26.41 54.89
C ILE B 402 -16.52 -26.62 55.86
N ARG B 403 -16.07 -27.87 55.93
CA ARG B 403 -14.94 -28.21 56.79
C ARG B 403 -13.65 -27.61 56.24
N GLY B 404 -12.69 -27.38 57.13
CA GLY B 404 -11.42 -26.79 56.74
C GLY B 404 -10.61 -27.65 55.80
N ASP B 405 -10.56 -28.95 56.05
CA ASP B 405 -9.78 -29.85 55.20
C ASP B 405 -10.32 -29.92 53.78
N GLU B 406 -11.61 -29.64 53.58
CA GLU B 406 -12.23 -29.69 52.26
C GLU B 406 -12.28 -28.32 51.59
N VAL B 407 -11.65 -27.31 52.18
CA VAL B 407 -11.64 -25.97 51.59
C VAL B 407 -10.91 -25.98 50.25
N ARG B 408 -9.85 -26.78 50.12
CA ARG B 408 -9.10 -26.85 48.88
C ARG B 408 -9.93 -27.36 47.71
N GLN B 409 -11.04 -28.05 47.97
CA GLN B 409 -11.88 -28.59 46.91
C GLN B 409 -12.70 -27.52 46.20
N ILE B 410 -12.73 -26.30 46.71
CA ILE B 410 -13.48 -25.21 46.06
C ILE B 410 -12.51 -24.59 45.05
N ALA B 411 -12.45 -25.21 43.88
CA ALA B 411 -11.53 -24.81 42.82
C ALA B 411 -11.92 -25.55 41.55
N PRO B 412 -11.66 -24.96 40.39
CA PRO B 412 -11.96 -25.66 39.13
C PRO B 412 -11.12 -26.91 38.98
N GLY B 413 -11.71 -27.92 38.34
CA GLY B 413 -11.00 -29.17 38.10
C GLY B 413 -10.66 -29.96 39.34
N GLN B 414 -11.55 -30.01 40.33
CA GLN B 414 -11.32 -30.74 41.56
C GLN B 414 -12.38 -31.81 41.74
N THR B 415 -12.06 -32.78 42.60
CA THR B 415 -12.98 -33.87 42.94
C THR B 415 -12.99 -34.05 44.46
N GLY B 416 -14.06 -34.66 44.95
CA GLY B 416 -14.23 -34.91 46.37
C GLY B 416 -15.68 -34.92 46.77
N LYS B 417 -15.90 -34.84 48.08
CA LYS B 417 -17.25 -34.87 48.62
C LYS B 417 -18.05 -33.65 48.18
N ILE B 418 -17.41 -32.48 48.14
CA ILE B 418 -18.09 -31.24 47.79
C ILE B 418 -18.05 -30.99 46.29
N ALA B 419 -16.93 -31.30 45.64
CA ALA B 419 -16.76 -30.96 44.23
C ALA B 419 -17.61 -31.83 43.32
N ASP B 420 -18.02 -33.01 43.79
CA ASP B 420 -18.77 -33.93 42.93
C ASP B 420 -20.23 -34.10 43.36
N TYR B 421 -20.52 -33.94 44.65
CA TYR B 421 -21.87 -34.16 45.16
C TYR B 421 -22.52 -32.94 45.77
N ASN B 422 -21.76 -31.94 46.20
CA ASN B 422 -22.32 -30.79 46.90
C ASN B 422 -22.20 -29.50 46.09
N TYR B 423 -20.99 -29.12 45.69
CA TYR B 423 -20.77 -27.84 44.98
C TYR B 423 -19.70 -28.08 43.92
N LYS B 424 -20.14 -28.26 42.68
CA LYS B 424 -19.25 -28.49 41.55
C LYS B 424 -18.90 -27.17 40.88
N LEU B 425 -17.65 -27.05 40.42
CA LEU B 425 -17.18 -25.88 39.70
C LEU B 425 -16.85 -26.22 38.26
N PRO B 426 -17.10 -25.31 37.32
CA PRO B 426 -16.74 -25.58 35.92
C PRO B 426 -15.23 -25.70 35.76
N ASP B 427 -14.84 -26.53 34.77
CA ASP B 427 -13.42 -26.72 34.48
C ASP B 427 -12.74 -25.42 34.06
N ASP B 428 -13.45 -24.55 33.35
CA ASP B 428 -12.96 -23.23 32.98
C ASP B 428 -13.60 -22.13 33.81
N PHE B 429 -13.82 -22.39 35.10
CA PHE B 429 -14.50 -21.43 35.96
C PHE B 429 -13.70 -20.14 36.06
N THR B 430 -14.39 -19.01 35.89
CA THR B 430 -13.81 -17.68 36.06
C THR B 430 -14.40 -17.07 37.31
N GLY B 431 -13.55 -16.81 38.30
CA GLY B 431 -14.01 -16.25 39.56
C GLY B 431 -12.97 -16.46 40.64
N CYS B 432 -13.31 -15.95 41.82
CA CYS B 432 -12.41 -15.97 42.96
C CYS B 432 -13.06 -16.70 44.12
N VAL B 433 -12.26 -17.47 44.85
CA VAL B 433 -12.71 -18.18 46.04
C VAL B 433 -12.04 -17.53 47.24
N ILE B 434 -12.86 -17.00 48.16
CA ILE B 434 -12.39 -16.38 49.38
C ILE B 434 -12.98 -17.14 50.56
N ALA B 435 -12.12 -17.53 51.50
CA ALA B 435 -12.55 -18.35 52.61
C ALA B 435 -11.93 -17.82 53.90
N TRP B 436 -12.58 -18.14 55.02
CA TRP B 436 -12.08 -17.75 56.34
C TRP B 436 -12.67 -18.70 57.38
N ASN B 437 -11.98 -18.80 58.50
CA ASN B 437 -12.42 -19.65 59.60
C ASN B 437 -13.56 -18.99 60.38
N SER B 438 -14.46 -19.83 60.89
CA SER B 438 -15.59 -19.38 61.70
C SER B 438 -15.74 -20.26 62.92
N ASN B 439 -14.61 -20.67 63.52
CA ASN B 439 -14.67 -21.54 64.70
C ASN B 439 -15.24 -20.82 65.90
N ASN B 440 -15.19 -19.49 65.93
CA ASN B 440 -15.75 -18.70 67.01
C ASN B 440 -17.17 -18.24 66.73
N LEU B 441 -17.71 -18.56 65.55
CA LEU B 441 -19.05 -18.14 65.18
C LEU B 441 -19.97 -19.32 64.91
N ASP B 442 -19.53 -20.29 64.12
CA ASP B 442 -20.39 -21.42 63.74
C ASP B 442 -20.28 -22.61 64.68
N SER B 443 -19.09 -22.86 65.24
CA SER B 443 -18.91 -24.03 66.09
C SER B 443 -19.63 -23.86 67.42
N LYS B 444 -20.19 -24.96 67.91
CA LYS B 444 -20.85 -25.00 69.21
C LYS B 444 -20.23 -26.12 70.04
N VAL B 445 -20.24 -25.92 71.37
CA VAL B 445 -19.57 -26.88 72.26
C VAL B 445 -20.18 -28.27 72.11
N GLY B 446 -21.51 -28.35 72.05
CA GLY B 446 -22.19 -29.60 71.82
C GLY B 446 -22.26 -30.04 70.38
N GLY B 447 -21.73 -29.24 69.45
CA GLY B 447 -21.73 -29.60 68.05
C GLY B 447 -22.72 -28.82 67.21
N ASN B 448 -22.24 -28.25 66.10
CA ASN B 448 -23.09 -27.52 65.18
C ASN B 448 -23.40 -28.40 63.97
N TYR B 449 -24.51 -29.16 64.06
CA TYR B 449 -24.87 -30.11 63.02
C TYR B 449 -25.87 -29.52 62.02
N ASN B 450 -25.95 -28.20 61.94
CA ASN B 450 -26.88 -27.54 61.03
C ASN B 450 -26.38 -27.50 59.59
N TYR B 451 -25.14 -27.91 59.33
CA TYR B 451 -24.57 -27.90 58.00
C TYR B 451 -24.52 -29.34 57.48
N LEU B 452 -25.09 -29.56 56.30
CA LEU B 452 -25.21 -30.89 55.71
C LEU B 452 -24.54 -30.94 54.35
N TYR B 453 -24.06 -32.12 53.99
CA TYR B 453 -23.47 -32.37 52.67
C TYR B 453 -23.65 -33.84 52.31
N ARG B 454 -23.53 -34.13 51.02
CA ARG B 454 -23.69 -35.50 50.53
C ARG B 454 -22.35 -36.11 50.18
N LYS B 462 -22.96 -31.67 38.04
CA LYS B 462 -22.92 -30.49 37.20
C LYS B 462 -22.46 -29.26 37.98
N PRO B 463 -21.70 -28.38 37.34
CA PRO B 463 -21.24 -27.16 38.02
C PRO B 463 -22.41 -26.33 38.53
N PHE B 464 -22.28 -25.83 39.76
CA PHE B 464 -23.27 -24.99 40.41
C PHE B 464 -24.64 -25.65 40.48
N GLU B 465 -24.69 -26.98 40.44
CA GLU B 465 -25.97 -27.70 40.53
C GLU B 465 -26.24 -28.06 41.98
N ARG B 466 -27.19 -27.37 42.59
CA ARG B 466 -27.54 -27.62 43.99
C ARG B 466 -28.74 -28.54 44.09
N PRO B 491 -29.10 -39.77 52.87
CA PRO B 491 -28.19 -39.42 51.78
C PRO B 491 -27.23 -38.30 52.15
N LEU B 492 -27.65 -37.45 53.09
CA LEU B 492 -26.85 -36.33 53.56
C LEU B 492 -26.49 -36.53 55.02
N GLN B 493 -25.29 -36.10 55.39
CA GLN B 493 -24.79 -36.18 56.75
C GLN B 493 -24.34 -34.80 57.22
N SER B 494 -24.49 -34.56 58.51
CA SER B 494 -24.16 -33.27 59.10
C SER B 494 -22.71 -33.25 59.56
N TYR B 495 -22.18 -32.03 59.71
CA TYR B 495 -20.80 -31.84 60.14
C TYR B 495 -20.75 -31.56 61.64
N GLY B 496 -19.85 -32.26 62.33
CA GLY B 496 -19.71 -32.09 63.77
C GLY B 496 -18.76 -30.97 64.14
N PHE B 497 -19.19 -29.73 63.93
CA PHE B 497 -18.34 -28.57 64.22
C PHE B 497 -18.32 -28.31 65.72
N GLN B 498 -17.13 -28.33 66.32
CA GLN B 498 -16.94 -27.99 67.72
C GLN B 498 -15.76 -27.04 67.85
N PRO B 499 -15.80 -26.12 68.81
CA PRO B 499 -14.70 -25.15 68.95
C PRO B 499 -13.40 -25.78 69.43
N THR B 500 -13.44 -26.96 70.04
CA THR B 500 -12.26 -27.61 70.56
C THR B 500 -11.57 -28.50 69.54
N ASN B 501 -12.09 -28.56 68.31
CA ASN B 501 -11.51 -29.42 67.30
C ASN B 501 -10.25 -28.78 66.71
N GLY B 502 -9.67 -29.45 65.71
CA GLY B 502 -8.45 -28.98 65.09
C GLY B 502 -8.70 -27.95 64.01
N VAL B 503 -7.61 -27.59 63.31
CA VAL B 503 -7.70 -26.59 62.26
C VAL B 503 -8.56 -27.08 61.10
N GLY B 504 -8.32 -28.32 60.65
CA GLY B 504 -9.06 -28.86 59.52
C GLY B 504 -10.50 -29.18 59.81
N TYR B 505 -10.85 -29.42 61.07
CA TYR B 505 -12.22 -29.73 61.46
C TYR B 505 -13.04 -28.49 61.80
N GLN B 506 -12.41 -27.31 61.82
CA GLN B 506 -13.14 -26.09 62.11
C GLN B 506 -14.01 -25.70 60.92
N PRO B 507 -15.20 -25.15 61.18
CA PRO B 507 -16.04 -24.67 60.09
C PRO B 507 -15.43 -23.43 59.44
N TYR B 508 -15.57 -23.34 58.12
CA TYR B 508 -15.00 -22.25 57.35
C TYR B 508 -16.07 -21.62 56.47
N ARG B 509 -16.14 -20.29 56.49
CA ARG B 509 -17.07 -19.55 55.65
C ARG B 509 -16.39 -19.25 54.32
N VAL B 510 -16.92 -19.82 53.24
CA VAL B 510 -16.33 -19.72 51.91
C VAL B 510 -17.31 -19.00 51.00
N VAL B 511 -16.81 -17.99 50.30
CA VAL B 511 -17.58 -17.24 49.31
C VAL B 511 -16.85 -17.32 47.99
N VAL B 512 -17.55 -17.75 46.95
CA VAL B 512 -17.00 -17.87 45.60
C VAL B 512 -17.72 -16.86 44.71
N LEU B 513 -16.96 -15.93 44.14
CA LEU B 513 -17.51 -14.87 43.31
C LEU B 513 -17.34 -15.27 41.85
N SER B 514 -18.36 -15.93 41.29
CA SER B 514 -18.33 -16.36 39.91
C SER B 514 -18.64 -15.18 38.99
N PHE B 515 -17.77 -14.98 38.00
CA PHE B 515 -17.94 -13.87 37.07
C PHE B 515 -18.47 -14.34 35.73
N ALA B 522 -22.06 -4.88 30.59
CA ALA B 522 -21.68 -5.36 31.91
C ALA B 522 -22.20 -4.44 33.00
N THR B 523 -22.55 -5.02 34.16
CA THR B 523 -23.15 -4.25 35.25
C THR B 523 -22.35 -4.26 36.53
N VAL B 524 -21.34 -5.12 36.66
CA VAL B 524 -20.54 -5.22 37.88
C VAL B 524 -19.10 -4.90 37.50
N CYS B 525 -18.71 -3.64 37.63
CA CYS B 525 -17.37 -3.18 37.30
C CYS B 525 -16.57 -2.90 38.57
N GLY B 526 -15.27 -2.78 38.40
CA GLY B 526 -14.36 -2.51 39.51
C GLY B 526 -14.38 -1.07 39.95
N PRO B 527 -13.72 -0.78 41.07
CA PRO B 527 -13.71 0.57 41.62
C PRO B 527 -12.91 1.54 40.78
N LYS B 528 -12.75 2.75 41.33
CA LYS B 528 -12.22 3.90 40.60
C LYS B 528 -10.99 4.46 41.29
N LYS B 529 -9.82 4.07 40.83
CA LYS B 529 -8.57 4.66 41.29
C LYS B 529 -8.31 5.95 40.52
N SER B 530 -8.64 7.08 41.13
CA SER B 530 -8.53 8.37 40.46
C SER B 530 -7.49 9.25 41.13
N THR B 531 -7.01 10.23 40.39
CA THR B 531 -6.02 11.19 40.85
C THR B 531 -6.60 12.59 40.85
N ASN B 532 -5.78 13.54 41.29
CA ASN B 532 -6.19 14.93 41.33
C ASN B 532 -6.25 15.52 39.93
N LEU B 533 -7.00 16.61 39.80
CA LEU B 533 -7.15 17.31 38.54
C LEU B 533 -6.24 18.53 38.52
N VAL B 534 -5.39 18.63 37.51
CA VAL B 534 -4.45 19.73 37.38
C VAL B 534 -4.77 20.49 36.11
N LYS B 535 -4.91 21.80 36.22
CA LYS B 535 -5.35 22.64 35.12
C LYS B 535 -4.19 23.43 34.54
N ASN B 536 -4.41 23.95 33.33
CA ASN B 536 -3.49 24.88 32.67
C ASN B 536 -2.12 24.27 32.45
N LYS B 537 -2.05 22.96 32.27
CA LYS B 537 -0.80 22.27 32.01
C LYS B 537 -1.02 21.20 30.95
N CYS B 538 -0.03 21.01 30.09
CA CYS B 538 -0.07 19.91 29.14
C CYS B 538 0.08 18.60 29.89
N VAL B 539 -1.02 17.87 30.04
CA VAL B 539 -1.04 16.67 30.87
C VAL B 539 -1.57 15.51 30.05
N ASN B 540 -1.34 14.31 30.57
CA ASN B 540 -1.82 13.08 29.96
C ASN B 540 -3.08 12.65 30.69
N PHE B 541 -4.23 13.02 30.16
CA PHE B 541 -5.50 12.82 30.86
C PHE B 541 -6.18 11.55 30.37
N ASN B 542 -6.92 10.93 31.27
CA ASN B 542 -7.75 9.77 30.96
C ASN B 542 -9.06 9.96 31.73
N PHE B 543 -10.06 10.52 31.09
CA PHE B 543 -11.41 10.59 31.65
C PHE B 543 -12.12 9.32 31.27
N ASN B 544 -13.40 9.20 31.66
CA ASN B 544 -14.11 7.93 31.79
C ASN B 544 -13.76 6.93 30.71
N GLY B 545 -13.97 7.28 29.45
CA GLY B 545 -13.78 6.37 28.36
C GLY B 545 -12.76 6.77 27.31
N LEU B 546 -12.24 7.98 27.36
CA LEU B 546 -11.30 8.44 26.36
C LEU B 546 -9.98 8.80 27.02
N THR B 547 -8.98 9.08 26.18
CA THR B 547 -7.70 9.58 26.63
C THR B 547 -7.19 10.60 25.63
N GLY B 548 -6.14 11.31 26.03
CA GLY B 548 -5.54 12.30 25.17
C GLY B 548 -4.58 13.17 25.95
N THR B 549 -3.96 14.10 25.23
CA THR B 549 -3.01 15.02 25.81
C THR B 549 -3.41 16.45 25.44
N GLY B 550 -3.47 17.31 26.44
CA GLY B 550 -3.89 18.68 26.19
C GLY B 550 -3.84 19.49 27.47
N VAL B 551 -4.38 20.70 27.37
CA VAL B 551 -4.42 21.65 28.48
C VAL B 551 -5.86 21.78 28.94
N LEU B 552 -6.11 21.37 30.18
CA LEU B 552 -7.45 21.38 30.75
C LEU B 552 -7.70 22.72 31.43
N THR B 553 -8.68 23.46 30.93
CA THR B 553 -8.99 24.78 31.45
C THR B 553 -10.46 24.86 31.83
N GLU B 554 -10.76 25.77 32.73
CA GLU B 554 -12.16 26.05 33.06
C GLU B 554 -12.86 26.60 31.83
N SER B 555 -14.04 26.06 31.53
CA SER B 555 -14.77 26.43 30.33
C SER B 555 -15.88 27.43 30.65
N ASN B 556 -16.54 27.88 29.59
CA ASN B 556 -17.72 28.72 29.68
C ASN B 556 -18.90 28.08 28.97
N LYS B 557 -18.84 26.76 28.76
CA LYS B 557 -19.88 26.05 28.04
C LYS B 557 -20.90 25.46 29.01
N LYS B 558 -22.12 25.29 28.51
CA LYS B 558 -23.25 24.81 29.30
C LYS B 558 -23.67 23.44 28.77
N PHE B 559 -23.14 22.38 29.36
CA PHE B 559 -23.54 21.04 28.95
C PHE B 559 -24.89 20.68 29.53
N LEU B 560 -25.58 19.76 28.84
CA LEU B 560 -26.83 19.24 29.33
C LEU B 560 -26.57 18.24 30.45
N PRO B 561 -27.52 18.09 31.37
CA PRO B 561 -27.26 17.26 32.56
C PRO B 561 -26.95 15.80 32.24
N PHE B 562 -27.34 15.33 31.06
CA PHE B 562 -27.10 13.96 30.66
C PHE B 562 -25.89 13.81 29.76
N GLN B 563 -25.55 14.82 28.97
CA GLN B 563 -24.40 14.75 28.07
C GLN B 563 -23.13 14.61 28.89
N GLN B 564 -22.12 13.97 28.31
CA GLN B 564 -20.84 13.79 28.97
C GLN B 564 -19.68 14.45 28.22
N PHE B 565 -19.62 14.30 26.90
CA PHE B 565 -18.47 14.72 26.13
C PHE B 565 -18.92 15.73 25.10
N GLY B 566 -18.03 16.65 24.76
CA GLY B 566 -18.26 17.60 23.70
C GLY B 566 -17.56 17.15 22.43
N ARG B 567 -17.73 17.91 21.37
CA ARG B 567 -17.02 17.64 20.13
C ARG B 567 -16.92 18.92 19.32
N ASP B 568 -15.83 19.06 18.56
CA ASP B 568 -15.74 20.13 17.59
C ASP B 568 -16.48 19.75 16.32
N ILE B 569 -16.39 20.63 15.33
CA ILE B 569 -17.11 20.41 14.07
C ILE B 569 -16.63 19.16 13.38
N ALA B 570 -15.32 18.96 13.32
CA ALA B 570 -14.73 17.83 12.59
C ALA B 570 -14.41 16.67 13.54
N ASP B 571 -15.41 16.28 14.33
CA ASP B 571 -15.34 15.06 15.13
C ASP B 571 -14.09 15.05 16.01
N THR B 572 -13.92 16.10 16.81
CA THR B 572 -12.74 16.25 17.67
C THR B 572 -13.19 16.56 19.09
N THR B 573 -12.62 15.85 20.06
CA THR B 573 -12.94 16.11 21.46
C THR B 573 -12.56 17.53 21.84
N ASP B 574 -13.49 18.26 22.43
CA ASP B 574 -13.26 19.65 22.80
C ASP B 574 -13.51 19.94 24.27
N ALA B 575 -14.44 19.23 24.90
CA ALA B 575 -14.74 19.48 26.30
C ALA B 575 -15.14 18.18 26.96
N VAL B 576 -14.88 18.09 28.26
CA VAL B 576 -15.19 16.90 29.03
C VAL B 576 -15.77 17.33 30.37
N ARG B 577 -16.80 16.62 30.80
CA ARG B 577 -17.33 16.77 32.14
C ARG B 577 -16.55 15.85 33.07
N ASP B 578 -15.99 16.42 34.12
CA ASP B 578 -15.28 15.60 35.09
C ASP B 578 -16.25 14.64 35.76
N PRO B 579 -15.92 13.35 35.85
CA PRO B 579 -16.85 12.41 36.48
C PRO B 579 -17.09 12.69 37.96
N GLN B 580 -16.21 13.43 38.61
CA GLN B 580 -16.34 13.69 40.04
C GLN B 580 -16.91 15.06 40.34
N THR B 581 -16.36 16.13 39.78
CA THR B 581 -16.98 17.44 39.87
C THR B 581 -17.70 17.73 38.57
N LEU B 582 -18.93 18.22 38.66
CA LEU B 582 -19.73 18.51 37.48
C LEU B 582 -19.27 19.84 36.89
N GLU B 583 -18.03 19.82 36.39
CA GLU B 583 -17.41 20.97 35.78
C GLU B 583 -17.12 20.66 34.32
N ILE B 584 -17.19 21.68 33.48
CA ILE B 584 -16.95 21.55 32.06
C ILE B 584 -15.56 22.10 31.77
N LEU B 585 -14.69 21.24 31.24
CA LEU B 585 -13.30 21.59 31.00
C LEU B 585 -13.02 21.57 29.50
N ASP B 586 -12.44 22.65 29.00
CA ASP B 586 -12.02 22.72 27.62
C ASP B 586 -10.64 22.08 27.46
N ILE B 587 -10.46 21.33 26.39
CA ILE B 587 -9.21 20.64 26.10
C ILE B 587 -8.53 21.36 24.95
N THR B 588 -7.43 22.06 25.24
CA THR B 588 -6.62 22.68 24.21
C THR B 588 -5.36 21.84 24.02
N PRO B 589 -5.06 21.40 22.80
CA PRO B 589 -3.84 20.60 22.60
C PRO B 589 -2.61 21.44 22.96
N CYS B 590 -1.71 20.84 23.73
CA CYS B 590 -0.60 21.61 24.27
C CYS B 590 0.43 21.89 23.19
N SER B 591 1.26 22.91 23.44
CA SER B 591 2.03 23.58 22.41
C SER B 591 2.90 22.61 21.61
N PHE B 592 2.96 22.83 20.31
CA PHE B 592 3.91 22.16 19.44
C PHE B 592 3.98 22.92 18.12
N GLY B 593 5.01 22.63 17.34
CA GLY B 593 5.21 23.32 16.08
C GLY B 593 6.50 22.88 15.44
N GLY B 594 6.76 23.47 14.28
CA GLY B 594 7.98 23.17 13.57
C GLY B 594 9.17 23.96 14.09
N VAL B 595 10.36 23.41 13.89
CA VAL B 595 11.61 24.06 14.22
C VAL B 595 12.40 24.26 12.95
N SER B 596 12.65 25.51 12.59
CA SER B 596 13.38 25.85 11.38
C SER B 596 14.67 26.59 11.75
N VAL B 597 15.77 26.19 11.13
CA VAL B 597 17.08 26.73 11.42
C VAL B 597 17.39 27.80 10.40
N ILE B 598 17.51 29.04 10.85
CA ILE B 598 17.89 30.15 9.98
C ILE B 598 19.39 30.32 10.10
N THR B 599 20.11 29.94 9.05
CA THR B 599 21.56 30.05 9.03
C THR B 599 22.04 30.71 7.76
N PRO B 600 23.08 31.54 7.85
CA PRO B 600 23.82 31.89 6.64
C PRO B 600 24.60 30.69 6.17
N GLY B 601 25.11 30.77 4.94
CA GLY B 601 25.88 29.67 4.40
C GLY B 601 27.10 29.35 5.25
N THR B 602 27.38 28.06 5.39
CA THR B 602 28.55 27.65 6.16
C THR B 602 29.84 28.19 5.57
N ASN B 603 29.85 28.55 4.29
CA ASN B 603 30.99 29.23 3.71
C ASN B 603 31.17 30.63 4.28
N THR B 604 30.14 31.18 4.90
CA THR B 604 30.20 32.50 5.52
C THR B 604 30.34 32.44 7.03
N SER B 605 29.49 31.69 7.71
CA SER B 605 29.53 31.63 9.17
C SER B 605 29.05 30.26 9.61
N ASN B 606 29.07 30.05 10.93
CA ASN B 606 28.45 28.90 11.56
C ASN B 606 27.49 29.28 12.66
N GLU B 607 27.29 30.58 12.88
CA GLU B 607 26.35 31.05 13.88
C GLU B 607 24.94 31.05 13.28
N VAL B 608 23.98 30.52 14.03
CA VAL B 608 22.65 30.27 13.51
C VAL B 608 21.62 31.03 14.31
N ALA B 609 20.37 30.91 13.87
CA ALA B 609 19.21 31.37 14.61
C ALA B 609 18.04 30.45 14.33
N VAL B 610 17.26 30.15 15.37
CA VAL B 610 16.27 29.07 15.32
C VAL B 610 14.88 29.69 15.44
N LEU B 611 13.94 29.17 14.64
CA LEU B 611 12.57 29.65 14.62
C LEU B 611 11.63 28.55 15.12
N TYR B 612 11.07 28.75 16.31
CA TYR B 612 10.09 27.82 16.87
C TYR B 612 8.70 28.21 16.37
N GLN B 613 8.20 27.50 15.37
CA GLN B 613 6.96 27.89 14.73
C GLN B 613 5.79 27.87 15.70
N ASP B 614 4.96 28.92 15.63
CA ASP B 614 3.60 28.89 16.19
C ASP B 614 3.59 28.60 17.69
N VAL B 615 4.58 29.11 18.41
CA VAL B 615 4.57 29.02 19.87
C VAL B 615 4.92 30.39 20.41
N ASN B 616 4.62 30.59 21.69
CA ASN B 616 5.11 31.78 22.36
C ASN B 616 6.39 31.42 23.12
N CYS B 617 7.18 32.45 23.42
CA CYS B 617 8.53 32.33 23.94
C CYS B 617 8.57 31.91 25.40
N THR B 618 7.46 31.44 25.94
CA THR B 618 7.42 30.96 27.32
C THR B 618 7.66 29.48 27.44
N GLU B 619 7.02 28.67 26.60
CA GLU B 619 7.09 27.22 26.76
C GLU B 619 8.43 26.66 26.26
N VAL B 620 9.19 27.47 25.53
CA VAL B 620 10.48 27.02 25.04
C VAL B 620 11.56 27.31 26.07
N ASN B 641 18.13 37.61 24.41
CA ASN B 641 18.23 37.73 22.96
C ASN B 641 17.16 36.90 22.27
N VAL B 642 15.90 37.30 22.44
CA VAL B 642 14.76 36.59 21.88
C VAL B 642 13.83 37.59 21.22
N PHE B 643 13.36 37.26 20.02
CA PHE B 643 12.36 38.04 19.31
C PHE B 643 11.12 37.19 19.14
N GLN B 644 9.97 37.74 19.52
CA GLN B 644 8.69 37.08 19.29
C GLN B 644 8.02 37.65 18.06
N THR B 645 7.59 36.78 17.15
CA THR B 645 6.90 37.18 15.93
C THR B 645 5.62 36.37 15.78
N ARG B 646 4.79 36.77 14.82
CA ARG B 646 3.52 36.10 14.62
C ARG B 646 3.70 34.65 14.21
N ALA B 647 4.78 34.32 13.52
CA ALA B 647 5.01 32.95 13.09
C ALA B 647 5.49 32.06 14.22
N GLY B 648 6.14 32.62 15.22
CA GLY B 648 6.62 31.84 16.34
C GLY B 648 7.66 32.61 17.12
N CYS B 649 8.42 31.86 17.92
CA CYS B 649 9.44 32.42 18.80
C CYS B 649 10.80 32.22 18.18
N LEU B 650 11.40 33.31 17.69
CA LEU B 650 12.68 33.29 17.00
C LEU B 650 13.78 33.62 17.99
N ILE B 651 14.67 32.66 18.25
CA ILE B 651 15.78 32.85 19.18
C ILE B 651 17.07 32.85 18.38
N GLY B 652 18.03 33.64 18.84
CA GLY B 652 19.30 33.78 18.15
C GLY B 652 19.39 34.99 17.26
N ALA B 653 18.30 35.75 17.12
CA ALA B 653 18.30 36.91 16.25
C ALA B 653 17.95 38.17 17.02
N GLU B 654 18.76 39.21 16.83
CA GLU B 654 18.44 40.53 17.32
C GLU B 654 17.34 41.15 16.46
N HIS B 655 16.30 41.63 17.10
CA HIS B 655 15.25 42.37 16.40
C HIS B 655 15.79 43.74 16.04
N VAL B 656 15.48 44.22 14.84
CA VAL B 656 16.08 45.42 14.29
C VAL B 656 14.99 46.33 13.75
N ASN B 657 15.13 47.63 14.01
CA ASN B 657 14.18 48.61 13.48
C ASN B 657 14.37 48.83 11.98
N ASN B 658 15.61 48.96 11.53
CA ASN B 658 15.89 49.29 10.13
C ASN B 658 15.36 48.20 9.22
N SER B 659 14.80 48.61 8.09
CA SER B 659 14.29 47.66 7.11
C SER B 659 15.27 47.50 5.95
N TYR B 660 15.48 46.26 5.55
CA TYR B 660 16.36 45.93 4.43
C TYR B 660 15.65 44.90 3.56
N GLU B 661 16.27 44.57 2.43
CA GLU B 661 15.67 43.59 1.54
C GLU B 661 15.63 42.25 2.24
N CYS B 662 14.70 41.39 1.81
CA CYS B 662 14.59 40.08 2.42
C CYS B 662 15.70 39.18 1.88
N ASP B 663 16.44 38.54 2.78
CA ASP B 663 17.46 37.59 2.39
C ASP B 663 16.93 36.18 2.62
N ILE B 664 16.46 35.91 3.83
CA ILE B 664 15.80 34.66 4.15
C ILE B 664 14.39 35.00 4.62
N PRO B 665 13.36 34.30 4.17
CA PRO B 665 12.01 34.57 4.68
C PRO B 665 11.70 33.75 5.92
N ILE B 666 11.03 34.36 6.87
CA ILE B 666 10.69 33.74 8.15
C ILE B 666 9.20 33.47 8.26
N GLY B 667 8.40 34.47 7.97
CA GLY B 667 6.96 34.38 8.12
C GLY B 667 6.43 35.69 8.69
N ALA B 668 5.20 36.00 8.35
CA ALA B 668 4.54 37.22 8.82
C ALA B 668 5.38 38.46 8.52
N GLY B 669 6.04 38.47 7.37
CA GLY B 669 6.75 39.64 6.91
C GLY B 669 8.11 39.86 7.55
N ILE B 670 8.55 38.98 8.42
CA ILE B 670 9.85 39.11 9.07
C ILE B 670 10.87 38.32 8.27
N CYS B 671 12.03 38.93 8.01
CA CYS B 671 13.10 38.27 7.29
C CYS B 671 14.40 38.40 8.07
N ALA B 672 15.24 37.38 7.94
CA ALA B 672 16.51 37.32 8.64
C ALA B 672 17.66 37.40 7.65
N SER B 673 18.77 37.93 8.12
CA SER B 673 19.97 38.07 7.28
C SER B 673 21.16 38.27 8.20
N TYR B 674 22.36 38.15 7.62
CA TYR B 674 23.62 38.16 8.35
C TYR B 674 24.38 39.43 7.99
N GLN B 675 24.51 40.35 8.95
CA GLN B 675 25.11 41.65 8.68
C GLN B 675 25.96 42.09 9.86
N THR B 676 26.78 43.11 9.61
CA THR B 676 27.66 43.68 10.63
C THR B 676 26.87 44.49 11.65
N SER B 689 31.83 41.42 14.76
CA SER B 689 31.11 42.61 14.35
C SER B 689 29.81 42.24 13.64
N GLN B 690 29.75 41.01 13.13
CA GLN B 690 28.57 40.54 12.42
C GLN B 690 27.75 39.60 13.30
N SER B 691 26.45 39.56 13.03
CA SER B 691 25.53 38.70 13.77
C SER B 691 24.28 38.53 12.92
N ILE B 692 23.32 37.77 13.46
CA ILE B 692 22.08 37.49 12.75
C ILE B 692 20.99 38.44 13.22
N ILE B 693 20.41 39.17 12.27
CA ILE B 693 19.34 40.10 12.56
C ILE B 693 18.06 39.58 11.93
N ALA B 694 16.93 39.99 12.51
CA ALA B 694 15.62 39.76 11.94
C ALA B 694 14.89 41.10 11.93
N TYR B 695 14.09 41.33 10.89
CA TYR B 695 13.51 42.65 10.75
C TYR B 695 12.23 42.56 9.95
N THR B 696 11.41 43.60 10.06
CA THR B 696 10.31 43.78 9.14
C THR B 696 10.86 44.00 7.75
N MET B 697 10.62 43.04 6.85
CA MET B 697 11.24 43.11 5.54
C MET B 697 10.82 44.38 4.84
N SER B 698 11.80 45.08 4.28
CA SER B 698 11.49 46.31 3.58
C SER B 698 10.85 45.94 2.26
N LEU B 699 9.74 46.60 1.96
CA LEU B 699 9.13 46.44 0.67
C LEU B 699 9.89 47.24 -0.38
N GLY B 700 11.06 47.74 -0.01
CA GLY B 700 11.89 48.55 -0.90
C GLY B 700 11.91 49.99 -0.44
N ALA B 701 12.83 50.74 -1.04
CA ALA B 701 12.84 52.18 -0.83
C ALA B 701 11.53 52.76 -1.31
N GLU B 702 10.71 53.22 -0.36
CA GLU B 702 9.44 53.81 -0.72
C GLU B 702 9.66 54.98 -1.66
N ASN B 703 8.64 55.31 -2.42
CA ASN B 703 8.76 56.42 -3.35
C ASN B 703 7.47 57.22 -3.31
N SER B 704 7.37 58.18 -4.20
CA SER B 704 6.18 58.97 -4.40
C SER B 704 6.40 59.75 -5.67
N VAL B 705 5.32 60.12 -6.33
CA VAL B 705 5.40 60.66 -7.67
C VAL B 705 4.79 62.05 -7.69
N ALA B 706 5.51 63.02 -8.22
CA ALA B 706 5.08 64.40 -8.22
C ALA B 706 3.91 64.57 -9.20
N TYR B 707 2.77 64.02 -8.81
CA TYR B 707 1.57 64.14 -9.62
C TYR B 707 1.12 65.59 -9.71
N SER B 708 0.60 65.97 -10.87
CA SER B 708 0.13 67.32 -11.08
C SER B 708 -0.83 67.34 -12.25
N ASN B 709 -1.67 68.37 -12.28
CA ASN B 709 -2.40 68.68 -13.50
C ASN B 709 -1.47 69.00 -14.66
N ASN B 710 -0.27 69.49 -14.39
CA ASN B 710 0.44 70.27 -15.39
C ASN B 710 1.93 69.97 -15.46
N SER B 711 2.32 68.70 -15.47
CA SER B 711 3.71 68.40 -15.78
C SER B 711 3.89 66.95 -16.23
N ILE B 712 4.93 66.72 -17.02
CA ILE B 712 5.30 65.40 -17.52
C ILE B 712 6.77 65.16 -17.18
N ALA B 713 7.15 63.89 -17.04
CA ALA B 713 8.54 63.50 -16.86
C ALA B 713 8.99 62.64 -18.02
N ILE B 714 9.68 63.24 -18.99
CA ILE B 714 10.04 62.54 -20.22
C ILE B 714 11.55 62.30 -20.23
N PRO B 715 12.00 61.05 -20.31
CA PRO B 715 13.42 60.77 -20.21
C PRO B 715 14.20 61.35 -21.39
N THR B 716 15.44 61.74 -21.10
CA THR B 716 16.35 62.31 -22.09
C THR B 716 17.41 61.33 -22.54
N ASN B 717 17.61 60.24 -21.83
CA ASN B 717 18.60 59.23 -22.17
C ASN B 717 18.11 57.89 -21.65
N PHE B 718 18.60 56.82 -22.25
CA PHE B 718 18.05 55.50 -21.98
C PHE B 718 19.18 54.56 -21.62
N THR B 719 18.84 53.27 -21.59
CA THR B 719 19.82 52.22 -21.62
C THR B 719 19.35 51.15 -22.60
N ILE B 720 20.31 50.42 -23.16
CA ILE B 720 20.07 49.10 -23.73
C ILE B 720 20.62 48.09 -22.73
N SER B 721 19.73 47.37 -22.08
CA SER B 721 20.15 46.39 -21.10
C SER B 721 19.97 45.00 -21.68
N VAL B 722 20.52 44.03 -20.97
CA VAL B 722 20.30 42.62 -21.25
C VAL B 722 20.15 41.90 -19.93
N THR B 723 19.08 41.14 -19.80
CA THR B 723 18.84 40.31 -18.63
C THR B 723 18.71 38.88 -19.10
N THR B 724 18.77 37.93 -18.17
CA THR B 724 18.65 36.53 -18.52
C THR B 724 17.40 35.97 -17.88
N GLU B 725 16.56 35.35 -18.69
CA GLU B 725 15.36 34.65 -18.25
C GLU B 725 15.56 33.19 -18.61
N ILE B 726 15.38 32.31 -17.64
CA ILE B 726 15.83 30.94 -17.77
C ILE B 726 14.64 30.04 -17.48
N LEU B 727 14.40 29.07 -18.37
CA LEU B 727 13.26 28.19 -18.26
C LEU B 727 13.69 26.75 -18.50
N PRO B 728 13.20 25.81 -17.71
CA PRO B 728 13.38 24.41 -18.08
C PRO B 728 12.57 24.12 -19.33
N VAL B 729 13.03 23.13 -20.09
CA VAL B 729 12.33 22.68 -21.28
C VAL B 729 12.03 21.19 -21.24
N SER B 730 12.99 20.38 -20.82
CA SER B 730 12.78 18.95 -20.79
C SER B 730 13.26 18.38 -19.46
N MET B 731 12.56 17.35 -19.03
CA MET B 731 13.04 16.47 -17.99
C MET B 731 14.00 15.48 -18.62
N THR B 732 14.68 14.69 -17.81
CA THR B 732 15.49 13.61 -18.34
C THR B 732 14.61 12.41 -18.68
N LYS B 733 14.78 11.86 -19.88
CA LYS B 733 13.86 10.84 -20.39
C LYS B 733 14.09 9.53 -19.64
N THR B 734 13.58 9.51 -18.41
CA THR B 734 13.70 8.34 -17.57
C THR B 734 12.79 7.23 -18.07
N SER B 735 13.24 5.99 -17.94
CA SER B 735 12.43 4.82 -18.24
C SER B 735 12.62 3.80 -17.13
N VAL B 736 11.55 3.12 -16.76
CA VAL B 736 11.58 2.15 -15.68
C VAL B 736 10.82 0.90 -16.12
N ASP B 737 11.43 -0.25 -15.94
CA ASP B 737 10.77 -1.54 -16.22
C ASP B 737 10.24 -2.07 -14.90
N CYS B 738 8.91 -2.05 -14.73
CA CYS B 738 8.36 -2.44 -13.43
C CYS B 738 8.87 -3.81 -13.05
N THR B 739 8.79 -4.76 -13.98
CA THR B 739 9.07 -6.15 -13.65
C THR B 739 10.50 -6.31 -13.16
N MET B 740 11.45 -5.67 -13.83
CA MET B 740 12.82 -5.72 -13.34
C MET B 740 12.97 -4.93 -12.05
N TYR B 741 12.35 -3.76 -11.97
CA TYR B 741 12.41 -2.96 -10.75
C TYR B 741 11.74 -3.67 -9.58
N ILE B 742 10.69 -4.44 -9.86
CA ILE B 742 9.95 -5.06 -8.77
C ILE B 742 10.36 -6.52 -8.61
N CYS B 743 10.50 -7.24 -9.70
CA CYS B 743 10.80 -8.66 -9.63
C CYS B 743 12.04 -9.00 -10.45
N GLY B 744 13.10 -8.22 -10.29
CA GLY B 744 14.30 -8.41 -11.08
C GLY B 744 14.84 -9.82 -10.92
N ASP B 745 14.82 -10.59 -11.99
CA ASP B 745 15.41 -11.93 -12.02
C ASP B 745 14.79 -12.85 -10.97
N SER B 746 13.47 -12.94 -10.98
CA SER B 746 12.77 -13.92 -10.15
C SER B 746 11.47 -14.29 -10.84
N THR B 747 11.46 -15.46 -11.48
CA THR B 747 10.19 -16.02 -11.94
C THR B 747 9.23 -16.18 -10.76
N GLU B 748 9.75 -16.57 -9.60
CA GLU B 748 8.91 -16.67 -8.42
C GLU B 748 8.25 -15.34 -8.11
N CYS B 749 8.97 -14.23 -8.30
CA CYS B 749 8.35 -12.93 -8.08
C CYS B 749 7.43 -12.56 -9.23
N SER B 750 7.85 -12.85 -10.46
CA SER B 750 7.08 -12.42 -11.63
C SER B 750 5.67 -13.01 -11.60
N ASN B 751 5.56 -14.29 -11.27
CA ASN B 751 4.26 -14.93 -11.24
C ASN B 751 3.31 -14.22 -10.28
N LEU B 752 3.82 -13.75 -9.16
CA LEU B 752 2.96 -13.05 -8.20
C LEU B 752 2.59 -11.67 -8.70
N LEU B 753 3.45 -11.03 -9.48
CA LEU B 753 3.15 -9.69 -9.96
C LEU B 753 2.01 -9.70 -10.97
N LEU B 754 1.92 -10.73 -11.82
CA LEU B 754 0.85 -10.77 -12.80
C LEU B 754 -0.53 -10.81 -12.18
N GLN B 755 -0.64 -11.26 -10.93
CA GLN B 755 -1.96 -11.22 -10.29
C GLN B 755 -2.46 -9.80 -10.09
N TYR B 756 -1.60 -8.80 -10.21
CA TYR B 756 -2.02 -7.41 -10.13
C TYR B 756 -2.49 -6.88 -11.47
N GLY B 757 -2.85 -7.75 -12.38
CA GLY B 757 -3.43 -7.27 -13.63
C GLY B 757 -2.45 -6.39 -14.40
N SER B 758 -2.93 -5.22 -14.78
CA SER B 758 -2.22 -4.37 -15.73
C SER B 758 -1.54 -3.16 -15.10
N PHE B 759 -1.21 -3.18 -13.80
CA PHE B 759 -0.52 -2.02 -13.26
C PHE B 759 0.80 -1.75 -13.97
N CYS B 760 1.62 -2.79 -14.17
CA CYS B 760 2.85 -2.58 -14.93
C CYS B 760 2.61 -1.89 -16.27
N THR B 761 1.91 -2.56 -17.18
CA THR B 761 1.85 -2.06 -18.55
C THR B 761 1.36 -0.62 -18.56
N GLN B 762 0.51 -0.25 -17.62
CA GLN B 762 0.12 1.15 -17.49
C GLN B 762 1.27 2.00 -16.94
N LEU B 763 1.90 1.56 -15.84
CA LEU B 763 3.05 2.29 -15.32
C LEU B 763 4.12 2.48 -16.38
N ASN B 764 4.50 1.40 -17.07
CA ASN B 764 5.52 1.52 -18.09
C ASN B 764 5.05 2.42 -19.22
N ARG B 765 3.78 2.31 -19.59
CA ARG B 765 3.24 3.18 -20.64
C ARG B 765 3.29 4.64 -20.22
N ALA B 766 2.96 4.92 -18.96
CA ALA B 766 2.87 6.31 -18.52
C ALA B 766 4.19 7.04 -18.72
N LEU B 767 5.28 6.46 -18.23
CA LEU B 767 6.59 7.09 -18.40
C LEU B 767 6.98 7.19 -19.87
N THR B 768 6.70 6.15 -20.65
CA THR B 768 6.95 6.24 -22.08
C THR B 768 6.21 7.40 -22.70
N GLY B 769 5.01 7.70 -22.20
CA GLY B 769 4.32 8.89 -22.63
C GLY B 769 5.09 10.15 -22.33
N ILE B 770 5.60 10.26 -21.10
CA ILE B 770 6.42 11.41 -20.75
C ILE B 770 7.67 11.46 -21.61
N ALA B 771 8.30 10.30 -21.81
CA ALA B 771 9.52 10.25 -22.59
C ALA B 771 9.28 10.80 -23.99
N VAL B 772 8.20 10.40 -24.64
CA VAL B 772 7.90 10.92 -25.97
C VAL B 772 7.58 12.40 -25.89
N GLU B 773 6.78 12.81 -24.90
CA GLU B 773 6.48 14.23 -24.73
C GLU B 773 7.76 15.05 -24.66
N GLN B 774 8.80 14.50 -24.01
CA GLN B 774 10.02 15.26 -23.78
C GLN B 774 10.66 15.71 -25.08
N ASP B 775 10.73 14.82 -26.08
CA ASP B 775 11.19 15.29 -27.36
C ASP B 775 10.23 16.27 -27.99
N LYS B 776 8.92 16.02 -27.90
CA LYS B 776 7.96 16.97 -28.44
C LYS B 776 8.12 18.33 -27.78
N ASN B 777 8.58 18.35 -26.52
CA ASN B 777 8.98 19.60 -25.91
C ASN B 777 10.13 20.22 -26.66
N THR B 778 11.24 19.48 -26.81
CA THR B 778 12.41 20.03 -27.46
C THR B 778 12.15 20.29 -28.94
N GLN B 779 11.26 19.49 -29.53
CA GLN B 779 10.93 19.66 -30.94
C GLN B 779 10.18 20.96 -31.18
N GLU B 780 9.29 21.33 -30.25
CA GLU B 780 8.46 22.51 -30.42
C GLU B 780 9.18 23.78 -29.97
N VAL B 781 10.10 23.66 -29.02
CA VAL B 781 10.83 24.83 -28.54
C VAL B 781 11.83 25.31 -29.59
N PHE B 782 12.75 24.43 -29.98
CA PHE B 782 13.87 24.81 -30.83
C PHE B 782 13.57 24.73 -32.31
N ALA B 783 12.81 23.73 -32.75
CA ALA B 783 12.63 23.50 -34.18
C ALA B 783 11.47 24.30 -34.74
N GLN B 784 11.47 25.58 -34.41
CA GLN B 784 10.48 26.49 -34.94
C GLN B 784 10.84 26.93 -36.36
N VAL B 785 12.01 26.50 -36.84
CA VAL B 785 12.54 26.92 -38.13
C VAL B 785 12.67 25.69 -39.03
N LYS B 786 12.35 25.86 -40.31
CA LYS B 786 12.50 24.77 -41.26
C LYS B 786 13.90 24.70 -41.84
N GLN B 787 14.45 25.83 -42.26
CA GLN B 787 15.75 25.93 -42.91
C GLN B 787 16.80 26.40 -41.92
N ILE B 788 17.84 25.59 -41.76
CA ILE B 788 19.00 25.94 -40.97
C ILE B 788 19.70 27.07 -41.69
N TYR B 789 19.61 28.27 -41.14
CA TYR B 789 20.41 29.34 -41.69
C TYR B 789 21.82 29.26 -41.12
N LYS B 790 22.75 29.93 -41.78
CA LYS B 790 24.11 30.04 -41.29
C LYS B 790 24.59 31.47 -41.40
N THR B 791 25.62 31.76 -40.64
CA THR B 791 26.19 33.09 -40.63
C THR B 791 27.38 33.20 -41.56
N PRO B 792 27.38 34.23 -42.40
CA PRO B 792 28.44 34.40 -43.38
C PRO B 792 29.72 34.85 -42.71
N PRO B 793 30.86 34.75 -43.40
CA PRO B 793 32.12 35.25 -42.83
C PRO B 793 32.10 36.74 -42.52
N ILE B 794 31.38 37.54 -43.31
CA ILE B 794 31.30 38.97 -43.06
C ILE B 794 30.46 39.21 -41.81
N LYS B 795 31.04 39.91 -40.84
CA LYS B 795 30.37 40.20 -39.58
C LYS B 795 30.03 41.67 -39.42
N ASP B 796 29.89 42.40 -40.52
CA ASP B 796 29.66 43.84 -40.46
C ASP B 796 28.25 44.04 -39.94
N PHE B 797 28.12 44.01 -38.61
CA PHE B 797 26.84 44.08 -37.94
C PHE B 797 26.54 45.50 -37.47
N GLY B 798 26.97 46.50 -38.25
CA GLY B 798 26.78 47.87 -37.84
C GLY B 798 27.48 48.23 -36.55
N GLY B 799 28.55 47.53 -36.20
CA GLY B 799 29.23 47.72 -34.94
C GLY B 799 28.75 46.80 -33.83
N PHE B 800 27.56 46.25 -33.96
CA PHE B 800 27.05 45.31 -32.96
C PHE B 800 27.94 44.09 -32.97
N ASN B 801 28.21 43.54 -31.81
CA ASN B 801 29.14 42.41 -31.71
C ASN B 801 28.39 41.20 -31.18
N PHE B 802 28.39 40.13 -31.97
CA PHE B 802 27.74 38.89 -31.62
C PHE B 802 28.72 37.73 -31.46
N SER B 803 30.02 37.97 -31.67
CA SER B 803 30.99 36.88 -31.81
C SER B 803 30.99 35.95 -30.61
N GLN B 804 30.25 36.30 -29.57
CA GLN B 804 30.15 35.56 -28.33
C GLN B 804 28.91 34.67 -28.28
N ILE B 805 27.87 35.03 -29.01
CA ILE B 805 26.65 34.23 -29.08
C ILE B 805 26.57 33.37 -30.33
N LEU B 806 27.30 33.68 -31.39
CA LEU B 806 27.30 32.79 -32.52
C LEU B 806 28.14 31.57 -32.21
N PRO B 807 27.83 30.42 -32.80
CA PRO B 807 28.64 29.22 -32.54
C PRO B 807 30.08 29.44 -32.96
N ASP B 808 30.99 28.87 -32.19
CA ASP B 808 32.41 29.02 -32.46
C ASP B 808 32.83 27.93 -33.43
N PRO B 809 33.20 28.27 -34.67
CA PRO B 809 33.52 27.21 -35.65
C PRO B 809 34.74 26.38 -35.28
N SER B 810 35.58 26.86 -34.37
CA SER B 810 36.82 26.17 -34.03
C SER B 810 36.63 25.08 -32.98
N LYS B 811 35.42 24.88 -32.47
CA LYS B 811 35.20 23.90 -31.41
C LYS B 811 34.57 22.63 -31.96
N SER B 813 31.66 20.57 -30.82
CA SER B 813 30.35 21.19 -30.69
C SER B 813 30.35 22.60 -31.23
N LYS B 814 29.61 22.83 -32.32
CA LYS B 814 29.50 24.15 -32.92
C LYS B 814 28.57 24.99 -32.04
N ARG B 815 29.11 25.40 -30.89
CA ARG B 815 28.36 26.15 -29.91
C ARG B 815 28.99 27.52 -29.70
N SER B 816 28.27 28.38 -29.01
CA SER B 816 28.74 29.73 -28.78
C SER B 816 29.57 29.80 -27.50
N PHE B 817 30.15 30.99 -27.27
CA PHE B 817 30.95 31.21 -26.08
C PHE B 817 30.12 31.04 -24.82
N ILE B 818 29.10 31.88 -24.65
CA ILE B 818 28.30 31.85 -23.43
C ILE B 818 27.71 30.48 -23.20
N GLU B 819 27.40 29.77 -24.28
CA GLU B 819 26.92 28.41 -24.17
C GLU B 819 27.86 27.57 -23.32
N ASP B 820 29.16 27.65 -23.60
CA ASP B 820 30.12 26.82 -22.86
C ASP B 820 29.97 27.01 -21.37
N LEU B 821 29.92 28.26 -20.92
CA LEU B 821 29.67 28.53 -19.51
C LEU B 821 28.35 27.93 -19.06
N LEU B 822 27.32 28.08 -19.88
CA LEU B 822 26.01 27.52 -19.56
C LEU B 822 26.09 26.02 -19.35
N PHE B 823 26.73 25.30 -20.26
CA PHE B 823 26.79 23.85 -20.10
C PHE B 823 27.71 23.47 -18.94
N ASN B 824 28.57 24.38 -18.50
CA ASN B 824 29.56 24.03 -17.50
C ASN B 824 29.12 24.30 -16.07
N LYS B 825 28.08 25.11 -15.85
CA LYS B 825 27.65 25.49 -14.52
C LYS B 825 26.59 24.56 -13.94
N VAL B 826 26.19 23.53 -14.67
CA VAL B 826 25.08 22.67 -14.27
C VAL B 826 25.59 21.25 -14.13
N THR B 827 25.28 20.61 -13.01
CA THR B 827 25.65 19.22 -12.77
C THR B 827 24.70 18.27 -13.48
N LYS B 854 20.52 1.93 -11.03
CA LYS B 854 21.45 1.86 -12.15
C LYS B 854 21.34 0.50 -12.83
N PHE B 855 21.34 -0.54 -12.02
CA PHE B 855 21.10 -1.90 -12.48
C PHE B 855 19.78 -2.45 -11.94
N ASN B 856 18.86 -1.57 -11.59
CA ASN B 856 17.54 -1.96 -11.11
C ASN B 856 16.45 -1.69 -12.15
N GLY B 857 16.78 -1.85 -13.43
CA GLY B 857 15.86 -1.59 -14.50
C GLY B 857 15.72 -0.13 -14.87
N LEU B 858 16.33 0.76 -14.11
CA LEU B 858 16.17 2.19 -14.31
C LEU B 858 17.22 2.66 -15.30
N THR B 859 16.80 2.97 -16.51
CA THR B 859 17.70 3.43 -17.56
C THR B 859 17.39 4.87 -17.90
N VAL B 860 18.21 5.45 -18.75
CA VAL B 860 18.02 6.82 -19.22
C VAL B 860 18.07 6.83 -20.74
N LEU B 861 17.00 7.17 -21.33
CA LEU B 861 17.02 7.24 -22.78
C LEU B 861 17.67 8.54 -23.22
N PRO B 862 18.42 8.52 -24.31
CA PRO B 862 19.06 9.74 -24.80
C PRO B 862 18.05 10.64 -25.48
N PRO B 863 18.28 11.94 -25.50
CA PRO B 863 17.36 12.85 -26.20
C PRO B 863 17.55 12.75 -27.71
N LEU B 864 16.44 12.88 -28.43
CA LEU B 864 16.49 12.70 -29.88
C LEU B 864 17.35 13.76 -30.53
N LEU B 865 17.14 15.02 -30.21
CA LEU B 865 17.92 16.11 -30.75
C LEU B 865 19.21 16.21 -29.94
N THR B 866 20.32 15.81 -30.54
CA THR B 866 21.57 15.78 -29.78
C THR B 866 22.06 17.19 -29.49
N ASP B 867 22.91 17.29 -28.46
CA ASP B 867 23.35 18.59 -27.98
C ASP B 867 24.02 19.39 -29.08
N GLU B 868 24.80 18.72 -29.95
CA GLU B 868 25.35 19.40 -31.11
C GLU B 868 24.25 19.92 -32.01
N MET B 869 23.23 19.10 -32.28
CA MET B 869 22.14 19.55 -33.13
C MET B 869 21.41 20.74 -32.52
N ILE B 870 21.14 20.68 -31.21
CA ILE B 870 20.41 21.76 -30.57
C ILE B 870 21.17 23.07 -30.72
N ALA B 871 22.50 23.00 -30.82
CA ALA B 871 23.27 24.20 -31.12
C ALA B 871 22.93 24.74 -32.50
N GLN B 872 22.82 23.84 -33.48
CA GLN B 872 22.56 24.29 -34.84
C GLN B 872 21.21 25.00 -34.96
N TYR B 873 20.16 24.43 -34.38
CA TYR B 873 18.92 25.18 -34.26
C TYR B 873 19.17 26.58 -33.73
N THR B 874 19.78 26.67 -32.54
CA THR B 874 19.99 27.96 -31.91
C THR B 874 20.81 28.87 -32.80
N SER B 875 21.86 28.34 -33.42
CA SER B 875 22.62 29.12 -34.38
C SER B 875 21.72 29.61 -35.51
N ALA B 876 20.92 28.70 -36.08
CA ALA B 876 19.95 29.11 -37.09
C ALA B 876 18.96 30.10 -36.51
N LEU B 877 18.37 29.77 -35.36
CA LEU B 877 17.46 30.68 -34.70
C LEU B 877 18.15 32.00 -34.40
N LEU B 878 19.48 31.97 -34.30
CA LEU B 878 20.22 33.21 -34.16
C LEU B 878 20.51 33.84 -35.51
N ALA B 879 20.90 33.03 -36.49
CA ALA B 879 21.37 33.58 -37.76
C ALA B 879 20.28 34.34 -38.49
N GLY B 880 19.08 33.78 -38.56
CA GLY B 880 17.98 34.51 -39.17
C GLY B 880 17.62 35.73 -38.36
N THR B 881 17.69 35.63 -37.03
CA THR B 881 17.40 36.76 -36.16
C THR B 881 18.39 37.89 -36.38
N ILE B 882 19.63 37.53 -36.69
CA ILE B 882 20.64 38.54 -37.00
C ILE B 882 20.38 39.11 -38.38
N THR B 883 20.17 38.24 -39.36
CA THR B 883 20.27 38.61 -40.76
C THR B 883 18.97 39.09 -41.38
N SER B 884 17.84 38.53 -40.94
CA SER B 884 16.61 38.61 -41.72
C SER B 884 15.45 39.24 -40.98
N GLY B 885 15.69 39.86 -39.83
CA GLY B 885 14.58 40.37 -39.06
C GLY B 885 13.69 39.24 -38.58
N TRP B 886 12.40 39.54 -38.48
CA TRP B 886 11.41 38.58 -38.02
C TRP B 886 10.90 37.67 -39.12
N THR B 887 11.23 37.95 -40.36
CA THR B 887 10.54 37.31 -41.47
C THR B 887 10.79 35.81 -41.53
N PHE B 888 11.82 35.30 -40.85
CA PHE B 888 12.12 33.88 -41.05
C PHE B 888 11.22 32.99 -40.22
N GLY B 889 10.24 33.57 -39.54
CA GLY B 889 9.17 32.79 -38.94
C GLY B 889 7.93 32.86 -39.80
N ALA B 890 7.77 33.96 -40.52
CA ALA B 890 6.58 34.16 -41.33
C ALA B 890 6.75 33.59 -42.74
N GLY B 891 7.97 33.20 -43.09
CA GLY B 891 8.16 32.63 -44.41
C GLY B 891 9.61 32.47 -44.80
N ALA B 892 9.96 32.87 -46.02
CA ALA B 892 11.34 32.83 -46.46
C ALA B 892 12.10 34.01 -45.86
N ALA B 893 13.21 33.70 -45.18
CA ALA B 893 14.00 34.71 -44.50
C ALA B 893 14.51 35.71 -45.52
N LEU B 894 14.15 36.97 -45.35
CA LEU B 894 14.60 38.03 -46.24
C LEU B 894 15.79 38.71 -45.58
N GLN B 895 16.96 38.56 -46.19
CA GLN B 895 18.15 39.17 -45.61
C GLN B 895 17.98 40.68 -45.51
N ILE B 896 18.35 41.22 -44.36
CA ILE B 896 18.18 42.65 -44.07
C ILE B 896 19.37 43.15 -43.27
N PRO B 897 20.01 44.23 -43.69
CA PRO B 897 21.17 44.74 -42.96
C PRO B 897 20.78 45.14 -41.55
N PHE B 898 21.67 44.83 -40.60
CA PHE B 898 21.30 44.77 -39.19
C PHE B 898 20.85 46.13 -38.65
N ALA B 899 21.57 47.19 -38.99
CA ALA B 899 21.15 48.51 -38.54
C ALA B 899 19.76 48.85 -39.03
N MET B 900 19.33 48.21 -40.12
CA MET B 900 17.96 48.42 -40.58
C MET B 900 16.99 47.64 -39.71
N GLN B 901 17.48 46.61 -39.00
CA GLN B 901 16.59 45.83 -38.16
C GLN B 901 16.18 46.61 -36.94
N MET B 902 17.14 47.06 -36.13
CA MET B 902 16.79 47.76 -34.91
C MET B 902 15.99 49.02 -35.22
N ALA B 903 16.23 49.64 -36.36
CA ALA B 903 15.42 50.78 -36.78
C ALA B 903 13.97 50.37 -36.95
N TYR B 904 13.74 49.21 -37.55
CA TYR B 904 12.42 48.60 -37.48
C TYR B 904 12.05 48.30 -36.04
N ARG B 905 13.01 47.83 -35.25
CA ARG B 905 12.69 47.37 -33.90
C ARG B 905 12.40 48.53 -32.95
N PHE B 906 13.23 49.57 -32.96
CA PHE B 906 12.87 50.78 -32.22
C PHE B 906 11.53 51.31 -32.68
N ASN B 907 11.17 51.08 -33.94
CA ASN B 907 9.86 51.46 -34.43
C ASN B 907 8.78 50.62 -33.76
N GLY B 908 9.17 49.57 -33.03
CA GLY B 908 8.23 48.69 -32.37
C GLY B 908 7.93 49.04 -30.92
N ILE B 909 8.51 50.11 -30.38
CA ILE B 909 8.20 50.61 -29.04
C ILE B 909 7.86 52.09 -29.05
N GLY B 910 7.39 52.61 -30.17
CA GLY B 910 7.07 54.02 -30.24
C GLY B 910 8.25 54.96 -30.15
N VAL B 911 9.40 54.59 -30.73
CA VAL B 911 10.54 55.50 -30.83
C VAL B 911 11.07 55.43 -32.26
N THR B 912 11.13 56.59 -32.91
CA THR B 912 11.31 56.63 -34.36
C THR B 912 12.70 56.12 -34.75
N GLN B 913 12.86 55.82 -36.05
CA GLN B 913 14.12 55.30 -36.57
C GLN B 913 15.30 56.19 -36.20
N ASN B 914 15.13 57.50 -36.26
CA ASN B 914 16.26 58.41 -36.15
C ASN B 914 17.01 58.26 -34.84
N VAL B 915 16.36 57.73 -33.81
CA VAL B 915 17.04 57.57 -32.53
C VAL B 915 18.23 56.64 -32.66
N LEU B 916 18.03 55.48 -33.29
CA LEU B 916 19.13 54.53 -33.43
C LEU B 916 20.33 55.16 -34.13
N TYR B 917 20.13 55.61 -35.37
CA TYR B 917 21.24 56.05 -36.20
C TYR B 917 21.88 57.32 -35.65
N GLU B 918 21.07 58.26 -35.17
CA GLU B 918 21.66 59.43 -34.53
C GLU B 918 22.36 59.07 -33.24
N ASN B 919 22.29 57.79 -32.84
CA ASN B 919 23.00 57.27 -31.69
C ASN B 919 23.60 55.89 -31.97
N GLN B 920 23.88 55.58 -33.23
CA GLN B 920 24.21 54.21 -33.63
C GLN B 920 25.41 53.68 -32.86
N LYS B 921 26.50 54.43 -32.82
CA LYS B 921 27.75 53.91 -32.28
C LYS B 921 27.62 53.57 -30.80
N LEU B 922 27.13 54.53 -30.00
CA LEU B 922 26.99 54.29 -28.57
C LEU B 922 26.00 53.17 -28.30
N ILE B 923 24.84 53.19 -28.96
CA ILE B 923 23.87 52.11 -28.78
C ILE B 923 24.50 50.78 -29.16
N ALA B 924 25.22 50.76 -30.29
CA ALA B 924 25.97 49.56 -30.62
C ALA B 924 26.94 49.20 -29.51
N ASN B 925 27.77 50.16 -29.08
CA ASN B 925 28.69 49.89 -27.99
C ASN B 925 27.93 49.56 -26.71
N GLN B 926 26.83 50.25 -26.46
CA GLN B 926 26.02 49.93 -25.28
C GLN B 926 25.61 48.48 -25.29
N PHE B 927 25.15 47.98 -26.44
CA PHE B 927 24.81 46.55 -26.52
C PHE B 927 26.04 45.69 -26.34
N ASN B 928 27.16 46.08 -26.97
CA ASN B 928 28.39 45.28 -26.87
C ASN B 928 28.82 45.10 -25.43
N SER B 929 28.94 46.19 -24.68
CA SER B 929 29.34 46.10 -23.29
C SER B 929 28.28 45.35 -22.48
N ALA B 930 27.01 45.54 -22.82
CA ALA B 930 25.95 44.82 -22.14
C ALA B 930 26.19 43.32 -22.17
N ILE B 931 26.46 42.78 -23.36
CA ILE B 931 26.60 41.33 -23.50
C ILE B 931 27.72 40.81 -22.62
N GLY B 932 28.86 41.50 -22.59
CA GLY B 932 29.98 41.03 -21.81
C GLY B 932 29.65 40.91 -20.34
N LYS B 933 28.73 41.75 -19.86
CA LYS B 933 28.31 41.65 -18.47
C LYS B 933 27.69 40.30 -18.16
N ILE B 934 26.84 39.80 -19.07
CA ILE B 934 26.24 38.48 -18.87
C ILE B 934 27.32 37.43 -18.79
N GLN B 935 28.37 37.56 -19.59
CA GLN B 935 29.49 36.63 -19.51
C GLN B 935 30.02 36.54 -18.09
N ASP B 936 30.18 37.69 -17.43
CA ASP B 936 30.69 37.68 -16.06
C ASP B 936 29.68 37.11 -15.09
N SER B 937 28.43 37.57 -15.15
CA SER B 937 27.43 37.15 -14.17
C SER B 937 27.22 35.65 -14.21
N LEU B 938 27.13 35.08 -15.41
CA LEU B 938 27.03 33.64 -15.54
C LEU B 938 28.31 32.96 -15.08
N SER B 939 29.46 33.51 -15.48
CA SER B 939 30.73 32.92 -15.06
C SER B 939 30.97 33.09 -13.56
N SER B 940 30.58 34.23 -13.01
CA SER B 940 30.84 34.48 -11.59
C SER B 940 30.08 33.52 -10.70
N THR B 941 28.78 33.39 -10.91
CA THR B 941 27.94 32.56 -10.06
C THR B 941 27.16 31.56 -10.90
N ALA B 942 27.09 30.33 -10.41
CA ALA B 942 26.20 29.33 -10.97
C ALA B 942 24.79 29.41 -10.38
N SER B 943 24.59 30.27 -9.38
CA SER B 943 23.25 30.46 -8.82
C SER B 943 22.28 31.07 -9.83
N ALA B 944 22.80 31.72 -10.87
CA ALA B 944 21.92 32.28 -11.89
C ALA B 944 21.11 31.19 -12.58
N LEU B 945 21.62 29.97 -12.61
CA LEU B 945 20.95 28.85 -13.27
C LEU B 945 20.26 27.94 -12.27
N GLY B 946 19.64 28.51 -11.24
CA GLY B 946 18.85 27.70 -10.34
C GLY B 946 17.69 27.04 -11.03
N LYS B 947 17.00 27.76 -11.91
CA LYS B 947 15.77 27.25 -12.51
C LYS B 947 16.02 26.03 -13.38
N LEU B 948 17.24 25.84 -13.88
CA LEU B 948 17.58 24.57 -14.51
C LEU B 948 18.12 23.56 -13.54
N GLN B 949 18.98 24.01 -12.61
CA GLN B 949 19.63 23.09 -11.70
C GLN B 949 18.63 22.37 -10.81
N ASP B 950 17.58 23.07 -10.37
CA ASP B 950 16.55 22.41 -9.57
C ASP B 950 15.91 21.26 -10.34
N VAL B 951 15.61 21.48 -11.62
CA VAL B 951 15.00 20.44 -12.44
C VAL B 951 15.89 19.21 -12.46
N VAL B 952 17.18 19.38 -12.70
CA VAL B 952 18.10 18.25 -12.55
C VAL B 952 18.10 17.74 -11.12
N ASN B 953 18.14 18.67 -10.16
CA ASN B 953 18.10 18.26 -8.76
C ASN B 953 16.83 17.49 -8.43
N GLN B 954 15.67 18.02 -8.83
CA GLN B 954 14.42 17.38 -8.48
C GLN B 954 14.36 15.96 -9.00
N ASN B 955 14.67 15.77 -10.28
CA ASN B 955 14.65 14.42 -10.85
C ASN B 955 15.66 13.52 -10.16
N ALA B 956 16.86 14.05 -9.89
CA ALA B 956 17.83 13.26 -9.16
C ALA B 956 17.31 12.87 -7.79
N GLN B 957 16.63 13.80 -7.12
CA GLN B 957 16.01 13.44 -5.85
C GLN B 957 14.96 12.35 -6.04
N ALA B 958 14.09 12.53 -7.04
CA ALA B 958 13.05 11.53 -7.25
C ALA B 958 13.66 10.16 -7.52
N LEU B 959 14.68 10.10 -8.36
CA LEU B 959 15.34 8.83 -8.61
C LEU B 959 15.98 8.27 -7.35
N ASN B 960 16.70 9.10 -6.58
CA ASN B 960 17.34 8.59 -5.37
C ASN B 960 16.31 8.06 -4.39
N THR B 961 15.23 8.80 -4.18
CA THR B 961 14.16 8.27 -3.34
C THR B 961 13.62 6.97 -3.92
N LEU B 962 13.39 6.93 -5.22
CA LEU B 962 12.91 5.70 -5.84
C LEU B 962 13.90 4.57 -5.66
N VAL B 963 15.19 4.86 -5.80
CA VAL B 963 16.20 3.82 -5.62
C VAL B 963 16.25 3.36 -4.17
N LYS B 964 16.26 4.30 -3.23
CA LYS B 964 16.42 3.93 -1.83
C LYS B 964 15.27 3.07 -1.32
N GLN B 965 14.09 3.21 -1.92
CA GLN B 965 12.96 2.41 -1.46
C GLN B 965 13.23 0.93 -1.52
N LEU B 966 14.16 0.50 -2.38
CA LEU B 966 14.47 -0.91 -2.50
C LEU B 966 14.95 -1.51 -1.18
N SER B 967 15.51 -0.70 -0.29
CA SER B 967 16.03 -1.20 0.97
C SER B 967 14.98 -1.32 2.06
N SER B 968 13.79 -0.79 1.86
CA SER B 968 12.79 -0.80 2.91
C SER B 968 12.15 -2.18 3.03
N ASN B 969 12.05 -2.66 4.26
CA ASN B 969 11.53 -4.00 4.49
C ASN B 969 10.02 -4.08 4.39
N PHE B 970 9.32 -2.94 4.46
CA PHE B 970 7.89 -2.87 4.19
C PHE B 970 7.09 -3.85 5.05
N GLY B 971 7.66 -4.32 6.15
CA GLY B 971 7.06 -5.36 6.93
C GLY B 971 7.48 -6.76 6.54
N ALA B 972 8.18 -6.91 5.42
CA ALA B 972 8.74 -8.20 5.08
C ALA B 972 9.97 -8.46 5.94
N ILE B 973 10.30 -9.74 6.12
CA ILE B 973 11.39 -10.11 7.02
C ILE B 973 12.70 -9.52 6.54
N SER B 974 12.82 -9.25 5.25
CA SER B 974 14.05 -8.68 4.71
C SER B 974 13.72 -7.95 3.43
N SER B 975 14.63 -7.09 2.97
CA SER B 975 14.38 -6.31 1.77
C SER B 975 15.17 -6.78 0.58
N VAL B 976 15.65 -8.02 0.57
CA VAL B 976 16.34 -8.60 -0.57
C VAL B 976 15.50 -9.74 -1.13
N LEU B 977 15.10 -9.63 -2.38
CA LEU B 977 14.34 -10.70 -3.00
C LEU B 977 15.13 -12.00 -3.01
N ASN B 978 16.41 -11.92 -3.36
CA ASN B 978 17.22 -13.12 -3.47
C ASN B 978 17.37 -13.82 -2.13
N ASP B 979 17.45 -13.07 -1.04
CA ASP B 979 17.36 -13.69 0.27
C ASP B 979 16.07 -14.47 0.43
N ILE B 980 14.93 -13.76 0.39
CA ILE B 980 13.65 -14.38 0.66
C ILE B 980 13.49 -15.67 -0.13
N LEU B 981 13.92 -15.66 -1.38
CA LEU B 981 13.85 -16.86 -2.21
C LEU B 981 14.79 -17.94 -1.69
N SER B 982 15.98 -17.57 -1.24
CA SER B 982 16.88 -18.54 -0.62
C SER B 982 16.52 -18.80 0.83
N ARG B 983 15.62 -18.02 1.41
CA ARG B 983 15.25 -18.10 2.81
C ARG B 983 13.96 -18.89 3.05
N LEU B 984 12.94 -18.74 2.20
CA LEU B 984 11.66 -19.40 2.42
C LEU B 984 11.27 -20.28 1.25
N ASP B 985 10.54 -21.35 1.56
CA ASP B 985 9.88 -22.11 0.53
C ASP B 985 8.70 -21.31 -0.02
N PRO B 986 8.25 -21.61 -1.24
CA PRO B 986 7.26 -20.76 -1.93
C PRO B 986 5.99 -20.53 -1.13
N PRO B 987 5.39 -21.54 -0.49
CA PRO B 987 4.10 -21.29 0.17
C PRO B 987 4.15 -20.24 1.26
N GLU B 988 5.31 -20.04 1.89
CA GLU B 988 5.46 -18.96 2.85
C GLU B 988 6.18 -17.74 2.28
N ALA B 989 7.06 -17.94 1.30
CA ALA B 989 7.73 -16.80 0.69
C ALA B 989 6.76 -15.94 -0.09
N GLU B 990 5.74 -16.56 -0.67
CA GLU B 990 4.72 -15.81 -1.39
C GLU B 990 4.15 -14.68 -0.55
N VAL B 991 3.96 -14.92 0.74
CA VAL B 991 3.41 -13.88 1.61
C VAL B 991 4.39 -12.72 1.74
N GLN B 992 5.66 -13.02 2.02
CA GLN B 992 6.63 -11.96 2.27
C GLN B 992 6.90 -11.14 1.01
N ILE B 993 7.13 -11.81 -0.12
CA ILE B 993 7.37 -11.10 -1.37
C ILE B 993 6.19 -10.21 -1.70
N ASP B 994 4.97 -10.69 -1.46
CA ASP B 994 3.78 -9.89 -1.72
C ASP B 994 3.82 -8.59 -0.95
N ARG B 995 4.43 -8.59 0.24
CA ARG B 995 4.51 -7.37 1.01
C ARG B 995 5.39 -6.33 0.31
N LEU B 996 6.54 -6.76 -0.21
CA LEU B 996 7.36 -5.85 -1.01
C LEU B 996 6.61 -5.36 -2.23
N ILE B 997 5.98 -6.28 -2.95
CA ILE B 997 5.40 -5.92 -4.24
C ILE B 997 4.34 -4.84 -4.07
N THR B 998 3.43 -5.03 -3.12
CA THR B 998 2.39 -4.02 -2.90
C THR B 998 3.00 -2.71 -2.44
N GLY B 999 4.07 -2.79 -1.63
CA GLY B 999 4.73 -1.57 -1.21
C GLY B 999 5.57 -0.95 -2.30
N ARG B 1000 6.49 -1.72 -2.87
CA ARG B 1000 7.41 -1.19 -3.85
C ARG B 1000 6.68 -0.66 -5.08
N LEU B 1001 5.67 -1.39 -5.55
CA LEU B 1001 4.84 -0.87 -6.63
C LEU B 1001 4.21 0.45 -6.24
N GLN B 1002 3.69 0.53 -5.01
CA GLN B 1002 3.02 1.75 -4.59
C GLN B 1002 3.99 2.91 -4.52
N SER B 1003 5.27 2.63 -4.22
CA SER B 1003 6.28 3.68 -4.30
C SER B 1003 6.55 4.08 -5.74
N LEU B 1004 6.67 3.09 -6.62
CA LEU B 1004 6.81 3.39 -8.04
C LEU B 1004 5.60 4.14 -8.56
N GLN B 1005 4.42 3.73 -8.12
CA GLN B 1005 3.21 4.46 -8.45
C GLN B 1005 3.29 5.90 -7.98
N THR B 1006 3.82 6.11 -6.77
CA THR B 1006 3.99 7.45 -6.27
C THR B 1006 4.94 8.26 -7.14
N TYR B 1007 6.04 7.64 -7.56
CA TYR B 1007 7.03 8.35 -8.36
C TYR B 1007 6.46 8.77 -9.70
N VAL B 1008 5.71 7.87 -10.37
CA VAL B 1008 5.15 8.20 -11.68
C VAL B 1008 4.18 9.37 -11.57
N THR B 1009 3.30 9.33 -10.57
CA THR B 1009 2.36 10.43 -10.39
C THR B 1009 3.11 11.74 -10.19
N GLN B 1010 4.21 11.71 -9.44
CA GLN B 1010 5.03 12.91 -9.30
C GLN B 1010 5.53 13.38 -10.65
N GLN B 1011 6.04 12.45 -11.47
CA GLN B 1011 6.62 12.84 -12.75
C GLN B 1011 5.57 13.44 -13.66
N LEU B 1012 4.41 12.80 -13.77
CA LEU B 1012 3.34 13.33 -14.59
C LEU B 1012 3.02 14.77 -14.22
N ILE B 1013 2.82 15.03 -12.92
CA ILE B 1013 2.54 16.38 -12.47
C ILE B 1013 3.73 17.28 -12.77
N ARG B 1014 4.94 16.82 -12.46
CA ARG B 1014 6.11 17.65 -12.70
C ARG B 1014 6.34 17.84 -14.20
N ALA B 1015 6.11 16.80 -14.99
CA ALA B 1015 6.25 16.94 -16.43
C ALA B 1015 5.25 17.95 -16.99
N ALA B 1016 4.06 18.00 -16.40
CA ALA B 1016 3.09 19.01 -16.81
C ALA B 1016 3.63 20.40 -16.53
N GLU B 1017 4.25 20.60 -15.37
CA GLU B 1017 4.89 21.87 -15.07
C GLU B 1017 5.92 22.24 -16.13
N ILE B 1018 6.80 21.28 -16.46
CA ILE B 1018 7.82 21.53 -17.48
C ILE B 1018 7.16 21.82 -18.82
N ARG B 1019 6.22 20.98 -19.23
CA ARG B 1019 5.51 21.19 -20.48
C ARG B 1019 4.79 22.52 -20.48
N ALA B 1020 4.34 22.97 -19.31
CA ALA B 1020 3.78 24.30 -19.21
C ALA B 1020 4.84 25.35 -19.51
N SER B 1021 6.06 25.15 -19.00
CA SER B 1021 7.14 26.07 -19.32
C SER B 1021 7.56 25.93 -20.77
N ALA B 1022 7.56 24.70 -21.29
CA ALA B 1022 7.94 24.49 -22.68
C ALA B 1022 7.05 25.29 -23.62
N ASN B 1023 5.73 25.21 -23.41
CA ASN B 1023 4.81 26.00 -24.21
C ASN B 1023 5.08 27.49 -24.02
N LEU B 1024 5.33 27.90 -22.78
CA LEU B 1024 5.77 29.28 -22.55
C LEU B 1024 7.12 29.53 -23.22
N ALA B 1025 8.03 28.56 -23.15
CA ALA B 1025 9.29 28.72 -23.84
C ALA B 1025 9.09 28.84 -25.34
N ALA B 1026 8.25 27.98 -25.91
CA ALA B 1026 7.98 28.06 -27.34
C ALA B 1026 7.39 29.41 -27.70
N THR B 1027 6.44 29.90 -26.89
CA THR B 1027 5.80 31.17 -27.20
C THR B 1027 6.81 32.31 -27.14
N LYS B 1028 7.69 32.30 -26.13
CA LYS B 1028 8.74 33.30 -26.08
C LYS B 1028 9.65 33.18 -27.29
N MET B 1029 10.02 31.96 -27.65
CA MET B 1029 10.76 31.75 -28.88
C MET B 1029 9.92 32.14 -30.09
N SER B 1030 8.60 31.91 -30.01
CA SER B 1030 7.74 32.26 -31.12
C SER B 1030 7.54 33.76 -31.23
N GLU B 1031 7.46 34.46 -30.11
CA GLU B 1031 7.07 35.86 -30.12
C GLU B 1031 8.17 36.82 -29.70
N CYS B 1032 9.27 36.32 -29.13
CA CYS B 1032 10.30 37.20 -28.65
C CYS B 1032 11.59 37.05 -29.46
N VAL B 1033 11.87 35.86 -29.97
CA VAL B 1033 12.94 35.64 -30.92
C VAL B 1033 12.49 35.98 -32.33
N LEU B 1034 11.45 35.30 -32.80
CA LEU B 1034 10.94 35.41 -34.15
C LEU B 1034 10.32 36.76 -34.43
N GLY B 1035 10.10 37.56 -33.41
CA GLY B 1035 9.52 38.87 -33.55
C GLY B 1035 9.64 39.60 -32.24
N GLN B 1036 9.22 40.86 -32.25
CA GLN B 1036 9.27 41.70 -31.05
C GLN B 1036 7.93 41.63 -30.35
N SER B 1037 7.90 41.05 -29.16
CA SER B 1037 6.65 40.95 -28.41
C SER B 1037 6.22 42.32 -27.91
N LYS B 1038 4.92 42.53 -27.78
CA LYS B 1038 4.37 43.76 -27.23
C LYS B 1038 3.75 43.55 -25.87
N ARG B 1039 3.96 42.40 -25.24
CA ARG B 1039 3.39 42.14 -23.94
C ARG B 1039 4.32 42.63 -22.86
N VAL B 1040 3.87 43.60 -22.07
CA VAL B 1040 4.72 44.23 -21.09
C VAL B 1040 5.14 43.20 -20.05
N ASP B 1041 6.44 43.19 -19.72
CA ASP B 1041 7.07 42.18 -18.88
C ASP B 1041 6.83 40.77 -19.37
N PHE B 1042 6.94 40.55 -20.69
CA PHE B 1042 6.98 39.20 -21.23
C PHE B 1042 8.37 38.84 -21.70
N CYS B 1043 9.16 39.83 -22.12
CA CYS B 1043 10.53 39.63 -22.58
C CYS B 1043 11.46 40.46 -21.69
N GLY B 1044 11.26 40.36 -20.39
CA GLY B 1044 12.08 41.10 -19.46
C GLY B 1044 11.56 42.51 -19.23
N LYS B 1045 12.01 43.09 -18.12
CA LYS B 1045 11.54 44.41 -17.72
C LYS B 1045 11.79 45.43 -18.81
N GLY B 1046 10.70 45.91 -19.40
CA GLY B 1046 10.79 47.09 -20.25
C GLY B 1046 10.28 46.93 -21.66
N TYR B 1047 10.35 48.02 -22.42
CA TYR B 1047 9.96 48.05 -23.82
C TYR B 1047 10.88 47.13 -24.59
N HIS B 1048 10.39 45.93 -24.89
CA HIS B 1048 11.26 44.87 -25.38
C HIS B 1048 11.81 45.19 -26.75
N LEU B 1049 13.04 44.74 -27.02
CA LEU B 1049 13.63 44.82 -28.35
C LEU B 1049 13.71 43.45 -29.02
N MET B 1050 14.39 42.50 -28.41
CA MET B 1050 14.70 41.26 -29.10
C MET B 1050 15.30 40.28 -28.13
N SER B 1051 15.42 39.04 -28.57
CA SER B 1051 16.00 38.06 -27.69
C SER B 1051 16.86 37.13 -28.52
N PHE B 1052 17.85 36.53 -27.84
CA PHE B 1052 18.79 35.61 -28.44
C PHE B 1052 18.73 34.29 -27.67
N PRO B 1053 18.00 33.31 -28.18
CA PRO B 1053 17.90 32.04 -27.48
C PRO B 1053 19.26 31.38 -27.41
N GLN B 1054 19.45 30.62 -26.35
CA GLN B 1054 20.73 30.00 -26.11
C GLN B 1054 20.47 28.61 -25.56
N SER B 1055 21.26 27.65 -26.00
CA SER B 1055 21.02 26.30 -25.53
C SER B 1055 21.37 26.18 -24.05
N ALA B 1056 21.03 25.04 -23.48
CA ALA B 1056 21.28 24.76 -22.08
C ALA B 1056 20.93 23.31 -21.83
N PRO B 1057 21.43 22.71 -20.76
CA PRO B 1057 21.03 21.35 -20.43
C PRO B 1057 19.60 21.31 -19.94
N HIS B 1058 18.78 20.50 -20.61
CA HIS B 1058 17.39 20.27 -20.22
C HIS B 1058 16.58 21.55 -20.18
N GLY B 1059 17.02 22.60 -20.86
CA GLY B 1059 16.31 23.86 -20.77
C GLY B 1059 16.88 24.85 -21.75
N VAL B 1060 16.39 26.07 -21.66
CA VAL B 1060 16.78 27.13 -22.58
C VAL B 1060 17.06 28.39 -21.78
N VAL B 1061 17.87 29.27 -22.34
CA VAL B 1061 18.21 30.55 -21.73
C VAL B 1061 18.08 31.62 -22.79
N PHE B 1062 17.40 32.72 -22.45
CA PHE B 1062 17.22 33.81 -23.39
C PHE B 1062 18.01 35.03 -22.92
N LEU B 1063 18.60 35.74 -23.86
CA LEU B 1063 19.28 36.99 -23.57
C LEU B 1063 18.45 38.14 -24.12
N HIS B 1064 17.43 38.53 -23.38
CA HIS B 1064 16.52 39.58 -23.82
C HIS B 1064 17.29 40.88 -23.90
N VAL B 1065 16.93 41.70 -24.87
CA VAL B 1065 17.51 43.04 -25.01
C VAL B 1065 16.37 44.04 -24.82
N THR B 1066 16.39 44.78 -23.72
CA THR B 1066 15.24 45.56 -23.29
C THR B 1066 15.61 47.03 -23.16
N TYR B 1067 14.76 47.89 -23.69
CA TYR B 1067 14.94 49.33 -23.61
C TYR B 1067 14.38 49.80 -22.27
N VAL B 1068 15.22 50.45 -21.46
CA VAL B 1068 14.81 50.98 -20.17
C VAL B 1068 15.20 52.45 -20.09
N PRO B 1069 14.27 53.37 -19.87
CA PRO B 1069 14.63 54.80 -19.83
C PRO B 1069 15.60 55.11 -18.71
N ALA B 1070 16.46 56.09 -18.94
CA ALA B 1070 17.48 56.32 -17.91
C ALA B 1070 17.49 57.72 -17.32
N GLN B 1071 17.55 58.75 -18.13
CA GLN B 1071 17.81 60.11 -17.66
C GLN B 1071 16.60 60.98 -18.00
N GLU B 1072 16.06 61.64 -16.98
CA GLU B 1072 14.71 62.19 -17.05
C GLU B 1072 14.68 63.65 -16.63
N LYS B 1073 13.73 64.38 -17.22
CA LYS B 1073 13.54 65.80 -16.97
C LYS B 1073 12.06 66.14 -16.91
N ASN B 1074 11.68 66.88 -15.88
CA ASN B 1074 10.33 67.42 -15.76
C ASN B 1074 10.08 68.40 -16.89
N PHE B 1075 8.82 68.52 -17.29
CA PHE B 1075 8.37 69.56 -18.20
C PHE B 1075 6.91 69.84 -17.91
N THR B 1076 6.42 70.98 -18.38
CA THR B 1076 5.03 71.34 -18.11
C THR B 1076 4.16 71.09 -19.34
N THR B 1077 3.02 70.42 -19.12
CA THR B 1077 2.23 69.82 -20.17
C THR B 1077 0.83 70.41 -20.20
N ALA B 1078 0.14 70.20 -21.31
CA ALA B 1078 -1.23 70.60 -21.52
C ALA B 1078 -1.73 69.93 -22.79
N PRO B 1079 -2.91 69.31 -22.77
CA PRO B 1079 -3.25 68.35 -23.84
C PRO B 1079 -3.42 69.00 -25.18
N ALA B 1080 -3.26 70.31 -25.29
CA ALA B 1080 -3.57 70.99 -26.54
C ALA B 1080 -2.86 72.33 -26.56
N ILE B 1081 -3.15 73.09 -27.61
CA ILE B 1081 -2.81 74.50 -27.71
C ILE B 1081 -3.84 75.17 -28.62
N CYS B 1082 -4.08 76.45 -28.37
CA CYS B 1082 -4.87 77.29 -29.26
C CYS B 1082 -3.91 78.00 -30.19
N HIS B 1083 -4.30 78.12 -31.47
CA HIS B 1083 -3.53 79.02 -32.33
C HIS B 1083 -4.40 80.18 -32.76
N ASP B 1084 -5.64 79.90 -33.16
CA ASP B 1084 -6.57 80.92 -33.59
C ASP B 1084 -7.86 80.93 -32.78
N GLY B 1085 -7.84 80.39 -31.56
CA GLY B 1085 -9.04 80.11 -30.81
C GLY B 1085 -9.56 78.69 -31.00
N LYS B 1086 -8.88 77.92 -31.84
CA LYS B 1086 -9.20 76.54 -32.10
C LYS B 1086 -8.21 75.61 -31.38
N ALA B 1087 -8.55 74.33 -31.34
CA ALA B 1087 -7.81 73.32 -30.58
C ALA B 1087 -6.88 72.51 -31.48
N HIS B 1088 -5.63 72.32 -31.03
CA HIS B 1088 -4.66 71.40 -31.61
C HIS B 1088 -4.31 70.29 -30.64
N PHE B 1089 -4.33 69.06 -31.12
CA PHE B 1089 -3.72 68.00 -30.35
C PHE B 1089 -2.48 67.50 -31.08
N PRO B 1090 -1.60 66.73 -30.43
CA PRO B 1090 -0.42 66.25 -31.12
C PRO B 1090 -0.67 64.93 -31.82
N ARG B 1091 -0.31 64.86 -33.10
CA ARG B 1091 -0.47 63.60 -33.83
C ARG B 1091 0.38 62.51 -33.19
N GLU B 1092 1.61 62.84 -32.85
CA GLU B 1092 2.50 61.91 -32.16
C GLU B 1092 3.33 62.72 -31.17
N GLY B 1093 3.14 62.44 -29.89
CA GLY B 1093 3.85 63.15 -28.84
C GLY B 1093 2.93 63.75 -27.78
N VAL B 1094 3.54 64.51 -26.88
CA VAL B 1094 2.80 65.32 -25.90
C VAL B 1094 3.39 66.71 -25.87
N PHE B 1095 2.59 67.66 -25.41
CA PHE B 1095 3.02 69.05 -25.35
C PHE B 1095 3.86 69.31 -24.10
N VAL B 1096 5.00 69.98 -24.29
CA VAL B 1096 5.89 70.35 -23.20
C VAL B 1096 6.38 71.78 -23.42
N SER B 1097 7.02 72.33 -22.40
CA SER B 1097 7.68 73.63 -22.51
C SER B 1097 9.03 73.58 -21.79
N ASN B 1098 10.02 74.25 -22.36
CA ASN B 1098 11.27 74.49 -21.65
C ASN B 1098 11.20 75.73 -20.77
N GLY B 1099 10.00 76.16 -20.39
CA GLY B 1099 9.79 77.29 -19.52
C GLY B 1099 9.40 78.57 -20.23
N THR B 1100 9.85 78.76 -21.46
CA THR B 1100 9.52 79.97 -22.21
C THR B 1100 8.88 79.62 -23.54
N HIS B 1101 9.24 78.45 -24.08
CA HIS B 1101 8.79 78.05 -25.40
C HIS B 1101 8.20 76.64 -25.32
N TRP B 1102 7.07 76.46 -25.98
CA TRP B 1102 6.33 75.20 -25.98
C TRP B 1102 6.80 74.25 -27.06
N PHE B 1103 6.97 72.99 -26.65
CA PHE B 1103 7.47 71.93 -27.51
C PHE B 1103 6.59 70.70 -27.38
N VAL B 1104 6.52 69.94 -28.47
CA VAL B 1104 5.79 68.69 -28.54
C VAL B 1104 6.79 67.59 -28.88
N THR B 1105 6.74 66.49 -28.14
CA THR B 1105 7.81 65.50 -28.26
C THR B 1105 7.27 64.11 -28.04
N GLN B 1106 7.99 63.13 -28.59
CA GLN B 1106 7.60 61.73 -28.42
C GLN B 1106 7.75 61.32 -26.96
N ARG B 1107 7.30 60.10 -26.66
CA ARG B 1107 6.86 59.82 -25.31
C ARG B 1107 7.90 59.16 -24.45
N ASN B 1108 8.98 58.61 -25.01
CA ASN B 1108 9.90 57.82 -24.20
C ASN B 1108 11.37 58.23 -24.32
N PHE B 1109 11.66 59.31 -25.03
CA PHE B 1109 13.04 59.77 -25.16
C PHE B 1109 12.98 61.21 -25.67
N TYR B 1110 13.41 62.18 -24.87
CA TYR B 1110 13.06 63.56 -25.16
C TYR B 1110 13.69 64.03 -26.46
N GLU B 1111 12.87 64.62 -27.35
CA GLU B 1111 13.33 65.50 -28.43
C GLU B 1111 12.25 66.53 -28.71
N PRO B 1112 12.47 67.80 -28.37
CA PRO B 1112 11.45 68.81 -28.67
C PRO B 1112 11.35 69.08 -30.16
N GLN B 1113 10.19 69.59 -30.60
CA GLN B 1113 10.02 70.05 -31.96
C GLN B 1113 9.21 71.34 -32.01
N ILE B 1114 9.51 72.15 -33.02
CA ILE B 1114 8.72 73.34 -33.31
C ILE B 1114 7.32 72.91 -33.72
N ILE B 1115 6.33 73.34 -32.94
CA ILE B 1115 4.97 72.86 -33.13
C ILE B 1115 4.40 73.52 -34.38
N THR B 1116 4.36 72.77 -35.47
CA THR B 1116 3.78 73.25 -36.72
C THR B 1116 2.53 72.44 -37.01
N THR B 1117 1.73 72.96 -37.94
CA THR B 1117 0.54 72.24 -38.39
C THR B 1117 0.88 70.86 -38.94
N ASP B 1118 2.09 70.69 -39.45
CA ASP B 1118 2.54 69.41 -40.01
C ASP B 1118 2.67 68.32 -38.96
N ASN B 1119 2.69 68.68 -37.68
CA ASN B 1119 2.72 67.71 -36.60
C ASN B 1119 1.41 67.61 -35.85
N THR B 1120 0.51 68.57 -36.07
CA THR B 1120 -0.67 68.73 -35.24
C THR B 1120 -1.92 68.52 -36.07
N PHE B 1121 -3.01 68.15 -35.39
CA PHE B 1121 -4.30 68.02 -36.05
C PHE B 1121 -5.37 68.80 -35.30
N VAL B 1122 -6.43 69.13 -36.04
CA VAL B 1122 -7.54 69.96 -35.59
C VAL B 1122 -8.58 69.10 -34.90
N SER B 1123 -9.18 69.61 -33.83
CA SER B 1123 -10.32 68.96 -33.21
C SER B 1123 -10.96 69.92 -32.21
N GLY B 1124 -12.06 70.58 -32.60
CA GLY B 1124 -12.78 71.47 -31.68
C GLY B 1124 -12.12 72.83 -31.48
N ASN B 1125 -12.52 73.50 -30.39
CA ASN B 1125 -12.00 74.82 -30.06
C ASN B 1125 -11.67 74.87 -28.57
N CYS B 1126 -11.27 76.04 -28.10
CA CYS B 1126 -10.60 76.18 -26.80
C CYS B 1126 -11.56 76.16 -25.62
N ASP B 1127 -12.87 76.10 -25.85
CA ASP B 1127 -13.84 76.29 -24.77
C ASP B 1127 -14.24 75.00 -24.06
N VAL B 1128 -13.74 73.85 -24.50
CA VAL B 1128 -14.12 72.56 -23.96
C VAL B 1128 -12.93 71.81 -23.38
N VAL B 1129 -11.74 72.08 -23.92
CA VAL B 1129 -10.55 71.34 -23.52
C VAL B 1129 -10.12 71.76 -22.13
N ILE B 1130 -9.76 70.80 -21.30
CA ILE B 1130 -9.22 71.08 -19.98
C ILE B 1130 -7.69 71.08 -20.06
N GLY B 1131 -7.08 72.21 -19.74
CA GLY B 1131 -5.65 72.33 -19.73
C GLY B 1131 -5.03 73.01 -20.92
N ILE B 1132 -5.79 73.19 -22.01
CA ILE B 1132 -5.23 73.80 -23.22
C ILE B 1132 -4.65 75.17 -22.89
N VAL B 1133 -3.60 75.54 -23.61
CA VAL B 1133 -2.91 76.81 -23.38
C VAL B 1133 -2.76 77.55 -24.70
N ASN B 1134 -2.85 78.87 -24.62
CA ASN B 1134 -2.61 79.71 -25.79
C ASN B 1134 -1.19 79.52 -26.28
N ASN B 1135 -1.02 79.51 -27.60
CA ASN B 1135 0.28 79.23 -28.20
C ASN B 1135 0.25 79.67 -29.66
N THR B 1136 1.41 79.62 -30.30
CA THR B 1136 1.53 79.95 -31.71
C THR B 1136 2.06 78.74 -32.46
N VAL B 1137 1.31 78.30 -33.46
CA VAL B 1137 1.70 77.20 -34.34
C VAL B 1137 2.24 77.80 -35.62
N TYR B 1138 3.39 77.31 -36.06
CA TYR B 1138 4.00 77.81 -37.29
C TYR B 1138 3.42 77.09 -38.50
N ASP B 1139 3.20 77.85 -39.58
CA ASP B 1139 2.74 77.31 -40.85
C ASP B 1139 3.86 77.42 -41.87
N PRO B 1140 4.43 76.31 -42.34
CA PRO B 1140 5.49 76.40 -43.35
C PRO B 1140 5.01 77.00 -44.66
N LEU B 1141 3.70 77.01 -44.90
CA LEU B 1141 3.19 77.41 -46.21
C LEU B 1141 3.33 78.92 -46.44
N GLN B 1142 2.98 79.72 -45.43
CA GLN B 1142 2.97 81.17 -45.59
C GLN B 1142 4.31 81.74 -46.05
N PRO B 1143 5.46 81.35 -45.50
CA PRO B 1143 6.72 81.89 -46.01
C PRO B 1143 6.95 81.62 -47.49
N GLU B 1144 6.50 80.46 -47.97
CA GLU B 1144 6.67 80.14 -49.38
C GLU B 1144 5.82 81.06 -50.26
N LEU B 1145 4.57 81.29 -49.85
CA LEU B 1145 3.72 82.20 -50.63
C LEU B 1145 4.23 83.63 -50.53
N ASP B 1146 4.66 84.05 -49.35
CA ASP B 1146 5.17 85.40 -49.18
C ASP B 1146 6.46 85.62 -49.95
N SER B 1147 7.36 84.65 -49.91
CA SER B 1147 8.64 84.76 -50.61
C SER B 1147 8.44 84.58 -52.11
N ALA C 27 -58.32 4.27 13.61
CA ALA C 27 -58.04 5.66 13.93
C ALA C 27 -56.57 5.97 13.70
N TYR C 28 -56.29 6.84 12.73
CA TYR C 28 -54.94 7.12 12.28
C TYR C 28 -54.72 8.62 12.17
N THR C 29 -53.51 9.05 12.51
CA THR C 29 -53.16 10.47 12.61
C THR C 29 -51.81 10.69 11.95
N ASN C 30 -51.48 11.95 11.71
CA ASN C 30 -50.20 12.31 11.11
C ASN C 30 -49.20 12.64 12.21
N SER C 31 -48.20 11.77 12.37
CA SER C 31 -47.07 12.11 13.22
C SER C 31 -46.12 13.08 12.56
N PHE C 32 -46.51 14.36 12.46
CA PHE C 32 -45.89 15.32 11.55
C PHE C 32 -44.36 15.28 11.54
N THR C 33 -43.74 15.64 12.66
CA THR C 33 -42.29 15.75 12.74
C THR C 33 -41.73 15.18 14.04
N ARG C 34 -42.52 14.43 14.79
CA ARG C 34 -42.15 14.05 16.13
C ARG C 34 -41.58 12.64 16.18
N GLY C 35 -40.81 12.38 17.20
CA GLY C 35 -40.09 11.14 17.34
C GLY C 35 -38.59 11.26 17.23
N VAL C 36 -38.02 12.43 17.51
CA VAL C 36 -36.59 12.66 17.35
C VAL C 36 -35.96 12.76 18.72
N TYR C 37 -34.98 11.89 18.97
CA TYR C 37 -34.31 11.81 20.26
C TYR C 37 -32.81 11.81 20.04
N TYR C 38 -32.09 12.32 21.02
CA TYR C 38 -30.65 12.48 20.89
C TYR C 38 -29.99 11.13 20.62
N PRO C 39 -29.23 10.99 19.54
CA PRO C 39 -28.68 9.67 19.20
C PRO C 39 -27.67 9.16 20.20
N ASP C 40 -27.10 10.03 21.03
CA ASP C 40 -25.99 9.67 21.88
C ASP C 40 -25.92 10.64 23.04
N LYS C 41 -24.84 10.57 23.81
CA LYS C 41 -24.61 11.43 24.97
C LYS C 41 -23.63 12.55 24.65
N VAL C 42 -23.37 12.77 23.37
CA VAL C 42 -22.29 13.64 22.92
C VAL C 42 -22.83 15.04 22.69
N PHE C 43 -22.26 16.02 23.40
CA PHE C 43 -22.58 17.40 23.11
C PHE C 43 -21.98 17.80 21.77
N ARG C 44 -22.72 18.63 21.04
CA ARG C 44 -22.26 19.26 19.81
C ARG C 44 -22.87 20.65 19.78
N SER C 45 -22.34 21.53 18.95
CA SER C 45 -22.82 22.90 18.95
C SER C 45 -22.77 23.50 17.56
N SER C 46 -23.86 24.20 17.21
CA SER C 46 -23.96 24.99 15.98
C SER C 46 -23.51 24.19 14.76
N VAL C 47 -23.84 22.90 14.78
CA VAL C 47 -23.31 21.97 13.80
C VAL C 47 -24.45 21.09 13.31
N LEU C 48 -24.34 20.63 12.08
CA LEU C 48 -25.30 19.69 11.49
C LEU C 48 -24.64 18.32 11.47
N HIS C 49 -25.13 17.42 12.31
CA HIS C 49 -24.55 16.10 12.46
C HIS C 49 -25.48 15.06 11.89
N SER C 50 -25.01 14.32 10.90
CA SER C 50 -25.81 13.29 10.24
C SER C 50 -25.59 11.96 10.95
N THR C 51 -26.66 11.19 11.10
CA THR C 51 -26.58 9.89 11.72
C THR C 51 -27.72 9.00 11.23
N GLN C 52 -27.48 7.70 11.30
CA GLN C 52 -28.50 6.70 11.00
C GLN C 52 -28.83 5.96 12.28
N ASP C 53 -30.11 5.95 12.62
CA ASP C 53 -30.57 5.34 13.86
C ASP C 53 -32.05 5.01 13.71
N LEU C 54 -32.58 4.31 14.69
CA LEU C 54 -33.99 3.93 14.69
C LEU C 54 -34.80 5.17 15.08
N PHE C 55 -35.63 5.64 14.15
CA PHE C 55 -36.45 6.82 14.36
C PHE C 55 -37.86 6.56 13.86
N LEU C 56 -38.80 7.37 14.34
CA LEU C 56 -40.11 7.43 13.73
C LEU C 56 -40.02 8.17 12.41
N PRO C 57 -40.44 7.57 11.30
CA PRO C 57 -40.40 8.27 10.02
C PRO C 57 -41.21 9.55 10.08
N PHE C 58 -40.71 10.59 9.40
CA PHE C 58 -41.43 11.84 9.33
C PHE C 58 -42.72 11.68 8.55
N PHE C 59 -43.77 12.35 9.02
CA PHE C 59 -45.11 12.27 8.42
C PHE C 59 -45.59 10.83 8.29
N SER C 60 -45.06 9.92 9.08
CA SER C 60 -45.51 8.54 9.02
C SER C 60 -46.90 8.42 9.62
N ASN C 61 -47.40 7.19 9.65
CA ASN C 61 -48.79 6.93 10.01
C ASN C 61 -48.86 6.27 11.38
N VAL C 62 -49.62 6.89 12.28
CA VAL C 62 -49.63 6.51 13.69
C VAL C 62 -51.02 6.05 14.09
N THR C 63 -51.08 4.94 14.82
CA THR C 63 -52.35 4.40 15.27
C THR C 63 -52.85 5.18 16.48
N TRP C 64 -54.10 5.62 16.43
CA TRP C 64 -54.68 6.47 17.46
C TRP C 64 -55.60 5.62 18.33
N PHE C 65 -55.44 5.72 19.64
CA PHE C 65 -56.27 5.01 20.60
C PHE C 65 -56.96 5.99 21.54
N HIS C 66 -58.03 5.54 22.17
CA HIS C 66 -58.77 6.36 23.12
C HIS C 66 -58.77 5.70 24.50
N ASN C 81 -57.31 -1.44 25.99
CA ASN C 81 -55.89 -1.63 26.30
C ASN C 81 -55.31 -2.85 25.57
N PRO C 82 -55.28 -2.79 24.23
CA PRO C 82 -54.83 -3.94 23.45
C PRO C 82 -53.33 -4.14 23.53
N VAL C 83 -52.91 -5.36 23.21
CA VAL C 83 -51.50 -5.71 23.13
C VAL C 83 -51.00 -5.38 21.73
N LEU C 84 -49.87 -4.68 21.65
CA LEU C 84 -49.38 -4.23 20.36
C LEU C 84 -47.94 -4.70 20.13
N PRO C 85 -47.54 -4.82 18.86
CA PRO C 85 -46.19 -5.33 18.57
C PRO C 85 -45.10 -4.31 18.92
N PHE C 86 -43.88 -4.82 19.05
CA PHE C 86 -42.69 -4.03 19.36
C PHE C 86 -41.65 -4.10 18.25
N ASN C 87 -42.09 -4.18 16.99
CA ASN C 87 -41.29 -4.68 15.86
C ASN C 87 -39.83 -4.26 15.87
N ASP C 88 -39.57 -2.96 15.84
CA ASP C 88 -38.20 -2.45 15.88
C ASP C 88 -37.99 -1.45 17.00
N GLY C 89 -38.92 -1.37 17.94
CA GLY C 89 -38.93 -0.32 18.95
C GLY C 89 -40.23 0.41 18.69
N VAL C 90 -40.74 1.06 19.73
CA VAL C 90 -42.05 1.69 19.69
C VAL C 90 -41.93 3.15 20.11
N TYR C 91 -42.40 4.03 19.25
CA TYR C 91 -42.71 5.40 19.64
C TYR C 91 -44.01 5.37 20.42
N PHE C 92 -44.01 5.97 21.60
CA PHE C 92 -45.22 6.08 22.40
C PHE C 92 -45.40 7.53 22.83
N ALA C 93 -46.56 8.09 22.52
CA ALA C 93 -46.91 9.42 22.96
C ALA C 93 -48.30 9.37 23.57
N SER C 94 -48.55 10.27 24.52
CA SER C 94 -49.79 10.26 25.25
C SER C 94 -50.13 11.66 25.72
N THR C 95 -51.41 12.00 25.58
CA THR C 95 -51.95 13.25 26.09
C THR C 95 -52.81 12.93 27.31
N GLU C 96 -52.80 13.83 28.28
CA GLU C 96 -53.46 13.58 29.55
C GLU C 96 -54.17 14.83 30.05
N LYS C 97 -55.14 14.59 30.93
CA LYS C 97 -55.73 15.63 31.75
C LYS C 97 -55.84 15.13 33.18
N SER C 98 -55.83 13.80 33.35
CA SER C 98 -56.05 13.20 34.67
C SER C 98 -55.13 12.01 34.92
N ASN C 99 -53.96 11.98 34.28
CA ASN C 99 -52.94 10.98 34.55
C ASN C 99 -53.48 9.56 34.45
N ILE C 100 -54.31 9.33 33.42
CA ILE C 100 -54.94 8.03 33.27
C ILE C 100 -53.91 6.94 33.04
N ILE C 101 -52.95 7.19 32.15
CA ILE C 101 -51.96 6.18 31.78
C ILE C 101 -50.94 6.03 32.90
N ARG C 102 -50.68 4.78 33.30
CA ARG C 102 -49.79 4.48 34.41
C ARG C 102 -48.55 3.70 34.02
N GLY C 103 -48.57 2.92 32.95
CA GLY C 103 -47.39 2.15 32.63
C GLY C 103 -47.52 1.32 31.38
N TRP C 104 -46.51 0.48 31.18
CA TRP C 104 -46.36 -0.35 29.98
C TRP C 104 -45.89 -1.74 30.39
N ILE C 105 -46.14 -2.70 29.51
CA ILE C 105 -45.56 -4.04 29.59
C ILE C 105 -44.70 -4.24 28.37
N PHE C 106 -43.53 -4.83 28.55
CA PHE C 106 -42.67 -5.25 27.44
C PHE C 106 -42.23 -6.68 27.63
N GLY C 107 -42.33 -7.47 26.56
CA GLY C 107 -41.95 -8.87 26.64
C GLY C 107 -42.31 -9.60 25.36
N THR C 108 -42.45 -10.91 25.48
CA THR C 108 -42.79 -11.75 24.34
C THR C 108 -44.21 -12.30 24.46
N THR C 109 -44.52 -12.92 25.60
CA THR C 109 -45.83 -13.52 25.78
C THR C 109 -46.59 -12.90 26.94
N LEU C 110 -45.88 -12.56 28.02
CA LEU C 110 -46.50 -11.92 29.19
C LEU C 110 -47.56 -12.82 29.83
N ASP C 111 -47.20 -14.06 30.08
CA ASP C 111 -48.07 -14.97 30.83
C ASP C 111 -47.24 -15.78 31.83
N SER C 112 -46.28 -15.11 32.48
CA SER C 112 -45.47 -15.70 33.54
C SER C 112 -44.76 -16.96 33.07
N LYS C 113 -44.20 -16.92 31.86
CA LYS C 113 -43.34 -18.00 31.39
C LYS C 113 -41.87 -17.58 31.27
N THR C 114 -41.61 -16.28 31.12
CA THR C 114 -40.25 -15.77 31.05
C THR C 114 -40.23 -14.38 31.68
N GLN C 115 -39.04 -13.78 31.75
CA GLN C 115 -38.90 -12.45 32.30
C GLN C 115 -39.53 -11.41 31.37
N SER C 116 -40.13 -10.39 31.97
CA SER C 116 -40.82 -9.36 31.22
C SER C 116 -40.76 -8.05 32.00
N LEU C 117 -41.01 -6.95 31.30
CA LEU C 117 -40.83 -5.62 31.85
C LEU C 117 -42.15 -5.05 32.38
N LEU C 118 -42.13 -4.59 33.62
CA LEU C 118 -43.22 -3.83 34.23
C LEU C 118 -42.69 -2.47 34.63
N ILE C 119 -43.15 -1.43 33.95
CA ILE C 119 -42.87 -0.06 34.34
C ILE C 119 -44.22 0.58 34.66
N VAL C 120 -44.42 0.95 35.93
CA VAL C 120 -45.68 1.50 36.41
C VAL C 120 -45.37 2.59 37.42
N ASN C 121 -46.08 3.70 37.33
CA ASN C 121 -46.00 4.79 38.30
C ASN C 121 -47.20 4.65 39.24
N ASN C 122 -46.99 4.04 40.40
CA ASN C 122 -48.07 3.83 41.36
C ASN C 122 -48.23 5.07 42.23
N ALA C 123 -48.49 6.20 41.56
CA ALA C 123 -49.09 7.41 42.11
C ALA C 123 -48.18 8.22 43.02
N THR C 124 -47.03 7.67 43.41
CA THR C 124 -45.98 8.47 44.02
C THR C 124 -44.59 8.07 43.57
N ASN C 125 -44.41 6.85 43.07
CA ASN C 125 -43.08 6.29 42.84
C ASN C 125 -43.09 5.48 41.56
N VAL C 126 -42.15 5.78 40.67
CA VAL C 126 -41.92 4.97 39.48
C VAL C 126 -41.27 3.66 39.91
N VAL C 127 -41.85 2.54 39.49
CA VAL C 127 -41.36 1.22 39.87
C VAL C 127 -41.09 0.43 38.61
N ILE C 128 -39.90 -0.15 38.50
CA ILE C 128 -39.51 -0.99 37.38
C ILE C 128 -39.06 -2.33 37.95
N LYS C 129 -39.64 -3.41 37.44
CA LYS C 129 -39.25 -4.76 37.80
C LYS C 129 -39.29 -5.62 36.54
N VAL C 130 -38.51 -6.69 36.55
CA VAL C 130 -38.28 -7.46 35.33
C VAL C 130 -38.62 -8.93 35.51
N CYS C 131 -39.39 -9.25 36.54
CA CYS C 131 -39.55 -10.64 36.95
C CYS C 131 -40.47 -11.37 35.98
N GLU C 132 -40.67 -12.66 36.25
CA GLU C 132 -41.64 -13.48 35.50
C GLU C 132 -43.04 -13.22 36.07
N PHE C 133 -43.59 -12.07 35.67
CA PHE C 133 -44.89 -11.63 36.15
C PHE C 133 -46.05 -12.41 35.52
N GLN C 134 -47.07 -12.68 36.33
CA GLN C 134 -48.35 -13.18 35.85
C GLN C 134 -49.30 -12.00 35.74
N PHE C 135 -49.73 -11.71 34.53
CA PHE C 135 -50.56 -10.55 34.24
C PHE C 135 -52.02 -10.97 34.12
N CYS C 136 -52.90 -9.99 34.33
CA CYS C 136 -54.32 -10.23 34.16
C CYS C 136 -54.65 -10.38 32.68
N ASN C 137 -55.84 -10.92 32.41
CA ASN C 137 -56.34 -10.96 31.04
C ASN C 137 -56.58 -9.55 30.50
N ASP C 138 -57.00 -8.64 31.38
CA ASP C 138 -57.15 -7.23 31.02
C ASP C 138 -56.62 -6.39 32.19
N PRO C 139 -55.30 -6.29 32.31
CA PRO C 139 -54.73 -5.52 33.42
C PRO C 139 -55.12 -4.06 33.35
N PHE C 140 -55.24 -3.44 34.53
CA PHE C 140 -55.66 -2.04 34.63
C PHE C 140 -55.34 -1.55 36.03
N LEU C 141 -55.67 -0.29 36.27
CA LEU C 141 -55.54 0.33 37.58
C LEU C 141 -56.81 1.12 37.89
N GLY C 142 -57.29 0.98 39.12
CA GLY C 142 -58.43 1.73 39.60
C GLY C 142 -58.02 3.00 40.31
N VAL C 143 -59.00 3.63 40.95
CA VAL C 143 -58.75 4.83 41.74
C VAL C 143 -59.26 4.63 43.16
N ASN C 165 -38.72 -16.07 39.28
CA ASN C 165 -37.40 -15.44 39.29
C ASN C 165 -37.43 -13.94 39.06
N CYS C 166 -36.41 -13.27 39.59
CA CYS C 166 -36.23 -11.83 39.44
C CYS C 166 -34.76 -11.53 39.24
N THR C 167 -34.47 -10.52 38.41
CA THR C 167 -33.11 -10.10 38.13
C THR C 167 -32.87 -8.60 38.25
N PHE C 168 -33.92 -7.79 38.43
CA PHE C 168 -33.73 -6.35 38.61
C PHE C 168 -35.03 -5.75 39.13
N GLU C 169 -34.89 -4.78 40.04
CA GLU C 169 -36.00 -3.99 40.54
C GLU C 169 -35.50 -2.59 40.86
N TYR C 170 -36.27 -1.57 40.43
CA TYR C 170 -35.97 -0.19 40.75
C TYR C 170 -37.25 0.53 41.16
N VAL C 171 -37.11 1.44 42.12
CA VAL C 171 -38.20 2.31 42.56
C VAL C 171 -37.66 3.74 42.66
N SER C 172 -38.43 4.70 42.16
CA SER C 172 -38.05 6.10 42.26
C SER C 172 -38.64 6.73 43.52
N PHE C 186 -56.70 18.33 25.91
CA PHE C 186 -55.67 17.89 26.84
C PHE C 186 -54.76 19.05 27.22
N LYS C 187 -53.98 18.88 28.28
CA LYS C 187 -53.13 19.95 28.79
C LYS C 187 -51.64 19.64 28.74
N ASN C 188 -51.26 18.37 28.74
CA ASN C 188 -49.85 17.99 28.75
C ASN C 188 -49.60 16.87 27.74
N LEU C 189 -48.35 16.76 27.32
CA LEU C 189 -47.91 15.73 26.39
C LEU C 189 -46.68 15.02 26.95
N ARG C 190 -46.69 13.70 26.88
CA ARG C 190 -45.58 12.87 27.34
C ARG C 190 -45.18 11.93 26.21
N GLU C 191 -44.09 12.25 25.54
CA GLU C 191 -43.61 11.45 24.42
C GLU C 191 -42.50 10.53 24.88
N PHE C 192 -42.54 9.27 24.42
CA PHE C 192 -41.62 8.23 24.84
C PHE C 192 -41.12 7.49 23.62
N VAL C 193 -39.90 6.97 23.70
CA VAL C 193 -39.35 6.07 22.70
C VAL C 193 -38.75 4.87 23.42
N PHE C 194 -39.23 3.68 23.10
CA PHE C 194 -38.76 2.45 23.71
C PHE C 194 -38.01 1.65 22.66
N LYS C 195 -36.73 1.41 22.89
CA LYS C 195 -35.95 0.52 22.05
C LYS C 195 -35.02 -0.31 22.92
N ASN C 196 -34.71 -1.52 22.44
CA ASN C 196 -33.89 -2.48 23.17
C ASN C 196 -32.80 -3.00 22.24
N ILE C 197 -31.61 -2.41 22.34
CA ILE C 197 -30.49 -2.73 21.47
C ILE C 197 -29.37 -3.32 22.32
N ASP C 198 -28.87 -4.48 21.91
CA ASP C 198 -27.78 -5.17 22.61
C ASP C 198 -28.17 -5.46 24.06
N GLY C 199 -29.44 -5.76 24.28
CA GLY C 199 -29.93 -6.09 25.59
C GLY C 199 -30.20 -4.92 26.51
N TYR C 200 -29.92 -3.70 26.07
CA TYR C 200 -30.15 -2.51 26.86
C TYR C 200 -31.49 -1.90 26.46
N PHE C 201 -32.39 -1.75 27.43
CA PHE C 201 -33.67 -1.12 27.19
C PHE C 201 -33.49 0.38 27.37
N LYS C 202 -33.50 1.11 26.28
CA LYS C 202 -33.25 2.55 26.28
C LYS C 202 -34.59 3.27 26.31
N ILE C 203 -34.70 4.28 27.16
CA ILE C 203 -35.93 5.04 27.34
C ILE C 203 -35.61 6.51 27.19
N TYR C 204 -36.39 7.21 26.39
CA TYR C 204 -36.29 8.65 26.24
C TYR C 204 -37.66 9.25 26.52
N SER C 205 -37.68 10.53 26.89
CA SER C 205 -38.95 11.15 27.20
C SER C 205 -38.85 12.67 27.05
N LYS C 206 -40.00 13.31 27.15
CA LYS C 206 -40.11 14.77 27.19
C LYS C 206 -41.53 15.12 27.61
N HIS C 207 -41.65 16.07 28.52
CA HIS C 207 -42.94 16.53 29.01
C HIS C 207 -43.15 17.97 28.58
N THR C 208 -44.36 18.30 28.14
CA THR C 208 -44.62 19.65 27.65
C THR C 208 -46.10 19.96 27.80
N PRO C 209 -46.44 21.21 28.09
CA PRO C 209 -47.86 21.59 28.11
C PRO C 209 -48.40 21.74 26.69
N ILE C 210 -49.67 21.39 26.52
CA ILE C 210 -50.35 21.48 25.24
C ILE C 210 -51.74 22.07 25.45
N ASN C 211 -52.28 22.68 24.38
CA ASN C 211 -53.67 23.11 24.34
C ASN C 211 -54.26 22.55 23.04
N LEU C 212 -54.72 21.29 23.11
CA LEU C 212 -55.27 20.59 21.96
C LEU C 212 -55.82 19.24 22.43
N VAL C 213 -56.91 18.78 21.84
CA VAL C 213 -57.60 17.58 22.30
C VAL C 213 -57.74 16.54 21.21
N ARG C 214 -57.59 16.93 19.94
CA ARG C 214 -57.87 16.00 18.86
C ARG C 214 -56.66 15.13 18.50
N ASP C 215 -55.53 15.73 18.17
CA ASP C 215 -54.41 15.00 17.60
C ASP C 215 -53.11 15.54 18.20
N LEU C 216 -51.99 15.03 17.68
CA LEU C 216 -50.70 15.53 18.13
C LEU C 216 -50.51 16.95 17.64
N PRO C 217 -49.92 17.81 18.47
CA PRO C 217 -49.58 19.15 18.00
C PRO C 217 -48.50 19.08 16.93
N GLN C 218 -48.63 19.94 15.93
CA GLN C 218 -47.64 19.99 14.87
C GLN C 218 -46.48 20.87 15.33
N GLY C 219 -45.32 20.26 15.46
CA GLY C 219 -44.16 20.94 16.01
C GLY C 219 -43.03 19.97 16.22
N PHE C 220 -41.95 20.49 16.78
CA PHE C 220 -40.73 19.71 16.91
C PHE C 220 -40.16 19.86 18.31
N SER C 221 -39.73 18.73 18.88
CA SER C 221 -39.04 18.73 20.16
C SER C 221 -38.30 17.41 20.30
N ALA C 222 -37.31 17.39 21.17
CA ALA C 222 -36.42 16.25 21.34
C ALA C 222 -36.90 15.37 22.49
N LEU C 223 -36.34 14.17 22.57
CA LEU C 223 -36.63 13.25 23.65
C LEU C 223 -35.33 12.86 24.36
N GLU C 224 -35.10 13.46 25.52
CA GLU C 224 -33.89 13.24 26.29
C GLU C 224 -33.89 11.85 26.91
N PRO C 225 -32.75 11.17 26.92
CA PRO C 225 -32.67 9.88 27.60
C PRO C 225 -32.80 10.05 29.09
N LEU C 226 -33.39 9.05 29.75
CA LEU C 226 -33.48 9.01 31.19
C LEU C 226 -32.99 7.69 31.79
N VAL C 227 -33.26 6.57 31.12
CA VAL C 227 -32.99 5.25 31.68
C VAL C 227 -32.28 4.40 30.64
N ASP C 228 -31.22 3.72 31.07
CA ASP C 228 -30.56 2.71 30.24
C ASP C 228 -30.45 1.46 31.11
N LEU C 229 -31.36 0.51 30.89
CA LEU C 229 -31.49 -0.64 31.77
C LEU C 229 -30.88 -1.88 31.12
N PRO C 230 -29.97 -2.60 31.78
CA PRO C 230 -29.35 -3.79 31.18
C PRO C 230 -30.15 -5.06 31.45
N ILE C 231 -31.38 -5.09 30.94
CA ILE C 231 -32.20 -6.29 31.04
C ILE C 231 -31.61 -7.44 30.23
N GLY C 232 -31.24 -7.19 28.98
CA GLY C 232 -30.83 -8.30 28.13
C GLY C 232 -31.89 -9.33 27.90
N ILE C 233 -33.16 -8.93 27.84
CA ILE C 233 -34.27 -9.84 27.62
C ILE C 233 -34.76 -9.66 26.19
N ASN C 234 -35.18 -10.75 25.56
CA ASN C 234 -35.66 -10.68 24.19
C ASN C 234 -37.14 -10.36 24.17
N ILE C 235 -37.48 -9.14 23.75
CA ILE C 235 -38.84 -8.62 23.78
C ILE C 235 -39.38 -8.58 22.36
N THR C 236 -40.63 -9.01 22.18
CA THR C 236 -41.30 -8.93 20.88
C THR C 236 -42.64 -8.22 20.90
N ARG C 237 -43.29 -8.09 22.06
CA ARG C 237 -44.62 -7.48 22.14
C ARG C 237 -44.65 -6.50 23.30
N PHE C 238 -45.72 -5.70 23.35
CA PHE C 238 -45.90 -4.79 24.46
C PHE C 238 -47.38 -4.44 24.61
N GLN C 239 -47.70 -3.79 25.72
CA GLN C 239 -49.07 -3.41 26.03
C GLN C 239 -49.06 -2.28 27.06
N THR C 240 -49.97 -1.32 26.88
CA THR C 240 -49.99 -0.09 27.66
C THR C 240 -50.96 -0.23 28.83
N LEU C 241 -50.69 0.50 29.92
CA LEU C 241 -51.47 0.39 31.14
C LEU C 241 -52.07 1.76 31.48
N LEU C 242 -53.35 1.78 31.80
CA LEU C 242 -54.03 3.01 32.16
C LEU C 242 -54.68 2.89 33.52
N ALA C 264 -55.87 10.10 25.77
CA ALA C 264 -55.58 9.35 24.56
C ALA C 264 -54.08 9.20 24.35
N TYR C 265 -53.69 8.26 23.49
CA TYR C 265 -52.29 8.00 23.23
C TYR C 265 -52.14 7.52 21.78
N TYR C 266 -50.88 7.36 21.36
CA TYR C 266 -50.56 7.09 19.97
C TYR C 266 -49.35 6.18 19.89
N VAL C 267 -49.27 5.37 18.83
CA VAL C 267 -48.21 4.38 18.67
C VAL C 267 -47.76 4.36 17.21
N GLY C 268 -46.47 4.66 16.99
CA GLY C 268 -45.83 4.44 15.72
C GLY C 268 -44.70 3.43 15.88
N TYR C 269 -43.97 3.22 14.78
CA TYR C 269 -42.87 2.26 14.78
C TYR C 269 -41.62 2.87 14.16
N LEU C 270 -40.49 2.57 14.79
CA LEU C 270 -39.21 3.13 14.39
C LEU C 270 -38.59 2.32 13.25
N GLN C 271 -37.85 3.01 12.40
CA GLN C 271 -37.22 2.35 11.26
C GLN C 271 -35.81 2.85 11.07
N PRO C 272 -34.91 2.01 10.57
CA PRO C 272 -33.50 2.41 10.45
C PRO C 272 -33.26 3.42 9.34
N ARG C 273 -33.46 4.69 9.62
CA ARG C 273 -33.40 5.73 8.62
C ARG C 273 -32.31 6.75 8.93
N THR C 274 -31.95 7.53 7.92
CA THR C 274 -30.90 8.53 8.03
C THR C 274 -31.50 9.89 8.38
N PHE C 275 -30.85 10.61 9.29
CA PHE C 275 -31.33 11.89 9.75
C PHE C 275 -30.21 12.92 9.87
N LEU C 276 -30.57 14.16 9.61
CA LEU C 276 -29.71 15.32 9.83
C LEU C 276 -30.22 16.06 11.05
N LEU C 277 -29.39 16.13 12.08
CA LEU C 277 -29.77 16.75 13.35
C LEU C 277 -29.11 18.11 13.46
N LYS C 278 -29.90 19.15 13.73
CA LYS C 278 -29.41 20.50 13.86
C LYS C 278 -29.25 20.83 15.33
N TYR C 279 -28.02 20.91 15.79
CA TYR C 279 -27.70 21.31 17.15
C TYR C 279 -27.60 22.82 17.22
N ASN C 280 -28.24 23.42 18.23
CA ASN C 280 -28.19 24.86 18.39
C ASN C 280 -26.90 25.27 19.09
N GLU C 281 -26.85 26.52 19.54
CA GLU C 281 -25.67 27.01 20.25
C GLU C 281 -25.57 26.41 21.65
N ASN C 282 -26.61 25.72 22.11
CA ASN C 282 -26.65 25.17 23.45
C ASN C 282 -26.53 23.65 23.49
N GLY C 283 -26.65 22.98 22.36
CA GLY C 283 -26.64 21.54 22.34
C GLY C 283 -28.00 20.89 22.30
N THR C 284 -29.08 21.66 22.24
CA THR C 284 -30.42 21.13 22.05
C THR C 284 -30.79 21.20 20.58
N ILE C 285 -31.45 20.15 20.10
CA ILE C 285 -31.72 20.00 18.69
C ILE C 285 -33.01 20.73 18.36
N THR C 286 -33.00 21.51 17.29
CA THR C 286 -34.14 22.35 16.95
C THR C 286 -34.87 21.93 15.68
N ASP C 287 -34.20 21.26 14.75
CA ASP C 287 -34.79 20.85 13.48
C ASP C 287 -34.15 19.53 13.06
N ALA C 288 -34.81 18.84 12.15
CA ALA C 288 -34.26 17.60 11.61
C ALA C 288 -34.82 17.38 10.21
N VAL C 289 -34.09 16.60 9.43
CA VAL C 289 -34.46 16.31 8.05
C VAL C 289 -34.46 14.80 7.85
N ASP C 290 -35.60 14.26 7.44
CA ASP C 290 -35.71 12.86 7.04
C ASP C 290 -35.38 12.77 5.56
N CYS C 291 -34.12 12.54 5.24
CA CYS C 291 -33.71 12.49 3.85
C CYS C 291 -34.04 11.17 3.18
N ALA C 292 -34.98 10.40 3.72
CA ALA C 292 -35.66 9.36 2.96
C ALA C 292 -37.13 9.70 2.75
N LEU C 293 -37.54 10.91 3.15
CA LEU C 293 -38.92 11.34 2.94
C LEU C 293 -39.21 11.64 1.49
N ASP C 294 -38.50 12.60 0.91
CA ASP C 294 -38.86 13.14 -0.39
C ASP C 294 -37.58 13.55 -1.10
N PRO C 295 -37.65 13.79 -2.42
CA PRO C 295 -36.46 14.24 -3.14
C PRO C 295 -35.85 15.51 -2.59
N LEU C 296 -36.65 16.44 -2.10
CA LEU C 296 -36.07 17.61 -1.45
C LEU C 296 -35.26 17.21 -0.23
N SER C 297 -35.78 16.26 0.54
CA SER C 297 -35.06 15.85 1.75
C SER C 297 -33.81 15.06 1.40
N GLU C 298 -33.88 14.18 0.39
CA GLU C 298 -32.70 13.42 0.01
C GLU C 298 -31.54 14.33 -0.35
N THR C 299 -31.83 15.48 -0.94
CA THR C 299 -30.77 16.45 -1.24
C THR C 299 -30.15 17.01 0.04
N LYS C 300 -30.98 17.26 1.05
CA LYS C 300 -30.51 17.96 2.24
C LYS C 300 -29.43 17.18 2.97
N CYS C 301 -29.56 15.85 3.06
CA CYS C 301 -28.49 15.06 3.63
C CYS C 301 -27.21 15.13 2.79
N THR C 302 -27.35 15.09 1.46
CA THR C 302 -26.16 15.09 0.62
C THR C 302 -25.38 16.38 0.75
N LEU C 303 -26.05 17.52 0.76
CA LEU C 303 -25.36 18.78 0.97
C LEU C 303 -25.12 19.07 2.44
N LYS C 304 -25.71 18.29 3.34
CA LYS C 304 -25.54 18.46 4.78
C LYS C 304 -25.89 19.89 5.21
N SER C 305 -27.02 20.38 4.70
CA SER C 305 -27.50 21.71 5.06
C SER C 305 -29.00 21.72 4.96
N PHE C 306 -29.63 22.57 5.78
CA PHE C 306 -31.08 22.69 5.73
C PHE C 306 -31.55 23.53 4.56
N THR C 307 -30.67 24.33 3.97
CA THR C 307 -30.99 25.12 2.79
C THR C 307 -29.99 24.77 1.68
N VAL C 308 -30.51 24.65 0.47
CA VAL C 308 -29.70 24.28 -0.69
C VAL C 308 -29.83 25.32 -1.77
N GLU C 309 -28.70 25.69 -2.36
CA GLU C 309 -28.72 26.53 -3.54
C GLU C 309 -29.30 25.75 -4.72
N LYS C 310 -29.96 26.48 -5.61
CA LYS C 310 -30.56 25.86 -6.79
C LYS C 310 -29.53 25.07 -7.57
N GLY C 311 -30.01 24.09 -8.32
CA GLY C 311 -29.13 23.34 -9.20
C GLY C 311 -29.58 21.91 -9.32
N ILE C 312 -28.66 21.08 -9.81
CA ILE C 312 -28.86 19.64 -9.96
C ILE C 312 -27.83 18.94 -9.10
N TYR C 313 -28.29 18.02 -8.25
CA TYR C 313 -27.43 17.33 -7.32
C TYR C 313 -27.58 15.83 -7.47
N GLN C 314 -26.49 15.15 -7.80
CA GLN C 314 -26.50 13.69 -7.83
C GLN C 314 -26.56 13.22 -6.38
N THR C 315 -27.59 12.46 -6.06
CA THR C 315 -27.85 12.11 -4.67
C THR C 315 -27.75 10.64 -4.35
N SER C 316 -28.37 9.78 -5.14
CA SER C 316 -28.36 8.35 -4.92
C SER C 316 -28.45 7.69 -6.28
N ASN C 317 -28.78 6.40 -6.31
CA ASN C 317 -28.71 5.67 -7.57
C ASN C 317 -29.89 4.71 -7.67
N PHE C 318 -30.63 4.78 -8.77
CA PHE C 318 -31.83 3.98 -9.00
C PHE C 318 -31.47 2.60 -9.53
N ARG C 319 -32.05 1.56 -8.94
CA ARG C 319 -31.77 0.20 -9.37
C ARG C 319 -33.04 -0.62 -9.37
N VAL C 320 -33.41 -1.15 -10.53
CA VAL C 320 -34.62 -1.96 -10.63
C VAL C 320 -34.46 -3.21 -9.77
N GLN C 321 -35.42 -3.48 -9.01
CA GLN C 321 -35.18 -4.61 -8.12
C GLN C 321 -35.67 -5.91 -8.75
N PRO C 322 -35.02 -7.01 -8.41
CA PRO C 322 -35.47 -8.32 -8.91
C PRO C 322 -36.84 -8.66 -8.36
N THR C 323 -37.63 -9.39 -9.15
CA THR C 323 -38.97 -9.77 -8.74
C THR C 323 -39.11 -11.25 -8.39
N GLU C 324 -38.27 -12.11 -8.94
CA GLU C 324 -38.36 -13.54 -8.70
C GLU C 324 -36.97 -14.10 -8.43
N SER C 325 -36.93 -15.34 -7.94
CA SER C 325 -35.69 -16.08 -7.79
C SER C 325 -35.76 -17.28 -8.72
N ILE C 326 -34.90 -17.31 -9.72
CA ILE C 326 -35.05 -18.23 -10.85
C ILE C 326 -33.86 -19.20 -10.80
N VAL C 327 -34.14 -20.48 -11.00
CA VAL C 327 -33.10 -21.51 -10.92
C VAL C 327 -33.26 -22.50 -12.05
N ARG C 328 -32.16 -22.78 -12.75
CA ARG C 328 -32.15 -23.72 -13.87
C ARG C 328 -30.95 -24.66 -13.71
N PHE C 329 -31.23 -25.91 -13.36
CA PHE C 329 -30.20 -26.94 -13.31
C PHE C 329 -30.40 -27.98 -14.40
N PRO C 330 -29.34 -28.72 -14.73
CA PRO C 330 -29.46 -29.78 -15.72
C PRO C 330 -30.48 -30.84 -15.31
N ASN C 331 -30.73 -31.76 -16.23
CA ASN C 331 -31.81 -32.71 -16.07
C ASN C 331 -31.31 -34.07 -15.57
N ILE C 332 -29.99 -34.26 -15.49
CA ILE C 332 -29.39 -35.48 -14.97
C ILE C 332 -29.54 -35.49 -13.45
N THR C 333 -30.18 -36.52 -12.90
CA THR C 333 -30.32 -36.58 -11.45
C THR C 333 -30.13 -37.98 -10.88
N ASN C 334 -29.16 -38.75 -11.38
CA ASN C 334 -29.16 -40.15 -10.95
C ASN C 334 -28.50 -40.37 -9.59
N LEU C 335 -27.16 -40.29 -9.51
CA LEU C 335 -26.44 -40.29 -8.23
C LEU C 335 -24.94 -40.22 -8.53
N CYS C 336 -24.18 -39.57 -7.65
CA CYS C 336 -22.74 -39.82 -7.59
C CYS C 336 -22.45 -40.77 -6.45
N PRO C 337 -21.59 -41.76 -6.65
CA PRO C 337 -21.29 -42.71 -5.58
C PRO C 337 -20.41 -42.13 -4.49
N PHE C 338 -20.87 -41.05 -3.84
CA PHE C 338 -20.20 -40.61 -2.62
C PHE C 338 -20.17 -41.73 -1.59
N GLY C 339 -21.28 -42.46 -1.46
CA GLY C 339 -21.26 -43.62 -0.58
C GLY C 339 -20.18 -44.60 -0.94
N GLU C 340 -20.00 -44.85 -2.24
CA GLU C 340 -18.99 -45.78 -2.69
C GLU C 340 -17.59 -45.33 -2.27
N VAL C 341 -17.24 -44.08 -2.56
CA VAL C 341 -15.91 -43.61 -2.20
C VAL C 341 -15.79 -43.46 -0.68
N PHE C 342 -16.79 -42.85 -0.06
CA PHE C 342 -16.70 -42.62 1.39
C PHE C 342 -16.72 -43.93 2.15
N ASN C 343 -17.60 -44.84 1.75
CA ASN C 343 -17.71 -46.15 2.39
C ASN C 343 -16.97 -47.24 1.63
N ALA C 344 -15.87 -46.89 0.97
CA ALA C 344 -15.08 -47.88 0.25
C ALA C 344 -14.61 -48.97 1.20
N THR C 345 -14.67 -50.22 0.73
CA THR C 345 -14.30 -51.39 1.51
C THR C 345 -12.95 -51.18 2.17
N ARG C 346 -11.93 -50.96 1.34
CA ARG C 346 -10.58 -50.72 1.81
C ARG C 346 -9.99 -49.59 1.00
N PHE C 347 -9.21 -48.73 1.64
CA PHE C 347 -8.59 -47.71 0.83
C PHE C 347 -7.15 -48.13 0.53
N ALA C 348 -6.46 -47.29 -0.24
CA ALA C 348 -5.06 -47.54 -0.47
C ALA C 348 -4.22 -46.78 0.55
N SER C 349 -2.93 -47.07 0.59
CA SER C 349 -2.07 -46.29 1.47
C SER C 349 -1.78 -44.93 0.84
N VAL C 350 -1.16 -44.05 1.62
CA VAL C 350 -0.96 -42.68 1.17
C VAL C 350 -0.01 -42.63 0.00
N TYR C 351 1.00 -43.51 -0.03
CA TYR C 351 2.03 -43.40 -1.07
C TYR C 351 1.47 -43.81 -2.43
N ALA C 352 0.55 -44.76 -2.44
CA ALA C 352 -0.04 -45.25 -3.68
C ALA C 352 -1.52 -44.91 -3.70
N TRP C 353 -1.85 -43.68 -3.30
CA TRP C 353 -3.22 -43.32 -2.98
C TRP C 353 -4.15 -43.50 -4.17
N ASN C 354 -5.41 -43.78 -3.87
CA ASN C 354 -6.42 -44.04 -4.87
C ASN C 354 -7.16 -42.76 -5.21
N ARG C 355 -7.35 -42.53 -6.50
CA ARG C 355 -8.12 -41.41 -7.00
C ARG C 355 -9.34 -41.92 -7.73
N LYS C 356 -10.51 -41.42 -7.34
CA LYS C 356 -11.77 -41.80 -7.95
C LYS C 356 -12.32 -40.60 -8.70
N ARG C 357 -13.00 -40.84 -9.80
CA ARG C 357 -13.65 -39.79 -10.57
C ARG C 357 -15.14 -39.77 -10.26
N ILE C 358 -15.65 -38.58 -10.00
CA ILE C 358 -17.03 -38.38 -9.59
C ILE C 358 -17.68 -37.41 -10.56
N SER C 359 -18.73 -37.85 -11.24
CA SER C 359 -19.41 -37.02 -12.22
C SER C 359 -20.78 -37.61 -12.52
N ASN C 360 -21.51 -36.89 -13.38
CA ASN C 360 -22.76 -37.36 -13.96
C ASN C 360 -23.76 -37.58 -12.82
N CYS C 361 -24.14 -36.51 -12.12
CA CYS C 361 -25.15 -36.63 -11.08
C CYS C 361 -25.66 -35.32 -10.51
N VAL C 362 -26.43 -35.45 -9.43
CA VAL C 362 -26.66 -34.40 -8.45
C VAL C 362 -26.07 -34.90 -7.13
N ALA C 363 -25.68 -33.96 -6.26
CA ALA C 363 -24.95 -34.32 -5.06
C ALA C 363 -25.41 -33.47 -3.88
N ASP C 364 -25.44 -34.06 -2.69
CA ASP C 364 -26.13 -33.46 -1.57
C ASP C 364 -25.20 -33.31 -0.35
N TYR C 365 -24.07 -32.63 -0.55
CA TYR C 365 -22.99 -32.58 0.44
C TYR C 365 -23.43 -32.26 1.86
N SER C 366 -24.63 -31.68 2.04
CA SER C 366 -25.04 -31.28 3.38
C SER C 366 -25.13 -32.47 4.33
N VAL C 367 -25.46 -33.66 3.82
CA VAL C 367 -25.41 -34.85 4.67
C VAL C 367 -23.99 -35.13 5.12
N LEU C 368 -23.00 -34.82 4.27
CA LEU C 368 -21.62 -35.01 4.67
C LEU C 368 -21.27 -34.11 5.85
N TYR C 369 -21.66 -32.85 5.78
CA TYR C 369 -21.39 -31.92 6.88
C TYR C 369 -22.16 -32.30 8.14
N ASN C 370 -23.42 -32.69 8.01
CA ASN C 370 -24.25 -33.04 9.15
C ASN C 370 -24.13 -34.54 9.39
N SER C 371 -22.99 -34.95 9.93
CA SER C 371 -22.78 -36.34 10.33
C SER C 371 -22.25 -36.51 11.75
N ALA C 372 -21.46 -35.58 12.28
CA ALA C 372 -20.90 -35.64 13.61
C ALA C 372 -19.90 -36.78 13.74
N SER C 373 -19.74 -37.56 12.67
CA SER C 373 -18.79 -38.66 12.62
C SER C 373 -17.42 -38.23 12.13
N PHE C 374 -17.27 -36.98 11.70
CA PHE C 374 -16.05 -36.49 11.09
C PHE C 374 -15.34 -35.56 12.05
N SER C 375 -14.19 -36.00 12.56
CA SER C 375 -13.47 -35.19 13.54
C SER C 375 -12.94 -33.90 12.93
N THR C 376 -12.46 -33.96 11.69
CA THR C 376 -11.98 -32.77 10.99
C THR C 376 -12.77 -32.60 9.71
N PHE C 377 -13.55 -31.53 9.64
CA PHE C 377 -14.21 -31.16 8.40
C PHE C 377 -13.85 -29.71 8.10
N LYS C 378 -12.71 -29.50 7.48
CA LYS C 378 -12.25 -28.14 7.17
C LYS C 378 -12.11 -28.01 5.67
N CYS C 379 -12.43 -26.84 5.16
CA CYS C 379 -12.44 -26.59 3.73
C CYS C 379 -11.69 -25.31 3.44
N TYR C 380 -11.10 -25.25 2.25
CA TYR C 380 -10.23 -24.13 1.95
C TYR C 380 -10.93 -23.31 0.89
N GLY C 381 -11.83 -22.44 1.33
CA GLY C 381 -12.62 -21.63 0.43
C GLY C 381 -14.12 -21.75 0.56
N VAL C 382 -14.67 -22.94 0.81
CA VAL C 382 -16.12 -23.03 0.87
C VAL C 382 -16.59 -22.76 2.28
N SER C 383 -17.80 -22.27 2.36
CA SER C 383 -18.70 -22.55 3.45
C SER C 383 -19.00 -24.04 3.47
N PRO C 384 -18.85 -24.73 4.57
CA PRO C 384 -19.30 -26.13 4.59
C PRO C 384 -20.78 -26.22 4.25
N THR C 385 -21.55 -25.25 4.70
CA THR C 385 -22.90 -25.06 4.20
C THR C 385 -22.84 -24.45 2.81
N LYS C 386 -24.01 -24.23 2.21
CA LYS C 386 -24.11 -23.55 0.93
C LYS C 386 -23.42 -24.32 -0.18
N LEU C 387 -22.80 -25.46 0.14
CA LEU C 387 -22.03 -26.22 -0.84
C LEU C 387 -22.94 -26.94 -1.82
N ASN C 388 -24.23 -27.02 -1.51
CA ASN C 388 -25.18 -27.62 -2.44
C ASN C 388 -25.69 -26.65 -3.48
N ASP C 389 -25.27 -25.38 -3.43
CA ASP C 389 -25.70 -24.35 -4.36
C ASP C 389 -24.70 -24.14 -5.50
N LEU C 390 -23.76 -25.08 -5.68
CA LEU C 390 -22.70 -24.94 -6.65
C LEU C 390 -22.77 -26.03 -7.71
N CYS C 391 -22.04 -25.81 -8.81
CA CYS C 391 -21.98 -26.75 -9.92
C CYS C 391 -20.54 -26.98 -10.37
N PHE C 392 -20.17 -28.26 -10.53
CA PHE C 392 -18.79 -28.61 -10.80
C PHE C 392 -18.71 -29.57 -11.98
N THR C 393 -17.61 -29.44 -12.73
CA THR C 393 -17.35 -30.31 -13.87
C THR C 393 -16.82 -31.66 -13.41
N ASN C 394 -15.73 -31.65 -12.66
CA ASN C 394 -15.19 -32.89 -12.11
C ASN C 394 -14.98 -32.71 -10.62
N VAL C 395 -15.40 -33.73 -9.87
CA VAL C 395 -15.21 -33.77 -8.43
C VAL C 395 -14.25 -34.91 -8.13
N TYR C 396 -13.10 -34.58 -7.56
CA TYR C 396 -12.11 -35.58 -7.22
C TYR C 396 -12.29 -36.06 -5.79
N ALA C 397 -12.04 -37.34 -5.57
CA ALA C 397 -12.14 -37.94 -4.25
C ALA C 397 -10.85 -38.70 -3.98
N ASP C 398 -9.93 -38.05 -3.27
CA ASP C 398 -8.71 -38.68 -2.82
C ASP C 398 -8.87 -39.05 -1.37
N SER C 399 -8.18 -40.11 -0.93
CA SER C 399 -8.51 -40.76 0.32
C SER C 399 -7.34 -41.60 0.83
N PHE C 400 -7.15 -41.57 2.15
CA PHE C 400 -5.84 -41.79 2.75
C PHE C 400 -5.92 -42.70 3.95
N VAL C 401 -4.76 -43.07 4.48
CA VAL C 401 -4.66 -43.77 5.75
C VAL C 401 -3.67 -43.05 6.66
N ILE C 402 -3.56 -41.73 6.52
CA ILE C 402 -2.52 -41.00 7.25
C ILE C 402 -2.76 -41.08 8.76
N ARG C 403 -1.79 -40.60 9.51
CA ARG C 403 -1.81 -40.69 10.96
C ARG C 403 -2.53 -39.49 11.56
N GLY C 404 -2.90 -39.60 12.84
CA GLY C 404 -3.60 -38.55 13.56
C GLY C 404 -2.92 -37.20 13.61
N ASP C 405 -1.75 -37.15 14.25
CA ASP C 405 -1.00 -35.90 14.34
C ASP C 405 -0.65 -35.35 12.96
N GLU C 406 -0.80 -36.17 11.92
CA GLU C 406 -0.42 -35.81 10.56
C GLU C 406 -1.50 -35.03 9.83
N VAL C 407 -2.77 -35.17 10.24
CA VAL C 407 -3.90 -34.61 9.49
C VAL C 407 -3.69 -33.13 9.20
N ARG C 408 -3.00 -32.43 10.10
CA ARG C 408 -2.76 -31.00 9.90
C ARG C 408 -2.04 -30.72 8.59
N GLN C 409 -1.28 -31.69 8.08
CA GLN C 409 -0.49 -31.45 6.88
C GLN C 409 -1.28 -31.61 5.60
N ILE C 410 -2.48 -32.19 5.63
CA ILE C 410 -3.29 -32.34 4.43
C ILE C 410 -4.02 -31.02 4.27
N ALA C 411 -3.35 -30.06 3.65
CA ALA C 411 -3.78 -28.68 3.62
C ALA C 411 -2.87 -27.88 2.71
N PRO C 412 -3.33 -26.76 2.17
CA PRO C 412 -2.44 -25.90 1.39
C PRO C 412 -1.35 -25.33 2.28
N GLY C 413 -0.17 -25.15 1.70
CA GLY C 413 0.92 -24.49 2.38
C GLY C 413 1.59 -25.27 3.48
N GLN C 414 1.12 -26.48 3.77
CA GLN C 414 1.78 -27.28 4.80
C GLN C 414 3.06 -27.88 4.28
N THR C 415 3.95 -28.21 5.21
CA THR C 415 5.19 -28.89 4.92
C THR C 415 5.43 -29.93 6.00
N GLY C 416 5.92 -31.09 5.58
CA GLY C 416 6.10 -32.20 6.49
C GLY C 416 6.19 -33.50 5.75
N LYS C 417 6.11 -34.58 6.51
CA LYS C 417 6.51 -35.88 5.96
C LYS C 417 5.60 -36.31 4.82
N ILE C 418 4.29 -36.33 5.05
CA ILE C 418 3.36 -36.69 3.98
C ILE C 418 3.25 -35.56 2.97
N ALA C 419 3.21 -34.32 3.44
CA ALA C 419 2.99 -33.19 2.55
C ALA C 419 4.17 -32.91 1.63
N ASP C 420 5.24 -33.70 1.70
CA ASP C 420 6.38 -33.52 0.81
C ASP C 420 6.60 -34.69 -0.13
N TYR C 421 6.57 -35.92 0.37
CA TYR C 421 6.91 -37.09 -0.44
C TYR C 421 5.75 -38.04 -0.65
N ASN C 422 4.56 -37.73 -0.14
CA ASN C 422 3.47 -38.70 -0.19
C ASN C 422 2.23 -38.12 -0.86
N TYR C 423 1.98 -36.83 -0.64
CA TYR C 423 0.82 -36.14 -1.19
C TYR C 423 1.08 -34.66 -1.10
N LYS C 424 0.84 -33.92 -2.17
CA LYS C 424 1.01 -32.48 -2.14
C LYS C 424 -0.29 -31.80 -2.54
N LEU C 425 -0.88 -31.09 -1.60
CA LEU C 425 -1.97 -30.24 -2.06
C LEU C 425 -1.40 -28.96 -2.66
N PRO C 426 -2.03 -28.42 -3.70
CA PRO C 426 -1.53 -27.17 -4.29
C PRO C 426 -1.86 -25.98 -3.41
N ASP C 427 -1.20 -24.86 -3.70
CA ASP C 427 -1.43 -23.65 -2.92
C ASP C 427 -2.85 -23.14 -3.10
N ASP C 428 -3.31 -23.06 -4.35
CA ASP C 428 -4.69 -22.64 -4.60
C ASP C 428 -5.65 -23.81 -4.60
N PHE C 429 -5.63 -24.63 -3.55
CA PHE C 429 -6.53 -25.76 -3.49
C PHE C 429 -7.96 -25.28 -3.31
N THR C 430 -8.88 -25.91 -4.03
CA THR C 430 -10.30 -25.54 -3.95
C THR C 430 -11.09 -26.78 -3.56
N GLY C 431 -11.23 -27.00 -2.26
CA GLY C 431 -11.97 -28.17 -1.83
C GLY C 431 -12.10 -28.26 -0.32
N CYS C 432 -12.42 -29.48 0.12
CA CYS C 432 -12.61 -29.79 1.51
C CYS C 432 -11.72 -30.97 1.88
N VAL C 433 -11.34 -31.03 3.15
CA VAL C 433 -10.54 -32.13 3.67
C VAL C 433 -11.33 -32.75 4.81
N ILE C 434 -11.89 -33.92 4.57
CA ILE C 434 -12.78 -34.58 5.52
C ILE C 434 -11.95 -35.67 6.21
N ALA C 435 -11.80 -35.56 7.51
CA ALA C 435 -11.04 -36.54 8.29
C ALA C 435 -11.91 -37.11 9.41
N TRP C 436 -11.77 -38.42 9.62
CA TRP C 436 -12.43 -39.06 10.75
C TRP C 436 -11.63 -40.33 11.08
N ASN C 437 -11.17 -40.40 12.33
CA ASN C 437 -10.41 -41.57 12.76
C ASN C 437 -11.22 -42.87 12.69
N SER C 438 -10.79 -43.78 11.83
CA SER C 438 -11.36 -45.12 11.80
C SER C 438 -10.38 -46.03 12.54
N ASN C 439 -10.47 -46.00 13.86
CA ASN C 439 -9.68 -46.96 14.63
C ASN C 439 -10.30 -48.34 14.58
N ASN C 440 -11.63 -48.41 14.52
CA ASN C 440 -12.33 -49.68 14.42
C ASN C 440 -11.92 -50.45 13.17
N LEU C 441 -11.96 -49.78 12.01
CA LEU C 441 -11.77 -50.48 10.74
C LEU C 441 -10.39 -51.12 10.66
N ASP C 442 -9.34 -50.35 10.94
CA ASP C 442 -7.98 -50.84 10.78
C ASP C 442 -7.14 -50.44 12.00
N SER C 443 -7.27 -51.20 13.09
CA SER C 443 -6.30 -51.12 14.17
C SER C 443 -6.29 -52.44 14.91
N LYS C 444 -5.41 -53.35 14.52
CA LYS C 444 -5.43 -54.68 15.11
C LYS C 444 -4.33 -54.79 16.15
N VAL C 445 -4.53 -55.68 17.11
CA VAL C 445 -3.57 -55.86 18.20
C VAL C 445 -2.27 -56.32 17.60
N GLY C 446 -1.16 -55.82 18.14
CA GLY C 446 0.11 -55.98 17.47
C GLY C 446 0.25 -55.10 16.25
N GLY C 447 -0.67 -54.17 16.04
CA GLY C 447 -0.55 -53.17 14.98
C GLY C 447 -0.99 -53.65 13.61
N ASN C 448 -1.72 -52.81 12.87
CA ASN C 448 -2.15 -53.15 11.52
C ASN C 448 -1.24 -52.44 10.53
N TYR C 449 -0.53 -53.23 9.74
CA TYR C 449 0.72 -52.85 9.09
C TYR C 449 0.57 -52.73 7.58
N ASN C 450 -0.67 -52.85 7.10
CA ASN C 450 -1.02 -52.89 5.68
C ASN C 450 -0.74 -51.57 4.98
N TYR C 451 -0.56 -50.51 5.75
CA TYR C 451 -0.55 -49.16 5.21
C TYR C 451 0.85 -48.58 5.23
N LEU C 452 1.31 -48.13 4.07
CA LEU C 452 2.70 -47.77 3.84
C LEU C 452 2.83 -46.30 3.49
N TYR C 453 4.05 -45.79 3.59
CA TYR C 453 4.32 -44.41 3.25
C TYR C 453 5.77 -44.26 2.84
N ARG C 454 6.01 -43.42 1.85
CA ARG C 454 7.38 -43.10 1.47
C ARG C 454 8.00 -42.24 2.56
N LEU C 455 9.20 -42.62 3.01
CA LEU C 455 9.90 -41.81 3.99
C LEU C 455 11.12 -41.12 3.40
N PHE C 456 11.73 -41.72 2.38
CA PHE C 456 12.88 -41.12 1.72
C PHE C 456 12.48 -40.71 0.31
N ARG C 457 12.72 -39.46 -0.04
CA ARG C 457 12.57 -39.03 -1.42
C ARG C 457 13.53 -37.89 -1.70
N LYS C 458 14.12 -37.90 -2.90
CA LYS C 458 15.10 -36.87 -3.25
C LYS C 458 14.48 -35.48 -3.28
N SER C 459 13.29 -35.35 -3.86
N SER C 459 13.28 -35.36 -3.85
CA SER C 459 12.67 -34.05 -4.04
CA SER C 459 12.66 -34.06 -4.05
C SER C 459 11.21 -34.11 -3.63
C SER C 459 11.20 -34.12 -3.64
N ASN C 460 10.68 -32.97 -3.22
CA ASN C 460 9.29 -32.87 -2.83
C ASN C 460 8.39 -33.07 -4.03
N LEU C 461 7.17 -33.52 -3.76
CA LEU C 461 6.22 -33.81 -4.83
C LEU C 461 5.65 -32.52 -5.41
N LYS C 462 5.25 -32.61 -6.67
CA LYS C 462 4.39 -31.61 -7.25
C LYS C 462 2.96 -31.84 -6.77
N PRO C 463 2.09 -30.84 -6.89
CA PRO C 463 0.70 -31.05 -6.45
C PRO C 463 0.04 -32.22 -7.16
N PHE C 464 -0.65 -33.05 -6.38
CA PHE C 464 -1.39 -34.22 -6.86
C PHE C 464 -0.51 -35.23 -7.57
N GLU C 465 0.81 -35.05 -7.55
CA GLU C 465 1.73 -36.01 -8.12
C GLU C 465 1.74 -37.27 -7.27
N ARG C 466 1.75 -38.42 -7.93
CA ARG C 466 1.74 -39.71 -7.24
C ARG C 466 2.97 -40.49 -7.68
N ASP C 467 3.70 -41.03 -6.72
CA ASP C 467 4.94 -41.74 -6.98
C ASP C 467 4.84 -43.13 -6.34
N ILE C 468 4.72 -44.16 -7.17
CA ILE C 468 4.66 -45.54 -6.70
C ILE C 468 5.96 -46.27 -7.00
N SER C 469 7.05 -45.52 -7.25
CA SER C 469 8.33 -46.14 -7.52
C SER C 469 8.82 -46.95 -6.34
N THR C 470 9.32 -48.16 -6.63
CA THR C 470 9.87 -49.04 -5.61
C THR C 470 11.38 -49.17 -5.73
N GLU C 471 12.04 -48.14 -6.26
CA GLU C 471 13.49 -48.15 -6.33
C GLU C 471 14.08 -47.90 -4.95
N ILE C 472 15.19 -48.60 -4.66
CA ILE C 472 15.88 -48.38 -3.39
C ILE C 472 16.47 -46.98 -3.37
N TYR C 473 16.40 -46.32 -2.22
CA TYR C 473 16.83 -44.94 -2.08
C TYR C 473 18.34 -44.91 -1.89
N GLN C 474 19.05 -44.31 -2.85
CA GLN C 474 20.49 -44.13 -2.71
C GLN C 474 20.78 -42.94 -1.82
N ALA C 475 21.00 -43.21 -0.54
CA ALA C 475 21.19 -42.17 0.47
C ALA C 475 22.65 -41.77 0.65
N GLY C 476 23.55 -42.34 -0.16
CA GLY C 476 24.96 -42.02 -0.07
C GLY C 476 25.56 -41.78 -1.45
N SER C 477 26.88 -41.81 -1.49
CA SER C 477 27.62 -41.59 -2.73
C SER C 477 27.85 -42.87 -3.53
N THR C 478 27.39 -44.01 -3.04
CA THR C 478 27.65 -45.29 -3.69
C THR C 478 26.36 -45.92 -4.19
N PRO C 479 26.36 -46.50 -5.39
CA PRO C 479 25.15 -47.12 -5.92
C PRO C 479 24.68 -48.27 -5.05
N CYS C 480 23.37 -48.50 -5.08
CA CYS C 480 22.73 -49.51 -4.25
C CYS C 480 22.34 -50.76 -5.00
N ASN C 481 21.94 -50.63 -6.27
CA ASN C 481 21.68 -51.78 -7.14
C ASN C 481 20.63 -52.71 -6.53
N GLY C 482 19.62 -52.12 -5.90
CA GLY C 482 18.59 -52.92 -5.27
C GLY C 482 19.06 -53.73 -4.10
N VAL C 483 20.18 -53.35 -3.48
CA VAL C 483 20.74 -54.07 -2.34
C VAL C 483 20.56 -53.20 -1.11
N GLU C 484 19.71 -53.65 -0.19
CA GLU C 484 19.48 -52.92 1.04
C GLU C 484 20.69 -53.06 1.97
N GLY C 485 21.01 -51.98 2.64
CA GLY C 485 22.16 -51.94 3.53
C GLY C 485 22.47 -50.51 3.92
N PHE C 486 23.76 -50.21 4.05
CA PHE C 486 24.19 -48.89 4.49
C PHE C 486 24.01 -47.89 3.35
N ASN C 487 23.42 -46.73 3.68
CA ASN C 487 23.11 -45.69 2.71
C ASN C 487 22.26 -46.21 1.56
N CYS C 488 21.58 -47.33 1.78
CA CYS C 488 20.74 -47.98 0.76
C CYS C 488 19.49 -48.49 1.48
N TYR C 489 18.47 -47.64 1.56
CA TYR C 489 17.27 -47.91 2.35
C TYR C 489 16.07 -47.96 1.42
N PHE C 490 15.21 -48.95 1.62
CA PHE C 490 13.95 -48.97 0.90
C PHE C 490 13.10 -47.79 1.35
N PRO C 491 12.62 -46.96 0.42
CA PRO C 491 12.02 -45.68 0.80
C PRO C 491 10.62 -45.77 1.40
N LEU C 492 10.11 -46.97 1.65
CA LEU C 492 8.75 -47.14 2.18
C LEU C 492 8.82 -47.69 3.60
N GLN C 493 7.90 -47.24 4.44
CA GLN C 493 7.76 -47.72 5.81
C GLN C 493 6.29 -47.93 6.14
N SER C 494 6.03 -48.79 7.13
CA SER C 494 4.68 -49.15 7.53
C SER C 494 4.27 -48.35 8.76
N TYR C 495 3.08 -47.76 8.72
CA TYR C 495 2.60 -46.96 9.85
C TYR C 495 2.36 -47.82 11.08
N GLY C 496 1.43 -48.76 10.97
CA GLY C 496 1.03 -49.60 12.10
C GLY C 496 -0.25 -49.32 12.86
N PHE C 497 -0.38 -48.12 13.42
CA PHE C 497 -1.61 -47.70 14.08
C PHE C 497 -2.02 -48.66 15.18
N GLN C 498 -1.25 -48.72 16.26
CA GLN C 498 -1.59 -49.56 17.40
C GLN C 498 -3.07 -49.42 17.75
N PRO C 499 -3.73 -50.51 18.18
CA PRO C 499 -5.20 -50.51 18.28
C PRO C 499 -5.74 -49.37 19.10
N THR C 500 -5.39 -49.34 20.39
CA THR C 500 -5.71 -48.21 21.24
C THR C 500 -4.39 -47.77 21.89
N ASN C 501 -3.59 -47.05 21.10
CA ASN C 501 -2.43 -46.32 21.62
C ASN C 501 -2.29 -45.03 20.83
N GLY C 502 -3.36 -44.66 20.12
CA GLY C 502 -3.29 -43.53 19.23
C GLY C 502 -4.14 -42.36 19.67
N VAL C 503 -3.47 -41.28 20.09
CA VAL C 503 -4.12 -39.99 20.24
C VAL C 503 -3.87 -39.10 19.02
N GLY C 504 -2.67 -39.17 18.48
CA GLY C 504 -2.35 -38.67 17.17
C GLY C 504 -1.68 -39.78 16.39
N TYR C 505 -1.90 -41.02 16.84
CA TYR C 505 -1.31 -42.21 16.24
C TYR C 505 -2.38 -43.18 15.80
N GLN C 506 -3.41 -42.70 15.11
CA GLN C 506 -4.56 -43.51 14.76
C GLN C 506 -4.87 -43.35 13.27
N PRO C 507 -5.54 -44.32 12.65
CA PRO C 507 -5.87 -44.17 11.23
C PRO C 507 -6.93 -43.12 11.01
N TYR C 508 -6.60 -42.09 10.24
CA TYR C 508 -7.56 -41.05 9.88
C TYR C 508 -7.77 -41.11 8.37
N ARG C 509 -8.84 -41.79 7.96
CA ARG C 509 -9.08 -41.91 6.52
C ARG C 509 -9.48 -40.53 5.99
N VAL C 510 -8.47 -39.80 5.54
CA VAL C 510 -8.67 -38.43 5.12
C VAL C 510 -9.10 -38.43 3.66
N VAL C 511 -10.40 -38.29 3.43
CA VAL C 511 -10.90 -38.11 2.08
C VAL C 511 -10.83 -36.64 1.73
N VAL C 512 -10.33 -36.33 0.55
CA VAL C 512 -10.12 -34.96 0.11
C VAL C 512 -10.87 -34.75 -1.19
N LEU C 513 -11.73 -33.74 -1.21
CA LEU C 513 -12.47 -33.38 -2.41
C LEU C 513 -11.75 -32.21 -3.08
N SER C 514 -11.39 -32.39 -4.33
CA SER C 514 -10.80 -31.32 -5.13
C SER C 514 -11.79 -30.92 -6.20
N PHE C 515 -12.27 -29.68 -6.11
CA PHE C 515 -13.39 -29.22 -6.93
C PHE C 515 -12.84 -28.58 -8.20
N GLU C 516 -12.97 -29.28 -9.31
CA GLU C 516 -12.41 -28.88 -10.59
C GLU C 516 -13.51 -28.40 -11.53
N LEU C 517 -13.36 -27.13 -11.93
CA LEU C 517 -14.31 -26.39 -12.80
C LEU C 517 -13.53 -25.71 -13.92
N LEU C 518 -13.94 -25.91 -15.17
CA LEU C 518 -13.24 -25.28 -16.32
C LEU C 518 -13.97 -23.98 -16.69
N HIS C 519 -15.02 -23.62 -15.91
CA HIS C 519 -16.18 -22.84 -16.42
C HIS C 519 -16.70 -23.53 -17.68
N ALA C 520 -16.87 -24.85 -17.56
CA ALA C 520 -17.31 -25.81 -18.56
C ALA C 520 -18.67 -26.32 -18.13
N PRO C 521 -19.25 -27.28 -18.89
CA PRO C 521 -20.41 -27.98 -18.35
C PRO C 521 -20.12 -28.56 -16.98
N ALA C 522 -20.76 -27.98 -15.97
CA ALA C 522 -20.76 -28.59 -14.67
C ALA C 522 -21.66 -29.82 -14.68
N THR C 523 -21.34 -30.78 -13.83
CA THR C 523 -21.94 -32.08 -13.97
C THR C 523 -22.34 -32.72 -12.65
N VAL C 524 -21.89 -32.19 -11.52
CA VAL C 524 -21.99 -32.89 -10.25
C VAL C 524 -22.81 -32.09 -9.23
N CYS C 525 -23.62 -31.14 -9.71
CA CYS C 525 -24.11 -30.11 -8.81
C CYS C 525 -25.39 -30.48 -8.08
N GLY C 526 -25.55 -29.87 -6.90
CA GLY C 526 -26.48 -30.27 -5.88
C GLY C 526 -27.97 -30.15 -6.17
N PRO C 527 -28.77 -30.62 -5.21
CA PRO C 527 -30.21 -30.77 -5.46
C PRO C 527 -30.95 -29.46 -5.42
N LYS C 528 -30.88 -28.70 -6.50
CA LYS C 528 -31.69 -27.51 -6.67
C LYS C 528 -32.86 -27.86 -7.60
N LYS C 529 -34.04 -27.38 -7.25
CA LYS C 529 -35.20 -27.58 -8.10
C LYS C 529 -35.20 -26.57 -9.24
N SER C 530 -35.05 -27.07 -10.47
CA SER C 530 -34.98 -26.19 -11.63
C SER C 530 -36.35 -25.66 -11.96
N THR C 531 -36.69 -24.49 -11.42
CA THR C 531 -37.99 -23.88 -11.68
C THR C 531 -38.14 -23.50 -13.15
N ASN C 532 -39.33 -23.05 -13.52
CA ASN C 532 -39.56 -22.55 -14.87
C ASN C 532 -38.64 -21.37 -15.16
N LEU C 533 -38.67 -20.90 -16.40
CA LEU C 533 -37.83 -19.79 -16.82
C LEU C 533 -38.69 -18.57 -17.08
N VAL C 534 -38.17 -17.39 -16.72
CA VAL C 534 -38.85 -16.12 -16.94
C VAL C 534 -37.96 -15.24 -17.78
N LYS C 535 -38.53 -14.62 -18.80
CA LYS C 535 -37.77 -13.77 -19.72
C LYS C 535 -38.16 -12.31 -19.54
N ASN C 536 -37.24 -11.44 -19.95
CA ASN C 536 -37.50 -10.01 -20.08
C ASN C 536 -37.77 -9.35 -18.74
N LYS C 537 -37.54 -10.05 -17.63
CA LYS C 537 -37.75 -9.50 -16.30
C LYS C 537 -36.49 -9.71 -15.48
N CYS C 538 -36.17 -8.71 -14.66
CA CYS C 538 -35.02 -8.83 -13.76
C CYS C 538 -35.24 -9.98 -12.80
N VAL C 539 -34.34 -10.97 -12.84
CA VAL C 539 -34.43 -12.13 -11.98
C VAL C 539 -33.06 -12.43 -11.42
N ASN C 540 -33.04 -13.22 -10.35
CA ASN C 540 -31.80 -13.71 -9.77
C ASN C 540 -31.59 -15.13 -10.25
N PHE C 541 -30.63 -15.33 -11.16
CA PHE C 541 -30.48 -16.60 -11.84
C PHE C 541 -29.28 -17.37 -11.33
N ASN C 542 -29.31 -18.67 -11.56
CA ASN C 542 -28.23 -19.58 -11.20
C ASN C 542 -28.19 -20.67 -12.27
N PHE C 543 -27.40 -20.43 -13.32
CA PHE C 543 -27.26 -21.37 -14.42
C PHE C 543 -26.02 -22.22 -14.19
N ASN C 544 -26.23 -23.49 -13.87
CA ASN C 544 -25.12 -24.45 -13.76
C ASN C 544 -24.00 -23.89 -12.90
N GLY C 545 -24.37 -23.27 -11.78
CA GLY C 545 -23.41 -22.70 -10.87
C GLY C 545 -23.00 -21.28 -11.19
N LEU C 546 -23.26 -20.80 -12.40
CA LEU C 546 -22.98 -19.42 -12.77
C LEU C 546 -24.14 -18.57 -12.29
N THR C 547 -23.87 -17.72 -11.30
CA THR C 547 -24.90 -16.89 -10.70
C THR C 547 -24.90 -15.51 -11.34
N GLY C 548 -25.79 -14.66 -10.87
CA GLY C 548 -25.83 -13.29 -11.33
C GLY C 548 -27.26 -12.80 -11.40
N THR C 549 -27.38 -11.52 -11.74
CA THR C 549 -28.67 -10.85 -11.85
C THR C 549 -28.74 -10.11 -13.18
N GLY C 550 -29.86 -10.26 -13.87
CA GLY C 550 -30.01 -9.59 -15.14
C GLY C 550 -31.36 -9.86 -15.77
N VAL C 551 -31.42 -9.60 -17.08
CA VAL C 551 -32.63 -9.80 -17.88
C VAL C 551 -32.32 -10.82 -18.95
N LEU C 552 -32.97 -11.98 -18.86
CA LEU C 552 -32.71 -13.10 -19.76
C LEU C 552 -33.62 -12.99 -20.98
N THR C 553 -33.04 -12.62 -22.12
CA THR C 553 -33.80 -12.42 -23.35
C THR C 553 -33.35 -13.42 -24.40
N GLU C 554 -34.18 -13.58 -25.42
CA GLU C 554 -33.80 -14.42 -26.56
C GLU C 554 -32.64 -13.78 -27.31
N SER C 555 -31.71 -14.61 -27.75
CA SER C 555 -30.50 -14.15 -28.43
C SER C 555 -30.59 -14.38 -29.92
N ASN C 556 -29.56 -13.90 -30.63
CA ASN C 556 -29.38 -14.18 -32.05
C ASN C 556 -27.99 -14.74 -32.31
N LYS C 557 -27.23 -14.96 -31.25
CA LYS C 557 -25.87 -15.47 -31.38
C LYS C 557 -25.91 -16.93 -31.79
N LYS C 558 -24.80 -17.41 -32.36
CA LYS C 558 -24.69 -18.77 -32.88
C LYS C 558 -23.62 -19.51 -32.09
N PHE C 559 -24.06 -20.25 -31.08
CA PHE C 559 -23.15 -21.01 -30.25
C PHE C 559 -22.72 -22.29 -30.95
N LEU C 560 -21.48 -22.69 -30.68
CA LEU C 560 -21.00 -23.98 -31.11
C LEU C 560 -21.40 -25.06 -30.12
N PRO C 561 -21.55 -26.31 -30.57
CA PRO C 561 -22.16 -27.34 -29.72
C PRO C 561 -21.42 -27.56 -28.41
N PHE C 562 -20.13 -27.32 -28.38
CA PHE C 562 -19.31 -27.55 -27.20
C PHE C 562 -19.26 -26.32 -26.29
N GLN C 563 -19.82 -25.20 -26.69
CA GLN C 563 -19.73 -23.96 -25.94
C GLN C 563 -20.94 -23.81 -25.03
N GLN C 564 -20.70 -23.44 -23.77
CA GLN C 564 -21.77 -23.25 -22.81
C GLN C 564 -22.16 -21.81 -22.59
N PHE C 565 -21.25 -20.87 -22.76
CA PHE C 565 -21.57 -19.49 -22.48
C PHE C 565 -20.53 -18.59 -23.11
N GLY C 566 -21.01 -17.45 -23.61
CA GLY C 566 -20.15 -16.43 -24.14
C GLY C 566 -19.59 -15.58 -23.02
N ARG C 567 -18.79 -14.60 -23.40
CA ARG C 567 -18.32 -13.59 -22.46
C ARG C 567 -18.16 -12.28 -23.19
N ASP C 568 -18.05 -11.22 -22.40
CA ASP C 568 -17.85 -9.89 -22.92
C ASP C 568 -16.39 -9.52 -22.77
N ILE C 569 -16.06 -8.27 -23.12
CA ILE C 569 -14.70 -7.77 -22.92
C ILE C 569 -14.34 -7.75 -21.45
N ALA C 570 -15.32 -7.59 -20.57
CA ALA C 570 -15.10 -7.45 -19.14
C ALA C 570 -14.87 -8.77 -18.43
N ASP C 571 -14.82 -9.88 -19.16
CA ASP C 571 -14.82 -11.23 -18.62
C ASP C 571 -16.09 -11.56 -17.85
N THR C 572 -17.14 -10.76 -18.04
CA THR C 572 -18.43 -11.09 -17.46
C THR C 572 -19.26 -11.88 -18.47
N THR C 573 -20.25 -12.61 -17.94
CA THR C 573 -21.08 -13.45 -18.78
C THR C 573 -21.89 -12.60 -19.76
N ASP C 574 -21.98 -13.06 -21.00
CA ASP C 574 -22.74 -12.34 -22.01
C ASP C 574 -23.93 -13.14 -22.51
N ALA C 575 -23.75 -14.42 -22.79
CA ALA C 575 -24.85 -15.27 -23.21
C ALA C 575 -24.73 -16.59 -22.47
N VAL C 576 -25.87 -17.28 -22.32
CA VAL C 576 -25.90 -18.54 -21.60
C VAL C 576 -26.78 -19.52 -22.35
N ARG C 577 -26.35 -20.78 -22.34
CA ARG C 577 -27.16 -21.89 -22.83
C ARG C 577 -27.98 -22.45 -21.68
N ASP C 578 -29.28 -22.53 -21.87
CA ASP C 578 -30.14 -23.17 -20.89
C ASP C 578 -29.77 -24.65 -20.84
N PRO C 579 -29.37 -25.19 -19.68
CA PRO C 579 -28.97 -26.61 -19.62
C PRO C 579 -30.10 -27.57 -19.94
N GLN C 580 -31.35 -27.14 -19.85
CA GLN C 580 -32.48 -28.00 -20.17
C GLN C 580 -33.06 -27.75 -21.55
N THR C 581 -33.04 -26.50 -22.02
CA THR C 581 -33.47 -26.16 -23.36
C THR C 581 -32.27 -25.63 -24.15
N LEU C 582 -31.95 -26.29 -25.26
CA LEU C 582 -30.79 -25.90 -26.06
C LEU C 582 -31.12 -24.59 -26.78
N GLU C 583 -31.16 -23.52 -25.99
CA GLU C 583 -31.46 -22.18 -26.48
C GLU C 583 -30.44 -21.23 -25.90
N ILE C 584 -30.13 -20.17 -26.63
CA ILE C 584 -29.12 -19.20 -26.24
C ILE C 584 -29.83 -17.96 -25.73
N LEU C 585 -29.47 -17.53 -24.52
CA LEU C 585 -30.09 -16.39 -23.86
C LEU C 585 -29.06 -15.32 -23.59
N ASP C 586 -29.40 -14.07 -23.90
CA ASP C 586 -28.53 -12.94 -23.60
C ASP C 586 -28.86 -12.38 -22.23
N ILE C 587 -27.84 -11.90 -21.53
CA ILE C 587 -27.99 -11.29 -20.22
C ILE C 587 -27.74 -9.80 -20.36
N THR C 588 -28.78 -9.00 -20.21
CA THR C 588 -28.68 -7.54 -20.17
C THR C 588 -28.87 -7.09 -18.74
N PRO C 589 -27.88 -6.45 -18.12
CA PRO C 589 -28.00 -6.10 -16.70
C PRO C 589 -29.19 -5.17 -16.45
N CYS C 590 -29.74 -5.26 -15.25
CA CYS C 590 -30.96 -4.54 -14.91
C CYS C 590 -30.80 -3.05 -15.18
N SER C 591 -31.88 -2.43 -15.66
CA SER C 591 -31.86 -1.01 -15.92
C SER C 591 -31.56 -0.23 -14.64
N PHE C 592 -30.60 0.68 -14.74
CA PHE C 592 -30.20 1.49 -13.59
C PHE C 592 -29.52 2.75 -14.10
N GLY C 593 -29.45 3.74 -13.23
CA GLY C 593 -28.84 5.00 -13.58
C GLY C 593 -28.98 5.98 -12.44
N GLY C 594 -28.18 7.04 -12.53
CA GLY C 594 -28.14 8.01 -11.45
C GLY C 594 -29.43 8.79 -11.33
N VAL C 595 -29.71 9.23 -10.10
CA VAL C 595 -30.88 10.04 -9.80
C VAL C 595 -30.40 11.42 -9.38
N SER C 596 -30.99 12.45 -9.93
CA SER C 596 -30.61 13.82 -9.63
C SER C 596 -31.87 14.62 -9.30
N VAL C 597 -31.76 15.51 -8.32
CA VAL C 597 -32.89 16.27 -7.82
C VAL C 597 -32.74 17.71 -8.30
N ILE C 598 -33.73 18.19 -9.06
CA ILE C 598 -33.74 19.56 -9.54
C ILE C 598 -34.50 20.39 -8.52
N THR C 599 -33.77 21.06 -7.63
CA THR C 599 -34.41 21.83 -6.58
C THR C 599 -34.39 23.29 -6.94
N PRO C 600 -35.55 23.94 -7.12
CA PRO C 600 -35.55 25.37 -7.42
C PRO C 600 -34.93 26.21 -6.33
N GLY C 601 -34.81 25.67 -5.11
CA GLY C 601 -34.28 26.40 -3.99
C GLY C 601 -35.23 26.43 -2.82
N THR C 602 -34.79 25.88 -1.67
CA THR C 602 -35.61 25.87 -0.47
C THR C 602 -36.01 27.26 -0.03
N ASN C 603 -35.20 28.27 -0.34
CA ASN C 603 -35.57 29.65 -0.10
C ASN C 603 -36.73 30.09 -0.98
N THR C 604 -37.06 29.32 -2.02
CA THR C 604 -38.12 29.68 -2.95
C THR C 604 -39.26 28.67 -2.98
N SER C 605 -38.95 27.38 -3.06
CA SER C 605 -39.99 26.38 -3.17
C SER C 605 -39.50 25.08 -2.54
N ASN C 606 -40.45 24.18 -2.28
CA ASN C 606 -40.14 22.83 -1.85
C ASN C 606 -40.57 21.79 -2.85
N GLU C 607 -41.36 22.17 -3.85
CA GLU C 607 -41.73 21.29 -4.94
C GLU C 607 -40.50 21.10 -5.82
N VAL C 608 -40.16 19.85 -6.11
CA VAL C 608 -38.90 19.53 -6.77
C VAL C 608 -39.17 18.82 -8.08
N ALA C 609 -38.08 18.45 -8.74
CA ALA C 609 -38.12 17.65 -9.96
C ALA C 609 -36.98 16.66 -9.96
N VAL C 610 -37.28 15.43 -10.37
CA VAL C 610 -36.36 14.31 -10.22
C VAL C 610 -35.95 13.84 -11.61
N LEU C 611 -34.65 13.62 -11.80
CA LEU C 611 -34.10 13.17 -13.07
C LEU C 611 -33.58 11.75 -12.89
N TYR C 612 -34.04 10.83 -13.73
CA TYR C 612 -33.51 9.48 -13.76
C TYR C 612 -32.60 9.36 -14.98
N GLN C 613 -31.29 9.29 -14.74
CA GLN C 613 -30.32 9.38 -15.82
C GLN C 613 -30.39 8.18 -16.75
N ASP C 614 -30.49 8.46 -18.05
CA ASP C 614 -30.32 7.44 -19.10
C ASP C 614 -31.20 6.21 -18.85
N VAL C 615 -32.43 6.45 -18.45
CA VAL C 615 -33.40 5.38 -18.23
C VAL C 615 -34.68 5.72 -18.98
N ASN C 616 -35.27 4.70 -19.58
CA ASN C 616 -36.52 4.85 -20.29
C ASN C 616 -37.65 4.97 -19.29
N CYS C 617 -38.63 5.81 -19.60
CA CYS C 617 -39.69 6.12 -18.64
C CYS C 617 -40.53 4.91 -18.27
N THR C 618 -40.55 3.86 -19.08
CA THR C 618 -41.46 2.75 -18.79
C THR C 618 -41.06 2.00 -17.53
N GLU C 619 -39.80 2.08 -17.10
CA GLU C 619 -39.33 1.31 -15.96
C GLU C 619 -39.37 2.07 -14.65
N VAL C 620 -39.66 3.36 -14.66
CA VAL C 620 -39.69 4.12 -13.42
C VAL C 620 -41.07 4.04 -12.78
N ASN C 641 -47.71 13.71 -15.60
CA ASN C 641 -46.62 14.62 -15.91
C ASN C 641 -45.28 13.93 -15.90
N VAL C 642 -44.91 13.32 -17.03
CA VAL C 642 -43.61 12.72 -17.23
C VAL C 642 -43.10 13.10 -18.62
N PHE C 643 -41.87 13.59 -18.69
CA PHE C 643 -41.25 13.99 -19.94
C PHE C 643 -39.98 13.18 -20.17
N GLN C 644 -39.88 12.54 -21.32
CA GLN C 644 -38.72 11.74 -21.67
C GLN C 644 -37.73 12.59 -22.46
N THR C 645 -36.47 12.54 -22.08
CA THR C 645 -35.42 13.29 -22.76
C THR C 645 -34.25 12.38 -23.06
N ARG C 646 -33.27 12.92 -23.78
CA ARG C 646 -32.08 12.16 -24.13
C ARG C 646 -31.33 11.67 -22.90
N ALA C 647 -31.26 12.49 -21.86
CA ALA C 647 -30.46 12.14 -20.69
C ALA C 647 -31.17 11.16 -19.76
N GLY C 648 -32.45 10.93 -19.94
CA GLY C 648 -33.17 10.00 -19.12
C GLY C 648 -34.62 10.41 -18.97
N CYS C 649 -35.27 9.88 -17.95
CA CYS C 649 -36.68 10.11 -17.70
C CYS C 649 -36.83 11.12 -16.57
N LEU C 650 -37.50 12.23 -16.86
CA LEU C 650 -37.63 13.34 -15.94
C LEU C 650 -39.09 13.44 -15.51
N ILE C 651 -39.33 13.46 -14.20
CA ILE C 651 -40.67 13.50 -13.64
C ILE C 651 -40.81 14.76 -12.80
N GLY C 652 -42.04 15.21 -12.63
CA GLY C 652 -42.32 16.42 -11.91
C GLY C 652 -42.25 17.67 -12.76
N ALA C 653 -41.77 17.56 -13.99
CA ALA C 653 -41.56 18.72 -14.84
C ALA C 653 -42.51 18.72 -16.02
N GLU C 654 -43.04 19.89 -16.32
CA GLU C 654 -43.92 20.09 -17.47
C GLU C 654 -43.12 20.71 -18.61
N HIS C 655 -43.03 19.99 -19.72
CA HIS C 655 -42.28 20.47 -20.87
C HIS C 655 -42.85 21.76 -21.41
N VAL C 656 -41.98 22.62 -21.95
CA VAL C 656 -42.38 23.90 -22.50
C VAL C 656 -41.79 24.05 -23.89
N ASN C 657 -42.64 24.38 -24.86
CA ASN C 657 -42.18 24.61 -26.23
C ASN C 657 -41.43 25.92 -26.36
N ASN C 658 -41.77 26.92 -25.55
CA ASN C 658 -41.11 28.22 -25.64
C ASN C 658 -39.64 28.08 -25.26
N SER C 659 -38.80 28.91 -25.85
CA SER C 659 -37.37 28.87 -25.58
C SER C 659 -37.00 29.90 -24.52
N TYR C 660 -36.25 29.45 -23.52
CA TYR C 660 -35.76 30.34 -22.47
C TYR C 660 -34.27 30.09 -22.30
N GLU C 661 -33.61 31.03 -21.62
CA GLU C 661 -32.22 30.83 -21.25
C GLU C 661 -32.10 29.72 -20.23
N CYS C 662 -30.91 29.15 -20.09
CA CYS C 662 -30.73 28.04 -19.19
C CYS C 662 -30.45 28.53 -17.78
N ASP C 663 -31.22 28.00 -16.82
CA ASP C 663 -30.98 28.32 -15.41
C ASP C 663 -30.36 27.12 -14.71
N ILE C 664 -30.94 25.94 -14.91
CA ILE C 664 -30.39 24.71 -14.36
C ILE C 664 -30.21 23.73 -15.53
N PRO C 665 -28.99 23.32 -15.84
CA PRO C 665 -28.80 22.39 -16.95
C PRO C 665 -29.34 21.01 -16.61
N ILE C 666 -29.84 20.33 -17.64
CA ILE C 666 -30.41 18.99 -17.50
C ILE C 666 -29.54 17.96 -18.23
N GLY C 667 -29.16 18.26 -19.45
CA GLY C 667 -28.47 17.33 -20.31
C GLY C 667 -29.10 17.40 -21.69
N ALA C 668 -28.25 17.29 -22.70
CA ALA C 668 -28.69 17.31 -24.09
C ALA C 668 -29.53 18.54 -24.41
N GLY C 669 -29.14 19.68 -23.84
CA GLY C 669 -29.77 20.93 -24.19
C GLY C 669 -31.04 21.26 -23.45
N ILE C 670 -31.61 20.33 -22.71
CA ILE C 670 -32.80 20.59 -21.91
C ILE C 670 -32.34 21.30 -20.65
N CYS C 671 -33.13 22.27 -20.19
CA CYS C 671 -32.86 22.98 -18.94
C CYS C 671 -34.14 23.12 -18.14
N ALA C 672 -33.99 23.16 -16.83
CA ALA C 672 -35.10 23.20 -15.90
C ALA C 672 -35.13 24.52 -15.15
N SER C 673 -36.35 25.00 -14.89
CA SER C 673 -36.51 26.25 -14.17
C SER C 673 -37.90 26.29 -13.54
N TYR C 674 -38.06 27.22 -12.60
CA TYR C 674 -39.28 27.36 -11.81
C TYR C 674 -39.97 28.66 -12.22
N GLN C 675 -41.17 28.54 -12.78
CA GLN C 675 -41.90 29.70 -13.27
C GLN C 675 -43.38 29.57 -12.95
N THR C 676 -44.09 30.67 -13.09
CA THR C 676 -45.52 30.73 -12.79
C THR C 676 -46.36 30.11 -13.91
N GLN C 690 -47.43 28.44 -9.92
CA GLN C 690 -46.04 28.15 -10.26
C GLN C 690 -45.76 26.65 -10.28
N SER C 691 -44.78 26.25 -11.08
CA SER C 691 -44.41 24.85 -11.21
C SER C 691 -43.03 24.76 -11.83
N ILE C 692 -42.57 23.52 -12.04
CA ILE C 692 -41.23 23.27 -12.58
C ILE C 692 -41.34 22.88 -14.05
N ILE C 693 -40.66 23.62 -14.91
CA ILE C 693 -40.70 23.40 -16.34
C ILE C 693 -39.34 22.92 -16.81
N ALA C 694 -39.33 22.12 -17.86
CA ALA C 694 -38.12 21.74 -18.57
C ALA C 694 -38.31 22.07 -20.05
N TYR C 695 -37.30 22.65 -20.67
CA TYR C 695 -37.49 23.24 -21.98
C TYR C 695 -36.22 23.08 -22.80
N THR C 696 -36.32 23.42 -24.08
CA THR C 696 -35.16 23.41 -24.96
C THR C 696 -34.40 24.70 -24.76
N MET C 697 -33.18 24.61 -24.22
CA MET C 697 -32.51 25.82 -23.80
C MET C 697 -32.22 26.70 -24.99
N SER C 698 -32.40 27.99 -24.81
CA SER C 698 -31.93 28.89 -25.84
C SER C 698 -30.49 29.27 -25.58
N LEU C 699 -29.67 29.08 -26.59
CA LEU C 699 -28.44 29.82 -26.75
C LEU C 699 -28.60 31.33 -26.58
N GLY C 700 -29.82 31.84 -26.57
CA GLY C 700 -30.01 33.27 -26.46
C GLY C 700 -30.86 33.77 -27.60
N ALA C 701 -30.89 35.09 -27.74
CA ALA C 701 -31.70 35.71 -28.80
C ALA C 701 -30.98 35.71 -30.13
N GLU C 702 -31.59 35.06 -31.12
CA GLU C 702 -31.10 35.09 -32.48
C GLU C 702 -31.04 36.54 -32.97
N ASN C 703 -29.97 36.87 -33.69
CA ASN C 703 -29.80 38.21 -34.26
C ASN C 703 -29.23 38.06 -35.67
N SER C 704 -30.11 37.91 -36.64
CA SER C 704 -29.65 37.98 -38.02
C SER C 704 -29.03 39.34 -38.28
N VAL C 705 -28.11 39.39 -39.22
CA VAL C 705 -27.31 40.58 -39.44
C VAL C 705 -27.54 41.07 -40.86
N ALA C 706 -27.84 42.36 -40.99
CA ALA C 706 -28.10 42.94 -42.31
C ALA C 706 -26.80 43.14 -43.08
N TYR C 707 -26.15 42.02 -43.40
CA TYR C 707 -25.00 42.03 -44.29
C TYR C 707 -25.38 42.61 -45.64
N SER C 708 -24.41 43.20 -46.33
CA SER C 708 -24.74 43.94 -47.52
C SER C 708 -23.54 44.11 -48.43
N ASN C 709 -23.83 44.55 -49.65
CA ASN C 709 -22.91 45.29 -50.50
C ASN C 709 -22.07 46.28 -49.74
N ASN C 710 -22.73 47.28 -49.15
CA ASN C 710 -22.26 48.66 -49.18
C ASN C 710 -22.61 49.41 -47.91
N SER C 711 -22.87 48.71 -46.82
CA SER C 711 -23.35 49.38 -45.62
C SER C 711 -22.37 49.14 -44.50
N ILE C 712 -22.20 50.14 -43.64
CA ILE C 712 -21.43 49.99 -42.42
C ILE C 712 -22.32 50.37 -41.26
N ALA C 713 -22.15 49.68 -40.13
CA ALA C 713 -22.57 50.19 -38.84
C ALA C 713 -21.35 50.80 -38.18
N ILE C 714 -21.42 52.09 -37.86
CA ILE C 714 -20.35 52.81 -37.18
C ILE C 714 -20.95 53.44 -35.93
N PRO C 715 -20.42 53.15 -34.75
CA PRO C 715 -21.11 53.58 -33.52
C PRO C 715 -21.04 55.09 -33.37
N THR C 716 -22.13 55.65 -32.83
CA THR C 716 -22.17 57.07 -32.55
C THR C 716 -21.83 57.39 -31.11
N ASN C 717 -22.03 56.44 -30.20
CA ASN C 717 -21.81 56.68 -28.79
C ASN C 717 -21.35 55.37 -28.16
N PHE C 718 -20.69 55.49 -27.02
CA PHE C 718 -19.98 54.36 -26.45
C PHE C 718 -20.38 54.19 -25.00
N THR C 719 -19.71 53.26 -24.34
CA THR C 719 -19.77 53.11 -22.90
C THR C 719 -18.40 52.75 -22.37
N ILE C 720 -18.01 53.42 -21.29
CA ILE C 720 -16.95 52.94 -20.41
C ILE C 720 -17.63 52.13 -19.32
N SER C 721 -17.66 50.81 -19.49
CA SER C 721 -18.18 49.96 -18.46
C SER C 721 -17.01 49.44 -17.65
N VAL C 722 -17.31 48.60 -16.68
CA VAL C 722 -16.29 47.95 -15.88
C VAL C 722 -16.86 46.63 -15.40
N THR C 723 -16.07 45.57 -15.52
CA THR C 723 -16.47 44.26 -15.05
C THR C 723 -15.48 43.82 -14.00
N THR C 724 -15.72 42.65 -13.43
CA THR C 724 -14.85 42.12 -12.39
C THR C 724 -14.38 40.74 -12.78
N GLU C 725 -13.08 40.51 -12.71
CA GLU C 725 -12.48 39.22 -12.97
C GLU C 725 -11.82 38.76 -11.69
N ILE C 726 -12.15 37.55 -11.25
CA ILE C 726 -11.69 37.03 -9.99
C ILE C 726 -10.89 35.77 -10.25
N LEU C 727 -9.68 35.72 -9.74
CA LEU C 727 -8.78 34.60 -9.96
C LEU C 727 -8.18 34.21 -8.61
N PRO C 728 -7.98 32.93 -8.35
CA PRO C 728 -7.18 32.54 -7.20
C PRO C 728 -5.75 32.98 -7.42
N VAL C 729 -5.00 33.13 -6.33
CA VAL C 729 -3.57 33.35 -6.40
C VAL C 729 -2.79 32.35 -5.58
N SER C 730 -3.15 32.20 -4.30
CA SER C 730 -2.42 31.32 -3.43
C SER C 730 -3.39 30.45 -2.66
N MET C 731 -2.86 29.40 -2.08
CA MET C 731 -3.64 28.51 -1.25
C MET C 731 -3.22 28.69 0.20
N THR C 732 -3.90 27.99 1.11
CA THR C 732 -3.50 28.03 2.50
C THR C 732 -2.32 27.09 2.71
N LYS C 733 -1.22 27.64 3.22
CA LYS C 733 0.07 26.93 3.22
C LYS C 733 0.03 25.83 4.28
N THR C 734 -0.72 24.79 3.97
CA THR C 734 -0.90 23.68 4.89
C THR C 734 0.38 22.87 4.99
N SER C 735 0.70 22.43 6.20
CA SER C 735 1.79 21.49 6.42
C SER C 735 1.31 20.39 7.35
N VAL C 736 1.82 19.19 7.16
CA VAL C 736 1.35 18.01 7.88
C VAL C 736 2.56 17.19 8.29
N ASP C 737 2.61 16.78 9.56
CA ASP C 737 3.61 15.86 10.05
C ASP C 737 3.07 14.46 9.88
N CYS C 738 3.78 13.59 9.15
CA CYS C 738 3.29 12.24 9.02
C CYS C 738 3.28 11.55 10.38
N THR C 739 4.34 11.74 11.16
CA THR C 739 4.54 10.93 12.35
C THR C 739 3.43 11.14 13.36
N MET C 740 3.05 12.39 13.61
CA MET C 740 1.89 12.62 14.46
C MET C 740 0.61 12.14 13.78
N TYR C 741 0.40 12.54 12.52
CA TYR C 741 -0.79 12.09 11.80
C TYR C 741 -0.94 10.59 11.84
N ILE C 742 0.15 9.86 11.61
CA ILE C 742 0.03 8.43 11.41
C ILE C 742 0.29 7.67 12.70
N CYS C 743 1.15 8.21 13.56
CA CYS C 743 1.42 7.58 14.84
C CYS C 743 1.50 8.58 15.99
N GLY C 744 0.52 9.46 16.12
CA GLY C 744 0.60 10.51 17.10
C GLY C 744 0.91 10.04 18.52
N ASP C 745 2.13 10.30 18.96
CA ASP C 745 2.57 9.92 20.31
C ASP C 745 2.35 8.45 20.58
N SER C 746 3.00 7.60 19.79
CA SER C 746 2.95 6.15 20.02
C SER C 746 4.27 5.55 19.56
N THR C 747 5.14 5.21 20.52
CA THR C 747 6.41 4.58 20.19
C THR C 747 6.19 3.25 19.49
N GLU C 748 5.21 2.46 19.95
CA GLU C 748 4.91 1.20 19.29
C GLU C 748 4.48 1.42 17.85
N CYS C 749 3.97 2.61 17.53
CA CYS C 749 3.52 2.86 16.17
C CYS C 749 4.66 3.33 15.28
N SER C 750 5.40 4.36 15.71
CA SER C 750 6.42 4.95 14.84
C SER C 750 7.46 3.94 14.43
N ASN C 751 7.69 2.91 15.26
CA ASN C 751 8.55 1.81 14.85
C ASN C 751 7.99 1.10 13.62
N LEU C 752 6.67 0.92 13.56
CA LEU C 752 6.06 0.29 12.40
C LEU C 752 6.06 1.23 11.20
N LEU C 753 6.15 2.53 11.44
CA LEU C 753 6.19 3.47 10.32
C LEU C 753 7.56 3.52 9.66
N LEU C 754 8.62 3.33 10.45
CA LEU C 754 9.97 3.32 9.88
C LEU C 754 10.14 2.23 8.84
N GLN C 755 9.46 1.10 9.00
CA GLN C 755 9.51 0.02 8.03
C GLN C 755 9.00 0.44 6.67
N TYR C 756 8.23 1.52 6.59
CA TYR C 756 7.78 2.09 5.33
C TYR C 756 8.81 3.02 4.73
N GLY C 757 10.02 3.04 5.26
CA GLY C 757 11.06 3.80 4.60
C GLY C 757 10.76 5.28 4.53
N SER C 758 10.75 5.81 3.33
CA SER C 758 10.79 7.25 3.13
C SER C 758 9.46 7.85 2.68
N PHE C 759 8.31 7.21 2.93
CA PHE C 759 7.06 7.82 2.46
C PHE C 759 6.83 9.19 3.12
N CYS C 760 7.03 9.28 4.43
CA CYS C 760 6.89 10.58 5.08
C CYS C 760 7.77 11.63 4.44
N THR C 761 9.09 11.43 4.47
CA THR C 761 10.00 12.51 4.16
C THR C 761 9.68 13.12 2.81
N GLN C 762 9.20 12.32 1.87
CA GLN C 762 8.77 12.87 0.60
C GLN C 762 7.44 13.59 0.70
N LEU C 763 6.44 13.03 1.39
CA LEU C 763 5.18 13.74 1.57
C LEU C 763 5.40 15.08 2.25
N ASN C 764 6.12 15.09 3.36
CA ASN C 764 6.40 16.34 4.04
C ASN C 764 7.20 17.28 3.16
N ARG C 765 8.10 16.72 2.35
CA ARG C 765 8.80 17.54 1.36
C ARG C 765 7.86 18.04 0.27
N ALA C 766 6.91 17.20 -0.13
CA ALA C 766 6.01 17.60 -1.21
C ALA C 766 5.18 18.81 -0.81
N LEU C 767 4.52 18.75 0.34
CA LEU C 767 3.71 19.88 0.79
C LEU C 767 4.56 21.11 1.03
N THR C 768 5.77 20.92 1.56
CA THR C 768 6.66 22.05 1.74
C THR C 768 6.97 22.71 0.41
N GLY C 769 7.22 21.90 -0.63
CA GLY C 769 7.41 22.47 -1.95
C GLY C 769 6.19 23.23 -2.43
N ILE C 770 5.00 22.74 -2.08
CA ILE C 770 3.79 23.50 -2.35
C ILE C 770 3.82 24.83 -1.60
N ALA C 771 4.22 24.79 -0.33
CA ALA C 771 4.13 25.97 0.51
C ALA C 771 4.95 27.12 -0.06
N VAL C 772 6.21 26.87 -0.40
CA VAL C 772 7.05 27.93 -0.93
C VAL C 772 6.53 28.38 -2.28
N GLU C 773 5.93 27.48 -3.04
CA GLU C 773 5.38 27.86 -4.34
C GLU C 773 4.31 28.93 -4.17
N GLN C 774 3.46 28.78 -3.15
CA GLN C 774 2.44 29.79 -2.88
C GLN C 774 3.06 31.15 -2.60
N ASP C 775 4.10 31.20 -1.78
CA ASP C 775 4.78 32.46 -1.54
C ASP C 775 5.43 32.96 -2.82
N LYS C 776 5.93 32.04 -3.65
CA LYS C 776 6.42 32.44 -4.95
C LYS C 776 5.29 32.97 -5.81
N ASN C 777 4.09 32.35 -5.71
CA ASN C 777 2.94 32.88 -6.42
C ASN C 777 2.69 34.33 -6.04
N THR C 778 2.58 34.60 -4.73
CA THR C 778 2.15 35.92 -4.30
C THR C 778 3.21 36.96 -4.60
N GLN C 779 4.49 36.57 -4.56
CA GLN C 779 5.56 37.50 -4.90
C GLN C 779 5.50 37.89 -6.37
N GLU C 780 5.34 36.92 -7.26
CA GLU C 780 5.38 37.21 -8.69
C GLU C 780 4.07 37.79 -9.20
N VAL C 781 2.98 37.60 -8.45
CA VAL C 781 1.73 38.27 -8.82
C VAL C 781 1.80 39.73 -8.45
N PHE C 782 2.04 40.03 -7.17
CA PHE C 782 1.97 41.40 -6.66
C PHE C 782 3.28 42.17 -6.82
N ALA C 783 4.41 41.58 -6.42
CA ALA C 783 5.67 42.32 -6.34
C ALA C 783 6.32 42.42 -7.72
N GLN C 784 5.55 42.92 -8.67
CA GLN C 784 6.08 43.24 -9.99
C GLN C 784 6.75 44.60 -10.01
N VAL C 785 6.74 45.31 -8.89
CA VAL C 785 7.22 46.68 -8.81
C VAL C 785 8.32 46.73 -7.77
N LYS C 786 9.41 47.42 -8.11
CA LYS C 786 10.53 47.52 -7.18
C LYS C 786 10.24 48.50 -6.05
N GLN C 787 10.02 49.77 -6.38
CA GLN C 787 9.78 50.81 -5.40
C GLN C 787 8.29 50.89 -5.10
N ILE C 788 7.97 51.23 -3.86
CA ILE C 788 6.59 51.27 -3.40
C ILE C 788 6.13 52.71 -3.45
N TYR C 789 5.20 53.01 -4.36
CA TYR C 789 4.74 54.36 -4.56
C TYR C 789 3.57 54.64 -3.63
N LYS C 790 3.34 55.91 -3.36
CA LYS C 790 2.23 56.36 -2.55
C LYS C 790 1.64 57.59 -3.19
N THR C 791 0.34 57.74 -3.09
CA THR C 791 -0.33 58.80 -3.81
C THR C 791 -0.17 60.14 -3.11
N PRO C 792 -0.10 61.22 -3.88
CA PRO C 792 0.07 62.55 -3.29
C PRO C 792 -1.21 63.04 -2.65
N PRO C 793 -1.13 64.05 -1.78
CA PRO C 793 -2.34 64.49 -1.05
C PRO C 793 -3.44 65.03 -1.96
N ILE C 794 -3.14 65.43 -3.17
CA ILE C 794 -4.15 65.97 -4.07
C ILE C 794 -4.64 64.86 -4.97
N LYS C 795 -5.96 64.83 -5.19
CA LYS C 795 -6.61 63.79 -5.98
C LYS C 795 -7.20 64.35 -7.27
N ASP C 796 -6.59 65.40 -7.82
CA ASP C 796 -7.15 66.08 -8.99
C ASP C 796 -6.97 65.19 -10.23
N PHE C 797 -7.64 64.05 -10.20
CA PHE C 797 -7.52 63.07 -11.28
C PHE C 797 -8.46 63.39 -12.42
N GLY C 798 -8.30 64.56 -13.04
CA GLY C 798 -9.07 64.93 -14.21
C GLY C 798 -10.56 64.72 -14.10
N GLY C 799 -11.11 64.67 -12.88
CA GLY C 799 -12.48 64.30 -12.64
C GLY C 799 -12.68 62.84 -12.31
N PHE C 800 -11.72 61.98 -12.63
CA PHE C 800 -11.84 60.55 -12.36
C PHE C 800 -11.76 60.35 -10.87
N ASN C 801 -12.75 59.66 -10.30
CA ASN C 801 -12.87 59.57 -8.86
C ASN C 801 -12.43 58.18 -8.42
N PHE C 802 -11.26 58.10 -7.78
CA PHE C 802 -10.70 56.84 -7.35
C PHE C 802 -10.82 56.63 -5.85
N SER C 803 -11.59 57.47 -5.15
CA SER C 803 -11.57 57.44 -3.69
C SER C 803 -11.98 56.09 -3.15
N GLN C 804 -12.68 55.29 -3.94
CA GLN C 804 -13.07 53.96 -3.51
C GLN C 804 -11.94 52.94 -3.63
N ILE C 805 -11.07 53.09 -4.62
CA ILE C 805 -10.02 52.10 -4.86
C ILE C 805 -8.72 52.41 -4.12
N LEU C 806 -8.42 53.66 -3.82
CA LEU C 806 -7.22 53.96 -3.06
C LEU C 806 -7.36 53.44 -1.63
N PRO C 807 -6.24 53.13 -0.97
CA PRO C 807 -6.32 52.74 0.44
C PRO C 807 -6.85 53.88 1.28
N ASP C 808 -7.61 53.54 2.32
CA ASP C 808 -8.21 54.52 3.20
C ASP C 808 -7.23 54.79 4.34
N PRO C 809 -6.68 55.99 4.46
CA PRO C 809 -5.63 56.23 5.46
C PRO C 809 -6.09 56.12 6.90
N SER C 810 -7.40 56.12 7.17
CA SER C 810 -7.89 56.17 8.54
C SER C 810 -8.24 54.80 9.13
N LYS C 811 -8.00 53.71 8.40
CA LYS C 811 -8.33 52.39 8.92
C LYS C 811 -7.08 51.66 9.42
N SER C 813 -5.55 48.63 8.99
CA SER C 813 -5.03 48.32 7.66
C SER C 813 -5.24 49.47 6.70
N LYS C 814 -4.15 49.93 6.08
CA LYS C 814 -4.23 50.96 5.05
C LYS C 814 -4.72 50.33 3.76
N ARG C 815 -5.97 49.88 3.79
CA ARG C 815 -6.60 49.20 2.67
C ARG C 815 -7.69 50.08 2.09
N SER C 816 -8.22 49.65 0.95
CA SER C 816 -9.23 50.43 0.24
C SER C 816 -10.63 50.06 0.68
N PHE C 817 -11.60 50.79 0.14
CA PHE C 817 -13.00 50.52 0.45
C PHE C 817 -13.48 49.28 -0.29
N ILE C 818 -13.39 49.30 -1.62
CA ILE C 818 -13.96 48.21 -2.41
C ILE C 818 -13.38 46.87 -1.98
N GLU C 819 -12.09 46.84 -1.66
CA GLU C 819 -11.49 45.60 -1.20
C GLU C 819 -11.97 45.25 0.19
N ASP C 820 -12.26 46.26 1.03
CA ASP C 820 -12.71 45.96 2.38
C ASP C 820 -13.93 45.05 2.37
N LEU C 821 -14.90 45.35 1.48
CA LEU C 821 -16.00 44.43 1.26
C LEU C 821 -15.49 43.04 0.92
N LEU C 822 -14.48 42.96 0.06
CA LEU C 822 -14.03 41.68 -0.46
C LEU C 822 -13.52 40.79 0.66
N PHE C 823 -12.79 41.35 1.61
CA PHE C 823 -12.39 40.56 2.77
C PHE C 823 -13.58 40.22 3.65
N ASN C 824 -14.71 40.88 3.44
CA ASN C 824 -15.88 40.64 4.29
C ASN C 824 -16.82 39.59 3.72
N LYS C 825 -16.71 39.26 2.43
CA LYS C 825 -17.57 38.26 1.80
C LYS C 825 -17.01 36.87 1.89
N VAL C 826 -15.85 36.68 2.52
CA VAL C 826 -15.08 35.45 2.43
C VAL C 826 -15.03 34.79 3.79
N THR C 827 -15.11 33.46 3.80
CA THR C 827 -14.98 32.64 5.00
C THR C 827 -14.87 31.16 4.65
N ASN C 856 -3.33 16.81 15.96
CA ASN C 856 -3.46 16.01 14.76
C ASN C 856 -2.31 16.26 13.79
N GLY C 857 -1.36 17.08 14.21
CA GLY C 857 -0.21 17.37 13.39
C GLY C 857 -0.47 18.35 12.28
N LEU C 858 -1.72 18.75 12.07
CA LEU C 858 -2.08 19.63 10.98
C LEU C 858 -1.84 21.07 11.40
N THR C 859 -0.88 21.71 10.78
CA THR C 859 -0.57 23.10 11.08
C THR C 859 -0.79 23.94 9.84
N VAL C 860 -0.96 25.24 10.06
CA VAL C 860 -1.14 26.20 8.99
C VAL C 860 0.01 27.19 9.04
N LEU C 861 0.90 27.08 8.12
CA LEU C 861 1.93 28.09 8.14
C LEU C 861 1.34 29.43 7.71
N PRO C 862 1.83 30.53 8.25
CA PRO C 862 1.33 31.84 7.85
C PRO C 862 1.90 32.24 6.50
N PRO C 863 1.23 33.13 5.79
CA PRO C 863 1.80 33.62 4.52
C PRO C 863 2.94 34.58 4.81
N LEU C 864 3.98 34.51 3.98
CA LEU C 864 5.12 35.37 4.19
C LEU C 864 4.75 36.83 4.03
N LEU C 865 3.96 37.14 3.03
CA LEU C 865 3.57 38.52 2.73
C LEU C 865 2.25 38.79 3.43
N THR C 866 2.29 39.58 4.50
CA THR C 866 1.12 39.77 5.33
C THR C 866 0.08 40.62 4.61
N ASP C 867 -1.16 40.54 5.12
CA ASP C 867 -2.26 41.27 4.50
C ASP C 867 -1.98 42.75 4.42
N GLU C 868 -1.44 43.35 5.49
CA GLU C 868 -1.05 44.75 5.42
C GLU C 868 0.01 44.97 4.35
N MET C 869 0.98 44.05 4.27
CA MET C 869 1.97 44.10 3.20
C MET C 869 1.29 43.98 1.84
N ILE C 870 0.36 43.04 1.71
CA ILE C 870 -0.32 42.83 0.44
C ILE C 870 -0.98 44.12 -0.04
N ALA C 871 -1.60 44.86 0.88
CA ALA C 871 -2.29 46.08 0.50
C ALA C 871 -1.32 47.10 -0.10
N GLN C 872 -0.14 47.24 0.49
CA GLN C 872 0.80 48.26 0.02
C GLN C 872 1.16 48.04 -1.44
N TYR C 873 1.50 46.80 -1.81
CA TYR C 873 1.62 46.45 -3.21
C TYR C 873 0.45 46.99 -4.01
N THR C 874 -0.76 46.54 -3.67
CA THR C 874 -1.95 46.91 -4.41
C THR C 874 -2.20 48.40 -4.32
N SER C 875 -1.66 49.07 -3.32
CA SER C 875 -1.63 50.53 -3.33
C SER C 875 -0.60 51.04 -4.32
N ALA C 876 0.57 50.41 -4.35
CA ALA C 876 1.62 50.87 -5.25
C ALA C 876 1.26 50.58 -6.69
N LEU C 877 1.05 49.30 -7.03
CA LEU C 877 0.65 48.92 -8.38
C LEU C 877 -0.48 49.82 -8.87
N LEU C 878 -1.32 50.25 -7.96
CA LEU C 878 -2.37 51.20 -8.30
C LEU C 878 -1.82 52.61 -8.41
N ALA C 879 -0.81 52.94 -7.60
CA ALA C 879 -0.32 54.32 -7.56
C ALA C 879 0.43 54.70 -8.81
N GLY C 880 1.38 53.85 -9.23
CA GLY C 880 2.10 54.13 -10.46
C GLY C 880 1.20 54.04 -11.67
N THR C 881 0.22 53.14 -11.62
CA THR C 881 -0.77 53.04 -12.69
C THR C 881 -1.49 54.36 -12.87
N ILE C 882 -1.81 55.04 -11.77
CA ILE C 882 -2.57 56.28 -11.85
C ILE C 882 -1.69 57.41 -12.36
N THR C 883 -0.62 57.72 -11.64
CA THR C 883 0.11 58.95 -11.86
C THR C 883 1.17 58.84 -12.94
N SER C 884 1.55 57.65 -13.35
CA SER C 884 2.72 57.49 -14.19
C SER C 884 2.44 56.75 -15.50
N GLY C 885 1.24 56.26 -15.72
CA GLY C 885 0.99 55.50 -16.92
C GLY C 885 1.58 54.13 -16.82
N TRP C 886 1.95 53.57 -17.96
CA TRP C 886 2.57 52.25 -18.02
C TRP C 886 4.06 52.28 -17.74
N THR C 887 4.66 53.46 -17.69
CA THR C 887 6.11 53.53 -17.65
C THR C 887 6.70 52.92 -16.38
N PHE C 888 5.88 52.70 -15.35
CA PHE C 888 6.46 52.18 -14.12
C PHE C 888 6.69 50.68 -14.19
N GLY C 889 6.31 50.04 -15.28
CA GLY C 889 6.68 48.65 -15.48
C GLY C 889 8.04 48.53 -16.14
N ALA C 890 8.39 49.52 -16.97
CA ALA C 890 9.63 49.45 -17.74
C ALA C 890 10.84 49.86 -16.90
N GLY C 891 10.64 50.77 -15.95
CA GLY C 891 11.77 51.36 -15.26
C GLY C 891 11.34 52.44 -14.29
N ALA C 892 11.98 53.59 -14.36
CA ALA C 892 11.59 54.71 -13.51
C ALA C 892 10.19 55.20 -13.91
N ALA C 893 9.32 55.29 -12.90
CA ALA C 893 7.97 55.78 -13.11
C ALA C 893 8.00 57.27 -13.38
N LEU C 894 7.32 57.69 -14.42
CA LEU C 894 7.33 59.08 -14.85
C LEU C 894 5.95 59.70 -14.62
N GLN C 895 5.89 60.73 -13.79
CA GLN C 895 4.61 61.37 -13.52
C GLN C 895 4.00 61.87 -14.82
N ILE C 896 2.73 61.52 -15.01
CA ILE C 896 1.95 62.02 -16.14
C ILE C 896 0.54 62.32 -15.63
N PRO C 897 0.01 63.51 -15.92
CA PRO C 897 -1.35 63.81 -15.44
C PRO C 897 -2.35 62.86 -16.08
N PHE C 898 -3.33 62.45 -15.26
CA PHE C 898 -4.15 61.28 -15.59
C PHE C 898 -4.94 61.47 -16.87
N ALA C 899 -5.51 62.66 -17.07
CA ALA C 899 -6.24 62.92 -18.30
C ALA C 899 -5.36 62.73 -19.52
N MET C 900 -4.05 62.91 -19.37
CA MET C 900 -3.16 62.60 -20.48
C MET C 900 -3.15 61.10 -20.74
N GLN C 901 -3.19 60.31 -19.66
CA GLN C 901 -3.03 58.87 -19.81
C GLN C 901 -4.14 58.25 -20.65
N MET C 902 -5.38 58.67 -20.41
CA MET C 902 -6.47 58.16 -21.23
C MET C 902 -6.26 58.49 -22.69
N ALA C 903 -5.76 59.69 -22.98
CA ALA C 903 -5.47 60.06 -24.37
C ALA C 903 -4.50 59.07 -24.99
N TYR C 904 -3.51 58.63 -24.22
CA TYR C 904 -2.75 57.45 -24.63
C TYR C 904 -3.63 56.21 -24.66
N ARG C 905 -4.36 55.94 -23.57
CA ARG C 905 -5.09 54.68 -23.48
C ARG C 905 -6.19 54.57 -24.52
N PHE C 906 -6.84 55.69 -24.85
CA PHE C 906 -7.72 55.70 -26.03
C PHE C 906 -6.91 55.53 -27.31
N ASN C 907 -5.68 56.05 -27.34
CA ASN C 907 -4.83 55.82 -28.49
C ASN C 907 -4.43 54.35 -28.59
N GLY C 908 -4.69 53.58 -27.55
CA GLY C 908 -4.33 52.17 -27.53
C GLY C 908 -5.39 51.23 -28.06
N ILE C 909 -6.55 51.75 -28.48
CA ILE C 909 -7.60 50.94 -29.09
C ILE C 909 -8.08 51.54 -30.40
N GLY C 910 -7.37 52.50 -30.94
CA GLY C 910 -7.80 53.10 -32.19
C GLY C 910 -8.92 54.11 -32.07
N VAL C 911 -8.92 54.92 -31.01
CA VAL C 911 -9.74 56.12 -30.94
C VAL C 911 -8.86 57.28 -30.49
N THR C 912 -8.66 58.24 -31.39
CA THR C 912 -7.66 59.27 -31.15
C THR C 912 -8.07 60.10 -29.93
N GLN C 913 -7.06 60.69 -29.27
CA GLN C 913 -7.28 61.41 -28.02
C GLN C 913 -8.44 62.39 -28.07
N ASN C 914 -8.81 62.89 -29.25
CA ASN C 914 -9.84 63.92 -29.31
C ASN C 914 -11.17 63.42 -28.78
N VAL C 915 -11.36 62.10 -28.69
CA VAL C 915 -12.56 61.59 -28.04
C VAL C 915 -12.58 61.94 -26.57
N LEU C 916 -11.48 61.69 -25.86
CA LEU C 916 -11.48 61.82 -24.41
C LEU C 916 -11.78 63.25 -23.98
N TYR C 917 -10.91 64.19 -24.33
CA TYR C 917 -11.04 65.56 -23.83
C TYR C 917 -12.34 66.20 -24.29
N GLU C 918 -12.70 66.02 -25.55
CA GLU C 918 -13.98 66.53 -26.02
C GLU C 918 -15.15 65.85 -25.32
N ASN C 919 -14.86 64.85 -24.49
CA ASN C 919 -15.88 64.17 -23.71
C ASN C 919 -15.38 63.90 -22.29
N GLN C 920 -14.55 64.80 -21.75
CA GLN C 920 -13.78 64.47 -20.54
C GLN C 920 -14.69 64.27 -19.34
N LYS C 921 -15.60 65.21 -19.09
CA LYS C 921 -16.39 65.19 -17.85
C LYS C 921 -17.30 63.97 -17.79
N LEU C 922 -18.06 63.72 -18.86
CA LEU C 922 -18.91 62.54 -18.92
C LEU C 922 -18.13 61.26 -18.69
N ILE C 923 -17.04 61.05 -19.43
CA ILE C 923 -16.30 59.80 -19.35
C ILE C 923 -15.81 59.58 -17.93
N ALA C 924 -15.32 60.65 -17.29
CA ALA C 924 -15.00 60.56 -15.88
C ALA C 924 -16.23 60.18 -15.06
N ASN C 925 -17.35 60.86 -15.30
CA ASN C 925 -18.58 60.53 -14.60
C ASN C 925 -19.00 59.09 -14.88
N GLN C 926 -18.93 58.67 -16.15
CA GLN C 926 -19.26 57.30 -16.49
C GLN C 926 -18.41 56.33 -15.70
N PHE C 927 -17.09 56.56 -15.68
CA PHE C 927 -16.22 55.67 -14.91
C PHE C 927 -16.51 55.79 -13.42
N ASN C 928 -16.81 57.00 -12.95
CA ASN C 928 -17.09 57.17 -11.53
C ASN C 928 -18.34 56.39 -11.13
N SER C 929 -19.44 56.60 -11.85
CA SER C 929 -20.65 55.82 -11.58
C SER C 929 -20.38 54.34 -11.78
N ALA C 930 -19.55 54.01 -12.77
CA ALA C 930 -19.17 52.62 -12.97
C ALA C 930 -18.56 52.04 -11.71
N ILE C 931 -17.63 52.78 -11.09
CA ILE C 931 -16.95 52.30 -9.90
C ILE C 931 -17.95 51.94 -8.82
N GLY C 932 -18.95 52.80 -8.60
CA GLY C 932 -19.92 52.55 -7.56
C GLY C 932 -20.69 51.27 -7.77
N LYS C 933 -20.94 50.91 -9.04
CA LYS C 933 -21.75 49.74 -9.32
C LYS C 933 -21.15 48.47 -8.76
N ILE C 934 -19.83 48.30 -8.87
CA ILE C 934 -19.20 47.10 -8.31
C ILE C 934 -19.46 47.03 -6.82
N GLN C 935 -19.42 48.18 -6.16
CA GLN C 935 -19.67 48.21 -4.72
C GLN C 935 -21.03 47.58 -4.40
N ASP C 936 -22.06 47.94 -5.17
CA ASP C 936 -23.36 47.32 -4.97
C ASP C 936 -23.35 45.85 -5.35
N SER C 937 -22.77 45.52 -6.51
CA SER C 937 -22.75 44.14 -6.97
C SER C 937 -22.01 43.24 -5.99
N LEU C 938 -20.85 43.70 -5.52
CA LEU C 938 -20.13 42.95 -4.51
C LEU C 938 -20.93 42.86 -3.21
N SER C 939 -21.55 43.97 -2.80
CA SER C 939 -22.30 43.98 -1.55
C SER C 939 -23.55 43.12 -1.64
N SER C 940 -24.15 43.04 -2.83
CA SER C 940 -25.45 42.39 -2.96
C SER C 940 -25.33 40.87 -2.86
N THR C 941 -24.62 40.25 -3.79
CA THR C 941 -24.55 38.80 -3.89
C THR C 941 -23.19 38.33 -3.43
N ALA C 942 -23.18 37.35 -2.51
CA ALA C 942 -21.93 36.72 -2.10
C ALA C 942 -21.38 35.81 -3.20
N SER C 943 -22.21 35.48 -4.19
CA SER C 943 -21.76 34.68 -5.32
C SER C 943 -20.85 35.45 -6.26
N ALA C 944 -20.69 36.76 -6.07
CA ALA C 944 -19.72 37.51 -6.86
C ALA C 944 -18.31 36.97 -6.64
N LEU C 945 -18.03 36.45 -5.44
CA LEU C 945 -16.72 35.89 -5.09
C LEU C 945 -16.75 34.36 -5.06
N GLY C 946 -17.44 33.76 -6.02
CA GLY C 946 -17.58 32.32 -6.00
C GLY C 946 -16.26 31.58 -6.11
N LYS C 947 -15.39 32.00 -7.01
CA LYS C 947 -14.15 31.27 -7.24
C LYS C 947 -13.29 31.22 -5.99
N LEU C 948 -13.01 32.39 -5.39
CA LEU C 948 -12.22 32.42 -4.18
C LEU C 948 -12.86 31.62 -3.07
N GLN C 949 -14.18 31.75 -2.91
CA GLN C 949 -14.89 30.89 -1.96
C GLN C 949 -14.64 29.43 -2.25
N ASP C 950 -14.61 29.05 -3.53
CA ASP C 950 -14.28 27.67 -3.83
C ASP C 950 -12.88 27.35 -3.36
N VAL C 951 -11.92 28.24 -3.64
CA VAL C 951 -10.54 28.00 -3.23
C VAL C 951 -10.48 27.71 -1.75
N VAL C 952 -11.23 28.45 -0.95
CA VAL C 952 -11.36 28.12 0.47
C VAL C 952 -12.06 26.77 0.65
N ASN C 953 -13.14 26.54 -0.10
CA ASN C 953 -14.02 25.42 0.23
C ASN C 953 -13.36 24.06 -0.01
N GLN C 954 -12.93 23.76 -1.25
CA GLN C 954 -12.26 22.48 -1.44
C GLN C 954 -11.09 22.32 -0.49
N ASN C 955 -10.37 23.40 -0.22
CA ASN C 955 -9.33 23.33 0.79
C ASN C 955 -9.90 22.98 2.15
N ALA C 956 -11.01 23.62 2.54
CA ALA C 956 -11.67 23.21 3.76
C ALA C 956 -12.11 21.76 3.68
N GLN C 957 -12.70 21.36 2.55
CA GLN C 957 -13.15 19.98 2.40
C GLN C 957 -11.99 19.01 2.46
N ALA C 958 -10.90 19.32 1.76
CA ALA C 958 -9.75 18.43 1.77
C ALA C 958 -9.31 18.13 3.19
N LEU C 959 -9.11 19.18 3.99
CA LEU C 959 -8.72 18.97 5.38
C LEU C 959 -9.75 18.17 6.15
N ASN C 960 -11.03 18.54 6.07
CA ASN C 960 -12.04 17.81 6.80
C ASN C 960 -12.03 16.34 6.42
N THR C 961 -12.11 16.05 5.13
CA THR C 961 -11.99 14.67 4.67
C THR C 961 -10.71 14.04 5.20
N LEU C 962 -9.61 14.79 5.16
CA LEU C 962 -8.37 14.28 5.75
C LEU C 962 -8.54 14.01 7.23
N VAL C 963 -9.24 14.90 7.93
CA VAL C 963 -9.42 14.70 9.37
C VAL C 963 -10.33 13.50 9.65
N LYS C 964 -11.46 13.42 8.95
CA LYS C 964 -12.43 12.35 9.24
C LYS C 964 -11.81 10.97 9.09
N GLN C 965 -10.93 10.80 8.10
CA GLN C 965 -10.37 9.48 7.84
C GLN C 965 -9.81 8.84 9.10
N LEU C 966 -9.44 9.65 10.09
CA LEU C 966 -8.91 9.12 11.34
C LEU C 966 -9.93 8.25 12.06
N SER C 967 -11.21 8.39 11.74
CA SER C 967 -12.26 7.61 12.36
C SER C 967 -12.50 6.27 11.67
N SER C 968 -11.87 6.03 10.54
CA SER C 968 -12.17 4.84 9.76
C SER C 968 -11.37 3.64 10.25
N ASN C 969 -12.03 2.50 10.28
CA ASN C 969 -11.35 1.28 10.69
C ASN C 969 -10.45 0.72 9.60
N PHE C 970 -10.79 0.94 8.34
CA PHE C 970 -10.08 0.29 7.24
C PHE C 970 -10.02 -1.22 7.45
N GLY C 971 -10.99 -1.75 8.19
CA GLY C 971 -10.96 -3.13 8.61
C GLY C 971 -10.31 -3.35 9.96
N ALA C 972 -9.76 -2.31 10.58
CA ALA C 972 -9.12 -2.51 11.88
C ALA C 972 -10.15 -2.79 12.95
N ILE C 973 -9.70 -3.47 14.02
CA ILE C 973 -10.61 -3.83 15.10
C ILE C 973 -11.18 -2.59 15.75
N SER C 974 -10.49 -1.45 15.62
CA SER C 974 -10.95 -0.20 16.18
C SER C 974 -10.20 0.93 15.50
N SER C 975 -10.62 2.16 15.79
CA SER C 975 -9.99 3.31 15.16
C SER C 975 -9.18 4.18 16.12
N VAL C 976 -8.88 3.67 17.30
CA VAL C 976 -8.02 4.37 18.26
C VAL C 976 -6.76 3.56 18.46
N LEU C 977 -5.60 4.21 18.33
CA LEU C 977 -4.34 3.49 18.47
C LEU C 977 -4.18 2.93 19.88
N ASN C 978 -4.60 3.70 20.88
CA ASN C 978 -4.41 3.28 22.27
C ASN C 978 -5.18 2.02 22.61
N ASP C 979 -6.42 1.90 22.12
CA ASP C 979 -7.21 0.71 22.41
C ASP C 979 -6.52 -0.54 21.92
N ILE C 980 -5.98 -0.50 20.69
CA ILE C 980 -5.27 -1.64 20.15
C ILE C 980 -4.07 -1.98 21.01
N LEU C 981 -3.32 -0.96 21.42
CA LEU C 981 -2.20 -1.20 22.32
C LEU C 981 -2.66 -1.73 23.67
N SER C 982 -3.72 -1.14 24.23
CA SER C 982 -4.16 -1.51 25.57
C SER C 982 -4.81 -2.89 25.62
N ARG C 983 -5.63 -3.24 24.63
CA ARG C 983 -6.36 -4.50 24.66
C ARG C 983 -5.57 -5.66 24.08
N LEU C 984 -4.85 -5.43 22.99
CA LEU C 984 -4.22 -6.49 22.23
C LEU C 984 -2.74 -6.58 22.56
N ASP C 985 -2.25 -7.81 22.67
CA ASP C 985 -0.82 -8.00 22.82
C ASP C 985 -0.11 -7.49 21.56
N PRO C 986 1.07 -6.89 21.70
CA PRO C 986 1.79 -6.36 20.54
C PRO C 986 1.85 -7.33 19.38
N PRO C 987 2.12 -8.63 19.61
CA PRO C 987 2.17 -9.56 18.46
C PRO C 987 0.88 -9.60 17.66
N GLU C 988 -0.26 -9.38 18.27
CA GLU C 988 -1.52 -9.22 17.53
C GLU C 988 -1.82 -7.77 17.22
N ALA C 989 -1.28 -6.84 17.99
CA ALA C 989 -1.50 -5.43 17.75
C ALA C 989 -0.72 -4.94 16.53
N GLU C 990 0.49 -5.45 16.34
CA GLU C 990 1.30 -4.97 15.23
C GLU C 990 0.65 -5.27 13.89
N VAL C 991 -0.02 -6.42 13.78
CA VAL C 991 -0.84 -6.67 12.60
C VAL C 991 -1.94 -5.63 12.48
N GLN C 992 -2.57 -5.30 13.60
CA GLN C 992 -3.76 -4.46 13.56
C GLN C 992 -3.41 -3.01 13.25
N ILE C 993 -2.40 -2.45 13.91
CA ILE C 993 -2.00 -1.08 13.62
C ILE C 993 -1.53 -0.96 12.19
N ASP C 994 -0.80 -1.97 11.71
CA ASP C 994 -0.30 -1.95 10.34
C ASP C 994 -1.43 -1.70 9.35
N ARG C 995 -2.60 -2.27 9.61
CA ARG C 995 -3.75 -1.99 8.77
C ARG C 995 -4.16 -0.53 8.85
N LEU C 996 -4.18 0.02 10.06
CA LEU C 996 -4.53 1.43 10.23
C LEU C 996 -3.46 2.33 9.61
N ILE C 997 -2.21 1.89 9.62
CA ILE C 997 -1.13 2.71 9.08
C ILE C 997 -1.32 2.89 7.59
N THR C 998 -1.47 1.79 6.85
CA THR C 998 -1.52 1.86 5.40
C THR C 998 -2.78 2.59 4.94
N GLY C 999 -3.78 2.68 5.80
CA GLY C 999 -4.96 3.43 5.43
C GLY C 999 -4.73 4.92 5.44
N ARG C 1000 -4.33 5.46 6.60
CA ARG C 1000 -4.06 6.89 6.70
C ARG C 1000 -2.94 7.31 5.77
N LEU C 1001 -1.86 6.53 5.73
CA LEU C 1001 -0.77 6.82 4.81
C LEU C 1001 -1.27 6.85 3.38
N GLN C 1002 -2.20 5.95 3.04
CA GLN C 1002 -2.86 6.06 1.75
C GLN C 1002 -3.68 7.34 1.66
N SER C 1003 -4.37 7.69 2.75
CA SER C 1003 -5.24 8.86 2.71
C SER C 1003 -4.44 10.14 2.55
N LEU C 1004 -3.34 10.27 3.31
CA LEU C 1004 -2.46 11.41 3.10
C LEU C 1004 -1.90 11.41 1.68
N GLN C 1005 -1.46 10.23 1.21
CA GLN C 1005 -1.06 10.11 -0.19
C GLN C 1005 -2.14 10.61 -1.11
N THR C 1006 -3.40 10.27 -0.84
CA THR C 1006 -4.50 10.77 -1.64
C THR C 1006 -4.60 12.29 -1.52
N TYR C 1007 -4.40 12.80 -0.31
CA TYR C 1007 -4.52 14.23 -0.09
C TYR C 1007 -3.45 14.99 -0.86
N VAL C 1008 -2.18 14.61 -0.67
CA VAL C 1008 -1.09 15.37 -1.27
C VAL C 1008 -1.16 15.30 -2.79
N THR C 1009 -1.40 14.11 -3.33
CA THR C 1009 -1.61 14.00 -4.77
C THR C 1009 -2.73 14.90 -5.22
N GLN C 1010 -3.88 14.81 -4.55
CA GLN C 1010 -4.96 15.75 -4.79
C GLN C 1010 -4.49 17.18 -4.58
N GLN C 1011 -3.63 17.39 -3.60
CA GLN C 1011 -3.16 18.74 -3.30
C GLN C 1011 -2.29 19.29 -4.41
N LEU C 1012 -1.37 18.46 -4.93
CA LEU C 1012 -0.46 18.93 -5.97
C LEU C 1012 -1.24 19.41 -7.19
N ILE C 1013 -2.23 18.64 -7.63
CA ILE C 1013 -2.97 19.01 -8.83
C ILE C 1013 -3.62 20.37 -8.66
N ARG C 1014 -4.34 20.56 -7.56
CA ARG C 1014 -5.06 21.81 -7.37
C ARG C 1014 -4.10 22.98 -7.29
N ALA C 1015 -2.95 22.77 -6.67
CA ALA C 1015 -1.94 23.84 -6.64
C ALA C 1015 -1.46 24.18 -8.03
N ALA C 1016 -1.31 23.17 -8.90
CA ALA C 1016 -0.95 23.46 -10.28
C ALA C 1016 -2.05 24.28 -10.97
N GLU C 1017 -3.31 23.95 -10.69
CA GLU C 1017 -4.40 24.76 -11.21
C GLU C 1017 -4.28 26.19 -10.72
N ILE C 1018 -3.94 26.37 -9.44
CA ILE C 1018 -3.74 27.70 -8.89
C ILE C 1018 -2.59 28.38 -9.60
N ARG C 1019 -1.49 27.67 -9.80
CA ARG C 1019 -0.30 28.27 -10.38
C ARG C 1019 -0.59 28.82 -11.78
N ALA C 1020 -1.24 28.04 -12.63
CA ALA C 1020 -1.55 28.52 -13.97
C ALA C 1020 -2.42 29.77 -13.91
N SER C 1021 -3.38 29.79 -12.99
CA SER C 1021 -4.13 31.02 -12.75
C SER C 1021 -3.22 32.11 -12.22
N ALA C 1022 -2.32 31.77 -11.30
CA ALA C 1022 -1.40 32.77 -10.76
C ALA C 1022 -0.53 33.37 -11.86
N ASN C 1023 0.05 32.52 -12.71
CA ASN C 1023 0.78 33.02 -13.86
C ASN C 1023 -0.15 33.75 -14.80
N LEU C 1024 -1.39 33.30 -14.92
CA LEU C 1024 -2.39 34.08 -15.64
C LEU C 1024 -2.69 35.37 -14.91
N ALA C 1025 -2.73 35.32 -13.57
CA ALA C 1025 -2.91 36.55 -12.82
C ALA C 1025 -1.73 37.49 -13.03
N ALA C 1026 -0.51 36.98 -12.87
CA ALA C 1026 0.66 37.83 -13.05
C ALA C 1026 0.67 38.47 -14.43
N THR C 1027 0.39 37.68 -15.47
CA THR C 1027 0.37 38.24 -16.82
C THR C 1027 -0.69 39.33 -16.94
N LYS C 1028 -1.77 39.21 -16.19
CA LYS C 1028 -2.82 40.22 -16.25
C LYS C 1028 -2.38 41.50 -15.57
N MET C 1029 -1.71 41.40 -14.42
CA MET C 1029 -1.04 42.58 -13.89
C MET C 1029 0.09 43.01 -14.80
N SER C 1030 0.90 42.05 -15.26
CA SER C 1030 2.06 42.38 -16.07
C SER C 1030 1.66 43.15 -17.32
N GLU C 1031 0.63 42.67 -18.02
CA GLU C 1031 0.29 43.23 -19.32
C GLU C 1031 -0.88 44.18 -19.26
N CYS C 1032 -1.85 43.93 -18.39
CA CYS C 1032 -3.10 44.67 -18.46
C CYS C 1032 -3.09 45.84 -17.47
N VAL C 1033 -2.43 45.68 -16.33
CA VAL C 1033 -2.23 46.77 -15.39
C VAL C 1033 -1.05 47.63 -15.78
N LEU C 1034 0.13 47.02 -15.85
CA LEU C 1034 1.37 47.72 -16.11
C LEU C 1034 1.45 48.29 -17.52
N GLY C 1035 0.52 47.93 -18.39
CA GLY C 1035 0.38 48.46 -19.73
C GLY C 1035 -1.07 48.40 -20.17
N GLN C 1036 -1.26 48.46 -21.49
CA GLN C 1036 -2.59 48.32 -22.09
C GLN C 1036 -2.57 47.13 -23.03
N SER C 1037 -3.34 46.10 -22.70
CA SER C 1037 -3.36 44.88 -23.50
C SER C 1037 -4.09 45.08 -24.82
N LYS C 1038 -3.66 44.34 -25.83
CA LYS C 1038 -4.33 44.31 -27.13
C LYS C 1038 -4.92 42.95 -27.43
N ARG C 1039 -4.97 42.06 -26.45
CA ARG C 1039 -5.54 40.73 -26.65
C ARG C 1039 -7.04 40.79 -26.44
N VAL C 1040 -7.80 40.67 -27.53
CA VAL C 1040 -9.24 40.78 -27.44
C VAL C 1040 -9.78 39.68 -26.54
N ASP C 1041 -10.65 40.05 -25.60
CA ASP C 1041 -11.13 39.15 -24.56
C ASP C 1041 -9.98 38.60 -23.71
N PHE C 1042 -9.08 39.49 -23.26
CA PHE C 1042 -8.15 39.11 -22.21
C PHE C 1042 -8.25 40.05 -21.02
N CYS C 1043 -8.72 41.27 -21.24
CA CYS C 1043 -8.95 42.20 -20.15
C CYS C 1043 -10.43 42.55 -20.06
N GLY C 1044 -11.29 41.53 -20.13
CA GLY C 1044 -12.71 41.74 -20.12
C GLY C 1044 -13.24 42.07 -21.51
N LYS C 1045 -14.54 41.89 -21.67
CA LYS C 1045 -15.15 42.09 -22.96
C LYS C 1045 -15.00 43.54 -23.40
N GLY C 1046 -14.21 43.76 -24.43
CA GLY C 1046 -14.12 45.05 -25.09
C GLY C 1046 -12.68 45.44 -25.41
N TYR C 1047 -12.58 46.52 -26.18
CA TYR C 1047 -11.29 47.15 -26.44
C TYR C 1047 -10.76 47.67 -25.10
N HIS C 1048 -9.73 47.01 -24.59
CA HIS C 1048 -9.31 47.25 -23.21
C HIS C 1048 -8.78 48.65 -22.99
N LEU C 1049 -9.04 49.21 -21.81
CA LEU C 1049 -8.43 50.46 -21.40
C LEU C 1049 -7.36 50.24 -20.33
N MET C 1050 -7.72 49.66 -19.20
CA MET C 1050 -6.83 49.65 -18.04
C MET C 1050 -7.46 48.79 -16.96
N SER C 1051 -6.73 48.60 -15.87
CA SER C 1051 -7.23 47.76 -14.82
C SER C 1051 -6.57 48.15 -13.50
N PHE C 1052 -7.34 47.98 -12.43
CA PHE C 1052 -6.87 48.28 -11.08
C PHE C 1052 -6.98 47.02 -10.23
N PRO C 1053 -5.87 46.42 -9.86
CA PRO C 1053 -5.92 45.25 -8.98
C PRO C 1053 -6.41 45.64 -7.60
N GLN C 1054 -7.06 44.69 -6.95
CA GLN C 1054 -7.46 44.85 -5.56
C GLN C 1054 -7.17 43.55 -4.84
N SER C 1055 -6.55 43.66 -3.68
CA SER C 1055 -6.19 42.50 -2.91
C SER C 1055 -7.43 41.73 -2.51
N ALA C 1056 -7.23 40.46 -2.18
CA ALA C 1056 -8.32 39.60 -1.77
C ALA C 1056 -7.71 38.38 -1.08
N PRO C 1057 -8.48 37.68 -0.27
CA PRO C 1057 -7.95 36.50 0.39
C PRO C 1057 -7.57 35.41 -0.59
N HIS C 1058 -6.28 35.06 -0.63
CA HIS C 1058 -5.80 33.91 -1.40
C HIS C 1058 -5.94 34.14 -2.90
N GLY C 1059 -6.45 35.30 -3.29
CA GLY C 1059 -6.67 35.56 -4.69
C GLY C 1059 -6.58 37.04 -4.93
N VAL C 1060 -6.97 37.45 -6.13
CA VAL C 1060 -6.92 38.85 -6.50
C VAL C 1060 -8.13 39.18 -7.35
N VAL C 1061 -8.61 40.41 -7.23
CA VAL C 1061 -9.74 40.91 -8.01
C VAL C 1061 -9.22 42.04 -8.89
N PHE C 1062 -9.57 42.00 -10.16
CA PHE C 1062 -9.26 43.07 -11.08
C PHE C 1062 -10.51 43.85 -11.39
N LEU C 1063 -10.37 45.12 -11.70
CA LEU C 1063 -11.47 45.93 -12.18
C LEU C 1063 -11.14 46.35 -13.60
N HIS C 1064 -11.40 45.48 -14.56
CA HIS C 1064 -11.08 45.73 -15.95
C HIS C 1064 -12.01 46.80 -16.47
N VAL C 1065 -11.44 47.95 -16.82
CA VAL C 1065 -12.21 49.06 -17.36
C VAL C 1065 -12.10 48.99 -18.89
N THR C 1066 -13.19 48.62 -19.54
CA THR C 1066 -13.17 48.27 -20.96
C THR C 1066 -14.05 49.23 -21.74
N TYR C 1067 -13.70 49.43 -23.00
CA TYR C 1067 -14.47 50.25 -23.92
C TYR C 1067 -15.43 49.35 -24.70
N VAL C 1068 -16.69 49.73 -24.78
CA VAL C 1068 -17.71 48.97 -25.51
C VAL C 1068 -18.60 49.94 -26.27
N PRO C 1069 -18.80 49.78 -27.57
CA PRO C 1069 -19.68 50.70 -28.32
C PRO C 1069 -21.11 50.60 -27.83
N ALA C 1070 -21.86 51.71 -27.94
CA ALA C 1070 -23.21 51.75 -27.40
C ALA C 1070 -24.29 52.00 -28.44
N GLN C 1071 -24.19 53.08 -29.20
CA GLN C 1071 -25.26 53.50 -30.10
C GLN C 1071 -24.72 53.58 -31.52
N GLU C 1072 -25.52 53.09 -32.47
CA GLU C 1072 -25.00 52.79 -33.80
C GLU C 1072 -25.97 53.26 -34.87
N LYS C 1073 -25.40 53.63 -36.02
CA LYS C 1073 -26.15 54.11 -37.17
C LYS C 1073 -25.62 53.45 -38.44
N ASN C 1074 -26.54 53.11 -39.33
CA ASN C 1074 -26.21 52.57 -40.64
C ASN C 1074 -25.60 53.67 -41.49
N PHE C 1075 -24.73 53.30 -42.41
CA PHE C 1075 -24.20 54.22 -43.40
C PHE C 1075 -23.85 53.46 -44.69
N THR C 1076 -23.63 54.21 -45.76
CA THR C 1076 -23.26 53.62 -47.04
C THR C 1076 -21.79 53.88 -47.32
N THR C 1077 -21.10 52.85 -47.81
CA THR C 1077 -19.64 52.81 -47.84
C THR C 1077 -19.15 52.48 -49.24
N ALA C 1078 -17.88 52.82 -49.50
CA ALA C 1078 -17.20 52.54 -50.76
C ALA C 1078 -15.70 52.49 -50.50
N PRO C 1079 -15.03 51.40 -50.88
CA PRO C 1079 -13.60 51.19 -50.48
C PRO C 1079 -12.68 52.30 -50.91
N ALA C 1080 -13.11 53.12 -51.85
CA ALA C 1080 -12.23 54.12 -52.45
C ALA C 1080 -13.12 55.18 -53.07
N ILE C 1081 -12.48 56.23 -53.58
CA ILE C 1081 -13.20 57.28 -54.30
C ILE C 1081 -12.34 57.76 -55.46
N CYS C 1082 -13.00 58.23 -56.49
CA CYS C 1082 -12.36 58.83 -57.65
C CYS C 1082 -12.45 60.35 -57.52
N HIS C 1083 -11.34 61.03 -57.75
CA HIS C 1083 -11.41 62.48 -57.86
C HIS C 1083 -11.10 62.93 -59.28
N ASP C 1084 -9.95 62.51 -59.80
CA ASP C 1084 -9.56 62.78 -61.18
C ASP C 1084 -9.39 61.50 -61.98
N GLY C 1085 -10.16 60.47 -61.65
CA GLY C 1085 -9.92 59.13 -62.17
C GLY C 1085 -8.94 58.35 -61.34
N LYS C 1086 -8.33 58.98 -60.35
CA LYS C 1086 -7.41 58.29 -59.47
C LYS C 1086 -8.20 57.59 -58.37
N ALA C 1087 -7.58 56.58 -57.77
CA ALA C 1087 -8.17 55.88 -56.63
C ALA C 1087 -7.62 56.47 -55.34
N HIS C 1088 -8.51 56.79 -54.41
CA HIS C 1088 -8.12 57.28 -53.10
C HIS C 1088 -8.49 56.25 -52.05
N PHE C 1089 -7.65 56.11 -51.04
CA PHE C 1089 -7.90 55.22 -49.92
C PHE C 1089 -7.75 55.97 -48.60
N PRO C 1090 -8.50 55.57 -47.58
CA PRO C 1090 -8.40 56.26 -46.29
C PRO C 1090 -7.10 55.94 -45.59
N ARG C 1091 -6.37 56.98 -45.19
CA ARG C 1091 -5.15 56.73 -44.41
C ARG C 1091 -5.49 56.04 -43.09
N GLU C 1092 -6.52 56.50 -42.41
CA GLU C 1092 -7.03 55.82 -41.23
C GLU C 1092 -8.51 56.13 -41.09
N GLY C 1093 -9.37 55.20 -41.52
CA GLY C 1093 -10.79 55.42 -41.49
C GLY C 1093 -11.49 54.62 -42.57
N VAL C 1094 -12.74 54.98 -42.83
CA VAL C 1094 -13.49 54.44 -43.96
C VAL C 1094 -14.35 55.55 -44.53
N PHE C 1095 -14.70 55.43 -45.81
CA PHE C 1095 -15.60 56.39 -46.44
C PHE C 1095 -17.05 56.04 -46.17
N VAL C 1096 -17.86 57.06 -45.87
CA VAL C 1096 -19.28 56.89 -45.56
C VAL C 1096 -20.06 58.04 -46.17
N SER C 1097 -21.38 57.88 -46.17
CA SER C 1097 -22.28 58.92 -46.67
C SER C 1097 -23.45 59.10 -45.72
N ASN C 1098 -23.87 60.34 -45.52
CA ASN C 1098 -25.15 60.61 -44.87
C ASN C 1098 -26.29 60.64 -45.88
N GLY C 1099 -26.09 60.05 -47.06
CA GLY C 1099 -27.08 60.00 -48.10
C GLY C 1099 -26.89 61.01 -49.21
N THR C 1100 -26.23 62.14 -48.93
CA THR C 1100 -25.99 63.15 -49.95
C THR C 1100 -24.51 63.51 -50.04
N HIS C 1101 -23.83 63.50 -48.91
CA HIS C 1101 -22.42 63.88 -48.85
C HIS C 1101 -21.61 62.70 -48.33
N TRP C 1102 -20.51 62.41 -49.01
CA TRP C 1102 -19.55 61.42 -48.53
C TRP C 1102 -18.65 61.97 -47.44
N PHE C 1103 -18.48 61.17 -46.40
CA PHE C 1103 -17.62 61.49 -45.27
C PHE C 1103 -16.68 60.32 -45.02
N VAL C 1104 -15.55 60.63 -44.42
CA VAL C 1104 -14.56 59.65 -44.01
C VAL C 1104 -14.40 59.74 -42.50
N THR C 1105 -14.40 58.59 -41.83
CA THR C 1105 -14.57 58.59 -40.38
C THR C 1105 -13.65 57.59 -39.72
N GLN C 1106 -13.35 57.86 -38.45
CA GLN C 1106 -12.56 56.96 -37.63
C GLN C 1106 -13.36 55.68 -37.41
N ARG C 1107 -12.74 54.66 -36.84
CA ARG C 1107 -13.31 53.35 -37.03
C ARG C 1107 -14.34 52.98 -35.96
N ASN C 1108 -14.07 53.24 -34.69
CA ASN C 1108 -14.99 52.74 -33.68
C ASN C 1108 -15.70 53.86 -32.91
N PHE C 1109 -15.89 55.01 -33.55
CA PHE C 1109 -16.67 56.10 -33.02
C PHE C 1109 -17.01 57.05 -34.16
N TYR C 1110 -18.28 57.21 -34.49
CA TYR C 1110 -18.65 58.01 -35.65
C TYR C 1110 -18.08 59.42 -35.55
N GLU C 1111 -17.16 59.75 -36.46
CA GLU C 1111 -16.65 61.11 -36.59
C GLU C 1111 -16.40 61.41 -38.07
N PRO C 1112 -17.37 61.99 -38.77
CA PRO C 1112 -17.16 62.30 -40.19
C PRO C 1112 -16.17 63.44 -40.38
N GLN C 1113 -15.46 63.41 -41.51
CA GLN C 1113 -14.64 64.52 -41.96
C GLN C 1113 -14.77 64.71 -43.47
N ILE C 1114 -14.66 65.97 -43.89
CA ILE C 1114 -14.62 66.28 -45.31
C ILE C 1114 -13.36 65.68 -45.91
N ILE C 1115 -13.53 64.90 -46.97
CA ILE C 1115 -12.41 64.17 -47.55
C ILE C 1115 -11.53 65.14 -48.32
N THR C 1116 -10.34 65.40 -47.79
CA THR C 1116 -9.35 66.20 -48.46
C THR C 1116 -8.13 65.34 -48.70
N THR C 1117 -7.22 65.86 -49.54
CA THR C 1117 -5.98 65.15 -49.81
C THR C 1117 -5.17 64.90 -48.55
N ASP C 1118 -5.28 65.77 -47.55
CA ASP C 1118 -4.54 65.64 -46.30
C ASP C 1118 -4.90 64.38 -45.53
N ASN C 1119 -6.08 63.79 -45.78
CA ASN C 1119 -6.46 62.57 -45.10
C ASN C 1119 -6.27 61.33 -45.96
N THR C 1120 -6.17 61.48 -47.27
CA THR C 1120 -6.22 60.35 -48.18
C THR C 1120 -4.91 60.22 -48.94
N PHE C 1121 -4.67 59.01 -49.44
CA PHE C 1121 -3.57 58.76 -50.35
C PHE C 1121 -4.09 58.09 -51.61
N VAL C 1122 -3.30 58.19 -52.67
CA VAL C 1122 -3.68 57.72 -54.00
C VAL C 1122 -2.97 56.40 -54.26
N SER C 1123 -3.71 55.44 -54.79
CA SER C 1123 -3.13 54.17 -55.22
C SER C 1123 -4.02 53.57 -56.30
N GLY C 1124 -3.56 53.60 -57.55
CA GLY C 1124 -4.34 53.05 -58.65
C GLY C 1124 -5.43 54.00 -59.15
N ASN C 1125 -6.24 53.49 -60.08
CA ASN C 1125 -7.26 54.29 -60.74
C ASN C 1125 -8.60 53.58 -60.60
N CYS C 1126 -9.60 54.10 -61.32
CA CYS C 1126 -10.99 53.76 -61.03
C CYS C 1126 -11.44 52.45 -61.67
N ASP C 1127 -10.63 51.85 -62.54
CA ASP C 1127 -11.06 50.67 -63.29
C ASP C 1127 -10.74 49.35 -62.60
N VAL C 1128 -10.17 49.39 -61.41
CA VAL C 1128 -9.74 48.19 -60.70
C VAL C 1128 -10.50 48.00 -59.40
N VAL C 1129 -10.78 49.09 -58.69
CA VAL C 1129 -11.34 49.00 -57.34
C VAL C 1129 -12.82 48.64 -57.42
N ILE C 1130 -13.20 47.58 -56.73
CA ILE C 1130 -14.61 47.18 -56.66
C ILE C 1130 -15.29 48.00 -55.58
N GLY C 1131 -16.31 48.74 -55.96
CA GLY C 1131 -17.05 49.55 -55.03
C GLY C 1131 -16.67 51.01 -54.99
N ILE C 1132 -15.57 51.40 -55.64
CA ILE C 1132 -15.18 52.80 -55.66
C ILE C 1132 -16.27 53.62 -56.31
N VAL C 1133 -16.47 54.85 -55.81
CA VAL C 1133 -17.52 55.71 -56.31
C VAL C 1133 -16.93 57.08 -56.60
N ASN C 1134 -17.57 57.78 -57.54
CA ASN C 1134 -17.17 59.14 -57.89
C ASN C 1134 -17.35 60.05 -56.68
N ASN C 1135 -16.43 61.01 -56.55
CA ASN C 1135 -16.43 61.91 -55.40
C ASN C 1135 -15.53 63.09 -55.72
N THR C 1136 -15.55 64.09 -54.84
CA THR C 1136 -14.70 65.26 -54.94
C THR C 1136 -13.82 65.34 -53.71
N VAL C 1137 -12.52 65.50 -53.91
CA VAL C 1137 -11.56 65.64 -52.83
C VAL C 1137 -11.04 67.07 -52.85
N TYR C 1138 -11.10 67.72 -51.69
CA TYR C 1138 -10.69 69.12 -51.58
C TYR C 1138 -9.19 69.25 -51.41
N ASP C 1139 -8.62 70.27 -52.05
CA ASP C 1139 -7.21 70.62 -51.88
C ASP C 1139 -7.12 71.91 -51.07
N PRO C 1140 -6.55 71.88 -49.86
CA PRO C 1140 -6.38 73.13 -49.10
C PRO C 1140 -5.49 74.13 -49.79
N LEU C 1141 -4.61 73.69 -50.70
CA LEU C 1141 -3.63 74.58 -51.30
C LEU C 1141 -4.23 75.49 -52.36
N GLN C 1142 -5.16 74.97 -53.17
CA GLN C 1142 -5.65 75.74 -54.30
C GLN C 1142 -6.30 77.06 -53.89
N PRO C 1143 -7.15 77.12 -52.86
CA PRO C 1143 -7.63 78.44 -52.41
C PRO C 1143 -6.52 79.36 -51.98
N GLU C 1144 -5.46 78.82 -51.37
CA GLU C 1144 -4.35 79.64 -50.93
C GLU C 1144 -3.60 80.22 -52.13
N LEU C 1145 -3.44 79.45 -53.20
CA LEU C 1145 -2.80 79.96 -54.40
C LEU C 1145 -3.67 81.01 -55.07
N ASP C 1146 -4.98 80.78 -55.13
CA ASP C 1146 -5.88 81.74 -55.78
C ASP C 1146 -6.00 83.01 -54.95
N SER C 1147 -6.05 82.89 -53.63
CA SER C 1147 -6.15 84.04 -52.75
C SER C 1147 -4.86 84.87 -52.77
N GLN D 1 -9.77 -45.36 58.63
CA GLN D 1 -8.63 -46.15 59.09
C GLN D 1 -7.70 -46.49 57.92
N VAL D 2 -7.05 -45.47 57.36
CA VAL D 2 -6.07 -45.67 56.31
C VAL D 2 -4.76 -46.08 56.99
N GLN D 3 -4.37 -47.34 56.83
CA GLN D 3 -3.22 -47.86 57.56
C GLN D 3 -2.51 -48.91 56.72
N LEU D 4 -1.18 -48.87 56.76
CA LEU D 4 -0.35 -49.78 55.92
C LEU D 4 0.22 -50.88 56.80
N VAL D 5 0.01 -52.14 56.43
CA VAL D 5 0.56 -53.25 57.24
C VAL D 5 1.55 -54.05 56.40
N GLN D 6 2.79 -54.16 56.88
CA GLN D 6 3.84 -54.96 56.21
C GLN D 6 3.83 -56.38 56.78
N SER D 7 4.82 -57.16 56.37
CA SER D 7 5.04 -58.54 56.90
C SER D 7 5.79 -58.45 58.23
N GLY D 8 5.96 -59.58 58.92
CA GLY D 8 6.69 -59.62 60.21
C GLY D 8 8.21 -59.57 60.08
N ALA D 9 8.95 -59.82 61.16
CA ALA D 9 10.40 -59.71 60.98
C ALA D 9 10.96 -60.91 60.20
N GLU D 10 12.19 -60.76 59.70
CA GLU D 10 12.91 -61.83 59.02
C GLU D 10 14.29 -61.96 59.64
N VAL D 11 14.81 -63.18 59.59
CA VAL D 11 16.18 -63.48 60.00
C VAL D 11 16.94 -64.08 58.83
N LYS D 12 17.83 -63.29 58.24
CA LYS D 12 18.59 -63.70 57.06
C LYS D 12 20.07 -63.87 57.42
N LYS D 13 20.77 -64.67 56.62
CA LYS D 13 22.22 -64.65 56.51
C LYS D 13 22.60 -64.03 55.17
N PRO D 14 23.86 -63.58 54.99
CA PRO D 14 24.18 -62.82 53.78
C PRO D 14 23.97 -63.65 52.51
N GLY D 15 23.62 -62.94 51.42
CA GLY D 15 23.49 -63.53 50.11
C GLY D 15 22.10 -64.00 49.73
N ALA D 16 21.16 -64.02 50.67
CA ALA D 16 19.80 -64.49 50.40
C ALA D 16 18.94 -63.42 49.73
N SER D 17 17.64 -63.71 49.60
CA SER D 17 16.66 -62.72 49.18
C SER D 17 15.49 -62.79 50.14
N VAL D 18 14.85 -61.63 50.32
CA VAL D 18 13.83 -61.44 51.35
C VAL D 18 12.59 -60.81 50.73
N LYS D 19 11.42 -61.18 51.25
CA LYS D 19 10.15 -60.76 50.70
C LYS D 19 9.40 -59.96 51.74
N VAL D 20 9.19 -58.66 51.49
CA VAL D 20 8.45 -57.82 52.48
C VAL D 20 7.33 -57.05 51.78
N SER D 21 6.13 -57.64 51.73
CA SER D 21 4.95 -57.00 51.11
C SER D 21 4.27 -56.05 52.13
N CYS D 22 3.46 -55.10 51.65
CA CYS D 22 2.73 -54.16 52.54
C CYS D 22 1.32 -53.92 51.96
N LYS D 23 0.28 -54.32 52.70
CA LYS D 23 -1.10 -54.17 52.24
C LYS D 23 -1.53 -52.78 52.65
N ALA D 24 -2.55 -52.25 51.97
CA ALA D 24 -3.11 -50.95 52.28
C ALA D 24 -4.57 -51.10 52.70
N SER D 25 -5.11 -50.04 53.31
CA SER D 25 -6.50 -50.05 53.73
C SER D 25 -7.07 -48.65 53.77
N GLY D 26 -8.39 -48.54 53.63
CA GLY D 26 -9.13 -47.32 53.89
C GLY D 26 -9.15 -46.30 52.77
N TYR D 27 -8.68 -46.63 51.57
CA TYR D 27 -8.64 -45.68 50.48
C TYR D 27 -8.61 -46.40 49.14
N THR D 28 -8.47 -45.60 48.07
CA THR D 28 -8.43 -46.11 46.70
C THR D 28 -6.99 -46.48 46.35
N PHE D 29 -6.73 -47.78 46.19
CA PHE D 29 -5.35 -48.26 46.08
C PHE D 29 -4.64 -47.73 44.84
N THR D 30 -5.39 -47.33 43.81
CA THR D 30 -4.77 -46.94 42.55
C THR D 30 -4.41 -45.46 42.49
N SER D 31 -4.61 -44.70 43.57
CA SER D 31 -4.41 -43.25 43.52
C SER D 31 -3.02 -42.82 43.99
N TYR D 32 -2.64 -43.20 45.20
CA TYR D 32 -1.37 -42.72 45.76
C TYR D 32 -0.19 -43.61 45.35
N TYR D 33 1.01 -43.11 45.64
CA TYR D 33 2.24 -43.84 45.43
C TYR D 33 2.61 -44.60 46.70
N MET D 34 3.58 -45.52 46.59
CA MET D 34 4.03 -46.31 47.74
C MET D 34 5.52 -46.02 47.87
N HIS D 35 5.90 -45.33 48.95
CA HIS D 35 7.30 -45.05 49.19
C HIS D 35 7.87 -45.98 50.25
N TRP D 36 9.18 -46.19 50.18
CA TRP D 36 9.85 -47.20 50.98
C TRP D 36 11.11 -46.66 51.64
N VAL D 37 11.13 -46.69 52.97
CA VAL D 37 12.22 -46.13 53.76
C VAL D 37 12.68 -47.16 54.77
N ARG D 38 14.00 -47.35 54.86
CA ARG D 38 14.61 -48.23 55.86
C ARG D 38 15.38 -47.39 56.87
N GLN D 39 15.86 -48.05 57.92
CA GLN D 39 16.64 -47.40 58.98
C GLN D 39 17.85 -48.28 59.28
N ALA D 40 18.99 -47.94 58.70
CA ALA D 40 20.22 -48.66 58.99
C ALA D 40 20.60 -48.44 60.46
N PRO D 41 21.30 -49.40 61.09
CA PRO D 41 21.52 -49.30 62.54
C PRO D 41 22.51 -48.18 62.86
N GLY D 42 22.04 -47.18 63.60
CA GLY D 42 22.84 -46.07 64.03
C GLY D 42 22.85 -44.88 63.09
N GLN D 43 22.52 -45.08 61.82
CA GLN D 43 22.42 -44.01 60.86
C GLN D 43 20.94 -43.93 60.46
N GLY D 44 20.52 -42.78 59.95
CA GLY D 44 19.11 -42.42 59.88
C GLY D 44 18.32 -43.11 58.80
N LEU D 45 17.21 -42.48 58.41
CA LEU D 45 16.26 -43.18 57.57
C LEU D 45 16.59 -42.95 56.10
N GLU D 46 16.24 -43.94 55.29
CA GLU D 46 16.86 -44.13 53.98
C GLU D 46 15.83 -44.65 52.99
N TRP D 47 15.60 -43.89 51.91
CA TRP D 47 14.58 -44.27 50.93
C TRP D 47 15.19 -45.11 49.82
N MET D 48 14.50 -46.18 49.43
CA MET D 48 14.94 -47.01 48.30
C MET D 48 14.52 -46.43 46.96
N GLY D 49 13.22 -46.42 46.74
CA GLY D 49 12.61 -46.30 45.43
C GLY D 49 11.14 -46.56 45.61
N ILE D 50 10.38 -46.43 44.53
CA ILE D 50 8.93 -46.52 44.62
C ILE D 50 8.37 -47.28 43.42
N ILE D 51 7.07 -47.57 43.52
CA ILE D 51 6.33 -48.24 42.45
C ILE D 51 4.93 -47.65 42.42
N ASN D 52 4.42 -47.44 41.21
CA ASN D 52 3.11 -46.84 41.03
C ASN D 52 2.05 -47.93 41.00
N PRO D 53 1.05 -47.89 41.88
CA PRO D 53 -0.03 -48.87 41.79
C PRO D 53 -0.82 -48.80 40.49
N SER D 54 -0.81 -47.66 39.81
CA SER D 54 -1.53 -47.56 38.55
C SER D 54 -0.91 -48.38 37.43
N GLY D 55 0.42 -48.36 37.29
CA GLY D 55 1.05 -49.06 36.20
C GLY D 55 2.16 -50.02 36.59
N GLY D 56 2.70 -49.86 37.80
CA GLY D 56 3.80 -50.69 38.25
C GLY D 56 5.18 -50.18 37.91
N SER D 57 5.29 -48.95 37.39
CA SER D 57 6.59 -48.41 37.01
C SER D 57 7.50 -48.31 38.22
N THR D 58 8.75 -48.74 38.06
CA THR D 58 9.69 -48.83 39.16
C THR D 58 10.85 -47.87 38.98
N SER D 59 11.60 -47.71 40.06
CA SER D 59 12.81 -46.91 40.13
C SER D 59 13.37 -47.09 41.53
N TYR D 60 14.66 -46.84 41.71
CA TYR D 60 15.28 -46.98 43.02
C TYR D 60 16.61 -46.25 43.05
N ALA D 61 17.22 -46.28 44.23
CA ALA D 61 18.50 -45.62 44.44
C ALA D 61 19.62 -46.30 43.65
N GLN D 62 20.53 -45.46 43.17
CA GLN D 62 21.68 -45.94 42.41
C GLN D 62 22.53 -46.89 43.24
N LYS D 63 22.73 -46.53 44.52
CA LYS D 63 23.55 -47.38 45.43
C LYS D 63 22.89 -48.75 45.61
N LEU D 64 21.65 -48.92 45.14
CA LEU D 64 20.92 -50.17 45.29
C LEU D 64 20.64 -50.85 43.95
N GLN D 65 21.61 -50.78 43.02
CA GLN D 65 21.43 -51.37 41.69
C GLN D 65 21.29 -52.89 41.77
N GLY D 66 20.30 -53.41 41.05
CA GLY D 66 20.14 -54.84 40.84
C GLY D 66 19.80 -55.64 42.07
N ARG D 67 19.89 -55.05 43.26
CA ARG D 67 19.59 -55.73 44.51
C ARG D 67 18.11 -55.69 44.83
N VAL D 68 17.36 -54.81 44.19
CA VAL D 68 16.01 -54.45 44.60
C VAL D 68 15.08 -54.45 43.39
N THR D 69 13.91 -55.03 43.57
CA THR D 69 12.84 -55.06 42.56
C THR D 69 11.52 -54.99 43.30
N MET D 70 10.78 -53.91 43.09
CA MET D 70 9.54 -53.65 43.81
C MET D 70 8.35 -54.12 42.98
N THR D 71 7.54 -55.02 43.56
CA THR D 71 6.36 -55.54 42.92
C THR D 71 5.14 -55.21 43.77
N ARG D 72 3.94 -55.51 43.25
CA ARG D 72 2.72 -55.08 43.91
C ARG D 72 1.57 -55.98 43.48
N ASP D 73 0.45 -55.86 44.20
CA ASP D 73 -0.78 -56.58 43.88
C ASP D 73 -1.98 -55.65 44.06
N THR D 74 -2.63 -55.30 42.96
CA THR D 74 -3.79 -54.42 43.02
C THR D 74 -5.01 -55.12 43.62
N SER D 75 -5.19 -56.42 43.33
CA SER D 75 -6.37 -57.17 43.77
C SER D 75 -6.47 -57.26 45.29
N THR D 76 -5.33 -57.46 45.96
CA THR D 76 -5.29 -57.51 47.41
C THR D 76 -4.76 -56.22 48.02
N SER D 77 -4.53 -55.19 47.19
CA SER D 77 -3.98 -53.91 47.63
C SER D 77 -2.68 -54.12 48.42
N THR D 78 -1.84 -55.01 47.92
CA THR D 78 -0.61 -55.40 48.59
C THR D 78 0.55 -55.08 47.67
N VAL D 79 1.59 -54.44 48.21
CA VAL D 79 2.78 -54.10 47.44
C VAL D 79 3.96 -54.82 48.08
N TYR D 80 4.87 -55.35 47.26
CA TYR D 80 5.91 -56.28 47.70
C TYR D 80 7.32 -55.72 47.48
N MET D 81 8.22 -56.00 48.44
CA MET D 81 9.54 -55.37 48.49
C MET D 81 10.61 -56.44 48.57
N GLU D 82 11.55 -56.40 47.64
CA GLU D 82 12.55 -57.42 47.38
C GLU D 82 13.93 -56.83 47.56
N LEU D 83 14.81 -57.60 48.19
CA LEU D 83 16.20 -57.26 48.40
C LEU D 83 17.07 -58.51 48.37
N SER D 84 17.89 -58.63 47.34
CA SER D 84 18.73 -59.79 47.15
C SER D 84 20.17 -59.41 47.45
N SER D 85 21.03 -60.44 47.44
CA SER D 85 22.46 -60.37 47.76
C SER D 85 22.69 -59.64 49.09
N LEU D 86 22.06 -60.19 50.13
CA LEU D 86 21.93 -59.46 51.37
C LEU D 86 23.26 -59.36 52.09
N ARG D 87 23.50 -58.22 52.73
CA ARG D 87 24.73 -57.96 53.46
C ARG D 87 24.40 -57.55 54.88
N SER D 88 25.45 -57.47 55.72
CA SER D 88 25.25 -57.23 57.14
C SER D 88 24.55 -55.91 57.43
N GLU D 89 24.90 -54.84 56.72
CA GLU D 89 24.27 -53.55 56.96
C GLU D 89 22.83 -53.52 56.49
N ASP D 90 22.40 -54.50 55.70
CA ASP D 90 21.00 -54.59 55.30
C ASP D 90 20.08 -54.81 56.49
N THR D 91 20.62 -55.13 57.66
CA THR D 91 19.85 -55.08 58.89
C THR D 91 19.28 -53.70 59.09
N ALA D 92 17.95 -53.57 59.00
CA ALA D 92 17.30 -52.27 59.07
C ALA D 92 15.81 -52.49 59.33
N VAL D 93 15.14 -51.40 59.71
CA VAL D 93 13.69 -51.40 59.90
C VAL D 93 13.07 -50.79 58.65
N TYR D 94 12.31 -51.62 57.92
CA TYR D 94 11.65 -51.20 56.65
C TYR D 94 10.21 -50.73 56.91
N TYR D 95 9.83 -49.57 56.34
CA TYR D 95 8.46 -49.02 56.49
C TYR D 95 7.88 -48.68 55.11
N CYS D 96 6.64 -49.11 54.84
CA CYS D 96 5.98 -48.72 53.55
C CYS D 96 5.41 -47.32 53.75
N ALA D 97 5.52 -46.45 52.75
CA ALA D 97 5.10 -45.07 52.91
C ALA D 97 4.20 -44.64 51.76
N ARG D 98 3.20 -43.82 52.08
CA ARG D 98 2.19 -43.41 51.11
C ARG D 98 2.37 -41.93 50.79
N ALA D 99 2.13 -41.57 49.53
CA ALA D 99 2.34 -40.19 49.10
C ALA D 99 1.15 -39.31 49.46
N ASN D 100 1.42 -38.03 49.74
CA ASN D 100 0.38 -37.15 50.25
C ASN D 100 -0.38 -36.43 49.15
N HIS D 101 -0.57 -37.11 48.02
CA HIS D 101 -1.50 -36.68 46.98
C HIS D 101 -1.78 -37.88 46.10
N GLU D 102 -2.97 -37.88 45.52
CA GLU D 102 -3.37 -38.91 44.57
C GLU D 102 -2.67 -38.62 43.25
N THR D 103 -2.27 -39.66 42.54
CA THR D 103 -1.80 -39.46 41.17
C THR D 103 -2.81 -38.67 40.37
N THR D 104 -2.38 -37.52 39.89
CA THR D 104 -3.30 -36.63 39.20
C THR D 104 -2.68 -36.22 37.87
N MET D 105 -3.54 -36.07 36.88
CA MET D 105 -3.10 -35.73 35.54
C MET D 105 -2.66 -34.27 35.50
N ASP D 106 -1.59 -34.03 34.73
CA ASP D 106 -1.10 -32.68 34.46
C ASP D 106 -0.80 -31.94 35.76
N THR D 107 -0.14 -32.65 36.68
CA THR D 107 -0.07 -32.23 38.07
C THR D 107 1.14 -31.32 38.33
N TYR D 108 1.11 -30.70 39.51
CA TYR D 108 2.17 -29.81 39.98
C TYR D 108 2.75 -30.31 41.30
N TYR D 109 1.90 -30.59 42.28
CA TYR D 109 2.35 -31.06 43.59
C TYR D 109 3.29 -32.25 43.48
N TYR D 110 4.43 -32.20 44.17
CA TYR D 110 5.42 -33.23 43.92
C TYR D 110 5.07 -34.47 44.76
N TYR D 111 5.40 -35.64 44.23
CA TYR D 111 4.99 -36.91 44.82
C TYR D 111 6.16 -37.55 45.58
N TYR D 112 6.62 -36.87 46.63
CA TYR D 112 7.49 -37.49 47.62
C TYR D 112 7.10 -37.18 49.05
N TYR D 113 5.93 -36.58 49.29
CA TYR D 113 5.44 -36.38 50.64
C TYR D 113 5.23 -37.74 51.30
N MET D 114 5.98 -37.98 52.37
CA MET D 114 5.96 -39.24 53.09
C MET D 114 5.16 -39.05 54.37
N ASP D 115 3.88 -39.47 54.34
CA ASP D 115 2.94 -39.10 55.40
C ASP D 115 2.20 -40.27 56.03
N VAL D 116 2.05 -41.40 55.34
CA VAL D 116 1.32 -42.55 55.85
C VAL D 116 2.27 -43.75 55.81
N TRP D 117 2.17 -44.61 56.81
CA TRP D 117 3.31 -45.39 57.27
C TRP D 117 2.90 -46.82 57.58
N GLY D 118 3.91 -47.69 57.64
CA GLY D 118 3.70 -49.08 58.08
C GLY D 118 4.12 -49.21 59.53
N LYS D 119 3.69 -50.26 60.23
CA LYS D 119 4.09 -50.43 61.65
C LYS D 119 5.62 -50.59 61.70
N GLY D 120 6.16 -51.39 60.78
CA GLY D 120 7.62 -51.62 60.66
C GLY D 120 7.90 -53.02 60.15
N THR D 121 9.17 -53.34 59.98
CA THR D 121 9.63 -54.69 59.52
C THR D 121 11.16 -54.70 59.64
N THR D 122 11.67 -55.04 60.83
CA THR D 122 13.13 -55.05 60.97
C THR D 122 13.69 -56.26 60.25
N VAL D 123 14.80 -56.06 59.56
CA VAL D 123 15.55 -57.12 58.90
C VAL D 123 16.79 -57.39 59.74
N THR D 124 17.10 -58.66 59.94
CA THR D 124 18.33 -59.05 60.62
C THR D 124 19.17 -59.91 59.67
N VAL D 125 20.36 -59.43 59.36
CA VAL D 125 21.30 -60.15 58.49
C VAL D 125 22.65 -60.19 59.20
N SER D 126 23.26 -61.37 59.23
CA SER D 126 24.58 -61.54 59.83
C SER D 126 25.37 -62.62 59.11
N GLN E 1 22.82 -36.37 47.20
CA GLN E 1 24.02 -35.99 47.93
C GLN E 1 24.25 -36.93 49.12
N SER E 2 24.86 -36.41 50.17
CA SER E 2 25.16 -37.17 51.37
C SER E 2 24.12 -36.86 52.45
N ALA E 3 24.15 -37.65 53.51
CA ALA E 3 23.21 -37.46 54.61
C ALA E 3 23.40 -36.10 55.27
N LEU E 4 22.29 -35.48 55.65
CA LEU E 4 22.33 -34.14 56.21
C LEU E 4 22.91 -34.16 57.62
N THR E 5 23.28 -32.98 58.10
CA THR E 5 23.93 -32.82 59.40
C THR E 5 22.91 -32.34 60.42
N GLN E 6 22.72 -33.13 61.47
CA GLN E 6 21.88 -32.78 62.61
C GLN E 6 22.66 -32.96 63.89
N PRO E 7 22.33 -32.21 64.94
CA PRO E 7 23.00 -32.41 66.23
C PRO E 7 22.74 -33.81 66.77
N ALA E 8 23.77 -34.34 67.46
CA ALA E 8 23.67 -35.69 67.99
C ALA E 8 22.58 -35.78 69.06
N SER E 9 22.56 -34.82 69.99
CA SER E 9 21.57 -34.81 71.05
C SER E 9 21.51 -33.42 71.65
N VAL E 10 20.29 -32.92 71.88
CA VAL E 10 20.08 -31.64 72.53
C VAL E 10 19.18 -31.86 73.74
N SER E 11 19.59 -31.32 74.88
CA SER E 11 18.79 -31.38 76.10
C SER E 11 18.26 -30.00 76.46
N GLY E 12 17.42 -29.96 77.49
CA GLY E 12 16.84 -28.72 77.95
C GLY E 12 15.95 -28.87 79.16
N SER E 13 14.86 -28.11 79.20
CA SER E 13 13.90 -28.18 80.30
C SER E 13 12.51 -27.98 79.74
N PRO E 14 11.48 -28.50 80.42
CA PRO E 14 10.11 -28.26 79.95
C PRO E 14 9.76 -26.78 79.95
N GLY E 15 8.95 -26.39 78.97
CA GLY E 15 8.56 -25.01 78.77
C GLY E 15 9.62 -24.13 78.14
N GLN E 16 10.89 -24.50 78.25
CA GLN E 16 11.96 -23.81 77.56
C GLN E 16 11.93 -24.22 76.08
N SER E 17 12.56 -23.41 75.23
CA SER E 17 12.52 -23.63 73.79
C SER E 17 13.85 -24.16 73.31
N ILE E 18 13.81 -25.16 72.43
CA ILE E 18 15.00 -25.75 71.86
C ILE E 18 14.85 -25.75 70.34
N THR E 19 15.96 -25.46 69.66
CA THR E 19 16.01 -25.37 68.22
C THR E 19 16.95 -26.43 67.69
N ILE E 20 16.64 -27.01 66.54
CA ILE E 20 17.42 -28.10 65.97
C ILE E 20 17.95 -27.65 64.62
N SER E 21 19.25 -27.81 64.41
CA SER E 21 19.86 -27.42 63.14
C SER E 21 19.84 -28.57 62.14
N CYS E 22 19.80 -28.20 60.86
CA CYS E 22 19.86 -29.15 59.75
C CYS E 22 20.63 -28.49 58.61
N THR E 23 21.88 -28.91 58.43
CA THR E 23 22.77 -28.45 57.36
C THR E 23 22.81 -29.45 56.21
N GLY E 24 22.77 -28.95 54.98
CA GLY E 24 22.95 -29.79 53.81
C GLY E 24 23.87 -29.19 52.76
N THR E 25 23.60 -29.47 51.49
CA THR E 25 24.27 -28.81 50.38
C THR E 25 23.32 -27.79 49.77
N SER E 26 23.90 -26.86 49.00
CA SER E 26 23.07 -25.92 48.24
C SER E 26 22.12 -26.65 47.31
N SER E 27 22.48 -27.87 46.88
CA SER E 27 21.60 -28.72 46.09
C SER E 27 20.63 -29.53 46.94
N ASP E 28 20.77 -29.50 48.26
CA ASP E 28 19.85 -30.24 49.11
C ASP E 28 18.83 -29.30 49.75
N VAL E 29 19.29 -28.22 50.35
CA VAL E 29 18.36 -27.32 51.03
C VAL E 29 18.35 -25.93 50.40
N GLY E 30 19.51 -25.41 49.97
CA GLY E 30 19.62 -24.04 49.51
C GLY E 30 19.03 -23.77 48.14
N GLY E 31 18.80 -24.80 47.34
CA GLY E 31 18.22 -24.59 46.04
C GLY E 31 16.71 -24.77 46.04
N TYR E 32 16.16 -25.21 47.16
CA TYR E 32 14.77 -25.64 47.23
C TYR E 32 14.09 -25.12 48.48
N LYS E 33 12.76 -25.22 48.49
CA LYS E 33 11.97 -24.73 49.61
C LYS E 33 11.17 -25.88 50.21
N TYR E 34 11.77 -27.07 50.21
CA TYR E 34 11.06 -28.32 50.38
C TYR E 34 11.50 -29.10 51.61
N VAL E 35 11.80 -28.39 52.70
CA VAL E 35 12.32 -29.03 53.90
C VAL E 35 11.14 -29.54 54.74
N SER E 36 11.25 -30.79 55.19
CA SER E 36 10.25 -31.42 56.02
C SER E 36 10.93 -32.19 57.13
N TRP E 37 10.32 -32.12 58.32
CA TRP E 37 10.83 -32.80 59.54
C TRP E 37 9.80 -33.80 60.09
N TYR E 38 10.30 -34.89 60.68
CA TYR E 38 9.46 -35.99 61.23
C TYR E 38 10.00 -36.38 62.61
N GLN E 39 9.24 -37.18 63.37
CA GLN E 39 9.69 -37.58 64.74
C GLN E 39 9.59 -39.09 64.95
N ARG E 40 10.48 -39.64 65.79
CA ARG E 40 10.46 -41.04 66.18
C ARG E 40 10.09 -41.15 67.66
N HIS E 41 8.88 -41.57 67.94
CA HIS E 41 8.70 -42.13 69.27
C HIS E 41 9.18 -43.57 69.27
N PRO E 42 9.94 -43.96 70.29
CA PRO E 42 10.63 -45.26 70.22
C PRO E 42 9.65 -46.41 70.00
N GLY E 43 10.03 -47.31 69.09
CA GLY E 43 9.18 -48.42 68.72
C GLY E 43 7.93 -48.04 67.96
N LYS E 44 7.79 -46.79 67.53
CA LYS E 44 6.61 -46.33 66.81
C LYS E 44 6.99 -45.92 65.39
N ALA E 45 5.97 -45.43 64.64
CA ALA E 45 6.05 -44.97 63.26
C ALA E 45 6.47 -43.49 63.20
N PRO E 46 7.06 -43.04 62.09
CA PRO E 46 7.22 -41.60 61.89
C PRO E 46 5.90 -40.86 61.97
N LYS E 47 6.02 -39.54 61.91
CA LYS E 47 4.85 -38.61 61.89
C LYS E 47 5.30 -37.32 61.20
N LEU E 48 4.52 -36.81 60.24
CA LEU E 48 4.91 -35.57 59.53
C LEU E 48 4.22 -34.37 60.20
N MET E 49 5.02 -33.49 60.82
CA MET E 49 4.44 -32.27 61.46
C MET E 49 5.06 -31.01 60.84
N ILE E 50 6.11 -31.19 60.04
CA ILE E 50 6.82 -30.04 59.39
C ILE E 50 6.97 -30.31 57.89
N TYR E 51 6.65 -29.33 57.04
CA TYR E 51 6.82 -29.41 55.56
C TYR E 51 6.67 -28.01 54.97
N ASP E 52 7.13 -27.79 53.73
CA ASP E 52 7.09 -26.44 53.10
C ASP E 52 7.80 -25.50 54.08
N VAL E 53 8.96 -25.97 54.57
CA VAL E 53 9.89 -25.32 55.56
C VAL E 53 9.14 -24.82 56.80
N SER E 54 8.26 -23.83 56.64
CA SER E 54 7.49 -23.24 57.73
C SER E 54 6.01 -23.59 57.74
N ASN E 55 5.56 -24.45 56.82
CA ASN E 55 4.12 -24.82 56.76
C ASN E 55 3.83 -25.95 57.75
N ARG E 56 2.55 -26.22 58.00
CA ARG E 56 2.19 -27.29 58.98
C ARG E 56 0.94 -28.05 58.53
N PRO E 57 0.85 -29.37 58.79
CA PRO E 57 -0.36 -30.15 58.48
C PRO E 57 -1.38 -29.92 59.61
N SER E 58 -2.64 -30.25 59.37
CA SER E 58 -3.66 -30.02 60.38
C SER E 58 -3.47 -30.94 61.58
N GLY E 59 -3.57 -30.38 62.78
CA GLY E 59 -3.47 -31.17 64.00
C GLY E 59 -2.15 -31.14 64.73
N VAL E 60 -1.15 -30.46 64.16
CA VAL E 60 0.19 -30.35 64.81
C VAL E 60 0.14 -29.17 65.79
N SER E 61 0.58 -29.39 67.03
CA SER E 61 0.54 -28.32 68.02
C SER E 61 1.44 -27.18 67.61
N ASN E 62 0.98 -25.95 67.87
CA ASN E 62 1.66 -24.74 67.40
C ASN E 62 3.04 -24.55 68.02
N ARG E 63 3.55 -25.54 68.75
CA ARG E 63 4.83 -25.46 69.41
C ARG E 63 6.01 -25.70 68.48
N PHE E 64 5.77 -26.34 67.34
CA PHE E 64 6.87 -26.68 66.41
C PHE E 64 6.86 -25.78 65.17
N SER E 65 7.96 -25.07 64.93
CA SER E 65 8.09 -24.20 63.78
C SER E 65 9.38 -24.50 63.05
N GLY E 66 9.36 -24.29 61.73
CA GLY E 66 10.51 -24.53 60.89
C GLY E 66 10.98 -23.25 60.23
N SER E 67 12.27 -23.21 59.93
CA SER E 67 12.90 -21.99 59.43
C SER E 67 13.98 -22.36 58.42
N LYS E 68 14.41 -21.37 57.64
CA LYS E 68 15.25 -21.64 56.48
C LYS E 68 16.15 -20.44 56.22
N SER E 69 17.45 -20.70 56.02
CA SER E 69 18.40 -19.68 55.57
C SER E 69 19.66 -20.39 55.12
N GLY E 70 20.18 -19.99 53.96
CA GLY E 70 21.44 -20.53 53.47
C GLY E 70 21.37 -22.03 53.31
N ASN E 71 22.32 -22.73 53.94
CA ASN E 71 22.32 -24.18 53.97
C ASN E 71 21.69 -24.72 55.24
N THR E 72 21.11 -23.86 56.06
CA THR E 72 20.63 -24.24 57.38
C THR E 72 19.12 -24.24 57.37
N ALA E 73 18.52 -25.40 57.64
CA ALA E 73 17.14 -25.46 58.07
C ALA E 73 17.13 -25.62 59.59
N SER E 74 16.01 -25.26 60.21
CA SER E 74 15.97 -25.26 61.67
C SER E 74 14.55 -25.50 62.14
N LEU E 75 14.44 -26.26 63.23
CA LEU E 75 13.15 -26.61 63.87
C LEU E 75 13.17 -26.05 65.30
N THR E 76 12.16 -25.26 65.65
CA THR E 76 12.06 -24.66 66.98
C THR E 76 10.86 -25.25 67.71
N ILE E 77 11.09 -25.70 68.95
CA ILE E 77 10.04 -26.25 69.80
C ILE E 77 9.84 -25.29 70.96
N SER E 78 8.69 -24.61 70.98
CA SER E 78 8.39 -23.64 72.01
C SER E 78 7.48 -24.26 73.06
N GLY E 79 7.80 -24.05 74.33
CA GLY E 79 7.07 -24.67 75.41
C GLY E 79 7.31 -26.17 75.44
N LEU E 80 8.55 -26.55 75.74
CA LEU E 80 8.92 -27.96 75.74
C LEU E 80 8.25 -28.72 76.87
N GLN E 81 8.06 -30.02 76.68
CA GLN E 81 7.62 -30.91 77.75
C GLN E 81 8.38 -32.23 77.64
N ALA E 82 8.28 -33.05 78.70
CA ALA E 82 8.62 -34.45 78.56
C ALA E 82 7.76 -35.14 77.53
N GLU E 83 6.61 -34.54 77.21
CA GLU E 83 5.81 -34.95 76.06
C GLU E 83 6.59 -34.88 74.76
N ASP E 84 7.61 -34.02 74.69
CA ASP E 84 8.31 -33.76 73.44
C ASP E 84 9.53 -34.65 73.21
N GLU E 85 9.98 -35.42 74.21
CA GLU E 85 11.19 -36.22 74.07
C GLU E 85 11.06 -37.27 72.96
N ALA E 86 11.83 -37.11 71.89
CA ALA E 86 11.77 -38.00 70.73
C ALA E 86 13.05 -37.82 69.92
N ASP E 87 13.12 -38.51 68.78
CA ASP E 87 14.16 -38.34 67.79
C ASP E 87 13.63 -37.47 66.67
N TYR E 88 14.49 -36.66 66.04
CA TYR E 88 14.02 -35.72 64.99
C TYR E 88 14.92 -35.82 63.75
N TYR E 89 14.28 -35.90 62.58
CA TYR E 89 14.94 -36.04 61.28
C TYR E 89 14.41 -34.99 60.32
N CYS E 90 15.31 -34.23 59.72
CA CYS E 90 14.96 -33.28 58.67
C CYS E 90 15.10 -33.94 57.31
N SER E 91 14.22 -33.55 56.38
CA SER E 91 14.20 -34.13 55.04
C SER E 91 14.09 -33.02 54.00
N SER E 92 14.66 -33.27 52.83
CA SER E 92 14.67 -32.29 51.75
C SER E 92 14.78 -32.98 50.40
N TYR E 93 14.21 -32.35 49.38
CA TYR E 93 14.39 -32.80 48.01
C TYR E 93 15.74 -32.28 47.52
N THR E 94 16.41 -33.06 46.68
CA THR E 94 17.72 -32.71 46.16
C THR E 94 17.72 -32.64 44.63
N SER E 95 18.53 -31.72 44.10
CA SER E 95 18.59 -31.43 42.66
C SER E 95 19.61 -32.31 41.94
N SER E 96 19.86 -33.51 42.47
CA SER E 96 20.95 -34.36 42.02
C SER E 96 20.44 -35.78 41.83
N SER E 97 21.37 -36.73 41.75
CA SER E 97 21.09 -38.14 41.51
C SER E 97 19.87 -38.65 42.27
N THR E 98 19.79 -38.37 43.56
CA THR E 98 18.71 -38.88 44.39
C THR E 98 17.54 -37.90 44.35
N SER E 99 16.51 -38.11 45.16
CA SER E 99 15.43 -37.13 45.21
C SER E 99 15.17 -36.69 46.65
N VAL E 100 15.46 -37.55 47.62
CA VAL E 100 15.14 -37.22 49.00
C VAL E 100 16.34 -37.56 49.88
N VAL E 101 16.67 -36.65 50.77
CA VAL E 101 17.78 -36.81 51.70
C VAL E 101 17.26 -36.59 53.11
N PHE E 102 17.89 -37.24 54.08
CA PHE E 102 17.52 -37.12 55.48
C PHE E 102 18.74 -36.75 56.30
N GLY E 103 18.49 -36.11 57.44
CA GLY E 103 19.55 -35.83 58.38
C GLY E 103 19.95 -37.05 59.18
N GLY E 104 21.06 -36.92 59.89
CA GLY E 104 21.50 -38.00 60.75
C GLY E 104 20.53 -38.25 61.90
N GLY E 105 19.83 -37.23 62.33
CA GLY E 105 18.86 -37.33 63.40
C GLY E 105 19.34 -36.68 64.69
N THR E 106 18.38 -36.31 65.51
CA THR E 106 18.66 -35.65 66.78
C THR E 106 17.75 -36.22 67.85
N GLN E 107 18.33 -36.66 68.95
CA GLN E 107 17.58 -37.10 70.12
C GLN E 107 17.43 -35.94 71.09
N LEU E 108 16.19 -35.55 71.35
CA LEU E 108 15.89 -34.48 72.29
C LEU E 108 15.51 -35.11 73.62
N THR E 109 16.38 -34.96 74.62
CA THR E 109 16.18 -35.54 75.94
C THR E 109 15.66 -34.45 76.87
N VAL E 110 14.53 -34.72 77.51
CA VAL E 110 13.89 -33.76 78.40
C VAL E 110 14.41 -34.03 79.81
N LEU E 111 15.04 -33.02 80.42
CA LEU E 111 15.52 -33.14 81.78
C LEU E 111 14.60 -32.39 82.73
N GLN F 1 17.12 -64.52 32.55
CA GLN F 1 16.40 -65.73 32.19
C GLN F 1 14.96 -65.41 31.80
N VAL F 2 14.80 -64.71 30.68
CA VAL F 2 13.48 -64.43 30.13
C VAL F 2 13.01 -65.67 29.38
N GLN F 3 12.02 -66.38 29.93
CA GLN F 3 11.63 -67.66 29.37
C GLN F 3 10.14 -67.87 29.58
N LEU F 4 9.51 -68.56 28.63
CA LEU F 4 8.06 -68.73 28.57
C LEU F 4 7.72 -70.21 28.74
N VAL F 5 6.78 -70.51 29.63
CA VAL F 5 6.39 -71.87 29.97
C VAL F 5 4.88 -71.99 29.84
N GLN F 6 4.42 -72.92 28.99
CA GLN F 6 3.04 -73.37 29.02
C GLN F 6 2.91 -74.63 29.86
N SER F 7 1.73 -75.22 29.82
CA SER F 7 1.45 -76.44 30.56
C SER F 7 1.99 -77.65 29.80
N GLY F 8 1.66 -78.85 30.30
CA GLY F 8 2.00 -80.08 29.63
C GLY F 8 1.13 -80.32 28.41
N ALA F 9 1.18 -81.55 27.89
CA ALA F 9 0.35 -81.92 26.75
C ALA F 9 -1.09 -82.21 27.17
N GLU F 10 -1.98 -82.24 26.17
CA GLU F 10 -3.38 -82.58 26.38
C GLU F 10 -3.79 -83.68 25.41
N VAL F 11 -4.75 -84.49 25.82
CA VAL F 11 -5.35 -85.50 24.95
C VAL F 11 -6.85 -85.24 24.87
N LYS F 12 -7.28 -84.74 23.70
CA LYS F 12 -8.68 -84.39 23.48
C LYS F 12 -9.31 -85.33 22.46
N LYS F 13 -10.64 -85.44 22.53
CA LYS F 13 -11.47 -85.93 21.43
C LYS F 13 -12.21 -84.75 20.81
N PRO F 14 -12.76 -84.88 19.60
CA PRO F 14 -13.32 -83.70 18.93
C PRO F 14 -14.49 -83.10 19.70
N GLY F 15 -14.65 -81.78 19.57
CA GLY F 15 -15.75 -81.06 20.14
C GLY F 15 -15.53 -80.46 21.52
N ALA F 16 -14.42 -80.79 22.18
CA ALA F 16 -14.13 -80.30 23.52
C ALA F 16 -13.55 -78.90 23.51
N SER F 17 -13.11 -78.42 24.68
CA SER F 17 -12.34 -77.19 24.78
C SER F 17 -11.11 -77.48 25.65
N VAL F 18 -10.04 -76.75 25.36
CA VAL F 18 -8.73 -77.01 25.92
C VAL F 18 -8.15 -75.71 26.48
N LYS F 19 -7.38 -75.84 27.56
CA LYS F 19 -6.86 -74.69 28.28
C LYS F 19 -5.34 -74.75 28.24
N VAL F 20 -4.73 -73.79 27.55
CA VAL F 20 -3.27 -73.70 27.47
C VAL F 20 -2.82 -72.39 28.09
N SER F 21 -1.91 -72.49 29.05
CA SER F 21 -1.35 -71.37 29.76
C SER F 21 -0.03 -70.97 29.12
N CYS F 22 0.50 -69.84 29.56
CA CYS F 22 1.91 -69.53 29.30
C CYS F 22 2.34 -68.46 30.29
N LYS F 23 3.12 -68.83 31.30
CA LYS F 23 3.62 -67.85 32.27
C LYS F 23 4.87 -67.26 31.66
N ALA F 24 5.23 -66.06 32.10
CA ALA F 24 6.43 -65.38 31.65
C ALA F 24 7.40 -65.19 32.82
N SER F 25 8.65 -64.87 32.49
CA SER F 25 9.66 -64.63 33.51
C SER F 25 10.74 -63.69 33.00
N GLY F 26 11.39 -63.00 33.95
CA GLY F 26 12.60 -62.25 33.67
C GLY F 26 12.43 -60.87 33.09
N TYR F 27 11.21 -60.34 33.03
CA TYR F 27 10.98 -59.03 32.44
C TYR F 27 9.69 -58.42 32.97
N THR F 28 9.35 -57.25 32.42
CA THR F 28 8.14 -56.52 32.81
C THR F 28 6.96 -57.03 31.99
N PHE F 29 6.02 -57.71 32.67
CA PHE F 29 4.95 -58.42 31.96
C PHE F 29 4.05 -57.50 31.15
N THR F 30 3.98 -56.22 31.51
CA THR F 30 3.03 -55.31 30.88
C THR F 30 3.60 -54.63 29.63
N SER F 31 4.82 -54.95 29.22
CA SER F 31 5.46 -54.23 28.11
C SER F 31 5.26 -54.91 26.75
N TYR F 32 5.66 -56.18 26.64
CA TYR F 32 5.62 -56.85 25.34
C TYR F 32 4.26 -57.49 25.07
N TYR F 33 4.08 -57.92 23.82
CA TYR F 33 2.89 -58.64 23.39
C TYR F 33 3.14 -60.14 23.53
N MET F 34 2.07 -60.93 23.43
CA MET F 34 2.16 -62.38 23.54
C MET F 34 1.62 -62.93 22.21
N HIS F 35 2.50 -63.53 21.42
CA HIS F 35 2.07 -64.11 20.15
C HIS F 35 1.96 -65.63 20.27
N TRP F 36 1.12 -66.22 19.43
CA TRP F 36 0.75 -67.62 19.56
C TRP F 36 0.81 -68.33 18.21
N VAL F 37 1.66 -69.34 18.13
CA VAL F 37 1.92 -70.08 16.90
C VAL F 37 1.78 -71.57 17.17
N ARG F 38 1.05 -72.27 16.29
CA ARG F 38 0.91 -73.72 16.36
C ARG F 38 1.62 -74.34 15.16
N GLN F 39 1.71 -75.67 15.18
CA GLN F 39 2.34 -76.43 14.08
C GLN F 39 1.43 -77.61 13.74
N ALA F 40 0.63 -77.45 12.69
CA ALA F 40 -0.20 -78.54 12.22
C ALA F 40 0.68 -79.69 11.71
N PRO F 41 0.22 -80.93 11.78
CA PRO F 41 1.10 -82.05 11.45
C PRO F 41 1.39 -82.10 9.95
N GLY F 42 2.66 -81.95 9.60
CA GLY F 42 3.13 -82.00 8.24
C GLY F 42 3.14 -80.67 7.50
N GLN F 43 2.35 -79.69 7.97
CA GLN F 43 2.36 -78.36 7.40
C GLN F 43 2.92 -77.43 8.48
N GLY F 44 3.41 -76.26 8.07
CA GLY F 44 4.31 -75.47 8.89
C GLY F 44 3.64 -74.70 10.01
N LEU F 45 4.31 -73.64 10.45
CA LEU F 45 3.88 -73.00 11.67
C LEU F 45 2.86 -71.90 11.38
N GLU F 46 1.97 -71.69 12.33
CA GLU F 46 0.68 -71.05 12.07
C GLU F 46 0.29 -70.17 13.26
N TRP F 47 0.12 -68.88 13.01
CA TRP F 47 -0.20 -67.92 14.07
C TRP F 47 -1.71 -67.79 14.26
N MET F 48 -2.18 -67.77 15.50
CA MET F 48 -3.60 -67.56 15.78
C MET F 48 -3.95 -66.07 15.80
N GLY F 49 -3.41 -65.37 16.79
CA GLY F 49 -3.88 -64.08 17.24
C GLY F 49 -3.13 -63.78 18.51
N ILE F 50 -3.37 -62.59 19.06
CA ILE F 50 -2.59 -62.12 20.19
C ILE F 50 -3.49 -61.41 21.19
N ILE F 51 -2.91 -61.11 22.35
CA ILE F 51 -3.57 -60.37 23.42
C ILE F 51 -2.54 -59.48 24.07
N ASN F 52 -2.97 -58.25 24.40
CA ASN F 52 -2.08 -57.27 25.00
C ASN F 52 -2.12 -57.40 26.51
N PRO F 53 -1.00 -57.65 27.18
CA PRO F 53 -1.00 -57.67 28.65
C PRO F 53 -1.40 -56.34 29.27
N SER F 54 -1.24 -55.22 28.55
CA SER F 54 -1.64 -53.94 29.10
C SER F 54 -3.15 -53.79 29.26
N GLY F 55 -3.93 -54.20 28.25
CA GLY F 55 -5.37 -54.01 28.32
C GLY F 55 -6.20 -55.25 28.09
N GLY F 56 -5.61 -56.29 27.50
CA GLY F 56 -6.33 -57.50 27.19
C GLY F 56 -7.00 -57.53 25.85
N SER F 57 -6.74 -56.55 24.98
CA SER F 57 -7.39 -56.49 23.68
C SER F 57 -7.03 -57.72 22.86
N THR F 58 -8.02 -58.31 22.21
CA THR F 58 -7.83 -59.57 21.50
C THR F 58 -8.06 -59.38 20.01
N SER F 59 -7.65 -60.42 19.27
CA SER F 59 -7.81 -60.53 17.83
C SER F 59 -7.28 -61.90 17.44
N TYR F 60 -7.71 -62.42 16.30
CA TYR F 60 -7.24 -63.71 15.85
C TYR F 60 -7.54 -63.89 14.37
N ALA F 61 -7.10 -65.04 13.85
CA ALA F 61 -7.28 -65.35 12.45
C ALA F 61 -8.75 -65.57 12.10
N GLN F 62 -9.10 -65.13 10.90
CA GLN F 62 -10.46 -65.27 10.40
C GLN F 62 -10.86 -66.73 10.33
N LYS F 63 -9.98 -67.57 9.81
CA LYS F 63 -10.14 -69.02 9.76
C LYS F 63 -10.38 -69.65 11.13
N LEU F 64 -10.24 -68.88 12.22
CA LEU F 64 -10.43 -69.36 13.57
C LEU F 64 -11.54 -68.59 14.31
N GLN F 65 -12.61 -68.25 13.61
CA GLN F 65 -13.72 -67.51 14.21
C GLN F 65 -14.39 -68.31 15.32
N GLY F 66 -14.64 -67.65 16.45
CA GLY F 66 -15.45 -68.18 17.53
C GLY F 66 -14.88 -69.39 18.23
N ARG F 67 -13.83 -69.98 17.67
CA ARG F 67 -13.20 -71.21 18.23
C ARG F 67 -11.97 -70.84 19.07
N VAL F 68 -11.76 -69.55 19.36
CA VAL F 68 -10.58 -69.13 20.12
C VAL F 68 -10.90 -67.86 20.88
N THR F 69 -10.47 -67.83 22.14
CA THR F 69 -10.59 -66.67 23.03
C THR F 69 -9.36 -66.64 23.93
N MET F 70 -8.53 -65.62 23.79
CA MET F 70 -7.27 -65.53 24.50
C MET F 70 -7.44 -64.68 25.75
N THR F 71 -7.11 -65.26 26.90
CA THR F 71 -7.20 -64.59 28.18
C THR F 71 -5.81 -64.57 28.83
N ARG F 72 -5.69 -63.85 29.94
CA ARG F 72 -4.37 -63.63 30.54
C ARG F 72 -4.54 -63.32 32.02
N ASP F 73 -3.41 -63.34 32.73
CA ASP F 73 -3.34 -62.99 34.14
C ASP F 73 -2.10 -62.16 34.42
N THR F 74 -2.31 -60.89 34.75
CA THR F 74 -1.18 -60.01 35.04
C THR F 74 -0.51 -60.33 36.38
N SER F 75 -1.30 -60.73 37.39
CA SER F 75 -0.79 -60.99 38.73
C SER F 75 0.20 -62.13 38.77
N THR F 76 -0.05 -63.19 38.01
CA THR F 76 0.85 -64.33 37.92
C THR F 76 1.67 -64.31 36.63
N SER F 77 1.56 -63.23 35.84
CA SER F 77 2.23 -63.11 34.55
C SER F 77 1.97 -64.33 33.67
N THR F 78 0.71 -64.76 33.65
CA THR F 78 0.29 -65.96 32.95
C THR F 78 -0.75 -65.57 31.93
N VAL F 79 -0.60 -66.05 30.69
CA VAL F 79 -1.55 -65.78 29.63
C VAL F 79 -2.14 -67.11 29.17
N TYR F 80 -3.44 -67.14 28.88
CA TYR F 80 -4.19 -68.38 28.69
C TYR F 80 -4.78 -68.48 27.28
N MET F 81 -4.78 -69.71 26.73
CA MET F 81 -5.10 -69.94 25.32
C MET F 81 -6.19 -71.00 25.23
N GLU F 82 -7.28 -70.64 24.55
CA GLU F 82 -8.52 -71.40 24.50
C GLU F 82 -8.81 -71.77 23.06
N LEU F 83 -9.27 -73.01 22.87
CA LEU F 83 -9.68 -73.54 21.59
C LEU F 83 -10.83 -74.53 21.77
N SER F 84 -12.01 -74.15 21.29
CA SER F 84 -13.20 -74.96 21.44
C SER F 84 -13.56 -75.55 20.09
N SER F 85 -14.56 -76.44 20.12
CA SER F 85 -15.06 -77.21 18.98
C SER F 85 -13.93 -77.92 18.25
N LEU F 86 -13.20 -78.73 19.01
CA LEU F 86 -11.91 -79.22 18.56
C LEU F 86 -12.09 -80.24 17.44
N ARG F 87 -11.20 -80.22 16.47
CA ARG F 87 -11.22 -81.12 15.34
C ARG F 87 -9.88 -81.83 15.21
N SER F 88 -9.84 -82.83 14.33
CA SER F 88 -8.67 -83.70 14.22
C SER F 88 -7.41 -82.93 13.86
N GLU F 89 -7.49 -81.97 12.94
CA GLU F 89 -6.30 -81.23 12.54
C GLU F 89 -5.83 -80.28 13.64
N ASP F 90 -6.66 -80.03 14.66
CA ASP F 90 -6.23 -79.21 15.79
C ASP F 90 -5.08 -79.85 16.54
N THR F 91 -4.76 -81.12 16.28
CA THR F 91 -3.52 -81.71 16.74
C THR F 91 -2.34 -80.89 16.25
N ALA F 92 -1.64 -80.24 17.17
CA ALA F 92 -0.56 -79.34 16.79
C ALA F 92 0.29 -79.05 18.03
N VAL F 93 1.47 -78.48 17.80
CA VAL F 93 2.36 -78.05 18.87
C VAL F 93 2.19 -76.54 19.02
N TYR F 94 1.65 -76.13 20.15
CA TYR F 94 1.19 -74.76 20.37
C TYR F 94 2.26 -73.98 21.14
N TYR F 95 2.71 -72.87 20.55
CA TYR F 95 3.79 -72.07 21.13
C TYR F 95 3.28 -70.69 21.55
N CYS F 96 3.83 -70.18 22.64
CA CYS F 96 3.59 -68.81 23.08
C CYS F 96 4.83 -67.97 22.79
N ALA F 97 4.60 -66.80 22.19
CA ALA F 97 5.68 -66.03 21.59
C ALA F 97 5.62 -64.59 22.05
N ARG F 98 6.80 -63.99 22.23
CA ARG F 98 6.91 -62.65 22.79
C ARG F 98 7.40 -61.70 21.71
N ALA F 99 6.89 -60.47 21.72
CA ALA F 99 7.22 -59.50 20.68
C ALA F 99 8.56 -58.82 20.97
N ASN F 100 9.29 -58.46 19.91
CA ASN F 100 10.65 -57.97 20.08
C ASN F 100 10.71 -56.46 20.25
N HIS F 101 9.69 -55.89 20.90
CA HIS F 101 9.74 -54.52 21.38
C HIS F 101 8.66 -54.38 22.44
N GLU F 102 8.90 -53.48 23.38
CA GLU F 102 7.92 -53.15 24.41
C GLU F 102 6.86 -52.27 23.77
N THR F 103 5.61 -52.45 24.20
CA THR F 103 4.57 -51.52 23.81
C THR F 103 4.99 -50.09 24.09
N THR F 104 5.07 -49.30 23.04
CA THR F 104 5.57 -47.95 23.18
C THR F 104 4.59 -46.99 22.54
N MET F 105 4.47 -45.82 23.15
CA MET F 105 3.55 -44.81 22.68
C MET F 105 4.05 -44.18 21.39
N ASP F 106 3.11 -43.92 20.48
CA ASP F 106 3.40 -43.19 19.25
C ASP F 106 4.50 -43.90 18.45
N THR F 107 4.38 -45.22 18.37
CA THR F 107 5.47 -46.07 17.94
C THR F 107 5.51 -46.27 16.44
N TYR F 108 6.63 -46.82 15.96
CA TYR F 108 6.85 -47.12 14.56
C TYR F 108 7.15 -48.60 14.36
N TYR F 109 8.10 -49.15 15.12
CA TYR F 109 8.47 -50.56 15.02
C TYR F 109 7.27 -51.47 15.10
N TYR F 110 7.15 -52.42 14.17
CA TYR F 110 5.91 -53.18 14.12
C TYR F 110 5.98 -54.33 15.13
N TYR F 111 4.83 -54.68 15.69
CA TYR F 111 4.76 -55.63 16.79
C TYR F 111 4.30 -57.00 16.31
N TYR F 112 5.12 -57.61 15.44
CA TYR F 112 4.98 -59.03 15.14
C TYR F 112 6.30 -59.78 15.14
N TYR F 113 7.38 -59.17 15.59
CA TYR F 113 8.65 -59.88 15.75
C TYR F 113 8.47 -61.01 16.76
N MET F 114 8.65 -62.23 16.29
CA MET F 114 8.45 -63.44 17.08
C MET F 114 9.83 -63.96 17.47
N ASP F 115 10.26 -63.67 18.72
CA ASP F 115 11.65 -63.88 19.11
C ASP F 115 11.83 -64.67 20.40
N VAL F 116 10.84 -64.70 21.29
CA VAL F 116 10.95 -65.40 22.57
C VAL F 116 9.79 -66.37 22.65
N TRP F 117 10.03 -67.54 23.23
CA TRP F 117 9.32 -68.75 22.85
C TRP F 117 8.98 -69.58 24.08
N GLY F 118 7.98 -70.43 23.93
CA GLY F 118 7.69 -71.45 24.90
C GLY F 118 8.39 -72.74 24.53
N LYS F 119 8.42 -73.68 25.49
CA LYS F 119 9.04 -74.97 25.20
C LYS F 119 8.32 -75.65 24.05
N GLY F 120 7.01 -75.45 23.97
CA GLY F 120 6.14 -76.22 23.09
C GLY F 120 5.14 -77.04 23.90
N THR F 121 3.98 -77.22 23.29
CA THR F 121 2.89 -77.94 23.94
C THR F 121 2.01 -78.54 22.86
N THR F 122 2.09 -79.86 22.72
CA THR F 122 1.41 -80.56 21.64
C THR F 122 -0.01 -80.89 22.05
N VAL F 123 -0.95 -80.70 21.13
CA VAL F 123 -2.34 -81.06 21.31
C VAL F 123 -2.59 -82.33 20.50
N THR F 124 -3.29 -83.28 21.09
CA THR F 124 -3.71 -84.49 20.39
C THR F 124 -5.23 -84.57 20.39
N VAL F 125 -5.82 -84.56 19.20
CA VAL F 125 -7.26 -84.67 19.02
C VAL F 125 -7.53 -85.76 18.00
N SER F 126 -8.47 -86.65 18.31
CA SER F 126 -8.86 -87.72 17.40
C SER F 126 -10.32 -88.06 17.56
N GLN G 1 -1.93 -64.88 2.77
CA GLN G 1 -1.80 -65.63 1.52
C GLN G 1 -1.58 -67.13 1.79
N SER G 2 -0.86 -67.78 0.89
CA SER G 2 -0.57 -69.20 1.02
C SER G 2 0.85 -69.40 1.57
N ALA G 3 1.16 -70.64 1.91
CA ALA G 3 2.47 -70.95 2.46
C ALA G 3 3.56 -70.68 1.42
N LEU G 4 4.69 -70.17 1.90
CA LEU G 4 5.78 -69.78 1.02
C LEU G 4 6.47 -71.01 0.45
N THR G 5 7.26 -70.78 -0.60
CA THR G 5 7.94 -71.85 -1.33
C THR G 5 9.40 -71.90 -0.90
N GLN G 6 9.80 -73.06 -0.36
CA GLN G 6 11.19 -73.34 0.00
C GLN G 6 11.61 -74.65 -0.64
N PRO G 7 12.90 -74.82 -0.91
CA PRO G 7 13.37 -76.10 -1.44
C PRO G 7 13.14 -77.23 -0.46
N ALA G 8 12.85 -78.41 -0.99
CA ALA G 8 12.54 -79.56 -0.15
C ALA G 8 13.76 -79.97 0.66
N SER G 9 14.93 -80.04 0.03
CA SER G 9 16.15 -80.42 0.72
C SER G 9 17.34 -79.99 -0.13
N VAL G 10 18.35 -79.42 0.52
CA VAL G 10 19.58 -79.03 -0.14
C VAL G 10 20.75 -79.68 0.60
N SER G 11 21.64 -80.32 -0.14
CA SER G 11 22.84 -80.92 0.42
C SER G 11 24.07 -80.16 -0.03
N GLY G 12 25.22 -80.55 0.54
CA GLY G 12 26.48 -79.92 0.21
C GLY G 12 27.67 -80.54 0.90
N SER G 13 28.62 -79.71 1.31
CA SER G 13 29.81 -80.18 2.01
C SER G 13 30.19 -79.14 3.05
N PRO G 14 30.88 -79.55 4.11
CA PRO G 14 31.34 -78.57 5.11
C PRO G 14 32.29 -77.55 4.50
N GLY G 15 32.20 -76.32 5.00
CA GLY G 15 32.99 -75.21 4.49
C GLY G 15 32.51 -74.63 3.18
N GLN G 16 31.78 -75.40 2.38
CA GLN G 16 31.15 -74.89 1.17
C GLN G 16 29.91 -74.07 1.56
N SER G 17 29.44 -73.22 0.66
CA SER G 17 28.34 -72.32 0.96
C SER G 17 27.08 -72.79 0.25
N ILE G 18 25.96 -72.75 0.97
CA ILE G 18 24.67 -73.14 0.43
C ILE G 18 23.69 -72.01 0.68
N THR G 19 22.84 -71.77 -0.31
CA THR G 19 21.86 -70.69 -0.28
C THR G 19 20.47 -71.32 -0.35
N ILE G 20 19.51 -70.73 0.35
CA ILE G 20 18.16 -71.27 0.44
C ILE G 20 17.20 -70.24 -0.13
N SER G 21 16.34 -70.66 -1.05
CA SER G 21 15.38 -69.76 -1.66
C SER G 21 14.07 -69.73 -0.87
N CYS G 22 13.39 -68.59 -0.95
CA CYS G 22 12.08 -68.39 -0.33
C CYS G 22 11.27 -67.46 -1.25
N THR G 23 10.32 -68.05 -1.96
CA THR G 23 9.40 -67.35 -2.85
C THR G 23 8.05 -67.15 -2.18
N GLY G 24 7.47 -65.95 -2.34
CA GLY G 24 6.11 -65.70 -1.88
C GLY G 24 5.26 -64.95 -2.87
N THR G 25 4.35 -64.10 -2.38
CA THR G 25 3.61 -63.17 -3.20
C THR G 25 4.18 -61.77 -3.01
N SER G 26 3.86 -60.89 -3.95
CA SER G 26 4.22 -59.48 -3.79
C SER G 26 3.63 -58.90 -2.52
N SER G 27 2.52 -59.45 -2.04
CA SER G 27 1.93 -59.08 -0.76
C SER G 27 2.57 -59.79 0.42
N ASP G 28 3.44 -60.77 0.18
CA ASP G 28 4.08 -61.49 1.27
C ASP G 28 5.50 -60.99 1.48
N VAL G 29 6.28 -60.95 0.40
CA VAL G 29 7.67 -60.54 0.54
C VAL G 29 7.99 -59.26 -0.23
N GLY G 30 7.40 -59.08 -1.42
CA GLY G 30 7.76 -57.97 -2.30
C GLY G 30 7.23 -56.61 -1.86
N GLY G 31 6.23 -56.58 -0.99
CA GLY G 31 5.71 -55.31 -0.54
C GLY G 31 6.35 -54.86 0.76
N TYR G 32 7.15 -55.72 1.36
CA TYR G 32 7.63 -55.50 2.72
C TYR G 32 9.11 -55.83 2.84
N LYS G 33 9.71 -55.40 3.95
CA LYS G 33 11.13 -55.60 4.20
C LYS G 33 11.32 -56.43 5.46
N TYR G 34 10.40 -57.36 5.69
CA TYR G 34 10.19 -57.96 7.00
C TYR G 34 10.43 -59.46 7.01
N VAL G 35 11.42 -59.92 6.25
CA VAL G 35 11.67 -61.35 6.13
C VAL G 35 12.55 -61.81 7.28
N SER G 36 12.14 -62.92 7.91
CA SER G 36 12.87 -63.51 9.01
C SER G 36 12.92 -65.03 8.83
N TRP G 37 14.06 -65.62 9.15
CA TRP G 37 14.22 -67.05 9.00
C TRP G 37 14.47 -67.69 10.36
N TYR G 38 14.37 -69.02 10.38
CA TYR G 38 14.31 -69.81 11.60
C TYR G 38 14.95 -71.15 11.33
N GLN G 39 15.30 -71.89 12.38
CA GLN G 39 15.79 -73.25 12.20
C GLN G 39 15.36 -74.20 13.29
N ARG G 40 15.23 -75.45 12.89
CA ARG G 40 14.76 -76.55 13.71
C ARG G 40 15.91 -77.54 13.94
N HIS G 41 16.47 -77.54 15.14
CA HIS G 41 17.18 -78.74 15.50
C HIS G 41 16.18 -79.79 15.98
N PRO G 42 16.33 -81.03 15.52
CA PRO G 42 15.26 -82.01 15.75
C PRO G 42 14.96 -82.19 17.24
N GLY G 43 13.67 -82.22 17.56
CA GLY G 43 13.22 -82.29 18.93
C GLY G 43 13.50 -81.07 19.77
N LYS G 44 13.92 -79.97 19.17
CA LYS G 44 14.22 -78.74 19.89
C LYS G 44 13.28 -77.62 19.47
N ALA G 45 13.49 -76.42 20.05
CA ALA G 45 12.74 -75.19 19.83
C ALA G 45 13.29 -74.42 18.62
N PRO G 46 12.47 -73.59 17.98
CA PRO G 46 13.02 -72.64 17.00
C PRO G 46 14.10 -71.77 17.60
N LYS G 47 14.80 -71.10 16.69
CA LYS G 47 15.92 -70.17 16.97
C LYS G 47 15.94 -69.17 15.80
N LEU G 48 15.96 -67.88 16.12
CA LEU G 48 15.92 -66.85 15.10
C LEU G 48 17.33 -66.45 14.73
N MET G 49 17.66 -66.52 13.44
CA MET G 49 18.88 -65.87 12.99
C MET G 49 18.63 -64.67 12.11
N ILE G 50 17.59 -64.71 11.29
CA ILE G 50 17.33 -63.70 10.28
C ILE G 50 16.11 -62.91 10.72
N TYR G 51 16.21 -61.59 10.58
CA TYR G 51 15.08 -60.67 10.60
C TYR G 51 15.62 -59.36 10.06
N ASP G 52 14.69 -58.56 9.51
CA ASP G 52 14.99 -57.29 8.79
C ASP G 52 15.84 -57.69 7.56
N VAL G 53 15.38 -58.75 6.89
CA VAL G 53 15.97 -59.41 5.68
C VAL G 53 17.46 -59.72 5.85
N SER G 54 18.30 -58.68 5.98
CA SER G 54 19.74 -58.81 6.14
C SER G 54 20.27 -58.48 7.53
N ASN G 55 19.42 -58.19 8.52
CA ASN G 55 19.86 -57.86 9.86
C ASN G 55 19.81 -59.07 10.79
N ARG G 56 20.37 -58.90 12.00
CA ARG G 56 20.76 -60.02 12.85
C ARG G 56 20.53 -59.73 14.33
N PRO G 57 20.17 -60.74 15.13
CA PRO G 57 20.30 -60.61 16.59
C PRO G 57 21.76 -60.74 17.01
N SER G 58 22.01 -60.39 18.26
CA SER G 58 23.33 -60.58 18.84
C SER G 58 23.58 -62.06 19.14
N GLY G 59 24.77 -62.56 18.78
CA GLY G 59 25.15 -63.92 19.05
C GLY G 59 25.05 -64.91 17.92
N VAL G 60 24.54 -64.51 16.76
CA VAL G 60 24.43 -65.41 15.61
C VAL G 60 25.73 -65.35 14.83
N SER G 61 26.28 -66.52 14.50
CA SER G 61 27.56 -66.57 13.81
C SER G 61 27.45 -65.93 12.43
N ASN G 62 28.51 -65.21 12.04
CA ASN G 62 28.50 -64.41 10.82
C ASN G 62 28.36 -65.24 9.55
N ARG G 63 28.10 -66.54 9.69
CA ARG G 63 28.00 -67.44 8.56
C ARG G 63 26.65 -67.37 7.85
N PHE G 64 25.64 -66.79 8.47
CA PHE G 64 24.28 -66.78 7.92
C PHE G 64 23.92 -65.37 7.50
N SER G 65 23.57 -65.20 6.23
CA SER G 65 23.16 -63.90 5.71
C SER G 65 21.88 -64.04 4.93
N GLY G 66 21.09 -62.97 4.93
CA GLY G 66 19.81 -62.95 4.23
C GLY G 66 19.80 -61.89 3.16
N SER G 67 19.00 -62.14 2.12
CA SER G 67 19.00 -61.28 0.94
C SER G 67 17.57 -61.19 0.40
N LYS G 68 17.35 -60.21 -0.47
CA LYS G 68 15.99 -59.86 -0.89
C LYS G 68 16.03 -59.28 -2.29
N SER G 69 15.13 -59.79 -3.14
CA SER G 69 14.90 -59.22 -4.47
C SER G 69 13.59 -59.79 -5.02
N GLY G 70 12.76 -58.92 -5.57
CA GLY G 70 11.53 -59.36 -6.20
C GLY G 70 10.64 -60.13 -5.23
N ASN G 71 10.25 -61.33 -5.62
CA ASN G 71 9.51 -62.22 -4.75
C ASN G 71 10.40 -63.21 -4.03
N THR G 72 11.71 -63.07 -4.16
CA THR G 72 12.67 -64.05 -3.67
C THR G 72 13.39 -63.48 -2.47
N ALA G 73 13.24 -64.14 -1.33
CA ALA G 73 14.17 -63.98 -0.22
C ALA G 73 15.15 -65.14 -0.26
N SER G 74 16.32 -64.96 0.35
CA SER G 74 17.35 -65.98 0.26
C SER G 74 18.23 -65.92 1.49
N LEU G 75 18.63 -67.10 1.97
CA LEU G 75 19.54 -67.25 3.08
C LEU G 75 20.81 -67.95 2.60
N THR G 76 21.96 -67.39 2.94
CA THR G 76 23.26 -67.93 2.55
C THR G 76 24.03 -68.36 3.78
N ILE G 77 24.55 -69.58 3.76
CA ILE G 77 25.35 -70.13 4.85
C ILE G 77 26.77 -70.31 4.33
N SER G 78 27.69 -69.49 4.83
CA SER G 78 29.08 -69.52 4.40
C SER G 78 29.92 -70.30 5.41
N GLY G 79 30.76 -71.20 4.90
CA GLY G 79 31.53 -72.06 5.77
C GLY G 79 30.64 -73.07 6.47
N LEU G 80 30.05 -73.97 5.70
CA LEU G 80 29.12 -74.95 6.24
C LEU G 80 29.85 -75.96 7.13
N GLN G 81 29.10 -76.53 8.08
CA GLN G 81 29.58 -77.65 8.87
C GLN G 81 28.45 -78.65 9.06
N ALA G 82 28.80 -79.85 9.54
CA ALA G 82 27.79 -80.73 10.13
C ALA G 82 27.12 -80.07 11.31
N GLU G 83 27.76 -79.07 11.89
CA GLU G 83 27.12 -78.20 12.88
C GLU G 83 25.88 -77.53 12.33
N ASP G 84 25.79 -77.34 11.01
CA ASP G 84 24.73 -76.56 10.41
C ASP G 84 23.51 -77.38 10.00
N GLU G 85 23.58 -78.72 10.01
CA GLU G 85 22.48 -79.55 9.54
C GLU G 85 21.22 -79.35 10.37
N ALA G 86 20.18 -78.77 9.76
CA ALA G 86 18.94 -78.46 10.45
C ALA G 86 17.84 -78.26 9.39
N ASP G 87 16.65 -77.88 9.85
CA ASP G 87 15.54 -77.47 9.00
C ASP G 87 15.48 -75.94 9.01
N TYR G 88 14.97 -75.34 7.94
CA TYR G 88 15.01 -73.90 7.77
C TYR G 88 13.69 -73.36 7.24
N TYR G 89 13.15 -72.35 7.91
CA TYR G 89 11.85 -71.76 7.59
C TYR G 89 11.99 -70.25 7.46
N CYS G 90 11.54 -69.70 6.33
CA CYS G 90 11.48 -68.26 6.14
C CYS G 90 10.11 -67.75 6.55
N SER G 91 10.09 -66.53 7.10
CA SER G 91 8.86 -65.90 7.58
C SER G 91 8.77 -64.47 7.10
N SER G 92 7.54 -64.00 6.89
CA SER G 92 7.31 -62.65 6.40
C SER G 92 5.95 -62.15 6.84
N TYR G 93 5.85 -60.84 7.01
CA TYR G 93 4.56 -60.20 7.25
C TYR G 93 3.85 -60.05 5.91
N THR G 94 2.52 -60.15 5.92
CA THR G 94 1.71 -60.07 4.71
C THR G 94 0.68 -58.94 4.81
N SER G 95 0.42 -58.30 3.66
CA SER G 95 -0.46 -57.15 3.56
C SER G 95 -1.92 -57.54 3.35
N SER G 96 -2.31 -58.73 3.82
CA SER G 96 -3.59 -59.32 3.50
C SER G 96 -4.24 -59.84 4.78
N SER G 97 -5.25 -60.70 4.61
CA SER G 97 -6.03 -61.27 5.70
C SER G 97 -5.19 -61.66 6.91
N THR G 98 -4.09 -62.38 6.69
CA THR G 98 -3.26 -62.87 7.79
C THR G 98 -2.22 -61.82 8.13
N SER G 99 -1.26 -62.14 9.01
CA SER G 99 -0.19 -61.19 9.27
C SER G 99 1.17 -61.85 9.09
N VAL G 100 1.26 -63.16 9.29
CA VAL G 100 2.54 -63.84 9.22
C VAL G 100 2.40 -65.10 8.39
N VAL G 101 3.35 -65.31 7.50
CA VAL G 101 3.38 -66.48 6.64
C VAL G 101 4.73 -67.15 6.79
N PHE G 102 4.76 -68.47 6.59
CA PHE G 102 5.98 -69.25 6.69
C PHE G 102 6.17 -70.06 5.42
N GLY G 103 7.42 -70.41 5.15
CA GLY G 103 7.72 -71.29 4.05
C GLY G 103 7.45 -72.73 4.40
N GLY G 104 7.47 -73.58 3.37
CA GLY G 104 7.30 -75.00 3.59
C GLY G 104 8.42 -75.60 4.42
N GLY G 105 9.62 -75.04 4.31
CA GLY G 105 10.76 -75.50 5.05
C GLY G 105 11.77 -76.20 4.17
N THR G 106 13.02 -76.21 4.64
CA THR G 106 14.11 -76.82 3.91
C THR G 106 15.00 -77.57 4.87
N GLN G 107 15.26 -78.84 4.58
CA GLN G 107 16.19 -79.65 5.35
C GLN G 107 17.56 -79.58 4.68
N LEU G 108 18.55 -79.08 5.40
CA LEU G 108 19.91 -78.99 4.91
C LEU G 108 20.69 -80.18 5.48
N THR G 109 21.04 -81.11 4.61
CA THR G 109 21.76 -82.33 5.00
C THR G 109 23.24 -82.14 4.68
N VAL G 110 24.09 -82.33 5.69
CA VAL G 110 25.52 -82.16 5.53
C VAL G 110 26.12 -83.52 5.16
N LEU G 111 26.78 -83.58 4.01
CA LEU G 111 27.44 -84.80 3.57
C LEU G 111 28.94 -84.69 3.76
#